data_9AUW
#
_entry.id   9AUW
#
_cell.length_a   113.720
_cell.length_b   127.299
_cell.length_c   127.478
_cell.angle_alpha   90.00
_cell.angle_beta   101.82
_cell.angle_gamma   90.00
#
_symmetry.space_group_name_H-M   'P 1 21 1'
#
loop_
_entity.id
_entity.type
_entity.pdbx_description
1 polymer "Inosine-5'-monophosphate dehydrogenase"
2 non-polymer 'INOSINIC ACID'
3 non-polymer N-[4-chloro-3-(dimethylamino)phenyl]-N~2~-[3-(hydroxymethyl)quinolin-6-yl]-L-alaninamide
4 water water
#
_entity_poly.entity_id   1
_entity_poly.type   'polypeptide(L)'
_entity_poly.pdbx_seq_one_letter_code
;MHHHHHHGENLYFQGSMLTIVQEALTFDDVLLLPAYSTVLPKDVSLKTRLTRGIYLNIPLVSAAMDTVTESRMAIAMAQN
GGIGILHKNMDIAAQAAEVRRVKKFEAGKAESYPNSCKDDLGRLRVGAAVGTGADTPSRVEALVEAGVDVIVVDTAHGHS
AGVIERVRWVKQNFPQVQVIGGNIATGDAALALLDAGADAVKVGIGPGSICTTRIVAGIGMPQISAIDSVASALKDQIPL
IADGGIRFSGDMAKAIGAGASTIMVGSLLAGTEEAPGEVEFFQGRYYKAYRGMGSLGAMAGATGSADRYFQDSKAGAEKL
VPEGIEGRVPYKGPMGNIVHQMMGGLRSSMGYTGSAVIEDLRQNAKFVKITSAGMSESHVHDVTITKEAPNYRVG
;
_entity_poly.pdbx_strand_id   A,B,C,D,E,F,G,H
#
loop_
_chem_comp.id
_chem_comp.type
_chem_comp.name
_chem_comp.formula
IMP non-polymer 'INOSINIC ACID' 'C10 H13 N4 O8 P'
VP4 non-polymer N-[4-chloro-3-(dimethylamino)phenyl]-N~2~-[3-(hydroxymethyl)quinolin-6-yl]-L-alaninamide 'C21 H23 Cl N4 O2'
#
# COMPACT_ATOMS: atom_id res chain seq x y z
N SER A 16 24.40 37.89 -8.80
CA SER A 16 24.43 36.60 -8.08
C SER A 16 25.87 36.20 -7.72
N MET A 17 26.04 35.55 -6.56
CA MET A 17 27.34 35.10 -6.06
C MET A 17 27.51 33.56 -6.12
N LEU A 18 26.37 32.82 -6.22
CA LEU A 18 26.30 31.36 -6.29
C LEU A 18 26.99 30.84 -7.55
N THR A 19 27.96 29.94 -7.36
CA THR A 19 28.73 29.37 -8.47
C THR A 19 28.21 27.99 -8.84
N ILE A 20 27.49 27.93 -9.98
CA ILE A 20 26.98 26.68 -10.56
C ILE A 20 27.89 26.40 -11.74
N VAL A 21 28.78 25.41 -11.59
CA VAL A 21 29.78 25.03 -12.60
C VAL A 21 29.11 24.48 -13.88
N GLN A 22 28.11 23.60 -13.70
CA GLN A 22 27.37 22.96 -14.78
C GLN A 22 26.10 22.28 -14.26
N GLU A 23 25.27 21.79 -15.17
CA GLU A 23 24.11 20.98 -14.83
C GLU A 23 24.67 19.56 -14.97
N ALA A 24 24.94 18.92 -13.83
CA ALA A 24 25.55 17.59 -13.82
C ALA A 24 24.53 16.50 -14.10
N LEU A 25 24.95 15.51 -14.93
CA LEU A 25 24.13 14.41 -15.42
C LEU A 25 24.49 13.07 -14.83
N THR A 26 23.47 12.25 -14.54
CA THR A 26 23.60 10.88 -14.04
C THR A 26 23.24 9.90 -15.17
N PHE A 27 23.31 8.58 -14.90
CA PHE A 27 22.98 7.53 -15.87
C PHE A 27 21.59 7.68 -16.47
N ASP A 28 20.56 7.89 -15.61
CA ASP A 28 19.15 8.06 -16.01
C ASP A 28 18.84 9.35 -16.80
N ASP A 29 19.80 10.28 -16.89
CA ASP A 29 19.63 11.55 -17.60
C ASP A 29 19.95 11.45 -19.07
N VAL A 30 20.64 10.38 -19.47
CA VAL A 30 21.10 10.18 -20.84
C VAL A 30 20.77 8.80 -21.42
N LEU A 31 20.79 8.74 -22.75
CA LEU A 31 20.62 7.51 -23.54
C LEU A 31 21.60 7.60 -24.68
N LEU A 32 22.24 6.46 -24.99
CA LEU A 32 23.17 6.35 -26.09
C LEU A 32 22.36 6.25 -27.37
N LEU A 33 22.84 6.89 -28.43
CA LEU A 33 22.17 6.84 -29.71
C LEU A 33 22.67 5.66 -30.55
N PRO A 34 21.77 4.91 -31.24
CA PRO A 34 22.27 3.86 -32.15
C PRO A 34 22.91 4.51 -33.38
N ALA A 35 23.98 3.89 -33.90
CA ALA A 35 24.73 4.40 -35.05
C ALA A 35 24.95 3.31 -36.07
N TYR A 36 25.53 3.64 -37.26
CA TYR A 36 25.76 2.64 -38.31
C TYR A 36 26.61 1.49 -37.80
N SER A 37 26.11 0.26 -37.97
CA SER A 37 26.75 -0.94 -37.46
C SER A 37 26.87 -2.11 -38.44
N THR A 38 28.06 -2.73 -38.48
CA THR A 38 28.38 -3.93 -39.26
C THR A 38 28.91 -5.01 -38.29
N VAL A 39 28.79 -4.78 -36.96
CA VAL A 39 29.29 -5.71 -35.97
C VAL A 39 28.14 -6.34 -35.16
N LEU A 40 28.22 -7.64 -34.91
CA LEU A 40 27.23 -8.37 -34.12
C LEU A 40 27.70 -8.42 -32.67
N PRO A 41 26.75 -8.30 -31.70
CA PRO A 41 27.13 -8.36 -30.27
C PRO A 41 28.06 -9.52 -29.87
N LYS A 42 27.86 -10.71 -30.44
CA LYS A 42 28.69 -11.88 -30.12
C LYS A 42 30.15 -11.76 -30.63
N ASP A 43 30.40 -10.84 -31.58
CA ASP A 43 31.70 -10.62 -32.21
C ASP A 43 32.53 -9.45 -31.61
N VAL A 44 31.95 -8.65 -30.69
CA VAL A 44 32.65 -7.49 -30.10
C VAL A 44 33.73 -7.90 -29.11
N SER A 45 34.78 -7.06 -28.99
CA SER A 45 35.90 -7.26 -28.07
C SER A 45 35.68 -6.43 -26.80
N LEU A 46 35.57 -7.11 -25.64
CA LEU A 46 35.36 -6.46 -24.34
C LEU A 46 36.70 -6.16 -23.64
N LYS A 47 37.84 -6.44 -24.31
CA LYS A 47 39.20 -6.19 -23.81
C LYS A 47 39.39 -4.69 -23.60
N THR A 48 40.02 -4.31 -22.47
CA THR A 48 40.26 -2.92 -22.09
C THR A 48 41.45 -2.81 -21.12
N ARG A 49 41.81 -1.59 -20.68
CA ARG A 49 42.89 -1.41 -19.72
C ARG A 49 42.40 -0.94 -18.36
N LEU A 50 42.90 -1.57 -17.30
CA LEU A 50 42.59 -1.23 -15.93
C LEU A 50 43.52 -0.09 -15.52
N THR A 51 44.82 -0.19 -15.89
CA THR A 51 45.88 0.80 -15.64
C THR A 51 46.67 0.97 -16.97
N ARG A 52 47.70 1.85 -16.99
N ARG A 52 47.70 1.85 -16.98
CA ARG A 52 48.51 2.04 -18.19
CA ARG A 52 48.53 2.05 -18.17
C ARG A 52 49.50 0.87 -18.42
C ARG A 52 49.41 0.82 -18.48
N GLY A 53 49.43 -0.14 -17.55
CA GLY A 53 50.21 -1.37 -17.64
C GLY A 53 49.41 -2.66 -17.53
N ILE A 54 48.16 -2.61 -16.99
CA ILE A 54 47.31 -3.80 -16.84
C ILE A 54 46.10 -3.77 -17.77
N TYR A 55 45.90 -4.85 -18.55
CA TYR A 55 44.75 -5.01 -19.43
C TYR A 55 43.86 -6.11 -18.90
N LEU A 56 42.53 -5.91 -18.99
CA LEU A 56 41.51 -6.86 -18.57
C LEU A 56 40.79 -7.37 -19.82
N ASN A 57 40.15 -8.55 -19.74
CA ASN A 57 39.43 -9.11 -20.89
C ASN A 57 37.96 -8.68 -20.92
N ILE A 58 37.45 -8.15 -19.79
CA ILE A 58 36.10 -7.60 -19.64
C ILE A 58 36.25 -6.30 -18.83
N PRO A 59 35.41 -5.24 -19.00
CA PRO A 59 35.62 -4.01 -18.22
C PRO A 59 35.02 -4.01 -16.81
N LEU A 60 35.02 -5.16 -16.12
CA LEU A 60 34.44 -5.29 -14.79
C LEU A 60 35.51 -5.42 -13.68
N VAL A 61 35.30 -4.69 -12.56
CA VAL A 61 36.18 -4.63 -11.38
C VAL A 61 35.29 -4.79 -10.14
N SER A 62 35.61 -5.74 -9.23
CA SER A 62 34.78 -5.90 -8.04
C SER A 62 35.23 -4.96 -6.91
N ALA A 63 34.23 -4.27 -6.30
CA ALA A 63 34.40 -3.27 -5.23
C ALA A 63 35.21 -3.76 -4.01
N ALA A 64 36.13 -2.91 -3.51
CA ALA A 64 36.95 -3.21 -2.34
C ALA A 64 36.09 -3.06 -1.07
N MET A 65 35.20 -4.03 -0.87
CA MET A 65 34.22 -4.04 0.22
C MET A 65 34.19 -5.41 0.92
N ASP A 66 34.03 -5.40 2.25
CA ASP A 66 34.03 -6.61 3.09
C ASP A 66 32.84 -7.56 2.84
N THR A 67 31.89 -7.16 1.98
CA THR A 67 30.71 -7.97 1.60
C THR A 67 30.71 -8.23 0.08
N VAL A 68 31.80 -7.84 -0.62
CA VAL A 68 31.93 -8.02 -2.06
C VAL A 68 33.21 -8.82 -2.43
N THR A 69 34.40 -8.29 -2.11
CA THR A 69 35.67 -8.93 -2.49
C THR A 69 36.57 -9.42 -1.35
N GLU A 70 36.91 -10.71 -1.43
CA GLU A 70 37.91 -11.44 -0.64
C GLU A 70 38.56 -12.40 -1.66
N SER A 71 39.40 -13.35 -1.24
CA SER A 71 40.11 -14.25 -2.16
C SER A 71 39.19 -14.98 -3.17
N ARG A 72 38.04 -15.54 -2.69
CA ARG A 72 37.04 -16.27 -3.50
C ARG A 72 36.50 -15.45 -4.68
N MET A 73 36.11 -14.18 -4.43
CA MET A 73 35.62 -13.24 -5.45
C MET A 73 36.74 -12.79 -6.41
N ALA A 74 37.94 -12.51 -5.90
CA ALA A 74 39.08 -12.11 -6.75
C ALA A 74 39.43 -13.18 -7.79
N ILE A 75 39.49 -14.48 -7.37
CA ILE A 75 39.76 -15.65 -8.24
C ILE A 75 38.75 -15.69 -9.40
N ALA A 76 37.44 -15.70 -9.07
CA ALA A 76 36.33 -15.69 -10.02
C ALA A 76 36.35 -14.46 -10.98
N MET A 77 36.62 -13.25 -10.47
CA MET A 77 36.73 -12.04 -11.29
C MET A 77 37.88 -12.22 -12.31
N ALA A 78 39.06 -12.63 -11.82
CA ALA A 78 40.24 -12.93 -12.62
C ALA A 78 39.98 -14.06 -13.64
N GLN A 79 39.23 -15.12 -13.26
CA GLN A 79 38.85 -16.25 -14.12
C GLN A 79 37.92 -15.84 -15.28
N ASN A 80 37.04 -14.82 -15.08
CA ASN A 80 36.12 -14.29 -16.08
C ASN A 80 36.73 -13.14 -16.96
N GLY A 81 37.97 -12.76 -16.67
CA GLY A 81 38.69 -11.73 -17.41
C GLY A 81 38.73 -10.36 -16.77
N GLY A 82 38.14 -10.25 -15.59
CA GLY A 82 38.13 -9.02 -14.82
C GLY A 82 39.18 -9.11 -13.74
N ILE A 83 39.09 -8.25 -12.72
CA ILE A 83 39.98 -8.19 -11.57
C ILE A 83 39.17 -7.79 -10.36
N GLY A 84 39.61 -8.23 -9.19
CA GLY A 84 38.96 -7.89 -7.93
C GLY A 84 39.91 -7.12 -7.05
N ILE A 85 39.41 -6.11 -6.33
CA ILE A 85 40.21 -5.33 -5.38
C ILE A 85 39.89 -5.81 -3.97
N LEU A 86 40.87 -6.44 -3.29
CA LEU A 86 40.68 -6.95 -1.95
C LEU A 86 40.54 -5.79 -0.97
N HIS A 87 39.55 -5.89 -0.06
CA HIS A 87 39.25 -4.83 0.91
C HIS A 87 40.33 -4.68 1.99
N LYS A 88 40.41 -3.49 2.60
CA LYS A 88 41.39 -3.16 3.64
C LYS A 88 40.83 -3.30 5.08
N ASN A 89 39.57 -3.78 5.24
CA ASN A 89 38.96 -4.00 6.56
C ASN A 89 39.42 -5.34 7.17
N MET A 90 40.74 -5.56 7.10
CA MET A 90 41.45 -6.72 7.61
C MET A 90 42.90 -6.34 7.85
N ASP A 91 43.56 -7.02 8.79
CA ASP A 91 44.96 -6.76 9.14
C ASP A 91 45.89 -7.08 7.96
N ILE A 92 47.10 -6.49 7.96
CA ILE A 92 48.14 -6.62 6.93
C ILE A 92 48.42 -8.11 6.59
N ALA A 93 48.54 -8.97 7.62
CA ALA A 93 48.79 -10.40 7.46
C ALA A 93 47.65 -11.14 6.75
N ALA A 94 46.38 -10.80 7.06
CA ALA A 94 45.19 -11.39 6.42
C ALA A 94 45.10 -10.99 4.96
N GLN A 95 45.36 -9.70 4.66
CA GLN A 95 45.29 -9.14 3.31
C GLN A 95 46.36 -9.71 2.40
N ALA A 96 47.60 -9.88 2.91
CA ALA A 96 48.71 -10.46 2.16
C ALA A 96 48.47 -11.96 1.90
N ALA A 97 47.80 -12.66 2.84
CA ALA A 97 47.41 -14.09 2.72
C ALA A 97 46.33 -14.27 1.65
N GLU A 98 45.46 -13.25 1.48
CA GLU A 98 44.40 -13.24 0.46
C GLU A 98 45.02 -13.04 -0.92
N VAL A 99 46.08 -12.19 -1.02
CA VAL A 99 46.82 -11.94 -2.27
C VAL A 99 47.47 -13.26 -2.71
N ARG A 100 48.16 -13.96 -1.77
CA ARG A 100 48.82 -15.23 -2.01
C ARG A 100 47.85 -16.32 -2.50
N ARG A 101 46.63 -16.37 -1.92
CA ARG A 101 45.55 -17.30 -2.27
C ARG A 101 45.13 -17.22 -3.74
N VAL A 102 45.12 -16.02 -4.31
CA VAL A 102 44.75 -15.79 -5.71
C VAL A 102 45.95 -16.06 -6.61
N LYS A 103 47.16 -15.60 -6.19
CA LYS A 103 48.40 -15.79 -6.97
C LYS A 103 48.84 -17.26 -7.06
N LYS A 104 48.56 -18.07 -6.02
CA LYS A 104 48.91 -19.49 -5.97
C LYS A 104 47.79 -20.43 -6.45
N PHE A 105 46.65 -19.86 -6.89
CA PHE A 105 45.51 -20.65 -7.37
C PHE A 105 45.80 -21.32 -8.71
N GLU A 106 45.47 -22.62 -8.80
CA GLU A 106 45.65 -23.43 -10.01
C GLU A 106 44.33 -24.11 -10.39
N ALA A 107 43.92 -23.99 -11.66
CA ALA A 107 42.69 -24.58 -12.18
C ALA A 107 42.87 -26.08 -12.47
N GLY A 108 41.91 -26.89 -12.00
CA GLY A 108 41.91 -28.34 -12.18
C GLY A 108 41.65 -28.79 -13.60
N TYR A 113 39.03 -21.86 -18.28
CA TYR A 113 38.71 -20.44 -18.41
C TYR A 113 39.69 -19.76 -19.40
N PRO A 114 39.37 -19.76 -20.72
CA PRO A 114 40.30 -19.17 -21.71
C PRO A 114 40.44 -17.64 -21.63
N ASN A 115 39.41 -16.96 -21.12
CA ASN A 115 39.36 -15.50 -20.98
C ASN A 115 40.00 -14.98 -19.67
N SER A 116 40.70 -15.84 -18.91
CA SER A 116 41.36 -15.51 -17.64
C SER A 116 42.31 -14.33 -17.73
N CYS A 117 42.24 -13.43 -16.72
CA CYS A 117 43.11 -12.26 -16.59
C CYS A 117 44.30 -12.69 -15.72
N LYS A 118 45.47 -12.83 -16.35
CA LYS A 118 46.68 -13.32 -15.71
C LYS A 118 47.86 -12.40 -15.97
N ASP A 119 48.90 -12.50 -15.11
CA ASP A 119 50.13 -11.72 -15.24
C ASP A 119 51.12 -12.37 -16.23
N ASP A 120 52.37 -11.89 -16.28
CA ASP A 120 53.43 -12.43 -17.15
C ASP A 120 53.84 -13.86 -16.76
N LEU A 121 53.63 -14.24 -15.50
CA LEU A 121 53.96 -15.56 -14.95
C LEU A 121 52.76 -16.53 -14.99
N GLY A 122 51.70 -16.15 -15.70
CA GLY A 122 50.49 -16.95 -15.86
C GLY A 122 49.62 -17.12 -14.64
N ARG A 123 49.85 -16.31 -13.60
CA ARG A 123 49.09 -16.32 -12.34
C ARG A 123 47.93 -15.34 -12.45
N LEU A 124 46.76 -15.72 -11.89
CA LEU A 124 45.55 -14.89 -11.87
C LEU A 124 45.86 -13.53 -11.23
N ARG A 125 45.44 -12.44 -11.89
CA ARG A 125 45.67 -11.07 -11.42
C ARG A 125 44.77 -10.69 -10.23
N VAL A 126 45.31 -9.87 -9.30
CA VAL A 126 44.60 -9.40 -8.11
C VAL A 126 45.04 -7.97 -7.73
N GLY A 127 44.12 -7.24 -7.13
CA GLY A 127 44.39 -5.90 -6.62
C GLY A 127 44.05 -5.82 -5.15
N ALA A 128 44.61 -4.82 -4.46
CA ALA A 128 44.33 -4.66 -3.03
C ALA A 128 44.23 -3.20 -2.67
N ALA A 129 43.29 -2.87 -1.77
CA ALA A 129 43.06 -1.49 -1.30
C ALA A 129 43.89 -1.15 -0.07
N VAL A 130 44.46 0.06 -0.07
CA VAL A 130 45.23 0.64 1.04
C VAL A 130 44.65 2.02 1.37
N GLY A 131 44.87 2.46 2.62
CA GLY A 131 44.44 3.76 3.09
C GLY A 131 45.55 4.78 2.98
N THR A 132 45.60 5.73 3.92
CA THR A 132 46.64 6.77 4.01
C THR A 132 47.25 6.81 5.43
N GLY A 133 46.73 5.95 6.32
CA GLY A 133 47.15 5.84 7.71
C GLY A 133 48.58 5.42 7.95
N ALA A 134 48.94 5.25 9.22
CA ALA A 134 50.28 4.87 9.67
C ALA A 134 50.75 3.48 9.22
N ASP A 135 49.84 2.49 9.12
CA ASP A 135 50.17 1.10 8.72
C ASP A 135 50.32 0.90 7.21
N THR A 136 50.06 1.95 6.39
CA THR A 136 50.13 1.91 4.93
C THR A 136 51.51 1.46 4.40
N PRO A 137 52.68 2.02 4.83
CA PRO A 137 53.96 1.52 4.30
C PRO A 137 54.19 0.02 4.53
N SER A 138 53.79 -0.50 5.71
CA SER A 138 53.90 -1.92 6.07
C SER A 138 52.92 -2.76 5.26
N ARG A 139 51.69 -2.21 5.03
CA ARG A 139 50.63 -2.85 4.25
C ARG A 139 51.06 -2.97 2.77
N VAL A 140 51.51 -1.85 2.15
CA VAL A 140 51.98 -1.79 0.76
C VAL A 140 53.14 -2.76 0.52
N GLU A 141 54.16 -2.75 1.42
CA GLU A 141 55.33 -3.62 1.32
C GLU A 141 54.94 -5.11 1.34
N ALA A 142 54.05 -5.50 2.28
CA ALA A 142 53.56 -6.88 2.43
C ALA A 142 52.72 -7.36 1.25
N LEU A 143 51.95 -6.46 0.62
CA LEU A 143 51.10 -6.81 -0.52
C LEU A 143 51.91 -7.03 -1.79
N VAL A 144 52.91 -6.15 -2.07
CA VAL A 144 53.83 -6.23 -3.22
C VAL A 144 54.66 -7.54 -3.10
N GLU A 145 55.12 -7.86 -1.86
CA GLU A 145 55.87 -9.06 -1.54
C GLU A 145 55.04 -10.33 -1.79
N ALA A 146 53.73 -10.26 -1.50
CA ALA A 146 52.76 -11.35 -1.72
C ALA A 146 52.40 -11.54 -3.21
N GLY A 147 52.84 -10.60 -4.05
CA GLY A 147 52.66 -10.63 -5.50
C GLY A 147 51.48 -9.87 -6.06
N VAL A 148 50.95 -8.85 -5.33
CA VAL A 148 49.83 -8.03 -5.80
C VAL A 148 50.18 -7.29 -7.10
N ASP A 149 49.21 -7.23 -8.05
CA ASP A 149 49.38 -6.59 -9.36
C ASP A 149 49.16 -5.10 -9.30
N VAL A 150 48.18 -4.66 -8.49
CA VAL A 150 47.82 -3.25 -8.38
C VAL A 150 47.47 -2.86 -6.94
N ILE A 151 47.98 -1.70 -6.52
CA ILE A 151 47.73 -1.09 -5.20
C ILE A 151 46.70 0.01 -5.39
N VAL A 152 45.60 -0.07 -4.65
CA VAL A 152 44.58 0.96 -4.77
C VAL A 152 44.61 1.86 -3.53
N VAL A 153 45.15 3.08 -3.69
CA VAL A 153 45.20 4.07 -2.62
C VAL A 153 43.82 4.75 -2.66
N ASP A 154 42.89 4.27 -1.86
CA ASP A 154 41.56 4.84 -1.95
C ASP A 154 41.00 5.35 -0.62
N THR A 155 40.39 6.54 -0.64
CA THR A 155 39.68 7.11 0.50
C THR A 155 38.35 7.60 -0.05
N ALA A 156 37.57 8.33 0.78
CA ALA A 156 36.33 8.97 0.40
C ALA A 156 36.64 10.23 -0.41
N HIS A 157 37.83 10.83 -0.21
CA HIS A 157 38.19 12.10 -0.85
C HIS A 157 39.63 12.06 -1.38
N GLY A 158 39.76 11.57 -2.61
CA GLY A 158 41.03 11.43 -3.32
C GLY A 158 41.72 12.72 -3.73
N HIS A 159 41.02 13.86 -3.68
CA HIS A 159 41.61 15.17 -4.00
C HIS A 159 42.14 15.78 -2.70
N SER A 160 43.00 15.02 -2.01
CA SER A 160 43.58 15.40 -0.74
C SER A 160 45.08 15.15 -0.78
N ALA A 161 45.84 15.91 0.04
CA ALA A 161 47.30 15.74 0.16
C ALA A 161 47.63 14.30 0.57
N GLY A 162 46.81 13.74 1.46
CA GLY A 162 46.94 12.37 1.96
C GLY A 162 46.98 11.32 0.86
N VAL A 163 46.06 11.39 -0.11
CA VAL A 163 45.99 10.43 -1.22
C VAL A 163 47.06 10.75 -2.29
N ILE A 164 47.15 12.03 -2.71
CA ILE A 164 48.12 12.48 -3.72
C ILE A 164 49.57 12.09 -3.35
N GLU A 165 49.98 12.38 -2.10
CA GLU A 165 51.33 12.08 -1.63
C GLU A 165 51.59 10.59 -1.41
N ARG A 166 50.56 9.82 -0.99
CA ARG A 166 50.69 8.37 -0.80
C ARG A 166 50.85 7.66 -2.14
N VAL A 167 50.11 8.11 -3.19
CA VAL A 167 50.20 7.59 -4.56
C VAL A 167 51.63 7.83 -5.07
N ARG A 168 52.18 9.04 -4.81
CA ARG A 168 53.53 9.47 -5.17
C ARG A 168 54.59 8.65 -4.43
N TRP A 169 54.30 8.26 -3.18
CA TRP A 169 55.18 7.44 -2.35
C TRP A 169 55.27 6.03 -2.90
N VAL A 170 54.09 5.41 -3.24
CA VAL A 170 54.00 4.04 -3.79
C VAL A 170 54.73 3.94 -5.14
N LYS A 171 54.55 4.93 -6.02
CA LYS A 171 55.18 4.97 -7.34
C LYS A 171 56.71 5.10 -7.26
N GLN A 172 57.21 5.94 -6.34
CA GLN A 172 58.64 6.17 -6.15
C GLN A 172 59.36 5.01 -5.45
N ASN A 173 58.71 4.40 -4.43
CA ASN A 173 59.28 3.30 -3.65
C ASN A 173 59.03 1.91 -4.22
N PHE A 174 57.92 1.72 -4.96
CA PHE A 174 57.58 0.44 -5.55
C PHE A 174 57.22 0.60 -7.05
N PRO A 175 58.19 0.95 -7.94
CA PRO A 175 57.83 1.13 -9.37
C PRO A 175 57.43 -0.15 -10.11
N GLN A 176 57.72 -1.35 -9.52
CA GLN A 176 57.39 -2.67 -10.08
C GLN A 176 55.88 -3.01 -9.95
N VAL A 177 55.11 -2.18 -9.21
CA VAL A 177 53.67 -2.38 -9.00
C VAL A 177 52.87 -1.21 -9.59
N GLN A 178 51.65 -1.48 -10.06
CA GLN A 178 50.76 -0.46 -10.61
C GLN A 178 49.99 0.21 -9.46
N VAL A 179 49.79 1.54 -9.50
N VAL A 179 49.78 1.55 -9.51
CA VAL A 179 49.09 2.25 -8.43
CA VAL A 179 49.07 2.29 -8.46
C VAL A 179 47.86 3.03 -8.97
C VAL A 179 47.83 2.97 -9.01
N ILE A 180 46.74 2.95 -8.23
CA ILE A 180 45.48 3.63 -8.55
C ILE A 180 45.20 4.64 -7.41
N GLY A 181 44.60 5.77 -7.78
CA GLY A 181 44.22 6.81 -6.84
C GLY A 181 42.73 7.06 -6.88
N GLY A 182 42.10 7.17 -5.71
CA GLY A 182 40.67 7.42 -5.61
C GLY A 182 40.21 7.85 -4.23
N ASN A 183 38.96 8.32 -4.09
CA ASN A 183 37.99 8.49 -5.18
C ASN A 183 37.96 9.96 -5.58
N ILE A 184 37.70 10.23 -6.86
CA ILE A 184 37.65 11.60 -7.39
C ILE A 184 36.40 11.83 -8.25
N ALA A 185 36.09 13.11 -8.56
CA ALA A 185 34.93 13.47 -9.41
C ALA A 185 35.15 14.72 -10.25
N THR A 186 36.37 15.31 -10.24
CA THR A 186 36.68 16.51 -11.04
C THR A 186 37.95 16.31 -11.86
N GLY A 187 38.08 17.11 -12.92
CA GLY A 187 39.24 17.09 -13.80
C GLY A 187 40.52 17.54 -13.12
N ASP A 188 40.40 18.52 -12.20
CA ASP A 188 41.52 19.06 -11.42
C ASP A 188 42.13 17.99 -10.52
N ALA A 189 41.27 17.13 -9.91
CA ALA A 189 41.65 16.02 -9.04
C ALA A 189 42.41 14.97 -9.83
N ALA A 190 41.97 14.70 -11.09
CA ALA A 190 42.58 13.75 -12.01
C ALA A 190 43.98 14.17 -12.43
N LEU A 191 44.18 15.47 -12.73
CA LEU A 191 45.48 16.03 -13.11
C LEU A 191 46.45 15.93 -11.94
N ALA A 192 45.96 16.20 -10.70
CA ALA A 192 46.73 16.11 -9.46
C ALA A 192 47.27 14.71 -9.26
N LEU A 193 46.40 13.68 -9.42
CA LEU A 193 46.80 12.27 -9.28
C LEU A 193 47.68 11.81 -10.46
N LEU A 194 47.48 12.38 -11.66
CA LEU A 194 48.27 12.08 -12.86
C LEU A 194 49.72 12.56 -12.63
N ASP A 195 49.89 13.78 -12.09
CA ASP A 195 51.18 14.38 -11.76
C ASP A 195 51.90 13.65 -10.63
N ALA A 196 51.12 12.96 -9.76
CA ALA A 196 51.60 12.18 -8.62
C ALA A 196 52.16 10.80 -9.07
N GLY A 197 51.82 10.40 -10.30
CA GLY A 197 52.28 9.15 -10.89
C GLY A 197 51.29 8.00 -10.86
N ALA A 198 49.97 8.30 -10.71
CA ALA A 198 48.94 7.25 -10.71
C ALA A 198 48.84 6.64 -12.09
N ASP A 199 48.65 5.31 -12.15
CA ASP A 199 48.54 4.57 -13.41
C ASP A 199 47.09 4.54 -13.90
N ALA A 200 46.15 4.87 -13.00
CA ALA A 200 44.71 4.95 -13.23
C ALA A 200 44.05 5.71 -12.08
N VAL A 201 42.89 6.32 -12.35
CA VAL A 201 42.10 7.06 -11.36
C VAL A 201 40.75 6.38 -11.16
N LYS A 202 40.24 6.39 -9.92
CA LYS A 202 38.95 5.81 -9.58
C LYS A 202 37.97 6.97 -9.38
N VAL A 203 36.92 7.03 -10.23
CA VAL A 203 35.92 8.10 -10.26
C VAL A 203 34.62 7.69 -9.57
N GLY A 204 34.18 8.52 -8.63
CA GLY A 204 32.92 8.28 -7.92
C GLY A 204 32.83 8.97 -6.57
N ILE A 205 32.05 10.05 -6.49
CA ILE A 205 31.78 10.80 -5.25
C ILE A 205 30.26 10.94 -5.10
N GLY A 206 29.68 10.05 -4.29
CA GLY A 206 28.25 10.01 -4.02
C GLY A 206 27.32 9.15 -4.87
N PRO A 207 27.75 8.32 -5.88
CA PRO A 207 26.74 7.57 -6.66
C PRO A 207 26.39 6.17 -6.15
N GLY A 208 27.16 5.63 -5.21
CA GLY A 208 26.95 4.29 -4.64
C GLY A 208 25.55 4.03 -4.15
N SER A 209 25.08 2.78 -4.33
CA SER A 209 23.73 2.35 -3.93
C SER A 209 23.51 2.43 -2.41
N ILE A 210 24.55 2.09 -1.62
CA ILE A 210 24.54 2.09 -0.14
C ILE A 210 25.08 3.42 0.45
N CYS A 211 25.49 4.35 -0.43
CA CYS A 211 26.07 5.66 -0.11
C CYS A 211 25.06 6.68 0.41
N THR A 212 25.42 7.40 1.50
CA THR A 212 24.58 8.48 2.05
C THR A 212 25.38 9.81 2.14
N THR A 213 26.51 9.92 1.39
CA THR A 213 27.39 11.12 1.31
C THR A 213 26.58 12.35 0.93
N ARG A 214 25.67 12.23 -0.06
CA ARG A 214 24.83 13.33 -0.52
C ARG A 214 23.91 13.90 0.57
N ILE A 215 23.31 13.03 1.40
CA ILE A 215 22.42 13.43 2.49
C ILE A 215 23.22 13.94 3.70
N VAL A 216 24.31 13.26 4.06
CA VAL A 216 25.11 13.59 5.24
C VAL A 216 26.01 14.82 5.02
N ALA A 217 26.66 14.93 3.85
CA ALA A 217 27.58 16.01 3.58
C ALA A 217 27.12 17.03 2.51
N GLY A 218 26.12 16.66 1.71
CA GLY A 218 25.61 17.52 0.64
C GLY A 218 26.61 17.66 -0.49
N ILE A 219 27.52 16.67 -0.55
CA ILE A 219 28.63 16.56 -1.47
C ILE A 219 28.31 15.46 -2.48
N GLY A 220 28.69 15.69 -3.72
CA GLY A 220 28.46 14.74 -4.79
C GLY A 220 28.64 15.31 -6.18
N MET A 221 28.66 14.41 -7.16
CA MET A 221 28.75 14.72 -8.58
C MET A 221 28.12 13.58 -9.36
N PRO A 222 26.95 13.79 -10.01
CA PRO A 222 26.33 12.73 -10.82
C PRO A 222 27.35 12.09 -11.77
N GLN A 223 27.40 10.74 -11.76
CA GLN A 223 28.41 9.92 -12.42
C GLN A 223 28.71 10.21 -13.90
N ILE A 224 27.73 10.51 -14.76
CA ILE A 224 28.02 10.76 -16.19
C ILE A 224 28.89 12.04 -16.37
N SER A 225 28.60 13.08 -15.59
CA SER A 225 29.35 14.34 -15.60
C SER A 225 30.70 14.21 -14.89
N ALA A 226 30.78 13.32 -13.88
CA ALA A 226 32.01 13.02 -13.12
C ALA A 226 33.02 12.34 -14.05
N ILE A 227 32.58 11.30 -14.82
CA ILE A 227 33.39 10.56 -15.80
C ILE A 227 33.85 11.51 -16.91
N ASP A 228 32.92 12.32 -17.45
CA ASP A 228 33.21 13.27 -18.53
C ASP A 228 34.28 14.28 -18.13
N SER A 229 34.16 14.88 -16.92
CA SER A 229 35.08 15.89 -16.37
C SER A 229 36.50 15.32 -16.22
N VAL A 230 36.61 14.11 -15.62
CA VAL A 230 37.87 13.39 -15.40
C VAL A 230 38.52 13.01 -16.75
N ALA A 231 37.78 12.30 -17.63
CA ALA A 231 38.23 11.85 -18.95
C ALA A 231 38.71 12.98 -19.87
N SER A 232 38.03 14.14 -19.86
CA SER A 232 38.38 15.29 -20.69
C SER A 232 39.70 15.94 -20.28
N ALA A 233 40.01 15.91 -18.97
CA ALA A 233 41.25 16.48 -18.44
C ALA A 233 42.43 15.55 -18.70
N LEU A 234 42.23 14.23 -18.51
CA LEU A 234 43.26 13.19 -18.71
C LEU A 234 43.76 13.06 -20.14
N LYS A 235 42.88 13.21 -21.14
CA LYS A 235 43.20 13.09 -22.58
C LYS A 235 43.84 11.71 -22.90
N ASP A 236 43.26 10.63 -22.31
CA ASP A 236 43.64 9.21 -22.45
C ASP A 236 45.10 8.89 -21.98
N GLN A 237 45.70 9.77 -21.15
CA GLN A 237 47.06 9.57 -20.61
C GLN A 237 47.09 8.39 -19.63
N ILE A 238 46.02 8.23 -18.84
CA ILE A 238 45.79 7.11 -17.91
C ILE A 238 44.29 6.75 -17.93
N PRO A 239 43.89 5.47 -17.78
CA PRO A 239 42.45 5.15 -17.79
C PRO A 239 41.73 5.55 -16.50
N LEU A 240 40.39 5.48 -16.50
CA LEU A 240 39.56 5.75 -15.30
C LEU A 240 38.59 4.60 -15.03
N ILE A 241 38.33 4.29 -13.75
CA ILE A 241 37.36 3.27 -13.32
C ILE A 241 36.13 4.03 -12.86
N ALA A 242 34.97 3.76 -13.49
CA ALA A 242 33.68 4.34 -13.12
C ALA A 242 33.18 3.49 -11.97
N ASP A 243 33.27 4.06 -10.76
CA ASP A 243 32.99 3.40 -9.49
C ASP A 243 31.73 3.89 -8.77
N GLY A 244 30.78 2.98 -8.62
CA GLY A 244 29.51 3.25 -7.94
C GLY A 244 28.36 3.66 -8.84
N GLY A 245 27.16 3.27 -8.44
CA GLY A 245 25.91 3.62 -9.11
C GLY A 245 25.45 2.81 -10.30
N ILE A 246 26.09 1.65 -10.55
CA ILE A 246 25.74 0.78 -11.67
C ILE A 246 24.65 -0.19 -11.16
N ARG A 247 23.45 -0.13 -11.80
CA ARG A 247 22.30 -0.95 -11.46
C ARG A 247 22.00 -1.95 -12.57
N PHE A 248 22.23 -1.53 -13.83
CA PHE A 248 21.98 -2.35 -15.01
C PHE A 248 23.12 -2.27 -16.01
N SER A 249 23.11 -3.20 -16.98
CA SER A 249 24.11 -3.31 -18.05
C SER A 249 24.15 -2.07 -18.97
N GLY A 250 23.06 -1.30 -18.98
CA GLY A 250 22.94 -0.07 -19.75
C GLY A 250 23.79 1.04 -19.17
N ASP A 251 23.90 1.09 -17.81
CA ASP A 251 24.71 2.09 -17.08
C ASP A 251 26.19 1.96 -17.43
N MET A 252 26.65 0.71 -17.61
CA MET A 252 28.02 0.33 -18.00
C MET A 252 28.39 0.86 -19.37
N ALA A 253 27.46 0.75 -20.32
CA ALA A 253 27.63 1.25 -21.69
C ALA A 253 27.68 2.78 -21.69
N LYS A 254 26.82 3.43 -20.88
CA LYS A 254 26.76 4.89 -20.72
C LYS A 254 28.07 5.38 -20.09
N ALA A 255 28.55 4.67 -19.05
CA ALA A 255 29.81 4.97 -18.37
C ALA A 255 31.01 4.91 -19.33
N ILE A 256 31.14 3.82 -20.13
CA ILE A 256 32.21 3.63 -21.13
C ILE A 256 32.12 4.72 -22.24
N GLY A 257 30.89 5.00 -22.70
CA GLY A 257 30.61 6.03 -23.70
C GLY A 257 30.97 7.43 -23.23
N ALA A 258 30.80 7.68 -21.92
CA ALA A 258 31.15 8.94 -21.27
C ALA A 258 32.67 9.12 -21.10
N GLY A 259 33.43 8.02 -21.12
CA GLY A 259 34.89 8.06 -21.01
C GLY A 259 35.58 7.02 -20.16
N ALA A 260 34.81 6.16 -19.45
CA ALA A 260 35.37 5.11 -18.58
C ALA A 260 36.06 3.99 -19.35
N SER A 261 37.14 3.40 -18.79
CA SER A 261 37.82 2.26 -19.39
C SER A 261 37.37 0.96 -18.70
N THR A 262 37.12 1.03 -17.39
CA THR A 262 36.63 -0.09 -16.57
C THR A 262 35.50 0.38 -15.68
N ILE A 263 34.74 -0.56 -15.11
CA ILE A 263 33.59 -0.30 -14.26
C ILE A 263 33.70 -1.10 -12.97
N MET A 264 33.65 -0.41 -11.82
CA MET A 264 33.67 -1.06 -10.52
C MET A 264 32.23 -1.16 -9.99
N VAL A 265 31.87 -2.35 -9.51
CA VAL A 265 30.53 -2.69 -9.01
C VAL A 265 30.60 -3.39 -7.64
N GLY A 266 29.65 -3.06 -6.78
CA GLY A 266 29.53 -3.65 -5.45
C GLY A 266 28.22 -4.39 -5.31
N SER A 267 27.10 -3.66 -5.46
CA SER A 267 25.72 -4.12 -5.34
C SER A 267 25.42 -5.35 -6.21
N LEU A 268 25.82 -5.29 -7.50
CA LEU A 268 25.59 -6.35 -8.48
C LEU A 268 26.32 -7.66 -8.15
N LEU A 269 27.52 -7.57 -7.54
CA LEU A 269 28.30 -8.75 -7.15
C LEU A 269 28.04 -9.22 -5.72
N ALA A 270 27.35 -8.40 -4.93
CA ALA A 270 26.98 -8.75 -3.56
C ALA A 270 25.81 -9.74 -3.67
N GLY A 271 25.71 -10.66 -2.74
CA GLY A 271 24.66 -11.67 -2.77
C GLY A 271 25.03 -12.91 -3.54
N THR A 272 26.11 -12.84 -4.36
CA THR A 272 26.61 -13.98 -5.12
C THR A 272 27.33 -14.95 -4.20
N GLU A 273 27.42 -16.23 -4.61
CA GLU A 273 28.05 -17.32 -3.88
C GLU A 273 29.48 -17.00 -3.41
N GLU A 274 30.30 -16.40 -4.32
CA GLU A 274 31.71 -16.01 -4.17
C GLU A 274 31.97 -14.85 -3.23
N ALA A 275 30.98 -13.96 -3.04
CA ALA A 275 31.11 -12.79 -2.17
C ALA A 275 31.23 -13.20 -0.69
N PRO A 276 31.97 -12.46 0.18
CA PRO A 276 32.08 -12.86 1.58
C PRO A 276 30.74 -12.88 2.30
N GLY A 277 30.65 -13.71 3.33
CA GLY A 277 29.45 -13.84 4.12
C GLY A 277 28.68 -15.12 3.84
N GLU A 278 28.02 -15.62 4.88
CA GLU A 278 27.20 -16.83 4.83
C GLU A 278 25.78 -16.45 4.44
N VAL A 279 25.07 -17.36 3.75
CA VAL A 279 23.67 -17.15 3.34
C VAL A 279 22.74 -17.18 4.56
N GLU A 280 21.81 -16.21 4.63
CA GLU A 280 20.84 -16.08 5.72
C GLU A 280 19.43 -16.35 5.20
N PHE A 281 18.66 -17.16 5.97
CA PHE A 281 17.29 -17.55 5.63
C PHE A 281 16.28 -16.66 6.35
N PHE A 282 15.85 -15.59 5.68
CA PHE A 282 14.87 -14.64 6.22
C PHE A 282 13.55 -14.64 5.45
N GLN A 283 12.44 -15.00 6.15
CA GLN A 283 11.06 -15.06 5.64
C GLN A 283 10.92 -15.96 4.39
N GLY A 284 11.49 -17.16 4.46
CA GLY A 284 11.45 -18.14 3.38
C GLY A 284 12.48 -17.97 2.28
N ARG A 285 13.01 -16.74 2.10
CA ARG A 285 14.00 -16.40 1.08
C ARG A 285 15.46 -16.45 1.58
N TYR A 286 16.43 -16.43 0.65
CA TYR A 286 17.85 -16.44 0.96
C TYR A 286 18.51 -15.10 0.61
N TYR A 287 19.26 -14.54 1.58
CA TYR A 287 19.97 -13.26 1.44
C TYR A 287 21.41 -13.33 1.92
N LYS A 288 22.19 -12.32 1.53
CA LYS A 288 23.57 -12.10 1.96
C LYS A 288 23.67 -10.63 2.36
N ALA A 289 24.54 -10.31 3.32
CA ALA A 289 24.71 -8.94 3.81
C ALA A 289 25.40 -8.08 2.76
N TYR A 290 25.02 -6.82 2.71
CA TYR A 290 25.63 -5.82 1.84
C TYR A 290 25.64 -4.50 2.59
N ARG A 291 26.83 -3.96 2.84
CA ARG A 291 26.99 -2.73 3.61
C ARG A 291 28.06 -1.79 3.05
N GLY A 292 27.88 -0.50 3.27
CA GLY A 292 28.85 0.51 2.88
C GLY A 292 30.06 0.43 3.79
N MET A 293 31.24 0.83 3.27
CA MET A 293 32.47 0.81 4.07
C MET A 293 32.52 1.97 5.09
N GLY A 294 31.59 2.92 4.91
CA GLY A 294 31.40 4.06 5.81
C GLY A 294 30.18 3.91 6.68
N SER A 295 29.66 2.68 6.84
CA SER A 295 28.51 2.39 7.70
C SER A 295 28.97 2.17 9.15
N LEU A 296 28.04 2.27 10.11
CA LEU A 296 28.33 2.06 11.54
C LEU A 296 28.98 0.70 11.83
N GLY A 297 28.47 -0.36 11.19
CA GLY A 297 28.97 -1.72 11.32
C GLY A 297 30.35 -1.95 10.71
N ALA A 298 30.64 -1.30 9.56
CA ALA A 298 31.92 -1.42 8.86
C ALA A 298 33.05 -0.65 9.57
N MET A 299 32.71 0.44 10.29
CA MET A 299 33.66 1.27 11.00
C MET A 299 34.00 0.68 12.39
N ALA A 300 33.02 -0.03 13.01
CA ALA A 300 33.17 -0.68 14.31
C ALA A 300 33.59 -2.14 14.14
N LEU A 320 34.25 9.79 12.63
CA LEU A 320 33.39 10.29 11.56
C LEU A 320 31.96 9.78 11.70
N VAL A 321 30.97 10.61 11.30
CA VAL A 321 29.56 10.21 11.29
C VAL A 321 29.36 9.25 10.07
N PRO A 322 28.56 8.15 10.18
CA PRO A 322 28.41 7.25 9.02
C PRO A 322 27.96 7.91 7.71
N GLU A 323 28.43 7.38 6.57
CA GLU A 323 28.13 7.85 5.22
C GLU A 323 27.65 6.69 4.32
N GLY A 324 27.19 5.62 4.95
CA GLY A 324 26.69 4.43 4.27
C GLY A 324 25.71 3.64 5.09
N ILE A 325 24.91 2.79 4.42
CA ILE A 325 23.90 1.95 5.08
C ILE A 325 24.29 0.45 5.10
N GLU A 326 23.63 -0.32 5.99
CA GLU A 326 23.82 -1.75 6.16
C GLU A 326 22.52 -2.43 5.78
N GLY A 327 22.61 -3.40 4.88
CA GLY A 327 21.43 -4.13 4.42
C GLY A 327 21.66 -5.55 3.97
N ARG A 328 20.65 -6.14 3.34
CA ARG A 328 20.67 -7.51 2.82
C ARG A 328 20.24 -7.49 1.37
N VAL A 329 21.00 -8.20 0.54
CA VAL A 329 20.75 -8.36 -0.90
C VAL A 329 20.30 -9.81 -1.13
N PRO A 330 19.37 -10.10 -2.09
CA PRO A 330 18.94 -11.50 -2.30
C PRO A 330 20.06 -12.36 -2.87
N TYR A 331 20.05 -13.67 -2.55
CA TYR A 331 21.03 -14.64 -3.02
C TYR A 331 20.95 -14.78 -4.54
N LYS A 332 22.06 -14.46 -5.23
CA LYS A 332 22.15 -14.46 -6.69
C LYS A 332 22.80 -15.70 -7.29
N GLY A 333 23.34 -16.58 -6.44
CA GLY A 333 24.02 -17.81 -6.86
C GLY A 333 25.41 -17.54 -7.40
N PRO A 334 26.00 -18.44 -8.22
CA PRO A 334 27.36 -18.18 -8.75
C PRO A 334 27.48 -16.84 -9.47
N MET A 335 28.56 -16.11 -9.20
CA MET A 335 28.80 -14.78 -9.77
C MET A 335 28.86 -14.78 -11.29
N GLY A 336 29.23 -15.92 -11.87
CA GLY A 336 29.39 -16.11 -13.33
C GLY A 336 28.18 -15.72 -14.13
N ASN A 337 26.98 -16.08 -13.62
CA ASN A 337 25.67 -15.79 -14.23
C ASN A 337 25.44 -14.29 -14.42
N ILE A 338 25.61 -13.51 -13.32
CA ILE A 338 25.45 -12.05 -13.24
C ILE A 338 26.44 -11.35 -14.18
N VAL A 339 27.71 -11.79 -14.19
CA VAL A 339 28.77 -11.25 -15.05
C VAL A 339 28.44 -11.45 -16.55
N HIS A 340 27.91 -12.63 -16.92
N HIS A 340 27.90 -12.65 -16.92
CA HIS A 340 27.51 -12.98 -18.29
CA HIS A 340 27.50 -13.00 -18.28
C HIS A 340 26.30 -12.16 -18.77
C HIS A 340 26.32 -12.14 -18.76
N GLN A 341 25.32 -11.92 -17.88
CA GLN A 341 24.14 -11.10 -18.16
C GLN A 341 24.54 -9.62 -18.37
N MET A 342 25.47 -9.13 -17.52
CA MET A 342 25.97 -7.75 -17.59
C MET A 342 26.78 -7.53 -18.84
N MET A 343 27.73 -8.45 -19.14
CA MET A 343 28.57 -8.39 -20.34
C MET A 343 27.75 -8.58 -21.62
N GLY A 344 26.66 -9.36 -21.54
CA GLY A 344 25.72 -9.60 -22.63
C GLY A 344 25.01 -8.33 -23.07
N GLY A 345 24.57 -7.55 -22.08
CA GLY A 345 23.91 -6.26 -22.29
C GLY A 345 24.84 -5.21 -22.89
N LEU A 346 26.11 -5.21 -22.46
CA LEU A 346 27.15 -4.30 -22.96
C LEU A 346 27.54 -4.70 -24.41
N ARG A 347 27.45 -6.00 -24.74
CA ARG A 347 27.70 -6.50 -26.10
C ARG A 347 26.64 -5.97 -27.05
N SER A 348 25.35 -6.06 -26.65
CA SER A 348 24.21 -5.53 -27.43
C SER A 348 24.36 -4.04 -27.71
N SER A 349 24.78 -3.26 -26.69
N SER A 349 24.80 -3.25 -26.69
CA SER A 349 25.00 -1.81 -26.78
CA SER A 349 25.02 -1.80 -26.77
C SER A 349 26.07 -1.45 -27.81
C SER A 349 26.06 -1.47 -27.82
N MET A 350 27.18 -2.23 -27.82
CA MET A 350 28.30 -2.06 -28.74
C MET A 350 27.87 -2.45 -30.16
N GLY A 351 26.94 -3.40 -30.25
CA GLY A 351 26.31 -3.78 -31.51
C GLY A 351 25.44 -2.67 -32.04
N TYR A 352 24.71 -1.96 -31.15
CA TYR A 352 23.81 -0.84 -31.50
C TYR A 352 24.60 0.40 -31.93
N THR A 353 25.78 0.60 -31.35
CA THR A 353 26.64 1.77 -31.60
C THR A 353 27.61 1.57 -32.76
N GLY A 354 27.78 0.32 -33.15
CA GLY A 354 28.75 -0.07 -34.18
C GLY A 354 30.17 -0.04 -33.65
N SER A 355 30.32 -0.38 -32.37
CA SER A 355 31.61 -0.41 -31.67
C SER A 355 32.09 -1.86 -31.63
N ALA A 356 33.18 -2.14 -32.37
CA ALA A 356 33.77 -3.48 -32.42
C ALA A 356 34.68 -3.71 -31.20
N VAL A 357 35.35 -2.64 -30.75
CA VAL A 357 36.26 -2.63 -29.59
C VAL A 357 35.79 -1.56 -28.57
N ILE A 358 36.19 -1.72 -27.29
CA ILE A 358 35.85 -0.81 -26.19
C ILE A 358 36.20 0.64 -26.56
N GLU A 359 37.39 0.86 -27.15
CA GLU A 359 37.87 2.17 -27.60
C GLU A 359 36.95 2.85 -28.63
N ASP A 360 36.22 2.06 -29.45
CA ASP A 360 35.26 2.59 -30.41
C ASP A 360 34.08 3.26 -29.68
N LEU A 361 33.55 2.61 -28.62
CA LEU A 361 32.45 3.15 -27.80
C LEU A 361 32.93 4.38 -27.04
N ARG A 362 34.15 4.32 -26.47
CA ARG A 362 34.77 5.42 -25.72
C ARG A 362 34.94 6.70 -26.54
N GLN A 363 35.32 6.58 -27.81
CA GLN A 363 35.58 7.73 -28.69
C GLN A 363 34.44 8.17 -29.59
N ASN A 364 33.52 7.26 -29.97
CA ASN A 364 32.45 7.56 -30.94
C ASN A 364 31.03 7.72 -30.40
N ALA A 365 30.78 7.33 -29.13
CA ALA A 365 29.45 7.43 -28.53
C ALA A 365 28.83 8.82 -28.58
N LYS A 366 27.55 8.88 -29.00
CA LYS A 366 26.73 10.08 -29.08
C LYS A 366 25.54 9.86 -28.16
N PHE A 367 25.21 10.87 -27.35
CA PHE A 367 24.12 10.84 -26.38
C PHE A 367 23.02 11.87 -26.66
N VAL A 368 21.85 11.64 -26.05
CA VAL A 368 20.73 12.56 -26.00
C VAL A 368 20.37 12.75 -24.53
N LYS A 369 20.01 13.97 -24.12
CA LYS A 369 19.57 14.23 -22.75
C LYS A 369 18.08 13.95 -22.70
N ILE A 370 17.63 13.23 -21.67
CA ILE A 370 16.20 12.93 -21.53
C ILE A 370 15.61 13.62 -20.29
N THR A 371 14.29 13.91 -20.33
CA THR A 371 13.58 14.55 -19.23
C THR A 371 13.09 13.46 -18.23
N SER A 372 12.33 13.89 -17.19
CA SER A 372 11.74 13.02 -16.18
C SER A 372 10.63 12.14 -16.78
N ALA A 373 10.10 12.53 -17.94
CA ALA A 373 9.07 11.79 -18.68
C ALA A 373 9.68 10.63 -19.49
N GLY A 374 10.85 10.88 -20.09
CA GLY A 374 11.59 9.91 -20.89
C GLY A 374 12.14 8.73 -20.11
N SER B 16 4.66 36.72 -22.42
CA SER B 16 5.18 37.98 -22.94
C SER B 16 5.20 39.07 -21.87
N MET B 17 4.11 39.21 -21.08
CA MET B 17 4.05 40.21 -20.01
C MET B 17 4.45 39.62 -18.65
N LEU B 18 4.46 38.27 -18.54
CA LEU B 18 4.83 37.51 -17.34
C LEU B 18 6.31 37.77 -17.00
N THR B 19 6.56 38.21 -15.75
CA THR B 19 7.91 38.49 -15.28
C THR B 19 8.45 37.34 -14.44
N ILE B 20 9.37 36.56 -15.03
CA ILE B 20 10.07 35.45 -14.38
C ILE B 20 11.46 36.01 -14.09
N VAL B 21 11.72 36.28 -12.80
CA VAL B 21 12.98 36.87 -12.32
C VAL B 21 14.16 35.91 -12.55
N GLN B 22 13.97 34.62 -12.22
CA GLN B 22 14.95 33.54 -12.34
C GLN B 22 14.32 32.17 -12.16
N GLU B 23 15.11 31.11 -12.38
CA GLU B 23 14.71 29.74 -12.08
C GLU B 23 15.29 29.53 -10.68
N ALA B 24 14.43 29.57 -9.66
CA ALA B 24 14.87 29.46 -8.28
C ALA B 24 15.16 28.02 -7.87
N LEU B 25 16.25 27.84 -7.10
CA LEU B 25 16.79 26.57 -6.65
C LEU B 25 16.60 26.31 -5.17
N THR B 26 16.30 25.04 -4.82
CA THR B 26 16.16 24.56 -3.44
C THR B 26 17.38 23.66 -3.10
N PHE B 27 17.43 23.13 -1.87
CA PHE B 27 18.51 22.26 -1.40
C PHE B 27 18.72 21.03 -2.31
N ASP B 28 17.62 20.32 -2.68
CA ASP B 28 17.65 19.14 -3.54
C ASP B 28 18.04 19.39 -5.01
N ASP B 29 18.12 20.67 -5.41
CA ASP B 29 18.49 21.05 -6.79
C ASP B 29 19.98 21.13 -7.00
N VAL B 30 20.75 21.20 -5.90
CA VAL B 30 22.21 21.37 -5.94
C VAL B 30 22.99 20.37 -5.08
N LEU B 31 24.27 20.23 -5.40
CA LEU B 31 25.24 19.43 -4.67
C LEU B 31 26.53 20.22 -4.66
N LEU B 32 27.23 20.19 -3.51
CA LEU B 32 28.51 20.85 -3.36
C LEU B 32 29.56 19.98 -4.02
N LEU B 33 30.53 20.60 -4.66
CA LEU B 33 31.62 19.88 -5.29
C LEU B 33 32.80 19.68 -4.34
N PRO B 34 33.42 18.47 -4.31
CA PRO B 34 34.62 18.30 -3.47
C PRO B 34 35.80 19.05 -4.12
N ALA B 35 36.68 19.62 -3.30
CA ALA B 35 37.83 20.39 -3.77
C ALA B 35 39.09 19.94 -3.03
N TYR B 36 40.28 20.46 -3.42
CA TYR B 36 41.54 20.10 -2.77
C TYR B 36 41.49 20.37 -1.28
N SER B 37 41.80 19.34 -0.48
CA SER B 37 41.72 19.41 0.97
C SER B 37 42.93 18.86 1.73
N THR B 38 43.37 19.61 2.75
CA THR B 38 44.44 19.25 3.69
C THR B 38 43.88 19.31 5.12
N VAL B 39 42.54 19.44 5.25
CA VAL B 39 41.90 19.52 6.55
C VAL B 39 41.03 18.28 6.83
N LEU B 40 41.12 17.76 8.05
CA LEU B 40 40.31 16.63 8.48
C LEU B 40 39.04 17.15 9.16
N PRO B 41 37.88 16.49 8.95
CA PRO B 41 36.63 16.94 9.58
C PRO B 41 36.69 17.24 11.09
N LYS B 42 37.46 16.44 11.85
CA LYS B 42 37.60 16.65 13.30
C LYS B 42 38.37 17.93 13.67
N ASP B 43 39.14 18.49 12.70
CA ASP B 43 39.98 19.69 12.87
C ASP B 43 39.34 21.01 12.41
N VAL B 44 38.16 20.98 11.76
CA VAL B 44 37.51 22.20 11.24
C VAL B 44 36.89 23.05 12.37
N SER B 45 36.82 24.38 12.15
CA SER B 45 36.25 25.35 13.08
C SER B 45 34.79 25.67 12.65
N LEU B 46 33.83 25.37 13.54
CA LEU B 46 32.41 25.63 13.30
C LEU B 46 31.97 27.03 13.81
N LYS B 47 32.93 27.82 14.32
CA LYS B 47 32.72 29.18 14.83
C LYS B 47 32.23 30.08 13.70
N THR B 48 31.23 30.92 13.99
CA THR B 48 30.59 31.84 13.02
C THR B 48 29.93 33.03 13.73
N ARG B 49 29.32 33.95 12.95
CA ARG B 49 28.64 35.10 13.53
C ARG B 49 27.12 35.07 13.34
N LEU B 50 26.38 35.31 14.43
CA LEU B 50 24.91 35.36 14.44
C LEU B 50 24.47 36.74 13.98
N THR B 51 25.13 37.79 14.50
CA THR B 51 24.89 39.19 14.14
C THR B 51 26.27 39.77 13.85
N ARG B 52 26.38 41.11 13.66
CA ARG B 52 27.69 41.70 13.46
C ARG B 52 28.46 41.83 14.80
N GLY B 53 27.74 41.67 15.92
CA GLY B 53 28.30 41.75 17.26
C GLY B 53 28.31 40.47 18.06
N ILE B 54 27.52 39.45 17.66
CA ILE B 54 27.45 38.15 18.37
C ILE B 54 28.04 37.01 17.54
N TYR B 55 28.95 36.23 18.15
CA TYR B 55 29.57 35.07 17.52
C TYR B 55 29.11 33.81 18.23
N LEU B 56 28.87 32.74 17.47
CA LEU B 56 28.46 31.43 17.99
C LEU B 56 29.62 30.46 17.77
N ASN B 57 29.63 29.31 18.49
CA ASN B 57 30.66 28.26 18.32
C ASN B 57 30.25 27.20 17.30
N ILE B 58 28.94 27.11 16.99
CA ILE B 58 28.34 26.22 15.98
C ILE B 58 27.27 27.03 15.21
N PRO B 59 27.04 26.80 13.88
CA PRO B 59 26.07 27.64 13.16
C PRO B 59 24.61 27.25 13.34
N LEU B 60 24.22 26.70 14.50
CA LEU B 60 22.83 26.29 14.77
C LEU B 60 22.09 27.31 15.64
N VAL B 61 20.83 27.63 15.26
CA VAL B 61 19.95 28.58 15.97
C VAL B 61 18.59 27.88 16.11
N SER B 62 18.12 27.58 17.35
CA SER B 62 16.82 26.91 17.48
C SER B 62 15.63 27.86 17.21
N ALA B 63 14.67 27.40 16.35
CA ALA B 63 13.46 28.13 15.90
C ALA B 63 12.59 28.69 17.01
N ALA B 64 12.15 29.96 16.84
CA ALA B 64 11.27 30.66 17.78
C ALA B 64 9.85 30.08 17.66
N MET B 65 9.63 28.88 18.27
CA MET B 65 8.35 28.16 18.19
C MET B 65 7.96 27.53 19.51
N ASP B 66 6.67 27.50 19.82
CA ASP B 66 6.11 26.99 21.08
C ASP B 66 6.30 25.48 21.29
N THR B 67 6.82 24.76 20.28
CA THR B 67 7.10 23.32 20.35
C THR B 67 8.60 23.04 20.13
N VAL B 68 9.43 24.12 20.04
CA VAL B 68 10.88 24.01 19.81
C VAL B 68 11.70 24.69 20.93
N THR B 69 11.61 26.02 21.07
CA THR B 69 12.38 26.76 22.07
C THR B 69 11.58 27.40 23.20
N GLU B 70 12.03 27.13 24.43
CA GLU B 70 11.66 27.75 25.69
C GLU B 70 12.97 27.79 26.48
N SER B 71 12.97 28.11 27.80
CA SER B 71 14.20 28.23 28.59
C SER B 71 15.12 26.99 28.51
N ARG B 72 14.55 25.76 28.65
CA ARG B 72 15.26 24.46 28.60
C ARG B 72 16.04 24.26 27.30
N MET B 73 15.41 24.54 26.14
CA MET B 73 16.06 24.43 24.83
C MET B 73 17.12 25.53 24.64
N ALA B 74 16.81 26.76 25.08
CA ALA B 74 17.71 27.90 24.97
C ALA B 74 19.04 27.68 25.72
N ILE B 75 18.99 26.96 26.88
CA ILE B 75 20.16 26.63 27.69
C ILE B 75 21.09 25.64 26.96
N ALA B 76 20.54 24.49 26.52
CA ALA B 76 21.27 23.46 25.78
C ALA B 76 21.91 23.99 24.50
N MET B 77 21.19 24.83 23.73
CA MET B 77 21.70 25.43 22.48
C MET B 77 23.00 26.17 22.75
N ALA B 78 22.96 27.13 23.68
CA ALA B 78 24.09 27.91 24.21
C ALA B 78 25.16 27.00 24.81
N GLN B 79 24.76 25.92 25.53
CA GLN B 79 25.66 24.91 26.13
C GLN B 79 26.43 24.10 25.08
N ASN B 80 25.88 24.00 23.85
CA ASN B 80 26.49 23.34 22.68
C ASN B 80 27.16 24.36 21.76
N GLY B 81 27.15 25.65 22.13
CA GLY B 81 27.79 26.71 21.35
C GLY B 81 26.89 27.46 20.38
N GLY B 82 25.60 27.13 20.39
CA GLY B 82 24.62 27.79 19.55
C GLY B 82 23.78 28.78 20.34
N ILE B 83 22.57 29.08 19.83
CA ILE B 83 21.66 30.03 20.47
C ILE B 83 20.22 29.67 20.16
N GLY B 84 19.34 29.85 21.14
CA GLY B 84 17.90 29.63 20.98
C GLY B 84 17.14 30.94 21.00
N ILE B 85 16.08 31.07 20.17
CA ILE B 85 15.25 32.27 20.12
C ILE B 85 13.90 31.92 20.72
N LEU B 86 13.59 32.44 21.92
CA LEU B 86 12.33 32.15 22.63
C LEU B 86 11.15 32.67 21.82
N HIS B 87 10.06 31.86 21.73
CA HIS B 87 8.84 32.20 20.98
C HIS B 87 8.04 33.32 21.63
N LYS B 88 7.24 34.04 20.82
CA LYS B 88 6.40 35.15 21.30
C LYS B 88 4.98 34.72 21.70
N ASN B 89 4.62 33.43 21.54
N ASN B 89 4.62 33.43 21.54
CA ASN B 89 3.30 32.91 21.91
CA ASN B 89 3.30 32.88 21.91
C ASN B 89 3.21 32.75 23.44
C ASN B 89 3.18 32.75 23.44
N MET B 90 3.62 33.81 24.15
CA MET B 90 3.65 33.95 25.61
C MET B 90 3.69 35.43 25.95
N ASP B 91 3.03 35.80 27.05
CA ASP B 91 2.94 37.18 27.57
C ASP B 91 4.30 37.73 27.95
N ILE B 92 4.44 39.07 27.87
CA ILE B 92 5.67 39.82 28.15
C ILE B 92 6.38 39.31 29.42
N ALA B 93 5.61 39.04 30.50
CA ALA B 93 6.12 38.55 31.78
C ALA B 93 6.72 37.16 31.67
N ALA B 94 6.07 36.25 30.91
CA ALA B 94 6.51 34.87 30.68
C ALA B 94 7.80 34.83 29.90
N GLN B 95 7.91 35.65 28.82
CA GLN B 95 9.08 35.73 27.97
C GLN B 95 10.28 36.30 28.69
N ALA B 96 10.09 37.38 29.48
CA ALA B 96 11.17 38.01 30.26
C ALA B 96 11.69 37.04 31.34
N ALA B 97 10.78 36.22 31.92
CA ALA B 97 11.07 35.18 32.92
C ALA B 97 11.88 34.04 32.33
N GLU B 98 11.69 33.76 31.03
CA GLU B 98 12.43 32.74 30.29
C GLU B 98 13.83 33.24 29.97
N VAL B 99 13.97 34.57 29.65
CA VAL B 99 15.27 35.22 29.38
C VAL B 99 16.13 35.13 30.65
N ARG B 100 15.53 35.48 31.82
CA ARG B 100 16.19 35.44 33.13
C ARG B 100 16.69 34.02 33.49
N ARG B 101 15.88 32.99 33.19
CA ARG B 101 16.19 31.57 33.42
C ARG B 101 17.47 31.12 32.70
N VAL B 102 17.70 31.62 31.48
CA VAL B 102 18.87 31.30 30.67
C VAL B 102 20.08 32.11 31.18
N LYS B 103 19.88 33.41 31.46
CA LYS B 103 20.94 34.32 31.94
C LYS B 103 21.44 34.00 33.36
N LYS B 104 20.57 33.47 34.24
CA LYS B 104 20.91 33.13 35.62
C LYS B 104 21.32 31.66 35.79
N PHE B 105 21.35 30.87 34.69
CA PHE B 105 21.71 29.45 34.73
C PHE B 105 23.20 29.26 35.04
N GLU B 106 23.50 28.36 35.99
CA GLU B 106 24.86 28.02 36.41
C GLU B 106 25.08 26.51 36.32
N ALA B 107 26.20 26.11 35.68
CA ALA B 107 26.58 24.70 35.52
C ALA B 107 27.24 24.18 36.81
N GLY B 108 26.80 23.00 37.27
CA GLY B 108 27.30 22.34 38.48
C GLY B 108 28.73 21.85 38.38
N TYR B 113 31.01 22.30 29.92
CA TYR B 113 30.75 22.68 28.54
C TYR B 113 31.73 23.77 28.08
N PRO B 114 32.93 23.41 27.57
CA PRO B 114 33.90 24.44 27.16
C PRO B 114 33.52 25.21 25.90
N ASN B 115 32.66 24.62 25.03
CA ASN B 115 32.19 25.22 23.78
C ASN B 115 30.95 26.11 23.94
N SER B 116 30.56 26.43 25.20
CA SER B 116 29.44 27.31 25.57
C SER B 116 29.46 28.67 24.88
N CYS B 117 28.29 29.15 24.44
CA CYS B 117 28.08 30.46 23.81
C CYS B 117 27.65 31.41 24.96
N LYS B 118 28.55 32.29 25.40
CA LYS B 118 28.33 33.17 26.54
C LYS B 118 28.64 34.62 26.20
N ASP B 119 28.08 35.56 26.98
CA ASP B 119 28.30 37.00 26.82
C ASP B 119 29.60 37.45 27.53
N ASP B 120 29.81 38.77 27.64
CA ASP B 120 30.97 39.37 28.31
C ASP B 120 31.02 39.09 29.82
N LEU B 121 29.84 38.82 30.42
CA LEU B 121 29.70 38.53 31.86
C LEU B 121 29.68 37.03 32.15
N GLY B 122 30.04 36.21 31.15
CA GLY B 122 30.11 34.75 31.26
C GLY B 122 28.78 34.02 31.38
N ARG B 123 27.67 34.72 31.08
CA ARG B 123 26.31 34.16 31.14
C ARG B 123 25.96 33.61 29.77
N LEU B 124 25.23 32.47 29.74
CA LEU B 124 24.77 31.82 28.52
C LEU B 124 23.95 32.81 27.68
N ARG B 125 24.24 32.89 26.37
CA ARG B 125 23.54 33.79 25.45
C ARG B 125 22.13 33.29 25.11
N VAL B 126 21.19 34.24 24.90
CA VAL B 126 19.79 33.97 24.55
C VAL B 126 19.21 35.05 23.64
N GLY B 127 18.23 34.67 22.84
CA GLY B 127 17.49 35.56 21.96
C GLY B 127 16.02 35.47 22.22
N ALA B 128 15.27 36.51 21.84
CA ALA B 128 13.82 36.53 22.00
C ALA B 128 13.13 37.13 20.79
N ALA B 129 12.00 36.53 20.39
CA ALA B 129 11.18 36.99 19.27
C ALA B 129 10.15 38.02 19.70
N VAL B 130 9.95 39.05 18.86
CA VAL B 130 8.95 40.11 19.04
C VAL B 130 8.19 40.32 17.73
N GLY B 131 6.99 40.89 17.86
CA GLY B 131 6.14 41.24 16.72
C GLY B 131 6.47 42.64 16.24
N THR B 132 5.43 43.35 15.77
CA THR B 132 5.54 44.74 15.30
C THR B 132 4.41 45.60 15.91
N GLY B 133 3.46 44.95 16.58
CA GLY B 133 2.26 45.52 17.17
C GLY B 133 2.37 46.47 18.35
N ALA B 134 1.24 46.62 19.08
CA ALA B 134 1.06 47.54 20.20
C ALA B 134 1.87 47.21 21.46
N ASP B 135 1.98 45.91 21.84
CA ASP B 135 2.71 45.48 23.04
C ASP B 135 4.24 45.36 22.84
N THR B 136 4.72 45.54 21.60
CA THR B 136 6.14 45.43 21.21
C THR B 136 7.05 46.39 22.02
N PRO B 137 6.78 47.71 22.21
CA PRO B 137 7.69 48.54 23.02
C PRO B 137 7.84 48.05 24.47
N SER B 138 6.76 47.57 25.09
CA SER B 138 6.74 47.02 26.46
C SER B 138 7.47 45.68 26.49
N ARG B 139 7.30 44.86 25.43
CA ARG B 139 7.93 43.55 25.28
C ARG B 139 9.46 43.72 25.13
N VAL B 140 9.90 44.57 24.19
CA VAL B 140 11.31 44.87 23.91
C VAL B 140 12.02 45.41 25.16
N GLU B 141 11.40 46.38 25.86
CA GLU B 141 11.95 46.99 27.08
C GLU B 141 12.16 45.94 28.18
N ALA B 142 11.16 45.06 28.41
CA ALA B 142 11.22 44.00 29.42
C ALA B 142 12.26 42.91 29.10
N LEU B 143 12.47 42.60 27.82
CA LEU B 143 13.44 41.59 27.41
C LEU B 143 14.88 42.07 27.56
N VAL B 144 15.17 43.34 27.16
CA VAL B 144 16.49 44.00 27.29
C VAL B 144 16.85 44.11 28.78
N GLU B 145 15.85 44.47 29.62
CA GLU B 145 15.98 44.59 31.07
C GLU B 145 16.32 43.24 31.70
N ALA B 146 15.73 42.14 31.17
CA ALA B 146 15.96 40.76 31.61
C ALA B 146 17.33 40.22 31.18
N GLY B 147 18.03 40.97 30.31
CA GLY B 147 19.37 40.67 29.83
C GLY B 147 19.48 39.95 28.50
N VAL B 148 18.45 40.04 27.63
CA VAL B 148 18.46 39.39 26.31
C VAL B 148 19.61 39.94 25.43
N ASP B 149 20.28 39.03 24.70
CA ASP B 149 21.42 39.37 23.84
C ASP B 149 20.98 39.88 22.48
N VAL B 150 19.90 39.30 21.93
CA VAL B 150 19.40 39.67 20.62
C VAL B 150 17.85 39.68 20.56
N ILE B 151 17.31 40.72 19.90
CA ILE B 151 15.87 40.89 19.67
C ILE B 151 15.58 40.48 18.24
N VAL B 152 14.65 39.54 18.05
CA VAL B 152 14.27 39.10 16.71
C VAL B 152 12.89 39.66 16.33
N VAL B 153 12.88 40.74 15.50
CA VAL B 153 11.65 41.35 14.98
C VAL B 153 11.24 40.45 13.82
N ASP B 154 10.36 39.47 14.11
CA ASP B 154 9.97 38.42 13.18
C ASP B 154 8.49 38.33 12.89
N THR B 155 8.12 38.45 11.60
CA THR B 155 6.78 38.26 11.08
C THR B 155 6.88 37.32 9.86
N ALA B 156 5.74 37.04 9.23
CA ALA B 156 5.67 36.22 8.02
C ALA B 156 6.23 36.99 6.82
N HIS B 157 6.14 38.32 6.85
CA HIS B 157 6.57 39.21 5.76
C HIS B 157 7.40 40.39 6.25
N GLY B 158 8.69 40.18 6.35
CA GLY B 158 9.66 41.17 6.83
C GLY B 158 9.95 42.31 5.87
N HIS B 159 9.52 42.20 4.60
CA HIS B 159 9.69 43.31 3.66
C HIS B 159 8.45 44.21 3.75
N SER B 160 8.16 44.67 4.96
CA SER B 160 6.99 45.50 5.25
C SER B 160 7.41 46.69 6.07
N ALA B 161 6.65 47.81 6.00
CA ALA B 161 6.91 49.01 6.80
C ALA B 161 6.95 48.68 8.30
N GLY B 162 6.02 47.81 8.75
CA GLY B 162 5.92 47.33 10.12
C GLY B 162 7.21 46.75 10.66
N VAL B 163 7.87 45.84 9.89
CA VAL B 163 9.13 45.20 10.32
C VAL B 163 10.31 46.17 10.14
N ILE B 164 10.47 46.77 8.95
CA ILE B 164 11.55 47.73 8.66
C ILE B 164 11.61 48.84 9.73
N GLU B 165 10.46 49.50 10.02
CA GLU B 165 10.35 50.59 11.00
C GLU B 165 10.43 50.12 12.44
N ARG B 166 9.96 48.88 12.76
CA ARG B 166 10.09 48.34 14.12
C ARG B 166 11.57 48.03 14.40
N VAL B 167 12.31 47.53 13.39
CA VAL B 167 13.76 47.25 13.48
C VAL B 167 14.50 48.59 13.72
N ARG B 168 14.12 49.68 12.98
CA ARG B 168 14.71 51.02 13.10
C ARG B 168 14.53 51.62 14.51
N TRP B 169 13.36 51.33 15.13
CA TRP B 169 12.95 51.76 16.46
C TRP B 169 13.83 51.10 17.55
N VAL B 170 14.05 49.75 17.46
CA VAL B 170 14.83 48.99 18.44
C VAL B 170 16.32 49.40 18.40
N LYS B 171 16.86 49.69 17.22
CA LYS B 171 18.25 50.14 17.09
C LYS B 171 18.49 51.54 17.66
N GLN B 172 17.53 52.46 17.45
CA GLN B 172 17.62 53.84 17.94
C GLN B 172 17.36 53.96 19.44
N ASN B 173 16.40 53.19 19.97
CA ASN B 173 16.01 53.24 21.39
C ASN B 173 16.81 52.30 22.29
N PHE B 174 17.30 51.17 21.74
CA PHE B 174 18.08 50.20 22.51
C PHE B 174 19.39 49.83 21.75
N PRO B 175 20.37 50.76 21.60
CA PRO B 175 21.60 50.39 20.87
C PRO B 175 22.49 49.36 21.57
N GLN B 176 22.28 49.12 22.88
CA GLN B 176 23.02 48.14 23.69
C GLN B 176 22.64 46.67 23.38
N VAL B 177 21.57 46.45 22.58
CA VAL B 177 21.09 45.13 22.19
C VAL B 177 21.20 44.94 20.66
N GLN B 178 21.43 43.69 20.22
CA GLN B 178 21.53 43.34 18.81
C GLN B 178 20.10 43.09 18.25
N VAL B 179 19.82 43.55 17.02
N VAL B 179 19.83 43.55 17.01
CA VAL B 179 18.48 43.37 16.44
CA VAL B 179 18.50 43.37 16.39
C VAL B 179 18.56 42.60 15.09
C VAL B 179 18.60 42.55 15.10
N ILE B 180 17.64 41.62 14.92
CA ILE B 180 17.49 40.78 13.71
C ILE B 180 16.12 41.10 13.09
N GLY B 181 16.07 41.17 11.76
CA GLY B 181 14.86 41.42 10.99
C GLY B 181 14.52 40.24 10.11
N GLY B 182 13.24 39.86 10.09
CA GLY B 182 12.75 38.73 9.30
C GLY B 182 11.24 38.63 9.17
N ASN B 183 10.73 37.77 8.27
CA ASN B 183 11.52 36.93 7.36
C ASN B 183 11.54 37.55 5.99
N ILE B 184 12.62 37.32 5.25
CA ILE B 184 12.84 37.87 3.91
C ILE B 184 13.35 36.80 2.94
N ALA B 185 13.30 37.07 1.63
CA ALA B 185 13.77 36.15 0.58
C ALA B 185 14.32 36.87 -0.66
N THR B 186 14.46 38.21 -0.63
CA THR B 186 15.01 38.98 -1.76
C THR B 186 16.13 39.92 -1.29
N GLY B 187 16.98 40.32 -2.24
CA GLY B 187 18.07 41.25 -2.00
C GLY B 187 17.59 42.64 -1.63
N ASP B 188 16.46 43.10 -2.23
CA ASP B 188 15.82 44.40 -1.98
C ASP B 188 15.34 44.51 -0.54
N ALA B 189 14.79 43.40 0.00
CA ALA B 189 14.31 43.30 1.36
C ALA B 189 15.47 43.42 2.35
N ALA B 190 16.63 42.78 2.02
CA ALA B 190 17.86 42.79 2.81
C ALA B 190 18.47 44.19 2.91
N LEU B 191 18.49 44.96 1.79
CA LEU B 191 19.01 46.32 1.75
C LEU B 191 18.14 47.24 2.60
N ALA B 192 16.80 47.04 2.54
CA ALA B 192 15.80 47.79 3.31
C ALA B 192 16.04 47.60 4.82
N LEU B 193 16.25 46.34 5.27
CA LEU B 193 16.52 46.04 6.67
C LEU B 193 17.94 46.48 7.10
N LEU B 194 18.91 46.49 6.16
CA LEU B 194 20.28 46.95 6.40
C LEU B 194 20.25 48.46 6.69
N ASP B 195 19.50 49.23 5.89
CA ASP B 195 19.31 50.69 6.05
C ASP B 195 18.59 51.06 7.37
N ALA B 196 17.70 50.16 7.88
CA ALA B 196 16.94 50.31 9.14
C ALA B 196 17.83 50.05 10.38
N GLY B 197 19.01 49.47 10.17
CA GLY B 197 19.97 49.20 11.23
C GLY B 197 19.96 47.79 11.79
N ALA B 198 19.46 46.80 11.01
CA ALA B 198 19.47 45.39 11.44
C ALA B 198 20.91 44.91 11.49
N ASP B 199 21.24 44.11 12.54
CA ASP B 199 22.58 43.55 12.72
C ASP B 199 22.73 42.20 11.96
N ALA B 200 21.59 41.63 11.55
CA ALA B 200 21.47 40.38 10.81
C ALA B 200 20.06 40.26 10.25
N VAL B 201 19.91 39.52 9.15
CA VAL B 201 18.62 39.27 8.50
C VAL B 201 18.29 37.78 8.54
N LYS B 202 17.03 37.45 8.75
CA LYS B 202 16.57 36.05 8.79
C LYS B 202 15.86 35.78 7.46
N VAL B 203 16.41 34.84 6.66
CA VAL B 203 15.97 34.46 5.31
C VAL B 203 15.12 33.20 5.31
N GLY B 204 13.90 33.29 4.80
CA GLY B 204 12.97 32.16 4.72
C GLY B 204 11.52 32.51 4.44
N ILE B 205 11.06 32.33 3.19
CA ILE B 205 9.66 32.59 2.78
C ILE B 205 9.13 31.35 2.06
N GLY B 206 8.40 30.52 2.79
CA GLY B 206 7.86 29.25 2.29
C GLY B 206 8.71 27.98 2.40
N PRO B 207 9.90 27.89 3.08
CA PRO B 207 10.62 26.60 3.08
C PRO B 207 10.32 25.63 4.25
N GLY B 208 9.76 26.10 5.36
CA GLY B 208 9.46 25.29 6.54
C GLY B 208 8.76 23.98 6.24
N SER B 209 9.10 22.93 7.02
CA SER B 209 8.51 21.59 6.91
C SER B 209 7.00 21.57 7.20
N ILE B 210 6.55 22.40 8.17
CA ILE B 210 5.15 22.55 8.60
C ILE B 210 4.42 23.70 7.88
N CYS B 211 5.13 24.41 7.01
CA CYS B 211 4.67 25.57 6.24
C CYS B 211 3.73 25.22 5.08
N THR B 212 2.62 25.98 4.95
CA THR B 212 1.64 25.83 3.86
C THR B 212 1.43 27.17 3.13
N THR B 213 2.36 28.14 3.32
CA THR B 213 2.38 29.48 2.70
C THR B 213 2.29 29.38 1.17
N ARG B 214 3.03 28.43 0.56
CA ARG B 214 3.06 28.16 -0.88
C ARG B 214 1.69 27.71 -1.44
N ILE B 215 0.97 26.83 -0.72
CA ILE B 215 -0.33 26.35 -1.14
C ILE B 215 -1.44 27.40 -0.88
N VAL B 216 -1.41 28.06 0.29
CA VAL B 216 -2.42 29.03 0.70
C VAL B 216 -2.27 30.39 -0.03
N ALA B 217 -1.05 30.89 -0.21
CA ALA B 217 -0.82 32.20 -0.82
C ALA B 217 -0.14 32.17 -2.19
N GLY B 218 0.47 31.04 -2.55
CA GLY B 218 1.21 30.91 -3.82
C GLY B 218 2.46 31.75 -3.82
N ILE B 219 2.93 32.07 -2.61
CA ILE B 219 4.09 32.91 -2.31
C ILE B 219 5.20 32.02 -1.79
N GLY B 220 6.42 32.35 -2.21
CA GLY B 220 7.60 31.61 -1.81
C GLY B 220 8.81 31.87 -2.68
N MET B 221 9.94 31.30 -2.24
CA MET B 221 11.25 31.35 -2.90
C MET B 221 12.08 30.22 -2.38
N PRO B 222 12.38 29.19 -3.24
CA PRO B 222 13.27 28.08 -2.82
C PRO B 222 14.56 28.60 -2.19
N GLN B 223 14.87 28.07 -1.00
CA GLN B 223 15.92 28.49 -0.07
C GLN B 223 17.34 28.74 -0.64
N ILE B 224 17.85 27.94 -1.59
CA ILE B 224 19.22 28.17 -2.10
C ILE B 224 19.30 29.52 -2.87
N SER B 225 18.26 29.84 -3.66
CA SER B 225 18.17 31.09 -4.42
C SER B 225 17.84 32.27 -3.52
N ALA B 226 17.09 32.02 -2.42
CA ALA B 226 16.72 33.03 -1.41
C ALA B 226 17.98 33.51 -0.68
N ILE B 227 18.84 32.56 -0.21
CA ILE B 227 20.11 32.83 0.48
C ILE B 227 21.06 33.56 -0.47
N ASP B 228 21.19 33.08 -1.71
CA ASP B 228 22.06 33.68 -2.71
C ASP B 228 21.70 35.13 -3.01
N SER B 229 20.40 35.43 -3.23
CA SER B 229 19.85 36.77 -3.52
C SER B 229 20.15 37.76 -2.38
N VAL B 230 19.86 37.34 -1.12
CA VAL B 230 20.11 38.14 0.08
C VAL B 230 21.61 38.41 0.29
N ALA B 231 22.45 37.33 0.30
CA ALA B 231 23.90 37.40 0.48
C ALA B 231 24.64 38.25 -0.55
N SER B 232 24.20 38.22 -1.83
CA SER B 232 24.80 38.99 -2.91
C SER B 232 24.56 40.50 -2.78
N ALA B 233 23.41 40.88 -2.20
CA ALA B 233 23.05 42.27 -2.00
C ALA B 233 23.78 42.85 -0.79
N LEU B 234 23.85 42.07 0.31
CA LEU B 234 24.50 42.45 1.57
C LEU B 234 25.99 42.70 1.45
N LYS B 235 26.71 41.89 0.65
CA LYS B 235 28.17 41.96 0.46
C LYS B 235 28.93 41.84 1.80
N ASP B 236 28.49 40.87 2.65
CA ASP B 236 29.01 40.52 3.98
C ASP B 236 28.98 41.69 5.01
N GLN B 237 28.12 42.71 4.79
CA GLN B 237 27.99 43.85 5.70
C GLN B 237 27.33 43.42 7.01
N ILE B 238 26.35 42.50 6.91
CA ILE B 238 25.65 41.88 8.04
C ILE B 238 25.41 40.39 7.71
N PRO B 239 25.47 39.46 8.71
CA PRO B 239 25.25 38.03 8.38
C PRO B 239 23.79 37.70 8.16
N LEU B 240 23.48 36.53 7.56
CA LEU B 240 22.12 36.06 7.36
C LEU B 240 21.88 34.68 8.02
N ILE B 241 20.68 34.42 8.50
CA ILE B 241 20.27 33.13 9.09
C ILE B 241 19.35 32.45 8.06
N ALA B 242 19.74 31.23 7.59
CA ALA B 242 18.97 30.42 6.64
C ALA B 242 17.93 29.70 7.49
N ASP B 243 16.70 30.17 7.40
CA ASP B 243 15.60 29.70 8.24
C ASP B 243 14.54 28.89 7.51
N GLY B 244 14.41 27.63 7.94
CA GLY B 244 13.43 26.68 7.42
C GLY B 244 13.93 25.80 6.29
N GLY B 245 13.40 24.58 6.25
CA GLY B 245 13.67 23.62 5.21
C GLY B 245 14.88 22.73 5.33
N ILE B 246 15.58 22.73 6.49
CA ILE B 246 16.76 21.90 6.76
C ILE B 246 16.26 20.53 7.30
N ARG B 247 16.51 19.46 6.53
CA ARG B 247 16.09 18.08 6.85
C ARG B 247 17.30 17.23 7.22
N PHE B 248 18.44 17.52 6.59
CA PHE B 248 19.69 16.79 6.79
C PHE B 248 20.89 17.73 6.93
N SER B 249 22.01 17.18 7.40
CA SER B 249 23.28 17.90 7.59
C SER B 249 23.86 18.42 6.29
N GLY B 250 23.44 17.84 5.15
CA GLY B 250 23.85 18.25 3.81
C GLY B 250 23.27 19.59 3.40
N ASP B 251 22.01 19.84 3.79
CA ASP B 251 21.26 21.08 3.56
C ASP B 251 21.96 22.27 4.23
N MET B 252 22.52 22.05 5.42
CA MET B 252 23.26 23.04 6.21
C MET B 252 24.53 23.51 5.50
N ALA B 253 25.25 22.56 4.88
CA ALA B 253 26.47 22.79 4.14
C ALA B 253 26.17 23.58 2.88
N LYS B 254 25.07 23.22 2.17
CA LYS B 254 24.58 23.91 0.96
C LYS B 254 24.16 25.33 1.31
N ALA B 255 23.44 25.49 2.45
CA ALA B 255 22.99 26.80 2.95
C ALA B 255 24.17 27.73 3.22
N ILE B 256 25.20 27.26 3.98
CA ILE B 256 26.43 28.01 4.29
C ILE B 256 27.22 28.33 2.99
N GLY B 257 27.33 27.35 2.09
CA GLY B 257 27.99 27.49 0.79
C GLY B 257 27.31 28.51 -0.10
N ALA B 258 25.97 28.61 0.00
CA ALA B 258 25.14 29.57 -0.73
C ALA B 258 25.29 30.99 -0.18
N GLY B 259 25.72 31.14 1.07
CA GLY B 259 25.94 32.45 1.68
C GLY B 259 25.51 32.67 3.12
N ALA B 260 24.87 31.65 3.76
CA ALA B 260 24.41 31.72 5.14
C ALA B 260 25.54 31.72 6.15
N SER B 261 25.35 32.45 7.28
CA SER B 261 26.35 32.43 8.37
C SER B 261 25.88 31.46 9.47
N THR B 262 24.54 31.32 9.64
CA THR B 262 23.91 30.44 10.62
C THR B 262 22.69 29.76 9.99
N ILE B 263 22.15 28.73 10.68
CA ILE B 263 20.99 27.96 10.23
C ILE B 263 19.99 27.74 11.38
N MET B 264 18.76 28.27 11.20
CA MET B 264 17.67 28.10 12.16
C MET B 264 16.89 26.83 11.80
N VAL B 265 16.70 25.93 12.79
CA VAL B 265 15.97 24.68 12.60
C VAL B 265 14.86 24.52 13.64
N GLY B 266 13.75 23.94 13.21
CA GLY B 266 12.59 23.66 14.05
C GLY B 266 12.33 22.18 14.15
N SER B 267 12.06 21.55 12.99
CA SER B 267 11.73 20.12 12.85
C SER B 267 12.77 19.20 13.50
N LEU B 268 14.06 19.44 13.23
CA LEU B 268 15.17 18.64 13.75
C LEU B 268 15.31 18.68 15.27
N LEU B 269 14.98 19.83 15.91
CA LEU B 269 15.07 19.99 17.36
C LEU B 269 13.76 19.68 18.07
N ALA B 270 12.66 19.55 17.31
CA ALA B 270 11.36 19.18 17.86
C ALA B 270 11.42 17.69 18.18
N GLY B 271 10.71 17.25 19.21
CA GLY B 271 10.73 15.85 19.60
C GLY B 271 11.83 15.52 20.60
N THR B 272 12.82 16.42 20.75
CA THR B 272 13.93 16.25 21.71
C THR B 272 13.42 16.51 23.14
N GLU B 273 14.11 15.97 24.15
CA GLU B 273 13.78 16.09 25.58
C GLU B 273 13.62 17.54 26.04
N GLU B 274 14.54 18.42 25.60
CA GLU B 274 14.62 19.85 25.92
C GLU B 274 13.52 20.72 25.32
N ALA B 275 12.92 20.29 24.20
CA ALA B 275 11.84 21.02 23.49
C ALA B 275 10.57 21.07 24.35
N PRO B 276 9.75 22.15 24.28
CA PRO B 276 8.52 22.19 25.09
C PRO B 276 7.53 21.09 24.75
N GLY B 277 6.74 20.72 25.74
CA GLY B 277 5.73 19.67 25.60
C GLY B 277 6.12 18.38 26.27
N GLU B 278 5.12 17.66 26.76
CA GLU B 278 5.28 16.38 27.42
C GLU B 278 5.20 15.28 26.36
N VAL B 279 5.90 14.15 26.61
CA VAL B 279 5.93 13.00 25.71
C VAL B 279 4.57 12.29 25.69
N GLU B 280 4.08 11.96 24.49
CA GLU B 280 2.80 11.29 24.31
C GLU B 280 3.02 9.86 23.78
N PHE B 281 2.28 8.91 24.37
CA PHE B 281 2.36 7.50 24.02
C PHE B 281 1.24 7.12 23.05
N PHE B 282 1.54 7.18 21.75
CA PHE B 282 0.59 6.84 20.69
C PHE B 282 1.00 5.59 19.90
N GLN B 283 0.16 4.55 19.97
CA GLN B 283 0.31 3.25 19.28
C GLN B 283 1.66 2.56 19.58
N GLY B 284 2.00 2.50 20.85
CA GLY B 284 3.23 1.87 21.33
C GLY B 284 4.48 2.73 21.31
N ARG B 285 4.51 3.76 20.43
CA ARG B 285 5.63 4.68 20.25
C ARG B 285 5.52 5.97 21.07
N TYR B 286 6.64 6.73 21.17
CA TYR B 286 6.69 8.01 21.88
C TYR B 286 6.87 9.19 20.92
N TYR B 287 6.00 10.21 21.06
CA TYR B 287 6.00 11.41 20.23
C TYR B 287 5.91 12.70 21.05
N LYS B 288 6.22 13.81 20.41
CA LYS B 288 6.08 15.17 20.94
C LYS B 288 5.39 15.98 19.84
N ALA B 289 4.61 17.00 20.23
CA ALA B 289 3.89 17.83 19.28
C ALA B 289 4.84 18.74 18.51
N TYR B 290 4.54 19.00 17.25
CA TYR B 290 5.28 19.92 16.40
C TYR B 290 4.26 20.61 15.50
N ARG B 291 4.17 21.95 15.62
CA ARG B 291 3.21 22.73 14.87
C ARG B 291 3.77 24.06 14.38
N GLY B 292 3.23 24.56 13.27
CA GLY B 292 3.60 25.84 12.72
C GLY B 292 3.04 26.95 13.58
N MET B 293 3.68 28.11 13.60
CA MET B 293 3.22 29.26 14.39
C MET B 293 2.01 29.94 13.73
N GLY B 294 1.75 29.60 12.47
CA GLY B 294 0.61 30.06 11.68
C GLY B 294 -0.46 29.00 11.53
N SER B 295 -0.46 27.98 12.40
CA SER B 295 -1.47 26.92 12.39
C SER B 295 -2.69 27.35 13.21
N LEU B 296 -3.84 26.68 13.02
CA LEU B 296 -5.09 26.98 13.76
C LEU B 296 -4.91 26.90 15.28
N GLY B 297 -4.19 25.89 15.74
CA GLY B 297 -3.89 25.67 17.16
C GLY B 297 -2.97 26.71 17.78
N ALA B 298 -1.96 27.17 17.01
CA ALA B 298 -0.98 28.18 17.46
C ALA B 298 -1.56 29.60 17.52
N MET B 299 -2.56 29.88 16.67
CA MET B 299 -3.21 31.19 16.58
C MET B 299 -4.31 31.33 17.65
N ALA B 300 -4.97 30.20 18.00
CA ALA B 300 -6.02 30.14 19.01
C ALA B 300 -5.43 29.79 20.39
N LEU B 320 -6.75 35.90 9.92
CA LEU B 320 -5.98 35.25 8.85
C LEU B 320 -6.26 33.76 8.76
N VAL B 321 -6.28 33.23 7.51
CA VAL B 321 -6.42 31.79 7.26
C VAL B 321 -5.08 31.10 7.63
N PRO B 322 -5.08 29.89 8.27
CA PRO B 322 -3.81 29.25 8.63
C PRO B 322 -2.81 29.06 7.47
N GLU B 323 -1.51 29.12 7.80
CA GLU B 323 -0.40 28.94 6.87
C GLU B 323 0.61 27.88 7.37
N GLY B 324 0.15 27.03 8.29
CA GLY B 324 0.95 25.96 8.87
C GLY B 324 0.12 24.80 9.37
N ILE B 325 0.75 23.63 9.54
CA ILE B 325 0.10 22.41 10.00
C ILE B 325 0.50 22.03 11.45
N GLU B 326 -0.31 21.15 12.07
CA GLU B 326 -0.13 20.66 13.43
C GLU B 326 0.09 19.16 13.34
N GLY B 327 1.18 18.69 13.92
CA GLY B 327 1.52 17.28 13.92
C GLY B 327 2.31 16.79 15.12
N ARG B 328 2.80 15.55 15.01
CA ARG B 328 3.59 14.89 16.03
C ARG B 328 4.87 14.37 15.40
N VAL B 329 5.99 14.63 16.08
CA VAL B 329 7.33 14.17 15.67
C VAL B 329 7.76 13.08 16.64
N PRO B 330 8.52 12.03 16.21
CA PRO B 330 8.93 10.98 17.16
C PRO B 330 9.93 11.49 18.20
N TYR B 331 9.89 10.90 19.42
CA TYR B 331 10.80 11.26 20.52
C TYR B 331 12.25 10.98 20.15
N LYS B 332 13.09 12.04 20.14
CA LYS B 332 14.49 11.98 19.75
C LYS B 332 15.49 11.91 20.92
N GLY B 333 15.00 12.02 22.16
CA GLY B 333 15.83 12.00 23.35
C GLY B 333 16.60 13.28 23.56
N PRO B 334 17.72 13.29 24.33
CA PRO B 334 18.46 14.55 24.52
C PRO B 334 18.87 15.23 23.22
N MET B 335 18.69 16.55 23.14
CA MET B 335 19.00 17.33 21.94
C MET B 335 20.47 17.24 21.50
N GLY B 336 21.36 16.98 22.46
CA GLY B 336 22.80 16.86 22.23
C GLY B 336 23.20 15.88 21.13
N ASN B 337 22.51 14.72 21.09
CA ASN B 337 22.73 13.65 20.11
C ASN B 337 22.49 14.13 18.67
N ILE B 338 21.32 14.75 18.41
CA ILE B 338 20.89 15.32 17.12
C ILE B 338 21.87 16.40 16.65
N VAL B 339 22.27 17.31 17.56
CA VAL B 339 23.20 18.42 17.30
C VAL B 339 24.58 17.90 16.86
N HIS B 340 25.11 16.89 17.59
N HIS B 340 25.12 16.90 17.57
CA HIS B 340 26.40 16.25 17.32
CA HIS B 340 26.43 16.35 17.24
C HIS B 340 26.39 15.58 15.94
C HIS B 340 26.41 15.56 15.91
N GLN B 341 25.29 14.86 15.62
CA GLN B 341 25.07 14.12 14.37
C GLN B 341 25.00 15.09 13.16
N MET B 342 24.41 16.29 13.35
CA MET B 342 24.25 17.33 12.33
C MET B 342 25.55 18.05 12.07
N MET B 343 26.25 18.48 13.15
CA MET B 343 27.56 19.17 13.09
C MET B 343 28.64 18.20 12.57
N GLY B 344 28.46 16.90 12.81
CA GLY B 344 29.33 15.85 12.31
C GLY B 344 29.31 15.80 10.80
N GLY B 345 28.11 15.87 10.23
CA GLY B 345 27.89 15.86 8.79
C GLY B 345 28.42 17.11 8.10
N LEU B 346 28.33 18.28 8.76
CA LEU B 346 28.84 19.56 8.24
C LEU B 346 30.37 19.55 8.30
N ARG B 347 30.94 18.88 9.33
CA ARG B 347 32.40 18.76 9.47
C ARG B 347 32.94 17.98 8.28
N SER B 348 32.28 16.84 7.92
CA SER B 348 32.66 16.01 6.76
C SER B 348 32.62 16.79 5.46
N SER B 349 31.59 17.64 5.28
N SER B 349 31.59 17.66 5.29
CA SER B 349 31.39 18.49 4.11
CA SER B 349 31.37 18.52 4.12
C SER B 349 32.52 19.50 3.95
C SER B 349 32.53 19.49 3.96
N MET B 350 32.95 20.09 5.09
CA MET B 350 34.03 21.06 5.17
C MET B 350 35.36 20.38 4.89
N GLY B 351 35.48 19.11 5.26
CA GLY B 351 36.61 18.27 4.94
C GLY B 351 36.67 17.93 3.45
N TYR B 352 35.50 17.74 2.81
CA TYR B 352 35.37 17.45 1.38
C TYR B 352 35.69 18.70 0.52
N THR B 353 35.32 19.90 1.01
CA THR B 353 35.52 21.16 0.30
C THR B 353 36.85 21.86 0.62
N GLY B 354 37.58 21.31 1.58
CA GLY B 354 38.86 21.87 2.03
C GLY B 354 38.67 23.16 2.79
N SER B 355 37.58 23.23 3.55
CA SER B 355 37.20 24.39 4.34
C SER B 355 37.55 24.18 5.79
N ALA B 356 38.59 24.92 6.27
CA ALA B 356 39.07 24.84 7.65
C ALA B 356 38.18 25.64 8.59
N VAL B 357 37.64 26.75 8.08
CA VAL B 357 36.76 27.68 8.81
C VAL B 357 35.45 27.87 8.00
N ILE B 358 34.35 28.26 8.68
CA ILE B 358 33.04 28.53 8.09
C ILE B 358 33.17 29.50 6.90
N GLU B 359 33.96 30.59 7.05
CA GLU B 359 34.20 31.58 6.01
C GLU B 359 34.82 31.00 4.73
N ASP B 360 35.59 29.90 4.84
CA ASP B 360 36.19 29.20 3.68
C ASP B 360 35.08 28.57 2.83
N LEU B 361 34.10 27.90 3.47
CA LEU B 361 32.95 27.29 2.81
C LEU B 361 32.06 28.36 2.17
N ARG B 362 31.80 29.46 2.91
CA ARG B 362 30.98 30.60 2.48
C ARG B 362 31.51 31.27 1.21
N GLN B 363 32.85 31.42 1.10
CA GLN B 363 33.47 32.13 -0.03
C GLN B 363 33.97 31.25 -1.19
N ASN B 364 34.33 29.99 -0.92
CA ASN B 364 34.93 29.11 -1.93
C ASN B 364 34.06 27.99 -2.49
N ALA B 365 32.89 27.71 -1.89
CA ALA B 365 32.00 26.65 -2.35
C ALA B 365 31.59 26.75 -3.82
N LYS B 366 31.69 25.63 -4.54
CA LYS B 366 31.32 25.46 -5.94
C LYS B 366 30.23 24.39 -5.97
N PHE B 367 29.15 24.66 -6.72
CA PHE B 367 27.98 23.78 -6.87
C PHE B 367 27.76 23.30 -8.30
N VAL B 368 26.98 22.21 -8.41
CA VAL B 368 26.49 21.66 -9.67
C VAL B 368 24.98 21.57 -9.53
N LYS B 369 24.24 21.88 -10.62
CA LYS B 369 22.78 21.76 -10.62
C LYS B 369 22.47 20.31 -11.00
N ILE B 370 21.55 19.68 -10.28
CA ILE B 370 21.17 18.29 -10.58
C ILE B 370 19.70 18.21 -11.04
N THR B 371 19.38 17.19 -11.85
CA THR B 371 18.01 16.95 -12.33
C THR B 371 17.24 16.11 -11.31
N SER B 372 15.98 15.74 -11.62
CA SER B 372 15.13 14.91 -10.78
C SER B 372 15.66 13.47 -10.69
N ALA B 373 16.50 13.06 -11.66
CA ALA B 373 17.14 11.74 -11.71
C ALA B 373 18.34 11.66 -10.76
N GLY B 374 19.13 12.75 -10.68
CA GLY B 374 20.31 12.86 -9.83
C GLY B 374 20.01 12.84 -8.34
N SER C 16 15.71 20.52 -37.86
CA SER C 16 14.47 20.11 -37.21
C SER C 16 13.26 20.82 -37.82
N MET C 17 12.12 20.11 -37.88
CA MET C 17 10.86 20.61 -38.44
C MET C 17 9.80 20.87 -37.35
N LEU C 18 9.97 20.26 -36.15
CA LEU C 18 9.07 20.36 -35.01
C LEU C 18 9.03 21.80 -34.49
N THR C 19 7.82 22.36 -34.40
CA THR C 19 7.64 23.73 -33.93
C THR C 19 7.19 23.76 -32.48
N ILE C 20 8.12 24.12 -31.57
CA ILE C 20 7.88 24.29 -30.15
C ILE C 20 7.82 25.79 -29.94
N VAL C 21 6.59 26.30 -29.71
CA VAL C 21 6.29 27.72 -29.52
C VAL C 21 6.98 28.27 -28.26
N GLN C 22 6.86 27.52 -27.14
CA GLN C 22 7.42 27.90 -25.84
C GLN C 22 7.41 26.71 -24.88
N GLU C 23 8.05 26.90 -23.70
CA GLU C 23 7.99 25.93 -22.63
C GLU C 23 6.84 26.47 -21.77
N ALA C 24 5.67 25.84 -21.87
CA ALA C 24 4.48 26.29 -21.18
C ALA C 24 4.47 25.91 -19.70
N LEU C 25 4.04 26.87 -18.84
CA LEU C 25 4.03 26.76 -17.39
C LEU C 25 2.66 26.62 -16.79
N THR C 26 2.53 25.79 -15.76
CA THR C 26 1.30 25.57 -15.00
C THR C 26 1.46 26.23 -13.62
N PHE C 27 0.41 26.15 -12.76
CA PHE C 27 0.42 26.71 -11.41
C PHE C 27 1.60 26.23 -10.56
N ASP C 28 1.86 24.90 -10.53
CA ASP C 28 2.95 24.28 -9.77
C ASP C 28 4.37 24.61 -10.27
N ASP C 29 4.50 25.22 -11.45
CA ASP C 29 5.79 25.60 -12.03
C ASP C 29 6.31 26.92 -11.52
N VAL C 30 5.42 27.75 -10.93
CA VAL C 30 5.76 29.10 -10.47
C VAL C 30 5.35 29.39 -9.03
N LEU C 31 6.00 30.43 -8.46
CA LEU C 31 5.71 30.99 -7.13
C LEU C 31 5.80 32.47 -7.25
N LEU C 32 4.88 33.18 -6.58
CA LEU C 32 4.86 34.63 -6.54
C LEU C 32 5.91 35.07 -5.56
N LEU C 33 6.60 36.15 -5.88
CA LEU C 33 7.60 36.70 -4.98
C LEU C 33 7.00 37.74 -4.02
N PRO C 34 7.38 37.72 -2.72
CA PRO C 34 6.91 38.79 -1.83
C PRO C 34 7.62 40.11 -2.17
N ALA C 35 6.92 41.24 -2.05
CA ALA C 35 7.47 42.56 -2.37
C ALA C 35 7.15 43.54 -1.24
N TYR C 36 7.67 44.79 -1.31
CA TYR C 36 7.43 45.79 -0.27
C TYR C 36 5.94 46.01 -0.06
N SER C 37 5.48 45.88 1.20
CA SER C 37 4.07 46.01 1.53
C SER C 37 3.78 46.84 2.78
N THR C 38 2.75 47.70 2.67
CA THR C 38 2.21 48.53 3.75
C THR C 38 0.71 48.21 3.88
N VAL C 39 0.24 47.15 3.20
CA VAL C 39 -1.17 46.78 3.20
C VAL C 39 -1.39 45.47 3.97
N LEU C 40 -2.42 45.41 4.79
CA LEU C 40 -2.75 44.21 5.54
C LEU C 40 -3.78 43.39 4.76
N PRO C 41 -3.70 42.04 4.80
CA PRO C 41 -4.70 41.22 4.09
C PRO C 41 -6.17 41.56 4.33
N LYS C 42 -6.54 41.93 5.56
CA LYS C 42 -7.93 42.30 5.90
C LYS C 42 -8.37 43.63 5.25
N ASP C 43 -7.42 44.47 4.80
CA ASP C 43 -7.67 45.78 4.20
C ASP C 43 -7.68 45.81 2.65
N VAL C 44 -7.32 44.71 1.98
CA VAL C 44 -7.26 44.66 0.51
C VAL C 44 -8.67 44.64 -0.12
N SER C 45 -8.78 45.19 -1.36
CA SER C 45 -10.01 45.22 -2.15
C SER C 45 -10.00 44.06 -3.17
N LEU C 46 -10.99 43.17 -3.07
CA LEU C 46 -11.13 42.01 -3.96
C LEU C 46 -12.01 42.32 -5.19
N LYS C 47 -12.45 43.59 -5.31
CA LYS C 47 -13.30 44.09 -6.41
C LYS C 47 -12.53 43.98 -7.72
N THR C 48 -13.22 43.52 -8.78
CA THR C 48 -12.63 43.29 -10.10
C THR C 48 -13.72 43.34 -11.20
N ARG C 49 -13.33 43.18 -12.48
CA ARG C 49 -14.30 43.19 -13.57
C ARG C 49 -14.45 41.81 -14.23
N LEU C 50 -15.71 41.39 -14.42
CA LEU C 50 -16.05 40.13 -15.07
C LEU C 50 -16.00 40.38 -16.57
N THR C 51 -16.55 41.54 -17.01
CA THR C 51 -16.59 41.99 -18.41
C THR C 51 -16.22 43.46 -18.43
N ARG C 52 -16.27 44.12 -19.59
CA ARG C 52 -15.98 45.55 -19.62
C ARG C 52 -17.13 46.39 -19.02
N GLY C 53 -18.30 45.76 -18.83
CA GLY C 53 -19.47 46.39 -18.26
C GLY C 53 -19.92 45.86 -16.90
N ILE C 54 -19.48 44.64 -16.52
CA ILE C 54 -19.84 44.03 -15.22
C ILE C 54 -18.66 43.95 -14.26
N TYR C 55 -18.84 44.44 -13.03
CA TYR C 55 -17.85 44.37 -11.96
C TYR C 55 -18.36 43.44 -10.87
N LEU C 56 -17.46 42.63 -10.29
CA LEU C 56 -17.75 41.69 -9.21
C LEU C 56 -17.02 42.19 -7.96
N ASN C 57 -17.48 41.77 -6.76
CA ASN C 57 -16.86 42.17 -5.50
C ASN C 57 -15.75 41.22 -5.06
N ILE C 58 -15.73 40.01 -5.63
CA ILE C 58 -14.71 38.97 -5.40
C ILE C 58 -14.37 38.37 -6.79
N PRO C 59 -13.13 37.90 -7.06
CA PRO C 59 -12.85 37.38 -8.41
C PRO C 59 -13.26 35.92 -8.67
N LEU C 60 -14.34 35.44 -8.02
CA LEU C 60 -14.80 34.06 -8.19
C LEU C 60 -16.04 33.95 -9.10
N VAL C 61 -16.06 32.92 -9.98
CA VAL C 61 -17.12 32.61 -10.95
C VAL C 61 -17.33 31.09 -10.87
N SER C 62 -18.54 30.62 -10.51
CA SER C 62 -18.79 29.18 -10.44
C SER C 62 -19.00 28.60 -11.85
N ALA C 63 -18.40 27.43 -12.15
CA ALA C 63 -18.43 26.79 -13.47
C ALA C 63 -19.82 26.41 -13.98
N ALA C 64 -20.02 26.51 -15.32
CA ALA C 64 -21.27 26.16 -16.00
C ALA C 64 -21.38 24.63 -16.10
N MET C 65 -21.62 23.97 -14.95
CA MET C 65 -21.68 22.51 -14.86
C MET C 65 -22.91 22.03 -14.11
N ASP C 66 -23.51 20.91 -14.56
CA ASP C 66 -24.72 20.33 -13.97
C ASP C 66 -24.57 19.80 -12.53
N THR C 67 -23.33 19.80 -11.99
CA THR C 67 -23.00 19.37 -10.62
C THR C 67 -22.40 20.54 -9.82
N VAL C 68 -22.37 21.76 -10.41
CA VAL C 68 -21.80 22.95 -9.78
C VAL C 68 -22.83 24.10 -9.70
N THR C 69 -23.28 24.63 -10.84
CA THR C 69 -24.17 25.79 -10.85
C THR C 69 -25.59 25.61 -11.45
N GLU C 70 -26.59 25.87 -10.60
CA GLU C 70 -28.02 25.99 -10.89
C GLU C 70 -28.47 27.26 -10.12
N SER C 71 -29.78 27.54 -10.02
CA SER C 71 -30.29 28.73 -9.32
C SER C 71 -29.74 28.93 -7.88
N ARG C 72 -29.69 27.85 -7.05
CA ARG C 72 -29.20 27.88 -5.66
C ARG C 72 -27.75 28.35 -5.53
N MET C 73 -26.85 27.84 -6.39
CA MET C 73 -25.44 28.23 -6.43
C MET C 73 -25.28 29.65 -6.98
N ALA C 74 -26.07 30.02 -8.01
CA ALA C 74 -26.01 31.35 -8.61
C ALA C 74 -26.37 32.45 -7.60
N ILE C 75 -27.38 32.21 -6.73
CA ILE C 75 -27.83 33.13 -5.66
C ILE C 75 -26.71 33.35 -4.62
N ALA C 76 -26.13 32.24 -4.10
CA ALA C 76 -25.03 32.26 -3.13
C ALA C 76 -23.77 32.97 -3.67
N MET C 77 -23.40 32.73 -4.95
CA MET C 77 -22.26 33.39 -5.60
C MET C 77 -22.50 34.90 -5.62
N ALA C 78 -23.68 35.33 -6.12
CA ALA C 78 -24.15 36.71 -6.17
C ALA C 78 -24.17 37.36 -4.79
N GLN C 79 -24.61 36.62 -3.73
CA GLN C 79 -24.65 37.06 -2.34
C GLN C 79 -23.25 37.29 -1.73
N ASN C 80 -22.23 36.51 -2.16
CA ASN C 80 -20.84 36.63 -1.69
C ASN C 80 -19.99 37.60 -2.53
N GLY C 81 -20.60 38.22 -3.55
CA GLY C 81 -19.92 39.19 -4.40
C GLY C 81 -19.44 38.67 -5.74
N GLY C 82 -19.62 37.38 -5.98
CA GLY C 82 -19.23 36.73 -7.23
C GLY C 82 -20.39 36.56 -8.17
N ILE C 83 -20.25 35.64 -9.14
CA ILE C 83 -21.28 35.35 -10.15
C ILE C 83 -21.28 33.88 -10.55
N GLY C 84 -22.48 33.31 -10.70
CA GLY C 84 -22.66 31.94 -11.14
C GLY C 84 -23.03 31.88 -12.61
N ILE C 85 -22.51 30.87 -13.35
CA ILE C 85 -22.85 30.67 -14.77
C ILE C 85 -23.72 29.41 -14.89
N LEU C 86 -25.01 29.60 -15.18
CA LEU C 86 -25.99 28.51 -15.30
C LEU C 86 -25.66 27.60 -16.47
N HIS C 87 -25.63 26.28 -16.21
CA HIS C 87 -25.29 25.29 -17.23
C HIS C 87 -26.35 25.17 -18.32
N LYS C 88 -25.94 24.69 -19.50
CA LYS C 88 -26.80 24.53 -20.67
C LYS C 88 -27.36 23.09 -20.83
N ASN C 89 -27.06 22.18 -19.88
CA ASN C 89 -27.54 20.79 -19.91
C ASN C 89 -28.99 20.70 -19.39
N MET C 90 -29.83 21.62 -19.89
CA MET C 90 -31.25 21.78 -19.60
C MET C 90 -31.91 22.53 -20.74
N ASP C 91 -33.20 22.29 -20.96
CA ASP C 91 -33.98 22.94 -22.01
C ASP C 91 -34.10 24.46 -21.77
N ILE C 92 -34.36 25.22 -22.86
CA ILE C 92 -34.49 26.68 -22.88
C ILE C 92 -35.43 27.21 -21.78
N ALA C 93 -36.58 26.55 -21.58
CA ALA C 93 -37.57 26.92 -20.56
C ALA C 93 -37.06 26.75 -19.15
N ALA C 94 -36.31 25.66 -18.87
CA ALA C 94 -35.71 25.39 -17.55
C ALA C 94 -34.63 26.41 -17.23
N GLN C 95 -33.76 26.74 -18.23
CA GLN C 95 -32.65 27.68 -18.06
C GLN C 95 -33.15 29.10 -17.83
N ALA C 96 -34.19 29.53 -18.57
CA ALA C 96 -34.80 30.87 -18.41
C ALA C 96 -35.49 30.98 -17.04
N ALA C 97 -36.08 29.87 -16.54
CA ALA C 97 -36.72 29.80 -15.22
C ALA C 97 -35.70 29.90 -14.10
N GLU C 98 -34.46 29.40 -14.34
CA GLU C 98 -33.35 29.48 -13.38
C GLU C 98 -32.85 30.92 -13.32
N VAL C 99 -32.81 31.65 -14.47
CA VAL C 99 -32.42 33.06 -14.55
C VAL C 99 -33.40 33.89 -13.73
N ARG C 100 -34.72 33.66 -13.94
CA ARG C 100 -35.81 34.34 -13.22
C ARG C 100 -35.72 34.14 -11.70
N ARG C 101 -35.38 32.90 -11.25
CA ARG C 101 -35.21 32.52 -9.84
C ARG C 101 -34.15 33.37 -9.12
N VAL C 102 -33.05 33.69 -9.83
CA VAL C 102 -31.95 34.49 -9.30
C VAL C 102 -32.33 35.98 -9.31
N LYS C 103 -32.94 36.45 -10.43
CA LYS C 103 -33.35 37.85 -10.60
C LYS C 103 -34.51 38.28 -9.70
N LYS C 104 -35.43 37.35 -9.36
CA LYS C 104 -36.59 37.60 -8.48
C LYS C 104 -36.33 37.27 -7.01
N PHE C 105 -35.09 36.86 -6.66
CA PHE C 105 -34.74 36.50 -5.28
C PHE C 105 -34.67 37.73 -4.39
N GLU C 106 -35.33 37.65 -3.21
CA GLU C 106 -35.38 38.70 -2.19
C GLU C 106 -34.97 38.13 -0.84
N ALA C 107 -34.05 38.83 -0.13
CA ALA C 107 -33.57 38.42 1.19
C ALA C 107 -34.59 38.78 2.29
N GLY C 108 -34.89 37.80 3.15
CA GLY C 108 -35.83 37.95 4.25
C GLY C 108 -35.35 38.87 5.37
N TYR C 113 -26.30 40.62 3.30
CA TYR C 113 -25.13 40.42 2.44
C TYR C 113 -24.70 41.76 1.83
N PRO C 114 -23.83 42.56 2.51
CA PRO C 114 -23.45 43.88 1.97
C PRO C 114 -22.57 43.83 0.73
N ASN C 115 -21.80 42.74 0.54
CA ASN C 115 -20.90 42.52 -0.58
C ASN C 115 -21.57 41.91 -1.82
N SER C 116 -22.92 41.84 -1.84
CA SER C 116 -23.74 41.29 -2.94
C SER C 116 -23.44 41.92 -4.29
N CYS C 117 -23.35 41.09 -5.34
CA CYS C 117 -23.13 41.50 -6.72
C CYS C 117 -24.53 41.65 -7.35
N LYS C 118 -24.93 42.89 -7.61
CA LYS C 118 -26.26 43.23 -8.11
C LYS C 118 -26.18 44.15 -9.31
N ASP C 119 -27.26 44.18 -10.12
CA ASP C 119 -27.37 45.04 -11.30
C ASP C 119 -27.84 46.48 -10.93
N ASP C 120 -28.20 47.30 -11.94
CA ASP C 120 -28.68 48.66 -11.75
C ASP C 120 -30.05 48.73 -11.04
N LEU C 121 -30.83 47.63 -11.12
CA LEU C 121 -32.15 47.50 -10.52
C LEU C 121 -32.11 46.81 -9.14
N GLY C 122 -30.90 46.64 -8.59
CA GLY C 122 -30.65 46.02 -7.29
C GLY C 122 -30.92 44.53 -7.20
N ARG C 123 -31.06 43.85 -8.35
CA ARG C 123 -31.30 42.41 -8.43
C ARG C 123 -29.95 41.69 -8.52
N LEU C 124 -29.85 40.50 -7.86
CA LEU C 124 -28.65 39.66 -7.87
C LEU C 124 -28.27 39.33 -9.32
N ARG C 125 -26.98 39.48 -9.66
CA ARG C 125 -26.45 39.20 -11.01
C ARG C 125 -26.33 37.71 -11.29
N VAL C 126 -26.57 37.32 -12.57
CA VAL C 126 -26.50 35.92 -13.01
C VAL C 126 -26.02 35.81 -14.47
N GLY C 127 -25.36 34.71 -14.77
CA GLY C 127 -24.87 34.38 -16.10
C GLY C 127 -25.42 33.07 -16.61
N ALA C 128 -25.52 32.93 -17.93
CA ALA C 128 -26.00 31.68 -18.52
C ALA C 128 -25.16 31.25 -19.71
N ALA C 129 -24.86 29.93 -19.77
CA ALA C 129 -24.08 29.32 -20.84
C ALA C 129 -24.96 28.92 -22.03
N VAL C 130 -24.45 29.18 -23.25
CA VAL C 130 -25.08 28.81 -24.53
C VAL C 130 -24.05 28.11 -25.41
N GLY C 131 -24.53 27.28 -26.35
CA GLY C 131 -23.69 26.58 -27.30
C GLY C 131 -23.59 27.33 -28.60
N THR C 132 -23.49 26.60 -29.72
CA THR C 132 -23.44 27.15 -31.09
C THR C 132 -24.49 26.45 -31.98
N GLY C 133 -25.22 25.49 -31.39
CA GLY C 133 -26.26 24.71 -32.06
C GLY C 133 -27.45 25.48 -32.59
N ALA C 134 -28.44 24.75 -33.14
CA ALA C 134 -29.64 25.30 -33.73
C ALA C 134 -30.57 26.06 -32.76
N ASP C 135 -30.66 25.59 -31.49
CA ASP C 135 -31.53 26.19 -30.46
C ASP C 135 -30.95 27.45 -29.80
N THR C 136 -29.70 27.83 -30.14
CA THR C 136 -29.00 28.99 -29.57
C THR C 136 -29.76 30.32 -29.75
N PRO C 137 -30.26 30.72 -30.96
CA PRO C 137 -31.00 32.00 -31.03
C PRO C 137 -32.23 32.06 -30.12
N SER C 138 -32.97 30.93 -29.99
CA SER C 138 -34.14 30.82 -29.10
C SER C 138 -33.72 30.84 -27.63
N ARG C 139 -32.58 30.19 -27.31
CA ARG C 139 -31.99 30.13 -25.97
C ARG C 139 -31.54 31.53 -25.53
N VAL C 140 -30.73 32.22 -26.36
CA VAL C 140 -30.22 33.58 -26.11
C VAL C 140 -31.36 34.58 -25.89
N GLU C 141 -32.38 34.56 -26.78
CA GLU C 141 -33.55 35.45 -26.70
C GLU C 141 -34.31 35.26 -25.38
N ALA C 142 -34.57 34.00 -24.98
CA ALA C 142 -35.27 33.64 -23.75
C ALA C 142 -34.51 34.01 -22.49
N LEU C 143 -33.17 33.92 -22.51
CA LEU C 143 -32.34 34.24 -21.35
C LEU C 143 -32.27 35.75 -21.12
N VAL C 144 -32.11 36.57 -22.19
CA VAL C 144 -32.07 38.05 -22.16
C VAL C 144 -33.43 38.56 -21.65
N GLU C 145 -34.54 37.96 -22.14
CA GLU C 145 -35.91 38.27 -21.75
C GLU C 145 -36.14 38.00 -20.27
N ALA C 146 -35.51 36.91 -19.73
CA ALA C 146 -35.59 36.49 -18.33
C ALA C 146 -34.75 37.40 -17.40
N GLY C 147 -33.92 38.27 -18.01
CA GLY C 147 -33.10 39.25 -17.32
C GLY C 147 -31.66 38.87 -17.06
N VAL C 148 -31.09 37.93 -17.84
CA VAL C 148 -29.69 37.49 -17.67
C VAL C 148 -28.71 38.67 -17.91
N ASP C 149 -27.67 38.75 -17.08
CA ASP C 149 -26.66 39.83 -17.14
C ASP C 149 -25.58 39.54 -18.18
N VAL C 150 -25.19 38.27 -18.32
CA VAL C 150 -24.14 37.87 -19.23
C VAL C 150 -24.43 36.53 -19.91
N ILE C 151 -24.16 36.48 -21.24
CA ILE C 151 -24.30 35.29 -22.10
C ILE C 151 -22.90 34.70 -22.30
N VAL C 152 -22.71 33.44 -21.93
CA VAL C 152 -21.43 32.77 -22.12
C VAL C 152 -21.51 31.79 -23.29
N VAL C 153 -20.98 32.20 -24.47
CA VAL C 153 -20.92 31.37 -25.68
C VAL C 153 -19.69 30.48 -25.44
N ASP C 154 -19.92 29.29 -24.88
CA ASP C 154 -18.87 28.40 -24.46
C ASP C 154 -18.93 27.00 -25.08
N THR C 155 -17.82 26.61 -25.74
CA THR C 155 -17.61 25.27 -26.30
C THR C 155 -16.23 24.79 -25.84
N ALA C 156 -15.82 23.59 -26.27
CA ALA C 156 -14.50 23.03 -25.97
C ALA C 156 -13.42 23.74 -26.76
N HIS C 157 -13.77 24.34 -27.91
CA HIS C 157 -12.81 25.01 -28.80
C HIS C 157 -13.35 26.36 -29.28
N GLY C 158 -13.08 27.39 -28.50
CA GLY C 158 -13.51 28.77 -28.75
C GLY C 158 -12.84 29.47 -29.91
N HIS C 159 -11.73 28.91 -30.43
CA HIS C 159 -11.05 29.48 -31.60
C HIS C 159 -11.61 28.83 -32.87
N SER C 160 -12.93 28.90 -33.00
CA SER C 160 -13.67 28.31 -34.11
C SER C 160 -14.62 29.34 -34.70
N ALA C 161 -14.97 29.19 -35.99
CA ALA C 161 -15.93 30.07 -36.67
C ALA C 161 -17.27 30.05 -35.93
N GLY C 162 -17.66 28.87 -35.44
CA GLY C 162 -18.88 28.64 -34.68
C GLY C 162 -19.03 29.54 -33.46
N VAL C 163 -17.96 29.67 -32.64
CA VAL C 163 -17.97 30.52 -31.43
C VAL C 163 -17.78 32.00 -31.81
N ILE C 164 -16.78 32.33 -32.65
CA ILE C 164 -16.49 33.70 -33.10
C ILE C 164 -17.72 34.37 -33.71
N GLU C 165 -18.42 33.69 -34.64
CA GLU C 165 -19.61 34.24 -35.31
C GLU C 165 -20.83 34.30 -34.40
N ARG C 166 -20.99 33.36 -33.45
CA ARG C 166 -22.11 33.37 -32.50
C ARG C 166 -21.95 34.54 -31.52
N VAL C 167 -20.71 34.82 -31.06
CA VAL C 167 -20.37 35.94 -30.17
C VAL C 167 -20.75 37.25 -30.90
N ARG C 168 -20.38 37.35 -32.20
CA ARG C 168 -20.66 38.50 -33.08
C ARG C 168 -22.17 38.66 -33.31
N TRP C 169 -22.92 37.54 -33.37
CA TRP C 169 -24.37 37.51 -33.54
C TRP C 169 -25.06 38.07 -32.29
N VAL C 170 -24.63 37.60 -31.08
CA VAL C 170 -25.18 38.02 -29.78
C VAL C 170 -24.96 39.53 -29.56
N LYS C 171 -23.75 40.03 -29.85
CA LYS C 171 -23.41 41.44 -29.69
C LYS C 171 -24.20 42.37 -30.63
N GLN C 172 -24.40 41.93 -31.88
CA GLN C 172 -25.13 42.71 -32.88
C GLN C 172 -26.65 42.71 -32.67
N ASN C 173 -27.22 41.56 -32.26
CA ASN C 173 -28.66 41.38 -32.04
C ASN C 173 -29.13 41.74 -30.63
N PHE C 174 -28.25 41.58 -29.61
CA PHE C 174 -28.58 41.89 -28.22
C PHE C 174 -27.49 42.78 -27.57
N PRO C 175 -27.34 44.06 -27.99
CA PRO C 175 -26.30 44.90 -27.37
C PRO C 175 -26.53 45.27 -25.90
N GLN C 176 -27.77 45.08 -25.39
CA GLN C 176 -28.15 45.36 -24.00
C GLN C 176 -27.62 44.29 -22.98
N VAL C 177 -27.04 43.18 -23.50
CA VAL C 177 -26.48 42.10 -22.70
C VAL C 177 -24.97 41.96 -22.94
N GLN C 178 -24.22 41.54 -21.91
CA GLN C 178 -22.78 41.32 -22.00
C GLN C 178 -22.50 39.92 -22.55
N VAL C 179 -21.47 39.77 -23.39
CA VAL C 179 -21.14 38.48 -24.00
C VAL C 179 -19.68 38.03 -23.69
N ILE C 180 -19.53 36.75 -23.32
CA ILE C 180 -18.25 36.10 -23.09
C ILE C 180 -18.04 34.98 -24.14
N GLY C 181 -16.80 34.84 -24.61
CA GLY C 181 -16.38 33.81 -25.56
C GLY C 181 -15.40 32.85 -24.91
N GLY C 182 -15.66 31.55 -25.06
CA GLY C 182 -14.83 30.48 -24.51
C GLY C 182 -14.98 29.16 -25.25
N ASN C 183 -14.05 28.20 -25.09
CA ASN C 183 -12.83 28.30 -24.27
C ASN C 183 -11.59 28.46 -25.13
N ILE C 184 -10.64 29.33 -24.73
CA ILE C 184 -9.44 29.64 -25.51
C ILE C 184 -8.15 29.47 -24.69
N ALA C 185 -6.98 29.45 -25.35
CA ALA C 185 -5.67 29.31 -24.69
C ALA C 185 -4.52 30.03 -25.42
N THR C 186 -4.83 30.79 -26.48
CA THR C 186 -3.79 31.53 -27.24
C THR C 186 -4.18 33.00 -27.44
N GLY C 187 -3.18 33.84 -27.69
CA GLY C 187 -3.36 35.27 -27.95
C GLY C 187 -4.13 35.54 -29.22
N ASP C 188 -3.88 34.72 -30.27
CA ASP C 188 -4.55 34.82 -31.58
C ASP C 188 -6.05 34.60 -31.45
N ALA C 189 -6.47 33.65 -30.58
CA ALA C 189 -7.86 33.30 -30.29
C ALA C 189 -8.56 34.45 -29.60
N ALA C 190 -7.84 35.12 -28.67
CA ALA C 190 -8.29 36.28 -27.89
C ALA C 190 -8.58 37.47 -28.80
N LEU C 191 -7.67 37.77 -29.76
CA LEU C 191 -7.81 38.87 -30.72
C LEU C 191 -9.00 38.62 -31.63
N ALA C 192 -9.19 37.35 -32.07
CA ALA C 192 -10.31 36.93 -32.91
C ALA C 192 -11.64 37.21 -32.21
N LEU C 193 -11.73 36.87 -30.91
CA LEU C 193 -12.92 37.13 -30.10
C LEU C 193 -13.08 38.63 -29.78
N LEU C 194 -11.98 39.34 -29.49
CA LEU C 194 -12.03 40.80 -29.23
C LEU C 194 -12.68 41.52 -30.42
N ASP C 195 -12.25 41.18 -31.65
CA ASP C 195 -12.75 41.76 -32.88
C ASP C 195 -14.19 41.33 -33.20
N ALA C 196 -14.65 40.22 -32.61
CA ALA C 196 -16.03 39.71 -32.76
C ALA C 196 -17.00 40.48 -31.85
N GLY C 197 -16.47 41.23 -30.88
CA GLY C 197 -17.26 42.02 -29.94
C GLY C 197 -17.46 41.40 -28.57
N ALA C 198 -16.61 40.43 -28.17
CA ALA C 198 -16.71 39.81 -26.84
C ALA C 198 -16.33 40.85 -25.79
N ASP C 199 -17.06 40.85 -24.65
CA ASP C 199 -16.81 41.79 -23.56
C ASP C 199 -15.76 41.21 -22.58
N ALA C 200 -15.51 39.90 -22.69
CA ALA C 200 -14.55 39.13 -21.89
C ALA C 200 -14.31 37.78 -22.58
N VAL C 201 -13.12 37.18 -22.32
CA VAL C 201 -12.74 35.86 -22.85
C VAL C 201 -12.53 34.89 -21.69
N LYS C 202 -12.94 33.62 -21.88
CA LYS C 202 -12.74 32.59 -20.87
C LYS C 202 -11.62 31.65 -21.36
N VAL C 203 -10.50 31.61 -20.60
CA VAL C 203 -9.26 30.90 -20.86
C VAL C 203 -9.19 29.54 -20.14
N GLY C 204 -8.92 28.49 -20.90
CA GLY C 204 -8.82 27.15 -20.34
C GLY C 204 -9.01 26.03 -21.34
N ILE C 205 -7.89 25.41 -21.77
CA ILE C 205 -7.86 24.26 -22.70
C ILE C 205 -7.01 23.15 -22.07
N GLY C 206 -7.68 22.21 -21.42
CA GLY C 206 -7.04 21.07 -20.76
C GLY C 206 -6.63 21.17 -19.29
N PRO C 207 -6.91 22.24 -18.48
CA PRO C 207 -6.42 22.23 -17.09
C PRO C 207 -7.40 21.67 -16.03
N GLY C 208 -8.66 21.50 -16.39
CA GLY C 208 -9.71 20.99 -15.51
C GLY C 208 -9.35 19.73 -14.74
N SER C 209 -9.80 19.64 -13.48
CA SER C 209 -9.55 18.50 -12.61
C SER C 209 -10.17 17.19 -13.14
N ILE C 210 -11.36 17.28 -13.75
CA ILE C 210 -12.12 16.16 -14.34
C ILE C 210 -11.85 15.97 -15.85
N CYS C 211 -11.01 16.85 -16.42
CA CYS C 211 -10.65 16.90 -17.83
C CYS C 211 -9.70 15.79 -18.28
N THR C 212 -9.98 15.16 -19.44
CA THR C 212 -9.12 14.12 -20.05
C THR C 212 -8.77 14.51 -21.51
N THR C 213 -8.93 15.80 -21.90
CA THR C 213 -8.61 16.37 -23.23
C THR C 213 -7.16 16.11 -23.62
N ARG C 214 -6.24 16.23 -22.66
CA ARG C 214 -4.81 16.00 -22.86
C ARG C 214 -4.49 14.54 -23.23
N ILE C 215 -5.15 13.57 -22.59
CA ILE C 215 -4.95 12.14 -22.85
C ILE C 215 -5.68 11.71 -24.14
N VAL C 216 -6.92 12.18 -24.33
CA VAL C 216 -7.76 11.79 -25.47
C VAL C 216 -7.32 12.49 -26.78
N ALA C 217 -7.01 13.79 -26.74
CA ALA C 217 -6.67 14.53 -27.94
C ALA C 217 -5.20 14.98 -28.04
N GLY C 218 -4.47 14.94 -26.93
CA GLY C 218 -3.08 15.41 -26.89
C GLY C 218 -2.97 16.89 -27.06
N ILE C 219 -4.08 17.59 -26.76
CA ILE C 219 -4.31 19.02 -26.88
C ILE C 219 -4.34 19.64 -25.50
N GLY C 220 -3.75 20.82 -25.39
CA GLY C 220 -3.71 21.56 -24.14
C GLY C 220 -2.70 22.68 -24.10
N MET C 221 -2.78 23.47 -23.03
CA MET C 221 -1.90 24.58 -22.74
C MET C 221 -1.89 24.81 -21.24
N PRO C 222 -0.75 24.53 -20.53
CA PRO C 222 -0.68 24.81 -19.08
C PRO C 222 -1.16 26.22 -18.77
N GLN C 223 -2.08 26.31 -17.78
CA GLN C 223 -2.83 27.51 -17.41
C GLN C 223 -2.02 28.82 -17.20
N ILE C 224 -0.83 28.82 -16.56
CA ILE C 224 -0.09 30.07 -16.34
C ILE C 224 0.35 30.70 -17.69
N SER C 225 0.79 29.87 -18.65
CA SER C 225 1.20 30.30 -19.99
C SER C 225 0.00 30.66 -20.86
N ALA C 226 -1.15 29.99 -20.63
CA ALA C 226 -2.43 30.24 -21.34
C ALA C 226 -2.94 31.65 -20.98
N ILE C 227 -2.96 31.99 -19.66
CA ILE C 227 -3.37 33.31 -19.14
C ILE C 227 -2.43 34.38 -19.66
N ASP C 228 -1.11 34.14 -19.58
CA ASP C 228 -0.10 35.09 -20.03
C ASP C 228 -0.23 35.44 -21.50
N SER C 229 -0.41 34.41 -22.37
CA SER C 229 -0.55 34.55 -23.83
C SER C 229 -1.77 35.38 -24.21
N VAL C 230 -2.93 35.07 -23.60
CA VAL C 230 -4.20 35.78 -23.80
C VAL C 230 -4.10 37.24 -23.33
N ALA C 231 -3.70 37.46 -22.05
CA ALA C 231 -3.54 38.78 -21.43
C ALA C 231 -2.58 39.72 -22.17
N SER C 232 -1.46 39.19 -22.69
CA SER C 232 -0.47 39.98 -23.41
C SER C 232 -0.97 40.50 -24.76
N ALA C 233 -1.85 39.74 -25.42
CA ALA C 233 -2.43 40.11 -26.70
C ALA C 233 -3.53 41.15 -26.50
N LEU C 234 -4.39 40.95 -25.47
CA LEU C 234 -5.52 41.82 -25.16
C LEU C 234 -5.14 43.23 -24.78
N LYS C 235 -4.03 43.41 -24.03
CA LYS C 235 -3.54 44.70 -23.53
C LYS C 235 -4.62 45.45 -22.71
N ASP C 236 -5.31 44.69 -21.82
CA ASP C 236 -6.37 45.13 -20.90
C ASP C 236 -7.62 45.75 -21.60
N GLN C 237 -7.82 45.45 -22.90
CA GLN C 237 -8.98 45.95 -23.66
C GLN C 237 -10.27 45.30 -23.17
N ILE C 238 -10.20 44.00 -22.81
CA ILE C 238 -11.29 43.21 -22.23
C ILE C 238 -10.70 42.27 -21.17
N PRO C 239 -11.39 41.98 -20.04
CA PRO C 239 -10.81 41.06 -19.03
C PRO C 239 -10.83 39.60 -19.48
N LEU C 240 -10.14 38.71 -18.72
CA LEU C 240 -10.14 37.27 -18.97
C LEU C 240 -10.51 36.47 -17.71
N ILE C 241 -11.18 35.31 -17.91
CA ILE C 241 -11.59 34.38 -16.85
C ILE C 241 -10.63 33.18 -16.91
N ALA C 242 -9.83 33.00 -15.84
CA ALA C 242 -8.91 31.88 -15.70
C ALA C 242 -9.77 30.70 -15.26
N ASP C 243 -10.14 29.90 -16.25
CA ASP C 243 -11.03 28.76 -16.07
C ASP C 243 -10.35 27.38 -16.09
N GLY C 244 -10.50 26.65 -14.98
CA GLY C 244 -9.99 25.29 -14.81
C GLY C 244 -8.64 25.16 -14.10
N GLY C 245 -8.49 24.08 -13.33
CA GLY C 245 -7.25 23.73 -12.66
C GLY C 245 -6.90 24.38 -11.34
N ILE C 246 -7.87 25.04 -10.70
CA ILE C 246 -7.68 25.70 -9.40
C ILE C 246 -7.97 24.66 -8.31
N ARG C 247 -6.96 24.35 -7.48
CA ARG C 247 -7.03 23.38 -6.39
C ARG C 247 -6.94 24.08 -5.04
N PHE C 248 -6.14 25.16 -4.98
CA PHE C 248 -5.90 25.92 -3.76
C PHE C 248 -5.97 27.43 -3.99
N SER C 249 -6.06 28.21 -2.90
CA SER C 249 -6.11 29.68 -2.91
C SER C 249 -4.86 30.33 -3.51
N GLY C 250 -3.75 29.59 -3.52
CA GLY C 250 -2.48 30.01 -4.09
C GLY C 250 -2.53 30.08 -5.60
N ASP C 251 -3.27 29.13 -6.23
CA ASP C 251 -3.47 29.06 -7.69
C ASP C 251 -4.16 30.30 -8.23
N MET C 252 -5.13 30.81 -7.45
CA MET C 252 -5.93 32.01 -7.73
C MET C 252 -5.07 33.26 -7.80
N ALA C 253 -4.14 33.41 -6.85
CA ALA C 253 -3.19 34.50 -6.77
C ALA C 253 -2.21 34.46 -7.96
N LYS C 254 -1.74 33.25 -8.31
CA LYS C 254 -0.85 33.00 -9.46
C LYS C 254 -1.59 33.33 -10.77
N ALA C 255 -2.87 32.90 -10.88
CA ALA C 255 -3.72 33.20 -12.05
C ALA C 255 -3.91 34.72 -12.25
N ILE C 256 -4.31 35.49 -11.19
CA ILE C 256 -4.48 36.95 -11.27
C ILE C 256 -3.13 37.65 -11.59
N GLY C 257 -2.06 37.21 -10.91
CA GLY C 257 -0.71 37.72 -11.13
C GLY C 257 -0.24 37.51 -12.56
N ALA C 258 -0.65 36.39 -13.19
CA ALA C 258 -0.34 36.05 -14.59
C ALA C 258 -1.14 36.92 -15.59
N GLY C 259 -2.27 37.49 -15.17
CA GLY C 259 -3.10 38.36 -16.01
C GLY C 259 -4.60 38.23 -15.92
N ALA C 260 -5.11 37.29 -15.11
CA ALA C 260 -6.54 37.07 -14.97
C ALA C 260 -7.25 38.15 -14.17
N SER C 261 -8.53 38.42 -14.52
CA SER C 261 -9.36 39.39 -13.79
C SER C 261 -10.30 38.65 -12.86
N THR C 262 -10.83 37.51 -13.30
CA THR C 262 -11.69 36.61 -12.51
C THR C 262 -11.16 35.18 -12.65
N ILE C 263 -11.67 34.25 -11.83
CA ILE C 263 -11.30 32.82 -11.79
C ILE C 263 -12.54 31.94 -11.77
N MET C 264 -12.62 30.96 -12.69
CA MET C 264 -13.74 30.03 -12.75
C MET C 264 -13.36 28.74 -12.04
N VAL C 265 -14.26 28.24 -11.18
CA VAL C 265 -14.03 27.03 -10.38
C VAL C 265 -15.22 26.07 -10.47
N GLY C 266 -14.90 24.79 -10.51
CA GLY C 266 -15.88 23.72 -10.52
C GLY C 266 -15.72 22.81 -9.33
N SER C 267 -14.54 22.16 -9.25
CA SER C 267 -14.14 21.19 -8.21
C SER C 267 -14.32 21.72 -6.80
N LEU C 268 -13.84 22.96 -6.53
CA LEU C 268 -13.91 23.60 -5.22
C LEU C 268 -15.33 23.88 -4.73
N LEU C 269 -16.25 24.18 -5.67
CA LEU C 269 -17.64 24.48 -5.33
C LEU C 269 -18.54 23.25 -5.40
N ALA C 270 -18.04 22.14 -5.98
CA ALA C 270 -18.77 20.89 -6.05
C ALA C 270 -18.70 20.26 -4.67
N GLY C 271 -19.74 19.54 -4.28
CA GLY C 271 -19.80 18.94 -2.96
C GLY C 271 -20.42 19.83 -1.90
N THR C 272 -20.54 21.14 -2.20
CA THR C 272 -21.16 22.11 -1.28
C THR C 272 -22.68 21.95 -1.30
N GLU C 273 -23.35 22.39 -0.24
CA GLU C 273 -24.80 22.31 -0.03
C GLU C 273 -25.61 22.90 -1.20
N GLU C 274 -25.17 24.09 -1.69
CA GLU C 274 -25.78 24.87 -2.78
C GLU C 274 -25.65 24.26 -4.18
N ALA C 275 -24.63 23.42 -4.41
CA ALA C 275 -24.39 22.76 -5.71
C ALA C 275 -25.50 21.74 -6.03
N PRO C 276 -25.87 21.53 -7.32
CA PRO C 276 -26.94 20.56 -7.63
C PRO C 276 -26.60 19.14 -7.21
N GLY C 277 -27.65 18.39 -6.91
CA GLY C 277 -27.53 17.00 -6.49
C GLY C 277 -27.76 16.79 -5.01
N GLU C 278 -28.28 15.61 -4.68
CA GLU C 278 -28.54 15.19 -3.31
C GLU C 278 -27.30 14.49 -2.76
N VAL C 279 -27.11 14.59 -1.42
CA VAL C 279 -26.00 13.98 -0.70
C VAL C 279 -26.14 12.46 -0.68
N GLU C 280 -25.04 11.76 -0.98
CA GLU C 280 -25.00 10.29 -1.00
C GLU C 280 -24.14 9.75 0.14
N PHE C 281 -24.63 8.72 0.82
CA PHE C 281 -23.98 8.09 1.96
C PHE C 281 -23.23 6.83 1.51
N PHE C 282 -21.93 6.99 1.18
CA PHE C 282 -21.08 5.89 0.74
C PHE C 282 -19.95 5.59 1.72
N GLN C 283 -19.97 4.35 2.28
CA GLN C 283 -19.00 3.80 3.23
C GLN C 283 -18.81 4.68 4.49
N GLY C 284 -19.93 5.07 5.08
CA GLY C 284 -19.95 5.90 6.29
C GLY C 284 -19.82 7.40 6.08
N ARG C 285 -19.21 7.83 4.95
CA ARG C 285 -19.00 9.22 4.59
C ARG C 285 -20.09 9.83 3.69
N TYR C 286 -20.12 11.17 3.56
CA TYR C 286 -21.07 11.89 2.72
C TYR C 286 -20.39 12.52 1.50
N TYR C 287 -20.96 12.27 0.30
CA TYR C 287 -20.44 12.77 -0.98
C TYR C 287 -21.53 13.37 -1.86
N LYS C 288 -21.10 14.11 -2.89
CA LYS C 288 -21.94 14.67 -3.93
C LYS C 288 -21.24 14.35 -5.26
N ALA C 289 -22.02 14.17 -6.33
CA ALA C 289 -21.46 13.86 -7.63
C ALA C 289 -20.73 15.05 -8.23
N TYR C 290 -19.66 14.77 -8.97
CA TYR C 290 -18.90 15.77 -9.71
C TYR C 290 -18.43 15.13 -10.99
N ARG C 291 -18.88 15.68 -12.14
CA ARG C 291 -18.56 15.13 -13.45
C ARG C 291 -18.26 16.21 -14.49
N GLY C 292 -17.43 15.86 -15.46
CA GLY C 292 -17.10 16.74 -16.57
C GLY C 292 -18.29 16.85 -17.50
N MET C 293 -18.41 17.99 -18.21
CA MET C 293 -19.50 18.19 -19.14
C MET C 293 -19.32 17.39 -20.45
N GLY C 294 -18.10 16.88 -20.64
CA GLY C 294 -17.71 16.01 -21.75
C GLY C 294 -17.59 14.55 -21.36
N SER C 295 -18.19 14.16 -20.21
CA SER C 295 -18.18 12.78 -19.74
C SER C 295 -19.33 11.99 -20.38
N LEU C 296 -19.26 10.65 -20.35
CA LEU C 296 -20.29 9.77 -20.92
C LEU C 296 -21.68 10.05 -20.33
N GLY C 297 -21.75 10.24 -19.01
CA GLY C 297 -22.98 10.54 -18.29
C GLY C 297 -23.58 11.90 -18.59
N ALA C 298 -22.73 12.94 -18.77
CA ALA C 298 -23.15 14.31 -19.08
C ALA C 298 -23.64 14.47 -20.52
N MET C 299 -23.12 13.65 -21.45
CA MET C 299 -23.49 13.70 -22.87
C MET C 299 -24.76 12.89 -23.13
N ALA C 300 -25.01 11.82 -22.35
CA ALA C 300 -26.19 10.95 -22.46
C ALA C 300 -27.28 11.41 -21.50
N LEU C 320 -19.12 12.47 -30.23
CA LEU C 320 -17.73 12.64 -29.81
C LEU C 320 -17.33 11.65 -28.73
N VAL C 321 -16.06 11.25 -28.68
CA VAL C 321 -15.53 10.37 -27.63
C VAL C 321 -15.42 11.20 -26.32
N PRO C 322 -15.76 10.66 -25.12
CA PRO C 322 -15.65 11.47 -23.88
C PRO C 322 -14.30 12.13 -23.63
N GLU C 323 -14.31 13.32 -23.02
CA GLU C 323 -13.14 14.11 -22.67
C GLU C 323 -13.16 14.54 -21.20
N GLY C 324 -13.94 13.83 -20.39
CA GLY C 324 -14.08 14.09 -18.96
C GLY C 324 -14.48 12.86 -18.18
N ILE C 325 -14.25 12.89 -16.86
CA ILE C 325 -14.57 11.78 -15.95
C ILE C 325 -15.76 12.09 -15.03
N GLU C 326 -16.34 11.03 -14.45
CA GLU C 326 -17.48 11.09 -13.53
C GLU C 326 -17.00 10.58 -12.18
N GLY C 327 -17.19 11.39 -11.15
CA GLY C 327 -16.77 11.01 -9.80
C GLY C 327 -17.62 11.58 -8.68
N ARG C 328 -17.14 11.41 -7.46
CA ARG C 328 -17.79 11.88 -6.24
C ARG C 328 -16.79 12.71 -5.44
N VAL C 329 -17.23 13.88 -4.98
CA VAL C 329 -16.45 14.79 -4.16
C VAL C 329 -17.02 14.76 -2.73
N PRO C 330 -16.22 14.88 -1.65
CA PRO C 330 -16.79 14.83 -0.30
C PRO C 330 -17.67 16.04 0.01
N TYR C 331 -18.69 15.85 0.88
CA TYR C 331 -19.62 16.91 1.27
C TYR C 331 -18.87 18.02 2.02
N LYS C 332 -18.91 19.24 1.47
CA LYS C 332 -18.19 20.41 2.00
C LYS C 332 -19.06 21.36 2.83
N GLY C 333 -20.36 21.11 2.90
CA GLY C 333 -21.30 21.94 3.64
C GLY C 333 -21.61 23.25 2.93
N PRO C 334 -22.07 24.30 3.64
CA PRO C 334 -22.39 25.57 2.94
C PRO C 334 -21.21 26.12 2.16
N MET C 335 -21.48 26.58 0.93
CA MET C 335 -20.45 27.11 0.02
C MET C 335 -19.70 28.30 0.59
N GLY C 336 -20.34 29.06 1.49
CA GLY C 336 -19.80 30.24 2.13
C GLY C 336 -18.45 30.04 2.80
N ASN C 337 -18.28 28.88 3.48
CA ASN C 337 -17.05 28.48 4.19
C ASN C 337 -15.85 28.39 3.24
N ILE C 338 -16.01 27.63 2.14
CA ILE C 338 -15.02 27.39 1.08
C ILE C 338 -14.61 28.71 0.41
N VAL C 339 -15.60 29.57 0.09
CA VAL C 339 -15.40 30.89 -0.54
C VAL C 339 -14.56 31.81 0.38
N HIS C 340 -14.84 31.80 1.70
N HIS C 340 -14.84 31.80 1.70
CA HIS C 340 -14.13 32.61 2.69
CA HIS C 340 -14.14 32.61 2.71
C HIS C 340 -12.69 32.16 2.87
C HIS C 340 -12.68 32.16 2.84
N GLN C 341 -12.45 30.82 2.86
CA GLN C 341 -11.11 30.22 2.96
C GLN C 341 -10.26 30.57 1.73
N MET C 342 -10.86 30.51 0.51
CA MET C 342 -10.22 30.82 -0.77
C MET C 342 -9.88 32.29 -0.91
N MET C 343 -10.81 33.20 -0.54
CA MET C 343 -10.59 34.65 -0.58
C MET C 343 -9.62 35.09 0.52
N GLY C 344 -9.63 34.37 1.66
CA GLY C 344 -8.72 34.59 2.79
C GLY C 344 -7.27 34.39 2.38
N GLY C 345 -7.02 33.30 1.64
CA GLY C 345 -5.72 32.97 1.08
C GLY C 345 -5.22 33.95 0.05
N LEU C 346 -6.14 34.51 -0.77
CA LEU C 346 -5.83 35.49 -1.82
C LEU C 346 -5.62 36.86 -1.20
N ARG C 347 -6.21 37.10 -0.01
CA ARG C 347 -6.00 38.33 0.74
C ARG C 347 -4.55 38.33 1.26
N SER C 348 -4.10 37.18 1.82
CA SER C 348 -2.73 37.01 2.34
C SER C 348 -1.69 37.22 1.27
N SER C 349 -1.94 36.66 0.07
CA SER C 349 -1.09 36.76 -1.12
C SER C 349 -0.87 38.23 -1.54
N MET C 350 -1.99 38.99 -1.59
CA MET C 350 -2.05 40.41 -1.90
C MET C 350 -1.34 41.24 -0.84
N GLY C 351 -1.37 40.77 0.41
CA GLY C 351 -0.63 41.38 1.50
C GLY C 351 0.87 41.14 1.35
N TYR C 352 1.25 39.95 0.85
CA TYR C 352 2.66 39.57 0.62
C TYR C 352 3.24 40.33 -0.58
N THR C 353 2.41 40.63 -1.60
CA THR C 353 2.81 41.30 -2.83
C THR C 353 2.75 42.83 -2.76
N GLY C 354 2.11 43.35 -1.71
CA GLY C 354 1.89 44.77 -1.51
C GLY C 354 0.82 45.29 -2.46
N SER C 355 -0.19 44.44 -2.71
CA SER C 355 -1.29 44.70 -3.63
C SER C 355 -2.58 45.08 -2.88
N ALA C 356 -2.91 46.40 -2.87
CA ALA C 356 -4.09 46.92 -2.18
C ALA C 356 -5.38 46.61 -2.95
N VAL C 357 -5.28 46.62 -4.29
CA VAL C 357 -6.38 46.34 -5.23
C VAL C 357 -5.96 45.20 -6.18
N ILE C 358 -6.95 44.49 -6.79
CA ILE C 358 -6.72 43.39 -7.74
C ILE C 358 -5.78 43.84 -8.88
N GLU C 359 -6.00 45.05 -9.42
CA GLU C 359 -5.18 45.62 -10.49
C GLU C 359 -3.69 45.78 -10.10
N ASP C 360 -3.38 45.95 -8.80
CA ASP C 360 -1.99 46.02 -8.30
C ASP C 360 -1.29 44.65 -8.48
N LEU C 361 -1.98 43.54 -8.13
CA LEU C 361 -1.47 42.18 -8.28
C LEU C 361 -1.36 41.79 -9.78
N ARG C 362 -2.31 42.24 -10.62
CA ARG C 362 -2.33 42.00 -12.06
C ARG C 362 -1.16 42.66 -12.80
N GLN C 363 -0.78 43.89 -12.40
CA GLN C 363 0.27 44.67 -13.05
C GLN C 363 1.68 44.58 -12.42
N ASN C 364 1.77 44.30 -11.10
CA ASN C 364 3.07 44.32 -10.42
C ASN C 364 3.65 42.97 -10.00
N ALA C 365 2.89 41.87 -10.11
CA ALA C 365 3.36 40.55 -9.70
C ALA C 365 4.63 40.09 -10.41
N LYS C 366 5.59 39.58 -9.61
CA LYS C 366 6.87 39.03 -10.06
C LYS C 366 6.90 37.57 -9.63
N PHE C 367 7.30 36.69 -10.55
CA PHE C 367 7.37 35.25 -10.34
C PHE C 367 8.81 34.69 -10.46
N VAL C 368 8.99 33.47 -9.93
CA VAL C 368 10.19 32.66 -10.07
C VAL C 368 9.75 31.29 -10.60
N LYS C 369 10.54 30.68 -11.49
CA LYS C 369 10.24 29.34 -12.00
C LYS C 369 10.85 28.34 -11.02
N ILE C 370 10.10 27.30 -10.65
CA ILE C 370 10.62 26.28 -9.73
C ILE C 370 10.75 24.90 -10.42
N THR C 371 11.68 24.06 -9.94
CA THR C 371 11.88 22.70 -10.47
C THR C 371 10.92 21.73 -9.78
N SER C 372 11.01 20.43 -10.09
CA SER C 372 10.21 19.36 -9.49
C SER C 372 10.55 19.14 -8.02
N ALA C 373 11.75 19.59 -7.59
CA ALA C 373 12.24 19.52 -6.21
C ALA C 373 11.61 20.63 -5.34
N GLY C 374 11.47 21.84 -5.91
CA GLY C 374 10.90 23.00 -5.25
C GLY C 374 9.43 22.88 -4.92
N SER D 16 34.75 19.98 -22.01
CA SER D 16 33.97 18.74 -22.01
C SER D 16 34.06 18.02 -23.36
N MET D 17 34.09 16.67 -23.33
CA MET D 17 34.18 15.82 -24.51
C MET D 17 32.88 15.05 -24.80
N LEU D 18 31.95 14.99 -23.81
CA LEU D 18 30.64 14.33 -23.92
C LEU D 18 29.80 14.99 -25.02
N THR D 19 29.33 14.18 -25.99
CA THR D 19 28.53 14.68 -27.11
C THR D 19 27.03 14.45 -26.86
N ILE D 20 26.32 15.54 -26.52
CA ILE D 20 24.87 15.56 -26.33
C ILE D 20 24.33 16.24 -27.58
N VAL D 21 23.72 15.44 -28.46
CA VAL D 21 23.17 15.89 -29.75
C VAL D 21 22.00 16.87 -29.55
N GLN D 22 21.08 16.53 -28.62
CA GLN D 22 19.90 17.33 -28.30
C GLN D 22 19.25 16.87 -27.01
N GLU D 23 18.23 17.62 -26.54
CA GLU D 23 17.42 17.20 -25.41
C GLU D 23 16.24 16.51 -26.10
N ALA D 24 16.22 15.18 -26.09
CA ALA D 24 15.18 14.43 -26.78
C ALA D 24 13.87 14.38 -26.00
N LEU D 25 12.75 14.53 -26.73
CA LEU D 25 11.39 14.61 -26.21
C LEU D 25 10.54 13.41 -26.51
N THR D 26 9.71 13.00 -25.53
CA THR D 26 8.75 11.91 -25.66
C THR D 26 7.33 12.50 -25.74
N PHE D 27 6.29 11.64 -25.85
CA PHE D 27 4.90 12.03 -25.94
C PHE D 27 4.46 12.93 -24.77
N ASP D 28 4.78 12.54 -23.52
CA ASP D 28 4.43 13.29 -22.30
C ASP D 28 5.16 14.63 -22.13
N ASP D 29 6.16 14.92 -22.95
CA ASP D 29 6.94 16.17 -22.90
C ASP D 29 6.27 17.30 -23.65
N VAL D 30 5.33 16.98 -24.55
CA VAL D 30 4.68 17.96 -25.42
C VAL D 30 3.14 17.87 -25.42
N LEU D 31 2.51 18.96 -25.84
CA LEU D 31 1.07 19.09 -26.03
C LEU D 31 0.87 19.87 -27.31
N LEU D 32 -0.13 19.46 -28.09
CA LEU D 32 -0.50 20.14 -29.31
C LEU D 32 -1.31 21.35 -28.95
N LEU D 33 -1.10 22.45 -29.66
CA LEU D 33 -1.84 23.67 -29.43
C LEU D 33 -3.10 23.74 -30.28
N PRO D 34 -4.24 24.20 -29.73
CA PRO D 34 -5.43 24.38 -30.58
C PRO D 34 -5.23 25.59 -31.51
N ALA D 35 -5.75 25.49 -32.74
CA ALA D 35 -5.62 26.55 -33.74
C ALA D 35 -7.00 26.83 -34.35
N TYR D 36 -7.11 27.89 -35.21
CA TYR D 36 -8.37 28.24 -35.85
C TYR D 36 -8.96 27.06 -36.61
N SER D 37 -10.22 26.72 -36.30
CA SER D 37 -10.90 25.56 -36.88
C SER D 37 -12.31 25.81 -37.41
N THR D 38 -12.60 25.29 -38.60
CA THR D 38 -13.90 25.31 -39.26
C THR D 38 -14.34 23.86 -39.55
N VAL D 39 -13.61 22.87 -39.01
CA VAL D 39 -13.88 21.46 -39.23
C VAL D 39 -14.34 20.75 -37.95
N LEU D 40 -15.36 19.92 -38.07
CA LEU D 40 -15.87 19.14 -36.94
C LEU D 40 -15.19 17.77 -36.95
N PRO D 41 -14.86 17.21 -35.75
CA PRO D 41 -14.22 15.88 -35.70
C PRO D 41 -14.86 14.77 -36.54
N LYS D 42 -16.19 14.74 -36.65
CA LYS D 42 -16.90 13.72 -37.45
C LYS D 42 -16.68 13.90 -38.96
N ASP D 43 -16.22 15.08 -39.40
CA ASP D 43 -16.00 15.43 -40.82
C ASP D 43 -14.55 15.26 -41.32
N VAL D 44 -13.58 15.01 -40.41
CA VAL D 44 -12.17 14.89 -40.79
C VAL D 44 -11.86 13.60 -41.55
N SER D 45 -10.83 13.64 -42.43
CA SER D 45 -10.37 12.50 -43.23
C SER D 45 -9.14 11.87 -42.55
N LEU D 46 -9.26 10.60 -42.17
CA LEU D 46 -8.20 9.82 -41.53
C LEU D 46 -7.32 9.06 -42.55
N LYS D 47 -7.59 9.26 -43.86
CA LYS D 47 -6.86 8.66 -44.98
C LYS D 47 -5.41 9.15 -44.95
N THR D 48 -4.45 8.23 -45.17
CA THR D 48 -3.01 8.50 -45.14
C THR D 48 -2.23 7.45 -45.96
N ARG D 49 -0.89 7.57 -46.01
CA ARG D 49 -0.07 6.62 -46.77
C ARG D 49 0.85 5.79 -45.87
N LEU D 50 0.85 4.46 -46.11
CA LEU D 50 1.69 3.49 -45.42
C LEU D 50 3.07 3.51 -46.07
N THR D 51 3.08 3.57 -47.42
CA THR D 51 4.29 3.65 -48.25
C THR D 51 4.08 4.71 -49.35
N ARG D 52 5.00 4.83 -50.29
CA ARG D 52 4.77 5.76 -51.39
C ARG D 52 3.75 5.19 -52.41
N GLY D 53 3.46 3.90 -52.31
CA GLY D 53 2.51 3.22 -53.17
C GLY D 53 1.24 2.70 -52.49
N ILE D 54 1.25 2.56 -51.14
CA ILE D 54 0.09 2.06 -50.38
C ILE D 54 -0.54 3.14 -49.51
N TYR D 55 -1.86 3.34 -49.64
CA TYR D 55 -2.64 4.28 -48.83
C TYR D 55 -3.60 3.49 -47.94
N LEU D 56 -3.76 3.95 -46.68
CA LEU D 56 -4.65 3.37 -45.68
C LEU D 56 -5.80 4.35 -45.42
N ASN D 57 -6.94 3.86 -44.89
CA ASN D 57 -8.08 4.72 -44.59
C ASN D 57 -8.04 5.29 -43.16
N ILE D 58 -7.21 4.69 -42.31
CA ILE D 58 -6.96 5.10 -40.92
C ILE D 58 -5.43 4.99 -40.69
N PRO D 59 -4.78 5.84 -39.83
CA PRO D 59 -3.32 5.70 -39.68
C PRO D 59 -2.88 4.62 -38.69
N LEU D 60 -3.65 3.51 -38.53
CA LEU D 60 -3.30 2.43 -37.59
C LEU D 60 -2.69 1.20 -38.27
N VAL D 61 -1.56 0.70 -37.72
CA VAL D 61 -0.80 -0.47 -38.20
C VAL D 61 -0.60 -1.42 -37.00
N SER D 62 -1.10 -2.68 -37.06
CA SER D 62 -0.88 -3.60 -35.94
C SER D 62 0.52 -4.24 -35.99
N ALA D 63 1.19 -4.27 -34.82
CA ALA D 63 2.56 -4.76 -34.57
C ALA D 63 2.83 -6.20 -35.00
N ALA D 64 4.00 -6.44 -35.63
CA ALA D 64 4.47 -7.76 -36.08
C ALA D 64 4.93 -8.57 -34.86
N MET D 65 3.97 -9.02 -34.04
CA MET D 65 4.22 -9.72 -32.78
C MET D 65 3.32 -10.95 -32.65
N ASP D 66 3.87 -12.05 -32.08
CA ASP D 66 3.17 -13.32 -31.94
C ASP D 66 1.97 -13.30 -30.98
N THR D 67 1.74 -12.16 -30.29
CA THR D 67 0.61 -11.95 -29.37
C THR D 67 -0.29 -10.77 -29.86
N VAL D 68 0.01 -10.22 -31.05
CA VAL D 68 -0.74 -9.11 -31.64
C VAL D 68 -1.32 -9.47 -33.02
N THR D 69 -0.48 -9.76 -34.03
CA THR D 69 -0.95 -10.01 -35.38
C THR D 69 -0.65 -11.39 -35.98
N GLU D 70 -1.73 -12.03 -36.42
CA GLU D 70 -1.78 -13.26 -37.20
C GLU D 70 -2.90 -13.01 -38.22
N SER D 71 -3.38 -14.02 -38.96
CA SER D 71 -4.40 -13.83 -40.01
C SER D 71 -5.66 -13.06 -39.52
N ARG D 72 -6.23 -13.47 -38.35
CA ARG D 72 -7.42 -12.87 -37.73
C ARG D 72 -7.31 -11.36 -37.49
N MET D 73 -6.15 -10.90 -36.97
CA MET D 73 -5.86 -9.46 -36.70
C MET D 73 -5.63 -8.66 -37.98
N ALA D 74 -4.96 -9.24 -38.98
CA ALA D 74 -4.70 -8.55 -40.25
C ALA D 74 -6.00 -8.30 -41.03
N ILE D 75 -6.99 -9.25 -40.95
CA ILE D 75 -8.31 -9.17 -41.59
C ILE D 75 -9.10 -7.97 -41.02
N ALA D 76 -9.28 -7.92 -39.68
CA ALA D 76 -9.95 -6.85 -38.94
C ALA D 76 -9.29 -5.47 -39.15
N MET D 77 -7.95 -5.39 -39.06
CA MET D 77 -7.21 -4.14 -39.35
C MET D 77 -7.53 -3.63 -40.76
N ALA D 78 -7.49 -4.52 -41.77
CA ALA D 78 -7.80 -4.20 -43.16
C ALA D 78 -9.27 -3.84 -43.32
N GLN D 79 -10.16 -4.51 -42.56
CA GLN D 79 -11.59 -4.23 -42.56
C GLN D 79 -11.91 -2.82 -42.01
N ASN D 80 -11.13 -2.34 -41.02
CA ASN D 80 -11.30 -1.02 -40.41
C ASN D 80 -10.52 0.12 -41.12
N GLY D 81 -9.81 -0.21 -42.21
CA GLY D 81 -9.05 0.78 -42.99
C GLY D 81 -7.55 0.73 -42.81
N GLY D 82 -7.11 0.00 -41.81
CA GLY D 82 -5.69 -0.14 -41.48
C GLY D 82 -5.01 -1.29 -42.17
N ILE D 83 -3.90 -1.74 -41.59
CA ILE D 83 -3.07 -2.84 -42.11
C ILE D 83 -2.43 -3.54 -40.95
N GLY D 84 -2.41 -4.87 -41.02
CA GLY D 84 -1.78 -5.72 -40.03
C GLY D 84 -0.47 -6.28 -40.54
N ILE D 85 0.57 -6.30 -39.69
CA ILE D 85 1.86 -6.87 -40.09
C ILE D 85 2.03 -8.21 -39.40
N LEU D 86 2.04 -9.30 -40.18
CA LEU D 86 2.17 -10.68 -39.66
C LEU D 86 3.59 -10.90 -39.18
N HIS D 87 3.72 -11.57 -38.03
CA HIS D 87 5.00 -11.82 -37.37
C HIS D 87 5.84 -12.90 -38.06
N LYS D 88 7.16 -12.87 -37.83
CA LYS D 88 8.12 -13.81 -38.42
C LYS D 88 8.48 -14.98 -37.47
N ASN D 89 7.85 -15.07 -36.27
CA ASN D 89 8.08 -16.16 -35.32
C ASN D 89 7.28 -17.43 -35.70
N MET D 90 7.35 -17.76 -36.98
CA MET D 90 6.72 -18.91 -37.63
C MET D 90 7.49 -19.22 -38.91
N ASP D 91 7.47 -20.50 -39.31
CA ASP D 91 8.14 -20.97 -40.52
C ASP D 91 7.54 -20.33 -41.79
N ILE D 92 8.34 -20.29 -42.88
CA ILE D 92 8.01 -19.72 -44.19
C ILE D 92 6.63 -20.19 -44.70
N ALA D 93 6.32 -21.50 -44.57
CA ALA D 93 5.05 -22.09 -45.00
C ALA D 93 3.87 -21.59 -44.18
N ALA D 94 4.05 -21.41 -42.86
CA ALA D 94 3.02 -20.90 -41.96
C ALA D 94 2.69 -19.44 -42.25
N GLN D 95 3.74 -18.61 -42.49
CA GLN D 95 3.61 -17.19 -42.78
C GLN D 95 2.96 -16.92 -44.14
N ALA D 96 3.32 -17.70 -45.17
CA ALA D 96 2.73 -17.59 -46.52
C ALA D 96 1.27 -18.00 -46.50
N ALA D 97 0.91 -19.01 -45.65
CA ALA D 97 -0.47 -19.49 -45.46
C ALA D 97 -1.33 -18.40 -44.81
N GLU D 98 -0.73 -17.61 -43.88
CA GLU D 98 -1.38 -16.50 -43.19
C GLU D 98 -1.66 -15.36 -44.18
N VAL D 99 -0.72 -15.11 -45.13
CA VAL D 99 -0.88 -14.09 -46.18
C VAL D 99 -2.08 -14.49 -47.06
N ARG D 100 -2.13 -15.77 -47.49
CA ARG D 100 -3.20 -16.34 -48.32
C ARG D 100 -4.58 -16.19 -47.67
N ARG D 101 -4.69 -16.47 -46.35
CA ARG D 101 -5.93 -16.34 -45.56
C ARG D 101 -6.52 -14.93 -45.64
N VAL D 102 -5.67 -13.90 -45.55
CA VAL D 102 -6.09 -12.49 -45.61
C VAL D 102 -6.49 -12.13 -47.04
N LYS D 103 -5.69 -12.55 -48.04
CA LYS D 103 -5.92 -12.27 -49.46
C LYS D 103 -7.14 -12.98 -50.04
N LYS D 104 -7.46 -14.20 -49.55
CA LYS D 104 -8.60 -14.96 -50.05
C LYS D 104 -9.87 -14.78 -49.17
N PHE D 105 -9.83 -13.89 -48.17
CA PHE D 105 -10.98 -13.62 -47.31
C PHE D 105 -12.08 -12.85 -48.06
N GLU D 106 -13.33 -13.33 -47.93
CA GLU D 106 -14.51 -12.72 -48.55
C GLU D 106 -15.59 -12.46 -47.50
N ALA D 107 -16.14 -11.23 -47.49
CA ALA D 107 -17.19 -10.84 -46.55
C ALA D 107 -18.57 -11.39 -47.00
N GLY D 108 -19.31 -11.97 -46.07
CA GLY D 108 -20.64 -12.55 -46.30
C GLY D 108 -21.72 -11.53 -46.57
N TYR D 113 -18.14 -3.52 -44.63
CA TYR D 113 -17.04 -2.65 -44.21
C TYR D 113 -16.67 -1.70 -45.37
N PRO D 114 -17.31 -0.51 -45.49
CA PRO D 114 -17.00 0.39 -46.61
C PRO D 114 -15.62 1.04 -46.56
N ASN D 115 -15.04 1.18 -45.35
CA ASN D 115 -13.71 1.78 -45.11
C ASN D 115 -12.55 0.79 -45.24
N SER D 116 -12.81 -0.43 -45.76
CA SER D 116 -11.82 -1.49 -45.99
C SER D 116 -10.62 -1.05 -46.80
N CYS D 117 -9.43 -1.47 -46.37
CA CYS D 117 -8.16 -1.22 -47.05
C CYS D 117 -7.90 -2.44 -47.95
N LYS D 118 -8.03 -2.23 -49.26
CA LYS D 118 -7.92 -3.28 -50.26
C LYS D 118 -6.97 -2.89 -51.38
N ASP D 119 -6.46 -3.90 -52.11
CA ASP D 119 -5.57 -3.69 -53.25
C ASP D 119 -6.35 -3.39 -54.54
N ASP D 120 -5.66 -3.40 -55.70
CA ASP D 120 -6.25 -3.17 -57.02
C ASP D 120 -7.25 -4.27 -57.43
N LEU D 121 -7.09 -5.48 -56.87
CA LEU D 121 -7.95 -6.64 -57.14
C LEU D 121 -9.07 -6.80 -56.11
N GLY D 122 -9.29 -5.78 -55.28
CA GLY D 122 -10.32 -5.75 -54.26
C GLY D 122 -10.12 -6.68 -53.07
N ARG D 123 -8.91 -7.22 -52.91
CA ARG D 123 -8.56 -8.12 -51.80
C ARG D 123 -8.01 -7.30 -50.64
N LEU D 124 -8.34 -7.69 -49.39
CA LEU D 124 -7.86 -7.04 -48.17
C LEU D 124 -6.33 -6.99 -48.16
N ARG D 125 -5.76 -5.82 -47.86
CA ARG D 125 -4.30 -5.61 -47.80
C ARG D 125 -3.66 -6.25 -46.56
N VAL D 126 -2.42 -6.77 -46.72
CA VAL D 126 -1.66 -7.41 -45.65
C VAL D 126 -0.16 -7.18 -45.81
N GLY D 127 0.54 -7.16 -44.68
CA GLY D 127 1.97 -6.99 -44.59
C GLY D 127 2.63 -8.16 -43.90
N ALA D 128 3.93 -8.34 -44.13
CA ALA D 128 4.67 -9.44 -43.51
C ALA D 128 6.06 -9.05 -43.11
N ALA D 129 6.48 -9.49 -41.92
CA ALA D 129 7.80 -9.20 -41.39
C ALA D 129 8.81 -10.27 -41.80
N VAL D 130 10.03 -9.82 -42.16
CA VAL D 130 11.18 -10.66 -42.51
C VAL D 130 12.42 -10.17 -41.74
N GLY D 131 13.37 -11.07 -41.54
CA GLY D 131 14.64 -10.77 -40.87
C GLY D 131 15.73 -10.44 -41.87
N THR D 132 16.97 -10.80 -41.54
CA THR D 132 18.15 -10.61 -42.40
C THR D 132 18.94 -11.92 -42.54
N GLY D 133 18.46 -12.98 -41.86
CA GLY D 133 19.05 -14.30 -41.85
C GLY D 133 19.10 -15.04 -43.18
N ALA D 134 19.56 -16.30 -43.14
CA ALA D 134 19.70 -17.16 -44.33
C ALA D 134 18.39 -17.54 -45.03
N ASP D 135 17.27 -17.70 -44.27
CA ASP D 135 15.97 -18.07 -44.83
C ASP D 135 15.19 -16.91 -45.45
N THR D 136 15.71 -15.67 -45.37
CA THR D 136 15.07 -14.45 -45.88
C THR D 136 14.77 -14.52 -47.40
N PRO D 137 15.69 -14.88 -48.32
CA PRO D 137 15.30 -14.95 -49.75
C PRO D 137 14.15 -15.92 -50.03
N SER D 138 14.11 -17.07 -49.35
CA SER D 138 13.05 -18.08 -49.47
C SER D 138 11.75 -17.56 -48.87
N ARG D 139 11.86 -16.82 -47.72
CA ARG D 139 10.72 -16.22 -47.02
C ARG D 139 10.08 -15.12 -47.88
N VAL D 140 10.89 -14.16 -48.39
CA VAL D 140 10.46 -13.05 -49.25
C VAL D 140 9.77 -13.56 -50.51
N GLU D 141 10.38 -14.54 -51.21
CA GLU D 141 9.84 -15.14 -52.43
C GLU D 141 8.47 -15.76 -52.19
N ALA D 142 8.32 -16.55 -51.10
CA ALA D 142 7.07 -17.22 -50.73
C ALA D 142 5.96 -16.26 -50.32
N LEU D 143 6.31 -15.12 -49.69
CA LEU D 143 5.32 -14.13 -49.25
C LEU D 143 4.76 -13.33 -50.44
N VAL D 144 5.63 -12.91 -51.39
CA VAL D 144 5.26 -12.18 -52.61
C VAL D 144 4.35 -13.08 -53.47
N GLU D 145 4.70 -14.38 -53.55
CA GLU D 145 3.96 -15.40 -54.29
C GLU D 145 2.56 -15.60 -53.69
N ALA D 146 2.45 -15.50 -52.35
CA ALA D 146 1.20 -15.63 -51.60
C ALA D 146 0.31 -14.37 -51.74
N GLY D 147 0.87 -13.30 -52.32
CA GLY D 147 0.17 -12.06 -52.58
C GLY D 147 0.34 -10.94 -51.57
N VAL D 148 1.43 -10.95 -50.77
CA VAL D 148 1.68 -9.91 -49.76
C VAL D 148 1.85 -8.53 -50.43
N ASP D 149 1.28 -7.48 -49.80
CA ASP D 149 1.31 -6.11 -50.31
C ASP D 149 2.61 -5.39 -49.94
N VAL D 150 3.10 -5.65 -48.72
CA VAL D 150 4.31 -5.00 -48.23
C VAL D 150 5.21 -5.96 -47.42
N ILE D 151 6.52 -5.88 -47.67
CA ILE D 151 7.56 -6.65 -46.99
C ILE D 151 8.21 -5.73 -45.96
N VAL D 152 8.19 -6.16 -44.69
CA VAL D 152 8.80 -5.37 -43.62
C VAL D 152 10.13 -6.01 -43.19
N VAL D 153 11.25 -5.46 -43.66
CA VAL D 153 12.60 -5.91 -43.28
C VAL D 153 12.83 -5.25 -41.92
N ASP D 154 12.49 -6.00 -40.86
CA ASP D 154 12.46 -5.54 -39.48
C ASP D 154 13.39 -6.26 -38.51
N THR D 155 14.35 -5.51 -37.92
CA THR D 155 15.26 -5.98 -36.87
C THR D 155 15.24 -4.94 -35.74
N ALA D 156 15.99 -5.18 -34.65
CA ALA D 156 16.11 -4.26 -33.53
C ALA D 156 16.91 -3.03 -33.93
N HIS D 157 17.82 -3.16 -34.92
CA HIS D 157 18.72 -2.10 -35.35
C HIS D 157 18.78 -2.00 -36.87
N GLY D 158 17.85 -1.25 -37.43
CA GLY D 158 17.73 -1.03 -38.87
C GLY D 158 18.85 -0.21 -39.50
N HIS D 159 19.65 0.53 -38.69
CA HIS D 159 20.80 1.30 -39.23
C HIS D 159 22.02 0.38 -39.28
N SER D 160 21.87 -0.75 -39.95
CA SER D 160 22.89 -1.77 -40.10
C SER D 160 23.02 -2.18 -41.54
N ALA D 161 24.21 -2.66 -41.95
CA ALA D 161 24.45 -3.15 -43.32
C ALA D 161 23.46 -4.27 -43.65
N GLY D 162 23.17 -5.12 -42.67
CA GLY D 162 22.22 -6.22 -42.77
C GLY D 162 20.84 -5.83 -43.24
N VAL D 163 20.26 -4.75 -42.65
CA VAL D 163 18.93 -4.25 -43.02
C VAL D 163 19.00 -3.43 -44.31
N ILE D 164 19.93 -2.46 -44.40
CA ILE D 164 20.12 -1.61 -45.58
C ILE D 164 20.27 -2.42 -46.87
N GLU D 165 21.15 -3.44 -46.87
CA GLU D 165 21.41 -4.28 -48.04
C GLU D 165 20.27 -5.25 -48.36
N ARG D 166 19.53 -5.73 -47.33
CA ARG D 166 18.37 -6.62 -47.53
C ARG D 166 17.20 -5.85 -48.17
N VAL D 167 16.96 -4.58 -47.74
CA VAL D 167 15.93 -3.68 -48.30
C VAL D 167 16.27 -3.39 -49.78
N ARG D 168 17.58 -3.24 -50.09
CA ARG D 168 18.10 -3.01 -51.44
C ARG D 168 17.95 -4.26 -52.31
N TRP D 169 18.07 -5.46 -51.69
CA TRP D 169 17.92 -6.75 -52.35
C TRP D 169 16.45 -6.96 -52.74
N VAL D 170 15.50 -6.72 -51.78
CA VAL D 170 14.05 -6.86 -51.98
C VAL D 170 13.55 -5.92 -53.09
N LYS D 171 14.00 -4.66 -53.09
CA LYS D 171 13.60 -3.67 -54.09
C LYS D 171 14.10 -4.01 -55.52
N GLN D 172 15.34 -4.51 -55.63
N GLN D 172 15.34 -4.52 -55.64
CA GLN D 172 15.96 -4.90 -56.92
CA GLN D 172 15.94 -4.89 -56.93
C GLN D 172 15.38 -6.19 -57.49
C GLN D 172 15.37 -6.19 -57.50
N ASN D 173 15.13 -7.19 -56.63
CA ASN D 173 14.62 -8.52 -57.03
C ASN D 173 13.10 -8.63 -57.09
N PHE D 174 12.38 -7.85 -56.26
CA PHE D 174 10.92 -7.86 -56.24
C PHE D 174 10.36 -6.42 -56.35
N PRO D 175 10.50 -5.71 -57.50
CA PRO D 175 9.96 -4.34 -57.59
C PRO D 175 8.43 -4.23 -57.56
N GLN D 176 7.71 -5.36 -57.78
CA GLN D 176 6.24 -5.43 -57.76
C GLN D 176 5.64 -5.38 -56.33
N VAL D 177 6.51 -5.45 -55.29
CA VAL D 177 6.10 -5.40 -53.88
C VAL D 177 6.71 -4.15 -53.19
N GLN D 178 5.99 -3.60 -52.21
CA GLN D 178 6.45 -2.44 -51.44
C GLN D 178 7.35 -2.92 -50.28
N VAL D 179 8.41 -2.15 -49.96
CA VAL D 179 9.35 -2.54 -48.89
C VAL D 179 9.49 -1.45 -47.81
N ILE D 180 9.46 -1.90 -46.54
CA ILE D 180 9.67 -1.07 -45.36
C ILE D 180 10.96 -1.52 -44.64
N GLY D 181 11.73 -0.56 -44.16
CA GLY D 181 12.96 -0.78 -43.40
C GLY D 181 12.81 -0.28 -41.98
N GLY D 182 13.30 -1.07 -41.03
CA GLY D 182 13.25 -0.72 -39.61
C GLY D 182 14.02 -1.65 -38.69
N ASN D 183 14.19 -1.28 -37.40
CA ASN D 183 13.71 -0.01 -36.82
C ASN D 183 14.83 1.03 -36.77
N ILE D 184 14.47 2.31 -36.88
CA ILE D 184 15.42 3.44 -36.86
C ILE D 184 14.96 4.55 -35.90
N ALA D 185 15.86 5.50 -35.59
CA ALA D 185 15.55 6.64 -34.71
C ALA D 185 16.36 7.92 -35.04
N THR D 186 17.11 7.93 -36.16
CA THR D 186 17.91 9.10 -36.58
C THR D 186 17.68 9.44 -38.05
N GLY D 187 17.96 10.69 -38.41
CA GLY D 187 17.85 11.17 -39.78
C GLY D 187 18.82 10.51 -40.73
N ASP D 188 20.05 10.21 -40.24
CA ASP D 188 21.11 9.52 -41.00
C ASP D 188 20.69 8.12 -41.41
N ALA D 189 19.99 7.40 -40.50
CA ALA D 189 19.47 6.06 -40.72
C ALA D 189 18.39 6.08 -41.79
N ALA D 190 17.52 7.13 -41.78
CA ALA D 190 16.43 7.34 -42.72
C ALA D 190 16.94 7.56 -44.14
N LEU D 191 18.00 8.38 -44.28
CA LEU D 191 18.63 8.69 -45.57
C LEU D 191 19.26 7.43 -46.15
N ALA D 192 19.90 6.62 -45.29
CA ALA D 192 20.54 5.35 -45.66
C ALA D 192 19.50 4.38 -46.25
N LEU D 193 18.34 4.22 -45.58
CA LEU D 193 17.25 3.36 -46.05
C LEU D 193 16.54 3.94 -47.27
N LEU D 194 16.47 5.29 -47.39
CA LEU D 194 15.88 5.98 -48.54
C LEU D 194 16.72 5.68 -49.79
N ASP D 195 18.07 5.77 -49.67
CA ASP D 195 19.02 5.50 -50.75
C ASP D 195 19.03 4.00 -51.14
N ALA D 196 18.61 3.11 -50.20
CA ALA D 196 18.53 1.67 -50.39
C ALA D 196 17.28 1.27 -51.18
N GLY D 197 16.33 2.19 -51.29
CA GLY D 197 15.07 2.01 -52.03
C GLY D 197 13.86 1.66 -51.20
N ALA D 198 13.87 1.99 -49.89
CA ALA D 198 12.74 1.72 -49.01
C ALA D 198 11.59 2.64 -49.41
N ASP D 199 10.35 2.12 -49.38
CA ASP D 199 9.16 2.87 -49.72
C ASP D 199 8.58 3.59 -48.50
N ALA D 200 9.05 3.19 -47.29
CA ALA D 200 8.69 3.73 -45.98
C ALA D 200 9.71 3.23 -44.94
N VAL D 201 9.87 4.00 -43.86
CA VAL D 201 10.76 3.67 -42.73
C VAL D 201 9.93 3.49 -41.46
N LYS D 202 10.30 2.54 -40.60
CA LYS D 202 9.62 2.27 -39.34
C LYS D 202 10.52 2.79 -38.20
N VAL D 203 10.01 3.82 -37.47
CA VAL D 203 10.72 4.55 -36.41
C VAL D 203 10.38 4.03 -35.01
N GLY D 204 11.41 3.70 -34.25
CA GLY D 204 11.22 3.19 -32.89
C GLY D 204 12.39 2.44 -32.32
N ILE D 205 13.16 3.10 -31.43
CA ILE D 205 14.31 2.51 -30.71
C ILE D 205 14.18 2.82 -29.22
N GLY D 206 13.60 1.86 -28.49
CA GLY D 206 13.37 1.96 -27.06
C GLY D 206 12.03 2.48 -26.54
N PRO D 207 10.98 2.84 -27.35
CA PRO D 207 9.74 3.37 -26.74
C PRO D 207 8.66 2.32 -26.40
N GLY D 208 8.79 1.09 -26.90
CA GLY D 208 7.84 0.01 -26.65
C GLY D 208 7.50 -0.21 -25.20
N SER D 209 6.22 -0.55 -24.92
CA SER D 209 5.72 -0.77 -23.56
C SER D 209 6.39 -1.98 -22.87
N ILE D 210 6.67 -3.04 -23.64
CA ILE D 210 7.31 -4.29 -23.19
C ILE D 210 8.83 -4.29 -23.39
N CYS D 211 9.37 -3.20 -23.96
CA CYS D 211 10.77 -3.02 -24.28
C CYS D 211 11.65 -2.72 -23.06
N THR D 212 12.82 -3.38 -22.98
CA THR D 212 13.82 -3.17 -21.92
C THR D 212 15.19 -2.80 -22.53
N THR D 213 15.23 -2.39 -23.83
CA THR D 213 16.42 -1.96 -24.57
C THR D 213 17.16 -0.86 -23.83
N ARG D 214 16.43 0.15 -23.31
CA ARG D 214 17.00 1.28 -22.56
C ARG D 214 17.76 0.84 -21.29
N ILE D 215 17.22 -0.16 -20.52
CA ILE D 215 17.84 -0.70 -19.30
C ILE D 215 19.01 -1.66 -19.63
N VAL D 216 18.80 -2.55 -20.62
CA VAL D 216 19.79 -3.56 -21.00
C VAL D 216 20.96 -2.98 -21.81
N ALA D 217 20.70 -2.08 -22.76
CA ALA D 217 21.75 -1.53 -23.60
C ALA D 217 22.06 -0.03 -23.38
N GLY D 218 21.17 0.69 -22.70
CA GLY D 218 21.32 2.12 -22.45
C GLY D 218 21.16 2.91 -23.73
N ILE D 219 20.50 2.29 -24.71
CA ILE D 219 20.27 2.78 -26.06
C ILE D 219 18.82 3.19 -26.19
N GLY D 220 18.59 4.27 -26.93
CA GLY D 220 17.25 4.77 -27.17
C GLY D 220 17.18 6.19 -27.68
N MET D 221 15.96 6.59 -28.04
CA MET D 221 15.61 7.93 -28.50
C MET D 221 14.14 8.17 -28.25
N PRO D 222 13.78 9.09 -27.31
CA PRO D 222 12.36 9.40 -27.08
C PRO D 222 11.62 9.69 -28.39
N GLN D 223 10.48 9.03 -28.57
CA GLN D 223 9.68 8.97 -29.80
C GLN D 223 9.35 10.32 -30.51
N ILE D 224 9.02 11.42 -29.81
CA ILE D 224 8.71 12.69 -30.48
C ILE D 224 9.95 13.25 -31.24
N SER D 225 11.14 13.14 -30.63
CA SER D 225 12.41 13.57 -31.23
C SER D 225 12.90 12.61 -32.30
N ALA D 226 12.57 11.30 -32.16
CA ALA D 226 12.89 10.25 -33.13
C ALA D 226 12.13 10.50 -34.43
N ILE D 227 10.79 10.76 -34.35
CA ILE D 227 9.91 11.07 -35.48
C ILE D 227 10.36 12.37 -36.16
N ASP D 228 10.64 13.41 -35.37
CA ASP D 228 11.07 14.70 -35.86
C ASP D 228 12.37 14.61 -36.66
N SER D 229 13.40 13.89 -36.13
CA SER D 229 14.72 13.69 -36.75
C SER D 229 14.60 12.97 -38.09
N VAL D 230 13.84 11.86 -38.11
CA VAL D 230 13.59 11.07 -39.33
C VAL D 230 12.82 11.89 -40.39
N ALA D 231 11.65 12.48 -40.01
CA ALA D 231 10.80 13.29 -40.90
C ALA D 231 11.51 14.50 -41.51
N SER D 232 12.37 15.18 -40.75
CA SER D 232 13.12 16.37 -41.21
C SER D 232 14.16 16.03 -42.28
N ALA D 233 14.74 14.82 -42.19
CA ALA D 233 15.75 14.35 -43.14
C ALA D 233 15.09 13.89 -44.45
N LEU D 234 13.97 13.14 -44.33
CA LEU D 234 13.21 12.60 -45.45
C LEU D 234 12.60 13.66 -46.38
N LYS D 235 12.10 14.78 -45.82
CA LYS D 235 11.45 15.88 -46.56
C LYS D 235 10.26 15.37 -47.40
N ASP D 236 9.41 14.50 -46.77
CA ASP D 236 8.20 13.86 -47.31
C ASP D 236 8.44 12.99 -48.58
N GLN D 237 9.69 12.54 -48.81
CA GLN D 237 10.04 11.70 -49.96
C GLN D 237 9.42 10.31 -49.81
N ILE D 238 9.39 9.79 -48.57
CA ILE D 238 8.80 8.51 -48.18
C ILE D 238 8.15 8.68 -46.81
N PRO D 239 6.99 8.04 -46.52
CA PRO D 239 6.39 8.20 -45.18
C PRO D 239 7.13 7.42 -44.09
N LEU D 240 6.77 7.69 -42.81
CA LEU D 240 7.32 6.98 -41.66
C LEU D 240 6.21 6.41 -40.78
N ILE D 241 6.46 5.25 -40.17
CA ILE D 241 5.53 4.59 -39.25
C ILE D 241 6.10 4.87 -37.86
N ALA D 242 5.34 5.58 -37.01
CA ALA D 242 5.75 5.86 -35.64
C ALA D 242 5.44 4.57 -34.92
N ASP D 243 6.48 3.81 -34.61
CA ASP D 243 6.35 2.47 -34.02
C ASP D 243 6.77 2.35 -32.56
N GLY D 244 5.78 2.14 -31.69
CA GLY D 244 5.98 1.90 -30.26
C GLY D 244 5.75 3.08 -29.33
N GLY D 245 5.31 2.77 -28.11
CA GLY D 245 5.07 3.76 -27.06
C GLY D 245 3.74 4.50 -27.05
N ILE D 246 2.75 4.02 -27.83
CA ILE D 246 1.43 4.62 -27.92
C ILE D 246 0.57 3.98 -26.83
N ARG D 247 0.08 4.83 -25.88
CA ARG D 247 -0.74 4.39 -24.75
C ARG D 247 -2.16 4.92 -24.91
N PHE D 248 -2.30 6.13 -25.46
CA PHE D 248 -3.58 6.81 -25.66
C PHE D 248 -3.70 7.44 -27.04
N SER D 249 -4.94 7.81 -27.43
CA SER D 249 -5.26 8.45 -28.70
C SER D 249 -4.55 9.79 -28.90
N GLY D 250 -4.18 10.44 -27.79
CA GLY D 250 -3.44 11.70 -27.78
C GLY D 250 -2.03 11.56 -28.32
N ASP D 251 -1.37 10.42 -28.01
CA ASP D 251 -0.01 10.09 -28.46
C ASP D 251 0.06 9.99 -29.99
N MET D 252 -1.01 9.45 -30.59
CA MET D 252 -1.19 9.29 -32.03
C MET D 252 -1.22 10.62 -32.77
N ALA D 253 -1.92 11.60 -32.18
CA ALA D 253 -2.03 12.96 -32.70
C ALA D 253 -0.70 13.68 -32.60
N LYS D 254 0.02 13.50 -31.47
CA LYS D 254 1.37 14.05 -31.24
C LYS D 254 2.36 13.45 -32.23
N ALA D 255 2.29 12.11 -32.45
CA ALA D 255 3.12 11.39 -33.42
C ALA D 255 2.93 11.93 -34.84
N ILE D 256 1.66 12.07 -35.32
CA ILE D 256 1.31 12.60 -36.65
C ILE D 256 1.75 14.06 -36.79
N GLY D 257 1.52 14.87 -35.74
CA GLY D 257 1.93 16.27 -35.68
C GLY D 257 3.45 16.46 -35.75
N ALA D 258 4.19 15.50 -35.16
CA ALA D 258 5.65 15.46 -35.17
C ALA D 258 6.23 15.06 -36.54
N GLY D 259 5.43 14.37 -37.38
CA GLY D 259 5.83 14.00 -38.73
C GLY D 259 5.45 12.61 -39.22
N ALA D 260 4.83 11.78 -38.37
CA ALA D 260 4.40 10.42 -38.74
C ALA D 260 3.25 10.39 -39.74
N SER D 261 3.23 9.39 -40.64
CA SER D 261 2.11 9.24 -41.57
C SER D 261 1.18 8.14 -41.03
N THR D 262 1.74 7.15 -40.34
CA THR D 262 1.00 6.03 -39.73
C THR D 262 1.60 5.73 -38.36
N ILE D 263 0.87 4.94 -37.55
CA ILE D 263 1.22 4.54 -36.19
C ILE D 263 1.11 3.02 -35.99
N MET D 264 2.21 2.40 -35.53
CA MET D 264 2.24 0.98 -35.20
C MET D 264 1.98 0.80 -33.70
N VAL D 265 1.04 -0.09 -33.35
CA VAL D 265 0.60 -0.39 -31.99
C VAL D 265 0.60 -1.90 -31.72
N GLY D 266 1.05 -2.27 -30.52
CA GLY D 266 1.10 -3.63 -30.03
C GLY D 266 0.22 -3.82 -28.80
N SER D 267 0.56 -3.12 -27.70
N SER D 267 0.56 -3.11 -27.71
CA SER D 267 -0.14 -3.19 -26.42
CA SER D 267 -0.13 -3.15 -26.41
C SER D 267 -1.64 -2.89 -26.51
C SER D 267 -1.63 -2.87 -26.51
N LEU D 268 -2.03 -1.84 -27.28
CA LEU D 268 -3.43 -1.46 -27.46
C LEU D 268 -4.28 -2.51 -28.17
N LEU D 269 -3.69 -3.26 -29.10
CA LEU D 269 -4.39 -4.31 -29.84
C LEU D 269 -4.25 -5.68 -29.19
N ALA D 270 -3.33 -5.82 -28.23
CA ALA D 270 -3.14 -7.06 -27.48
C ALA D 270 -4.30 -7.17 -26.49
N GLY D 271 -4.75 -8.38 -26.21
CA GLY D 271 -5.88 -8.59 -25.32
C GLY D 271 -7.22 -8.61 -26.03
N THR D 272 -7.26 -8.12 -27.28
CA THR D 272 -8.48 -8.12 -28.10
C THR D 272 -8.78 -9.54 -28.60
N GLU D 273 -10.03 -9.81 -28.95
CA GLU D 273 -10.53 -11.11 -29.43
C GLU D 273 -9.73 -11.64 -30.62
N GLU D 274 -9.43 -10.74 -31.59
CA GLU D 274 -8.72 -11.02 -32.84
C GLU D 274 -7.22 -11.34 -32.69
N ALA D 275 -6.58 -10.87 -31.62
CA ALA D 275 -5.16 -11.09 -31.34
C ALA D 275 -4.87 -12.57 -31.05
N PRO D 276 -3.67 -13.12 -31.42
CA PRO D 276 -3.40 -14.54 -31.13
C PRO D 276 -3.40 -14.85 -29.64
N GLY D 277 -3.73 -16.09 -29.32
CA GLY D 277 -3.78 -16.58 -27.96
C GLY D 277 -5.19 -16.76 -27.46
N GLU D 278 -5.38 -17.75 -26.58
CA GLU D 278 -6.64 -18.07 -25.95
C GLU D 278 -6.75 -17.26 -24.66
N VAL D 279 -8.00 -16.93 -24.28
CA VAL D 279 -8.30 -16.17 -23.06
C VAL D 279 -8.01 -17.02 -21.83
N GLU D 280 -7.33 -16.42 -20.84
CA GLU D 280 -6.99 -17.09 -19.59
C GLU D 280 -7.75 -16.46 -18.42
N PHE D 281 -8.30 -17.33 -17.56
CA PHE D 281 -9.08 -16.94 -16.40
C PHE D 281 -8.21 -16.93 -15.14
N PHE D 282 -7.63 -15.76 -14.82
CA PHE D 282 -6.77 -15.58 -13.65
C PHE D 282 -7.40 -14.65 -12.62
N GLN D 283 -7.66 -15.21 -11.40
CA GLN D 283 -8.23 -14.53 -10.22
C GLN D 283 -9.57 -13.82 -10.52
N GLY D 284 -10.47 -14.56 -11.17
CA GLY D 284 -11.81 -14.07 -11.53
C GLY D 284 -11.91 -13.26 -12.81
N ARG D 285 -10.80 -12.64 -13.25
CA ARG D 285 -10.71 -11.81 -14.45
C ARG D 285 -10.23 -12.57 -15.70
N TYR D 286 -10.40 -11.96 -16.89
CA TYR D 286 -9.97 -12.52 -18.17
C TYR D 286 -8.79 -11.75 -18.78
N TYR D 287 -7.73 -12.48 -19.16
CA TYR D 287 -6.51 -11.91 -19.74
C TYR D 287 -6.05 -12.67 -20.98
N LYS D 288 -5.15 -12.04 -21.74
CA LYS D 288 -4.47 -12.61 -22.90
C LYS D 288 -2.99 -12.27 -22.73
N ALA D 289 -2.11 -13.14 -23.24
CA ALA D 289 -0.66 -12.92 -23.13
C ALA D 289 -0.19 -11.77 -24.02
N TYR D 290 0.81 -11.05 -23.55
CA TYR D 290 1.46 -9.98 -24.30
C TYR D 290 2.94 -9.99 -23.94
N ARG D 291 3.79 -10.23 -24.95
CA ARG D 291 5.23 -10.32 -24.75
C ARG D 291 6.04 -9.66 -25.87
N GLY D 292 7.24 -9.20 -25.52
CA GLY D 292 8.17 -8.61 -26.46
C GLY D 292 8.76 -9.69 -27.34
N MET D 293 9.15 -9.33 -28.56
CA MET D 293 9.75 -10.30 -29.51
C MET D 293 11.20 -10.64 -29.14
N GLY D 294 11.77 -9.89 -28.20
CA GLY D 294 13.10 -10.12 -27.65
C GLY D 294 13.08 -10.68 -26.24
N SER D 295 11.93 -11.16 -25.78
CA SER D 295 11.82 -11.75 -24.45
C SER D 295 12.38 -13.18 -24.48
N LEU D 296 12.62 -13.76 -23.29
CA LEU D 296 13.13 -15.14 -23.15
C LEU D 296 12.19 -16.19 -23.80
N GLY D 297 10.89 -16.03 -23.60
CA GLY D 297 9.85 -16.89 -24.16
C GLY D 297 9.69 -16.79 -25.67
N ALA D 298 9.83 -15.57 -26.25
CA ALA D 298 9.72 -15.31 -27.69
C ALA D 298 10.94 -15.80 -28.46
N MET D 299 12.12 -15.82 -27.84
CA MET D 299 13.36 -16.26 -28.45
C MET D 299 13.51 -17.79 -28.41
N ALA D 300 12.96 -18.44 -27.35
CA ALA D 300 12.98 -19.89 -27.18
C ALA D 300 11.71 -20.53 -27.74
N LYS D 319 24.09 -16.48 -28.36
CA LYS D 319 22.75 -15.95 -28.14
C LYS D 319 22.79 -14.55 -27.50
N LEU D 320 21.67 -13.81 -27.59
CA LEU D 320 21.50 -12.45 -27.06
C LEU D 320 20.76 -12.46 -25.72
N VAL D 321 21.09 -11.50 -24.85
CA VAL D 321 20.38 -11.31 -23.58
C VAL D 321 18.98 -10.70 -23.88
N PRO D 322 17.89 -11.11 -23.21
CA PRO D 322 16.57 -10.53 -23.52
C PRO D 322 16.51 -8.99 -23.46
N GLU D 323 15.66 -8.39 -24.32
CA GLU D 323 15.42 -6.94 -24.39
C GLU D 323 13.92 -6.63 -24.34
N GLY D 324 13.13 -7.56 -23.81
CA GLY D 324 11.70 -7.44 -23.66
C GLY D 324 11.13 -8.30 -22.55
N ILE D 325 9.93 -7.95 -22.07
CA ILE D 325 9.25 -8.67 -20.98
C ILE D 325 8.06 -9.47 -21.46
N GLU D 326 7.60 -10.43 -20.62
CA GLU D 326 6.46 -11.31 -20.88
C GLU D 326 5.41 -11.00 -19.83
N GLY D 327 4.20 -10.72 -20.28
CA GLY D 327 3.10 -10.41 -19.37
C GLY D 327 1.71 -10.75 -19.87
N ARG D 328 0.71 -10.27 -19.13
CA ARG D 328 -0.71 -10.43 -19.39
C ARG D 328 -1.37 -9.07 -19.53
N VAL D 329 -2.24 -8.96 -20.51
CA VAL D 329 -3.04 -7.77 -20.73
C VAL D 329 -4.51 -8.15 -20.51
N PRO D 330 -5.38 -7.27 -19.94
CA PRO D 330 -6.78 -7.67 -19.73
C PRO D 330 -7.54 -7.83 -21.04
N TYR D 331 -8.55 -8.72 -21.06
CA TYR D 331 -9.38 -8.98 -22.23
C TYR D 331 -10.17 -7.72 -22.62
N LYS D 332 -9.93 -7.24 -23.86
CA LYS D 332 -10.53 -6.01 -24.39
C LYS D 332 -11.74 -6.23 -25.31
N GLY D 333 -12.05 -7.49 -25.63
CA GLY D 333 -13.15 -7.85 -26.51
C GLY D 333 -12.83 -7.58 -27.97
N PRO D 334 -13.84 -7.42 -28.85
CA PRO D 334 -13.56 -7.17 -30.28
C PRO D 334 -12.66 -5.95 -30.50
N MET D 335 -11.65 -6.08 -31.37
CA MET D 335 -10.69 -5.02 -31.65
C MET D 335 -11.33 -3.74 -32.17
N GLY D 336 -12.49 -3.87 -32.81
CA GLY D 336 -13.25 -2.76 -33.40
C GLY D 336 -13.53 -1.61 -32.45
N ASN D 337 -13.89 -1.95 -31.18
CA ASN D 337 -14.19 -1.01 -30.10
C ASN D 337 -13.00 -0.09 -29.79
N ILE D 338 -11.80 -0.70 -29.55
CA ILE D 338 -10.52 -0.04 -29.25
C ILE D 338 -10.11 0.89 -30.40
N VAL D 339 -10.22 0.41 -31.64
CA VAL D 339 -9.89 1.16 -32.87
C VAL D 339 -10.77 2.41 -33.01
N HIS D 340 -12.08 2.28 -32.74
N HIS D 340 -12.09 2.27 -32.73
CA HIS D 340 -13.06 3.37 -32.81
CA HIS D 340 -13.08 3.36 -32.80
C HIS D 340 -12.80 4.44 -31.74
C HIS D 340 -12.77 4.44 -31.74
N GLN D 341 -12.44 4.03 -30.50
CA GLN D 341 -12.10 4.92 -29.39
C GLN D 341 -10.82 5.72 -29.72
N MET D 342 -9.80 5.03 -30.25
CA MET D 342 -8.51 5.61 -30.62
C MET D 342 -8.61 6.53 -31.82
N MET D 343 -9.51 6.21 -32.79
CA MET D 343 -9.72 7.05 -33.96
C MET D 343 -10.62 8.25 -33.62
N GLY D 344 -11.50 8.07 -32.63
CA GLY D 344 -12.37 9.11 -32.10
C GLY D 344 -11.56 10.23 -31.47
N GLY D 345 -10.55 9.86 -30.68
CA GLY D 345 -9.64 10.79 -30.01
C GLY D 345 -8.79 11.60 -30.97
N LEU D 346 -8.32 10.96 -32.06
CA LEU D 346 -7.53 11.58 -33.13
C LEU D 346 -8.41 12.54 -33.93
N ARG D 347 -9.71 12.21 -34.09
CA ARG D 347 -10.68 13.06 -34.79
C ARG D 347 -10.85 14.37 -34.03
N SER D 348 -11.03 14.27 -32.68
CA SER D 348 -11.17 15.45 -31.79
C SER D 348 -9.95 16.38 -31.89
N SER D 349 -8.74 15.78 -31.93
N SER D 349 -8.73 15.78 -31.94
CA SER D 349 -7.47 16.49 -32.03
CA SER D 349 -7.45 16.47 -32.04
C SER D 349 -7.35 17.30 -33.32
C SER D 349 -7.37 17.30 -33.32
N MET D 350 -7.82 16.71 -34.44
CA MET D 350 -7.82 17.33 -35.76
C MET D 350 -8.85 18.45 -35.79
N GLY D 351 -9.93 18.27 -35.04
CA GLY D 351 -10.94 19.29 -34.87
C GLY D 351 -10.39 20.48 -34.08
N TYR D 352 -9.52 20.21 -33.07
CA TYR D 352 -8.89 21.23 -32.25
C TYR D 352 -7.81 22.01 -33.02
N THR D 353 -7.09 21.35 -33.95
CA THR D 353 -6.00 21.93 -34.74
C THR D 353 -6.47 22.53 -36.06
N GLY D 354 -7.72 22.27 -36.42
CA GLY D 354 -8.29 22.74 -37.68
C GLY D 354 -7.75 21.96 -38.86
N SER D 355 -7.50 20.67 -38.64
CA SER D 355 -6.94 19.74 -39.63
C SER D 355 -8.05 18.91 -40.26
N ALA D 356 -8.39 19.22 -41.52
CA ALA D 356 -9.44 18.49 -42.25
C ALA D 356 -8.91 17.14 -42.75
N VAL D 357 -7.63 17.11 -43.14
CA VAL D 357 -6.90 15.94 -43.64
C VAL D 357 -5.65 15.69 -42.78
N ILE D 358 -5.14 14.43 -42.78
CA ILE D 358 -3.93 14.01 -42.03
C ILE D 358 -2.75 14.95 -42.35
N GLU D 359 -2.56 15.28 -43.64
CA GLU D 359 -1.50 16.17 -44.10
C GLU D 359 -1.55 17.59 -43.48
N ASP D 360 -2.76 18.07 -43.11
CA ASP D 360 -2.94 19.36 -42.44
C ASP D 360 -2.30 19.32 -41.03
N LEU D 361 -2.54 18.22 -40.26
CA LEU D 361 -1.95 18.02 -38.95
C LEU D 361 -0.43 17.85 -39.03
N ARG D 362 0.04 17.07 -40.02
CA ARG D 362 1.46 16.81 -40.27
C ARG D 362 2.26 18.08 -40.57
N GLN D 363 1.69 19.03 -41.33
CA GLN D 363 2.38 20.26 -41.74
C GLN D 363 2.13 21.50 -40.88
N ASN D 364 0.96 21.59 -40.22
CA ASN D 364 0.58 22.79 -39.47
C ASN D 364 0.64 22.70 -37.95
N ALA D 365 0.80 21.49 -37.36
CA ALA D 365 0.83 21.31 -35.91
C ALA D 365 1.89 22.15 -35.20
N LYS D 366 1.46 22.83 -34.11
CA LYS D 366 2.29 23.65 -33.24
C LYS D 366 2.23 23.03 -31.85
N PHE D 367 3.38 22.89 -31.21
CA PHE D 367 3.53 22.28 -29.89
C PHE D 367 4.07 23.27 -28.83
N VAL D 368 3.87 22.91 -27.56
CA VAL D 368 4.45 23.56 -26.40
C VAL D 368 5.16 22.48 -25.59
N LYS D 369 6.33 22.80 -25.02
CA LYS D 369 7.06 21.86 -24.15
C LYS D 369 6.50 22.00 -22.75
N ILE D 370 6.21 20.89 -22.09
CA ILE D 370 5.68 20.94 -20.72
C ILE D 370 6.68 20.33 -19.70
N THR D 371 6.62 20.77 -18.44
CA THR D 371 7.48 20.27 -17.37
C THR D 371 6.83 19.02 -16.74
N SER D 372 7.47 18.48 -15.68
CA SER D 372 6.99 17.33 -14.92
C SER D 372 5.71 17.67 -14.14
N ALA D 373 5.46 18.98 -13.90
CA ALA D 373 4.27 19.48 -13.21
C ALA D 373 3.05 19.50 -14.14
N GLY D 374 3.27 19.91 -15.41
CA GLY D 374 2.25 20.00 -16.44
C GLY D 374 1.65 18.67 -16.86
N SER E 16 -31.86 -31.14 10.63
CA SER E 16 -30.83 -30.71 9.68
C SER E 16 -30.44 -31.83 8.72
N MET E 17 -30.09 -31.48 7.47
CA MET E 17 -29.68 -32.42 6.42
C MET E 17 -28.18 -32.37 6.13
N LEU E 18 -27.52 -31.22 6.46
CA LEU E 18 -26.10 -30.98 6.23
C LEU E 18 -25.24 -31.93 7.05
N THR E 19 -24.36 -32.68 6.36
CA THR E 19 -23.48 -33.64 7.03
C THR E 19 -22.09 -33.06 7.23
N ILE E 20 -21.79 -32.67 8.47
CA ILE E 20 -20.48 -32.16 8.87
C ILE E 20 -19.85 -33.32 9.64
N VAL E 21 -18.87 -33.98 9.02
CA VAL E 21 -18.15 -35.13 9.56
C VAL E 21 -17.33 -34.73 10.80
N GLN E 22 -16.60 -33.59 10.69
CA GLN E 22 -15.76 -33.03 11.74
C GLN E 22 -15.34 -31.59 11.43
N GLU E 23 -14.70 -30.93 12.40
CA GLU E 23 -14.11 -29.62 12.19
C GLU E 23 -12.66 -29.97 11.83
N ALA E 24 -12.33 -29.88 10.54
CA ALA E 24 -11.02 -30.27 10.07
C ALA E 24 -9.96 -29.20 10.34
N LEU E 25 -8.77 -29.65 10.79
CA LEU E 25 -7.63 -28.83 11.19
C LEU E 25 -6.47 -28.87 10.22
N THR E 26 -5.81 -27.72 10.04
CA THR E 26 -4.62 -27.55 9.22
C THR E 26 -3.40 -27.33 10.14
N PHE E 27 -2.19 -27.17 9.55
CA PHE E 27 -0.94 -26.95 10.29
C PHE E 27 -1.02 -25.76 11.26
N ASP E 28 -1.53 -24.60 10.79
CA ASP E 28 -1.69 -23.36 11.57
C ASP E 28 -2.73 -23.43 12.70
N ASP E 29 -3.55 -24.49 12.74
CA ASP E 29 -4.59 -24.67 13.76
C ASP E 29 -4.08 -25.33 15.03
N VAL E 30 -2.89 -25.96 14.95
CA VAL E 30 -2.31 -26.71 16.06
C VAL E 30 -0.85 -26.35 16.36
N LEU E 31 -0.42 -26.69 17.59
CA LEU E 31 0.95 -26.56 18.08
C LEU E 31 1.25 -27.78 18.90
N LEU E 32 2.46 -28.31 18.74
CA LEU E 32 2.95 -29.46 19.50
C LEU E 32 3.33 -28.98 20.88
N LEU E 33 3.05 -29.80 21.88
CA LEU E 33 3.39 -29.48 23.25
C LEU E 33 4.77 -30.00 23.64
N PRO E 34 5.62 -29.21 24.35
CA PRO E 34 6.89 -29.76 24.81
C PRO E 34 6.64 -30.76 25.96
N ALA E 35 7.46 -31.81 26.06
CA ALA E 35 7.30 -32.84 27.08
C ALA E 35 8.66 -33.19 27.67
N TYR E 36 8.71 -34.05 28.72
CA TYR E 36 9.95 -34.46 29.37
C TYR E 36 10.94 -35.04 28.37
N SER E 37 12.15 -34.49 28.35
CA SER E 37 13.18 -34.85 27.40
C SER E 37 14.58 -35.06 28.01
N THR E 38 15.25 -36.13 27.57
CA THR E 38 16.62 -36.49 27.94
C THR E 38 17.48 -36.57 26.66
N VAL E 39 16.87 -36.25 25.51
CA VAL E 39 17.54 -36.34 24.21
C VAL E 39 17.84 -34.95 23.63
N LEU E 40 19.06 -34.81 23.09
CA LEU E 40 19.48 -33.57 22.45
C LEU E 40 19.17 -33.64 20.97
N PRO E 41 18.74 -32.52 20.33
CA PRO E 41 18.45 -32.52 18.89
C PRO E 41 19.51 -33.16 17.98
N LYS E 42 20.82 -32.98 18.29
CA LYS E 42 21.90 -33.57 17.50
C LYS E 42 21.99 -35.11 17.60
N ASP E 43 21.36 -35.70 18.65
CA ASP E 43 21.36 -37.14 18.93
C ASP E 43 20.12 -37.91 18.44
N VAL E 44 19.10 -37.21 17.90
CA VAL E 44 17.86 -37.87 17.46
C VAL E 44 18.06 -38.62 16.12
N SER E 45 17.27 -39.69 15.93
CA SER E 45 17.29 -40.51 14.72
C SER E 45 16.14 -40.07 13.80
N LEU E 46 16.48 -39.59 12.59
CA LEU E 46 15.52 -39.16 11.58
C LEU E 46 15.11 -40.32 10.63
N LYS E 47 15.63 -41.53 10.89
CA LYS E 47 15.34 -42.76 10.13
C LYS E 47 13.86 -43.08 10.22
N THR E 48 13.23 -43.46 9.09
CA THR E 48 11.81 -43.78 8.99
C THR E 48 11.53 -44.70 7.80
N ARG E 49 10.28 -45.13 7.61
CA ARG E 49 9.96 -45.96 6.46
C ARG E 49 9.09 -45.21 5.46
N LEU E 50 9.42 -45.39 4.18
CA LEU E 50 8.68 -44.80 3.05
C LEU E 50 7.54 -45.77 2.70
N THR E 51 7.83 -47.08 2.63
CA THR E 51 6.88 -48.17 2.35
C THR E 51 7.14 -49.25 3.41
N ARG E 52 6.36 -50.34 3.44
CA ARG E 52 6.61 -51.40 4.44
C ARG E 52 7.93 -52.16 4.19
N GLY E 53 8.50 -52.00 2.99
CA GLY E 53 9.77 -52.62 2.59
C GLY E 53 10.95 -51.68 2.43
N ILE E 54 10.70 -50.37 2.23
CA ILE E 54 11.74 -49.33 2.05
C ILE E 54 11.83 -48.41 3.29
N TYR E 55 13.05 -48.13 3.74
CA TYR E 55 13.38 -47.21 4.83
C TYR E 55 14.24 -46.07 4.30
N LEU E 56 13.99 -44.84 4.78
CA LEU E 56 14.75 -43.63 4.44
C LEU E 56 15.51 -43.17 5.68
N ASN E 57 16.59 -42.38 5.51
CA ASN E 57 17.39 -41.89 6.65
C ASN E 57 16.88 -40.54 7.17
N ILE E 58 16.03 -39.87 6.39
CA ILE E 58 15.38 -38.60 6.72
C ILE E 58 13.92 -38.70 6.22
N PRO E 59 12.90 -38.05 6.85
CA PRO E 59 11.51 -38.20 6.35
C PRO E 59 11.09 -37.27 5.21
N LEU E 60 12.00 -36.95 4.28
CA LEU E 60 11.69 -36.02 3.19
C LEU E 60 11.61 -36.72 1.82
N VAL E 61 10.59 -36.35 1.02
CA VAL E 61 10.33 -36.84 -0.35
C VAL E 61 10.15 -35.62 -1.26
N SER E 62 10.75 -35.61 -2.45
CA SER E 62 10.51 -34.49 -3.37
C SER E 62 9.34 -34.83 -4.31
N ALA E 63 8.43 -33.87 -4.51
CA ALA E 63 7.22 -34.04 -5.32
C ALA E 63 7.43 -34.48 -6.77
N ALA E 64 6.51 -35.31 -7.31
CA ALA E 64 6.55 -35.78 -8.70
C ALA E 64 6.04 -34.66 -9.63
N MET E 65 6.87 -33.60 -9.79
CA MET E 65 6.52 -32.41 -10.56
C MET E 65 7.64 -32.03 -11.52
N ASP E 66 7.26 -31.57 -12.74
CA ASP E 66 8.19 -31.20 -13.80
C ASP E 66 9.09 -29.98 -13.49
N THR E 67 8.88 -29.32 -12.34
CA THR E 67 9.67 -28.17 -11.87
C THR E 67 10.34 -28.51 -10.51
N VAL E 68 10.20 -29.78 -10.05
CA VAL E 68 10.78 -30.23 -8.79
C VAL E 68 11.73 -31.43 -8.96
N THR E 69 11.25 -32.58 -9.49
CA THR E 69 12.04 -33.80 -9.56
C THR E 69 12.27 -34.44 -10.93
N GLU E 70 13.56 -34.52 -11.27
CA GLU E 70 14.12 -35.21 -12.43
C GLU E 70 15.34 -35.96 -11.86
N SER E 71 16.21 -36.57 -12.69
CA SER E 71 17.36 -37.36 -12.23
C SER E 71 18.27 -36.62 -11.21
N ARG E 72 18.61 -35.33 -11.49
CA ARG E 72 19.47 -34.47 -10.65
C ARG E 72 18.93 -34.31 -9.22
N MET E 73 17.62 -34.03 -9.07
CA MET E 73 16.96 -33.88 -7.77
C MET E 73 16.88 -35.23 -7.06
N ALA E 74 16.64 -36.31 -7.83
CA ALA E 74 16.55 -37.67 -7.28
C ALA E 74 17.87 -38.15 -6.71
N ILE E 75 19.02 -37.76 -7.33
CA ILE E 75 20.34 -38.13 -6.83
C ILE E 75 20.61 -37.41 -5.50
N ALA E 76 20.45 -36.07 -5.49
CA ALA E 76 20.61 -35.26 -4.28
C ALA E 76 19.64 -35.68 -3.15
N MET E 77 18.40 -36.06 -3.48
CA MET E 77 17.42 -36.54 -2.51
C MET E 77 17.91 -37.79 -1.81
N ALA E 78 18.37 -38.80 -2.61
CA ALA E 78 18.92 -40.08 -2.17
C ALA E 78 20.21 -39.91 -1.37
N GLN E 79 21.09 -39.01 -1.82
CA GLN E 79 22.35 -38.68 -1.15
C GLN E 79 22.16 -38.18 0.30
N ASN E 80 21.10 -37.40 0.55
CA ASN E 80 20.79 -36.82 1.86
C ASN E 80 19.95 -37.77 2.76
N GLY E 81 19.63 -38.96 2.26
CA GLY E 81 18.85 -39.95 2.99
C GLY E 81 17.38 -40.01 2.66
N GLY E 82 16.93 -39.13 1.76
CA GLY E 82 15.55 -39.08 1.32
C GLY E 82 15.36 -39.82 0.02
N ILE E 83 14.29 -39.49 -0.73
CA ILE E 83 13.97 -40.11 -2.01
C ILE E 83 13.24 -39.12 -2.92
N GLY E 84 13.51 -39.21 -4.21
CA GLY E 84 12.86 -38.39 -5.22
C GLY E 84 11.84 -39.19 -6.01
N ILE E 85 10.71 -38.57 -6.35
CA ILE E 85 9.69 -39.23 -7.17
C ILE E 85 9.69 -38.55 -8.53
N LEU E 86 10.34 -39.18 -9.53
CA LEU E 86 10.44 -38.66 -10.91
C LEU E 86 9.04 -38.49 -11.50
N HIS E 87 8.77 -37.34 -12.15
CA HIS E 87 7.47 -36.98 -12.73
C HIS E 87 7.12 -37.79 -13.99
N LYS E 88 5.82 -37.86 -14.33
CA LYS E 88 5.30 -38.60 -15.47
C LYS E 88 5.05 -37.72 -16.73
N ASN E 89 5.37 -36.41 -16.66
CA ASN E 89 5.20 -35.48 -17.77
C ASN E 89 6.35 -35.59 -18.78
N MET E 90 6.67 -36.84 -19.15
CA MET E 90 7.70 -37.27 -20.09
C MET E 90 7.36 -38.67 -20.60
N ASP E 91 7.84 -39.01 -21.81
CA ASP E 91 7.60 -40.32 -22.42
C ASP E 91 8.27 -41.45 -21.64
N ILE E 92 7.75 -42.69 -21.79
CA ILE E 92 8.20 -43.92 -21.11
C ILE E 92 9.73 -44.11 -21.20
N ALA E 93 10.32 -43.89 -22.39
CA ALA E 93 11.75 -44.01 -22.64
C ALA E 93 12.58 -43.00 -21.85
N ALA E 94 12.13 -41.75 -21.76
CA ALA E 94 12.82 -40.70 -21.00
C ALA E 94 12.73 -40.95 -19.50
N GLN E 95 11.55 -41.39 -18.99
CA GLN E 95 11.36 -41.69 -17.57
C GLN E 95 12.19 -42.87 -17.10
N ALA E 96 12.29 -43.93 -17.92
CA ALA E 96 13.11 -45.11 -17.62
C ALA E 96 14.60 -44.75 -17.64
N ALA E 97 15.02 -43.80 -18.53
CA ALA E 97 16.38 -43.29 -18.63
C ALA E 97 16.76 -42.46 -17.40
N GLU E 98 15.76 -41.78 -16.78
CA GLU E 98 15.95 -41.00 -15.56
C GLU E 98 16.14 -41.94 -14.37
N VAL E 99 15.41 -43.10 -14.34
CA VAL E 99 15.55 -44.13 -13.31
C VAL E 99 16.99 -44.69 -13.36
N ARG E 100 17.45 -45.04 -14.59
CA ARG E 100 18.79 -45.59 -14.83
C ARG E 100 19.89 -44.63 -14.38
N ARG E 101 19.71 -43.31 -14.62
CA ARG E 101 20.64 -42.24 -14.22
C ARG E 101 20.88 -42.19 -12.70
N VAL E 102 19.82 -42.45 -11.91
CA VAL E 102 19.89 -42.47 -10.44
C VAL E 102 20.53 -43.80 -9.97
N LYS E 103 20.11 -44.93 -10.55
CA LYS E 103 20.60 -46.28 -10.22
C LYS E 103 22.07 -46.52 -10.58
N LYS E 104 22.55 -45.89 -11.68
CA LYS E 104 23.93 -46.03 -12.18
C LYS E 104 24.87 -44.94 -11.65
N PHE E 105 24.37 -44.03 -10.80
CA PHE E 105 25.17 -42.93 -10.25
C PHE E 105 26.21 -43.43 -9.26
N GLU E 106 27.46 -42.98 -9.44
CA GLU E 106 28.61 -43.30 -8.57
C GLU E 106 29.30 -42.02 -8.14
N ALA E 107 29.59 -41.91 -6.83
CA ALA E 107 30.25 -40.74 -6.23
C ALA E 107 31.74 -40.67 -6.56
N GLY E 108 32.20 -39.49 -6.96
CA GLY E 108 33.58 -39.20 -7.33
C GLY E 108 34.58 -39.27 -6.20
N SER E 112 31.61 -37.62 -0.42
CA SER E 112 31.11 -38.69 0.44
C SER E 112 29.81 -38.30 1.17
N TYR E 113 28.83 -39.22 1.15
CA TYR E 113 27.50 -39.08 1.74
C TYR E 113 27.20 -40.33 2.59
N PRO E 114 27.53 -40.33 3.90
CA PRO E 114 27.30 -41.54 4.72
C PRO E 114 25.84 -41.87 5.01
N ASN E 115 24.96 -40.85 4.98
CA ASN E 115 23.52 -40.97 5.23
C ASN E 115 22.70 -41.32 3.98
N SER E 116 23.36 -41.69 2.86
CA SER E 116 22.75 -42.08 1.59
C SER E 116 21.71 -43.16 1.72
N CYS E 117 20.58 -42.98 1.02
CA CYS E 117 19.52 -43.97 0.97
C CYS E 117 19.84 -44.83 -0.24
N LYS E 118 20.07 -46.13 0.01
CA LYS E 118 20.48 -47.06 -1.02
C LYS E 118 19.75 -48.40 -0.88
N ASP E 119 19.69 -49.17 -1.97
CA ASP E 119 19.07 -50.49 -2.00
C ASP E 119 20.03 -51.59 -1.49
N ASP E 120 19.66 -52.88 -1.68
CA ASP E 120 20.46 -54.04 -1.29
C ASP E 120 21.77 -54.16 -2.10
N LEU E 121 21.79 -53.58 -3.32
CA LEU E 121 22.94 -53.58 -4.23
C LEU E 121 23.80 -52.32 -4.10
N GLY E 122 23.55 -51.52 -3.05
CA GLY E 122 24.26 -50.27 -2.77
C GLY E 122 24.04 -49.12 -3.73
N ARG E 123 22.99 -49.19 -4.57
CA ARG E 123 22.62 -48.17 -5.54
C ARG E 123 21.63 -47.21 -4.88
N LEU E 124 21.74 -45.90 -5.20
CA LEU E 124 20.84 -44.85 -4.69
C LEU E 124 19.39 -45.20 -5.03
N ARG E 125 18.49 -45.09 -4.04
CA ARG E 125 17.06 -45.38 -4.22
C ARG E 125 16.33 -44.29 -5.01
N VAL E 126 15.32 -44.69 -5.81
CA VAL E 126 14.52 -43.78 -6.63
C VAL E 126 13.07 -44.28 -6.78
N GLY E 127 12.16 -43.35 -6.93
CA GLY E 127 10.75 -43.60 -7.17
C GLY E 127 10.30 -43.01 -8.49
N ALA E 128 9.14 -43.47 -9.00
CA ALA E 128 8.60 -42.96 -10.26
C ALA E 128 7.08 -42.92 -10.25
N ALA E 129 6.53 -41.82 -10.78
CA ALA E 129 5.09 -41.62 -10.85
C ALA E 129 4.49 -42.19 -12.14
N VAL E 130 3.32 -42.82 -12.00
CA VAL E 130 2.52 -43.37 -13.10
C VAL E 130 1.05 -42.90 -12.92
N GLY E 131 0.31 -42.85 -14.02
CA GLY E 131 -1.09 -42.48 -14.01
C GLY E 131 -1.98 -43.70 -13.99
N THR E 132 -3.13 -43.63 -14.67
CA THR E 132 -4.09 -44.73 -14.82
C THR E 132 -4.44 -44.93 -16.32
N GLY E 133 -3.84 -44.08 -17.18
CA GLY E 133 -4.00 -44.07 -18.63
C GLY E 133 -3.59 -45.35 -19.34
N ALA E 134 -3.74 -45.36 -20.67
CA ALA E 134 -3.45 -46.52 -21.52
C ALA E 134 -1.97 -46.95 -21.56
N ASP E 135 -1.02 -45.98 -21.45
CA ASP E 135 0.42 -46.27 -21.50
C ASP E 135 1.01 -46.75 -20.17
N THR E 136 0.20 -46.82 -19.09
CA THR E 136 0.61 -47.25 -17.75
C THR E 136 1.23 -48.66 -17.72
N PRO E 137 0.64 -49.74 -18.31
CA PRO E 137 1.33 -51.05 -18.28
C PRO E 137 2.72 -51.05 -18.90
N SER E 138 2.90 -50.34 -20.01
CA SER E 138 4.20 -50.19 -20.71
C SER E 138 5.16 -49.35 -19.87
N ARG E 139 4.63 -48.29 -19.22
CA ARG E 139 5.38 -47.37 -18.35
C ARG E 139 5.91 -48.13 -17.12
N VAL E 140 5.00 -48.83 -16.38
CA VAL E 140 5.32 -49.64 -15.19
C VAL E 140 6.37 -50.69 -15.49
N GLU E 141 6.19 -51.47 -16.59
CA GLU E 141 7.12 -52.52 -17.02
C GLU E 141 8.53 -51.97 -17.27
N ALA E 142 8.62 -50.85 -18.01
CA ALA E 142 9.89 -50.19 -18.34
C ALA E 142 10.61 -49.58 -17.11
N LEU E 143 9.85 -49.08 -16.12
CA LEU E 143 10.43 -48.50 -14.90
C LEU E 143 11.01 -49.57 -13.97
N VAL E 144 10.28 -50.70 -13.78
CA VAL E 144 10.71 -51.84 -12.96
C VAL E 144 11.99 -52.45 -13.58
N GLU E 145 12.00 -52.57 -14.92
CA GLU E 145 13.13 -53.09 -15.71
C GLU E 145 14.37 -52.19 -15.54
N ALA E 146 14.15 -50.85 -15.45
CA ALA E 146 15.19 -49.83 -15.25
C ALA E 146 15.74 -49.81 -13.81
N GLY E 147 15.10 -50.57 -12.92
CA GLY E 147 15.51 -50.73 -11.54
C GLY E 147 14.87 -49.84 -10.51
N VAL E 148 13.66 -49.29 -10.80
CA VAL E 148 12.93 -48.42 -9.88
C VAL E 148 12.58 -49.17 -8.57
N ASP E 149 12.73 -48.48 -7.42
CA ASP E 149 12.46 -49.05 -6.10
C ASP E 149 10.98 -48.99 -5.74
N VAL E 150 10.30 -47.92 -6.16
CA VAL E 150 8.88 -47.72 -5.84
C VAL E 150 8.10 -47.08 -7.01
N ILE E 151 6.89 -47.62 -7.25
CA ILE E 151 5.95 -47.12 -8.27
C ILE E 151 4.87 -46.30 -7.55
N VAL E 152 4.70 -45.04 -7.95
CA VAL E 152 3.69 -44.17 -7.35
C VAL E 152 2.51 -44.01 -8.31
N VAL E 153 1.41 -44.75 -8.05
CA VAL E 153 0.17 -44.65 -8.84
C VAL E 153 -0.53 -43.43 -8.25
N ASP E 154 -0.31 -42.27 -8.89
CA ASP E 154 -0.79 -40.98 -8.40
C ASP E 154 -1.68 -40.20 -9.38
N THR E 155 -2.89 -39.88 -8.93
CA THR E 155 -3.88 -39.03 -9.61
C THR E 155 -4.35 -37.98 -8.60
N ALA E 156 -5.29 -37.12 -9.01
CA ALA E 156 -5.89 -36.09 -8.15
C ALA E 156 -6.84 -36.73 -7.15
N HIS E 157 -7.42 -37.88 -7.49
CA HIS E 157 -8.40 -38.57 -6.65
C HIS E 157 -8.12 -40.08 -6.54
N GLY E 158 -7.33 -40.43 -5.53
CA GLY E 158 -6.90 -41.80 -5.26
C GLY E 158 -7.98 -42.74 -4.76
N HIS E 159 -9.13 -42.21 -4.31
CA HIS E 159 -10.27 -43.04 -3.85
C HIS E 159 -11.18 -43.31 -5.06
N SER E 160 -10.58 -43.86 -6.11
CA SER E 160 -11.27 -44.15 -7.35
C SER E 160 -10.95 -45.55 -7.79
N ALA E 161 -11.86 -46.18 -8.58
CA ALA E 161 -11.65 -47.53 -9.12
C ALA E 161 -10.37 -47.56 -9.96
N GLY E 162 -10.13 -46.47 -10.70
CA GLY E 162 -8.95 -46.28 -11.54
C GLY E 162 -7.63 -46.47 -10.83
N VAL E 163 -7.47 -45.84 -9.65
CA VAL E 163 -6.26 -45.92 -8.84
C VAL E 163 -6.21 -47.24 -8.05
N ILE E 164 -7.31 -47.61 -7.35
CA ILE E 164 -7.40 -48.84 -6.56
C ILE E 164 -7.05 -50.08 -7.39
N GLU E 165 -7.63 -50.21 -8.59
CA GLU E 165 -7.40 -51.36 -9.48
C GLU E 165 -6.02 -51.36 -10.13
N ARG E 166 -5.44 -50.17 -10.43
CA ARG E 166 -4.09 -50.05 -10.98
C ARG E 166 -3.03 -50.44 -9.96
N VAL E 167 -3.19 -50.06 -8.68
CA VAL E 167 -2.29 -50.44 -7.58
C VAL E 167 -2.37 -51.98 -7.42
N ARG E 168 -3.58 -52.54 -7.49
CA ARG E 168 -3.82 -53.99 -7.40
C ARG E 168 -3.18 -54.73 -8.57
N TRP E 169 -3.16 -54.10 -9.76
CA TRP E 169 -2.54 -54.63 -10.97
C TRP E 169 -1.02 -54.67 -10.81
N VAL E 170 -0.41 -53.54 -10.34
CA VAL E 170 1.04 -53.41 -10.11
C VAL E 170 1.54 -54.44 -9.06
N LYS E 171 0.82 -54.59 -7.94
CA LYS E 171 1.19 -55.54 -6.87
C LYS E 171 1.12 -57.00 -7.32
N GLN E 172 0.10 -57.35 -8.13
CA GLN E 172 -0.08 -58.72 -8.63
C GLN E 172 0.88 -59.09 -9.75
N ASN E 173 1.15 -58.16 -10.67
CA ASN E 173 2.02 -58.37 -11.83
C ASN E 173 3.51 -58.10 -11.55
N PHE E 174 3.81 -57.19 -10.61
CA PHE E 174 5.20 -56.85 -10.25
C PHE E 174 5.42 -56.90 -8.72
N PRO E 175 5.36 -58.09 -8.07
CA PRO E 175 5.56 -58.13 -6.61
C PRO E 175 6.96 -57.76 -6.11
N GLN E 176 7.96 -57.74 -7.01
CA GLN E 176 9.35 -57.38 -6.71
C GLN E 176 9.56 -55.87 -6.49
N VAL E 177 8.53 -55.04 -6.80
CA VAL E 177 8.58 -53.59 -6.63
C VAL E 177 7.55 -53.12 -5.58
N GLN E 178 7.87 -52.03 -4.87
CA GLN E 178 6.98 -51.42 -3.86
C GLN E 178 5.98 -50.48 -4.57
N VAL E 179 4.72 -50.44 -4.10
CA VAL E 179 3.69 -49.60 -4.72
C VAL E 179 3.03 -48.63 -3.73
N ILE E 180 2.86 -47.37 -4.17
CA ILE E 180 2.21 -46.31 -3.42
C ILE E 180 0.94 -45.87 -4.18
N GLY E 181 -0.13 -45.62 -3.43
CA GLY E 181 -1.39 -45.13 -3.98
C GLY E 181 -1.73 -43.76 -3.43
N GLY E 182 -2.28 -42.90 -4.28
CA GLY E 182 -2.69 -41.55 -3.91
C GLY E 182 -3.31 -40.72 -5.04
N ASN E 183 -3.80 -39.50 -4.76
CA ASN E 183 -3.82 -38.86 -3.43
C ASN E 183 -5.14 -39.10 -2.69
N ILE E 184 -5.05 -39.28 -1.37
CA ILE E 184 -6.21 -39.56 -0.52
C ILE E 184 -6.30 -38.58 0.67
N ALA E 185 -7.47 -38.54 1.35
CA ALA E 185 -7.68 -37.67 2.51
C ALA E 185 -8.63 -38.26 3.57
N THR E 186 -9.11 -39.50 3.38
CA THR E 186 -10.02 -40.15 4.35
C THR E 186 -9.52 -41.54 4.74
N GLY E 187 -10.00 -42.03 5.89
CA GLY E 187 -9.68 -43.36 6.40
C GLY E 187 -10.21 -44.48 5.52
N ASP E 188 -11.40 -44.27 4.92
CA ASP E 188 -12.07 -45.22 4.03
C ASP E 188 -11.27 -45.45 2.78
N ALA E 189 -10.64 -44.37 2.24
CA ALA E 189 -9.77 -44.38 1.06
C ALA E 189 -8.51 -45.18 1.33
N ALA E 190 -7.95 -45.03 2.57
CA ALA E 190 -6.75 -45.72 3.03
C ALA E 190 -6.96 -47.21 3.13
N LEU E 191 -8.13 -47.64 3.67
CA LEU E 191 -8.48 -49.06 3.81
C LEU E 191 -8.65 -49.69 2.44
N ALA E 192 -9.26 -48.95 1.49
CA ALA E 192 -9.48 -49.38 0.10
C ALA E 192 -8.14 -49.67 -0.59
N LEU E 193 -7.16 -48.74 -0.44
CA LEU E 193 -5.82 -48.92 -1.01
C LEU E 193 -5.00 -49.99 -0.28
N LEU E 194 -5.17 -50.12 1.06
CA LEU E 194 -4.53 -51.16 1.87
C LEU E 194 -4.99 -52.54 1.37
N ASP E 195 -6.32 -52.66 1.13
CA ASP E 195 -6.97 -53.89 0.64
C ASP E 195 -6.48 -54.31 -0.76
N ALA E 196 -6.19 -53.33 -1.65
CA ALA E 196 -5.68 -53.58 -3.00
C ALA E 196 -4.18 -53.96 -3.02
N GLY E 197 -3.48 -53.81 -1.89
CA GLY E 197 -2.09 -54.20 -1.73
C GLY E 197 -1.05 -53.09 -1.78
N ALA E 198 -1.45 -51.83 -1.49
CA ALA E 198 -0.51 -50.71 -1.48
C ALA E 198 0.44 -50.87 -0.28
N ASP E 199 1.73 -50.55 -0.49
CA ASP E 199 2.75 -50.65 0.56
C ASP E 199 2.83 -49.37 1.38
N ALA E 200 2.21 -48.29 0.86
CA ALA E 200 2.12 -46.96 1.47
C ALA E 200 1.05 -46.15 0.75
N VAL E 201 0.45 -45.17 1.46
CA VAL E 201 -0.55 -44.26 0.90
C VAL E 201 -0.06 -42.81 0.93
N LYS E 202 -0.48 -42.00 -0.03
CA LYS E 202 -0.08 -40.60 -0.09
C LYS E 202 -1.27 -39.70 0.24
N VAL E 203 -1.11 -38.87 1.30
CA VAL E 203 -2.17 -38.04 1.85
C VAL E 203 -2.02 -36.55 1.48
N GLY E 204 -3.07 -36.01 0.86
CA GLY E 204 -3.13 -34.61 0.43
C GLY E 204 -4.14 -34.33 -0.67
N ILE E 205 -5.32 -33.76 -0.28
CA ILE E 205 -6.40 -33.31 -1.17
C ILE E 205 -6.68 -31.83 -0.86
N GLY E 206 -6.11 -30.95 -1.67
CA GLY E 206 -6.25 -29.51 -1.54
C GLY E 206 -5.25 -28.71 -0.72
N PRO E 207 -4.15 -29.24 -0.10
CA PRO E 207 -3.28 -28.35 0.69
C PRO E 207 -2.10 -27.71 -0.06
N GLY E 208 -1.78 -28.17 -1.27
CA GLY E 208 -0.69 -27.66 -2.08
C GLY E 208 -0.64 -26.15 -2.23
N SER E 209 0.58 -25.58 -2.25
CA SER E 209 0.80 -24.14 -2.38
C SER E 209 0.30 -23.56 -3.70
N ILE E 210 0.47 -24.32 -4.79
CA ILE E 210 0.06 -23.97 -6.17
C ILE E 210 -1.34 -24.50 -6.53
N CYS E 211 -1.98 -25.22 -5.60
CA CYS E 211 -3.28 -25.88 -5.72
C CYS E 211 -4.46 -24.89 -5.69
N THR E 212 -5.45 -25.10 -6.61
CA THR E 212 -6.70 -24.31 -6.67
C THR E 212 -7.94 -25.25 -6.63
N THR E 213 -7.76 -26.52 -6.23
CA THR E 213 -8.80 -27.56 -6.11
C THR E 213 -9.98 -27.08 -5.25
N ARG E 214 -9.68 -26.44 -4.11
CA ARG E 214 -10.65 -25.90 -3.17
C ARG E 214 -11.57 -24.85 -3.81
N ILE E 215 -11.02 -23.95 -4.63
CA ILE E 215 -11.78 -22.89 -5.31
C ILE E 215 -12.55 -23.44 -6.53
N VAL E 216 -11.89 -24.30 -7.33
CA VAL E 216 -12.47 -24.85 -8.56
C VAL E 216 -13.53 -25.96 -8.28
N ALA E 217 -13.26 -26.86 -7.33
CA ALA E 217 -14.15 -27.98 -7.05
C ALA E 217 -14.86 -27.94 -5.70
N GLY E 218 -14.41 -27.08 -4.78
CA GLY E 218 -14.97 -26.97 -3.44
C GLY E 218 -14.69 -28.20 -2.60
N ILE E 219 -13.65 -28.95 -3.02
CA ILE E 219 -13.19 -30.21 -2.46
C ILE E 219 -11.89 -29.96 -1.70
N GLY E 220 -11.74 -30.65 -0.59
CA GLY E 220 -10.54 -30.54 0.22
C GLY E 220 -10.69 -31.10 1.62
N MET E 221 -9.56 -31.20 2.31
CA MET E 221 -9.46 -31.66 3.68
C MET E 221 -8.18 -31.09 4.28
N PRO E 222 -8.29 -30.15 5.25
CA PRO E 222 -7.08 -29.62 5.91
C PRO E 222 -6.14 -30.75 6.37
N GLN E 223 -4.86 -30.62 6.02
CA GLN E 223 -3.80 -31.63 6.17
C GLN E 223 -3.65 -32.32 7.55
N ILE E 224 -3.78 -31.62 8.69
CA ILE E 224 -3.63 -32.28 10.00
C ILE E 224 -4.76 -33.33 10.23
N SER E 225 -5.99 -33.01 9.82
CA SER E 225 -7.15 -33.90 9.95
C SER E 225 -7.12 -35.01 8.90
N ALA E 226 -6.54 -34.73 7.71
CA ALA E 226 -6.35 -35.68 6.62
C ALA E 226 -5.39 -36.81 7.06
N ILE E 227 -4.23 -36.43 7.64
CA ILE E 227 -3.20 -37.34 8.17
C ILE E 227 -3.79 -38.17 9.32
N ASP E 228 -4.48 -37.49 10.27
CA ASP E 228 -5.09 -38.15 11.43
C ASP E 228 -6.10 -39.23 11.02
N SER E 229 -7.01 -38.91 10.09
CA SER E 229 -8.07 -39.80 9.58
C SER E 229 -7.48 -41.05 8.92
N VAL E 230 -6.48 -40.86 8.04
CA VAL E 230 -5.78 -41.94 7.34
C VAL E 230 -5.02 -42.84 8.33
N ALA E 231 -4.15 -42.23 9.19
CA ALA E 231 -3.33 -42.93 10.20
C ALA E 231 -4.13 -43.77 11.20
N SER E 232 -5.30 -43.26 11.64
CA SER E 232 -6.17 -43.93 12.61
C SER E 232 -6.80 -45.19 12.04
N ALA E 233 -7.09 -45.18 10.73
CA ALA E 233 -7.71 -46.31 10.04
C ALA E 233 -6.69 -47.39 9.76
N LEU E 234 -5.47 -46.99 9.31
CA LEU E 234 -4.39 -47.90 8.96
C LEU E 234 -3.86 -48.72 10.12
N LYS E 235 -3.78 -48.14 11.34
CA LYS E 235 -3.28 -48.77 12.56
C LYS E 235 -1.82 -49.30 12.37
N ASP E 236 -0.98 -48.45 11.72
CA ASP E 236 0.44 -48.66 11.40
C ASP E 236 0.72 -49.89 10.51
N GLN E 237 -0.28 -50.40 9.79
CA GLN E 237 -0.13 -51.56 8.88
C GLN E 237 0.75 -51.19 7.69
N ILE E 238 0.57 -49.98 7.16
CA ILE E 238 1.37 -49.37 6.08
C ILE E 238 1.63 -47.89 6.41
N PRO E 239 2.81 -47.30 6.06
CA PRO E 239 3.02 -45.87 6.38
C PRO E 239 2.25 -44.94 5.44
N LEU E 240 2.23 -43.62 5.78
CA LEU E 240 1.61 -42.59 4.93
C LEU E 240 2.58 -41.42 4.63
N ILE E 241 2.51 -40.85 3.40
CA ILE E 241 3.35 -39.69 2.99
C ILE E 241 2.53 -38.38 3.08
N ALA E 242 2.90 -37.46 3.99
CA ALA E 242 2.20 -36.17 4.10
C ALA E 242 2.61 -35.28 2.92
N ASP E 243 1.74 -35.24 1.91
CA ASP E 243 1.97 -34.52 0.68
C ASP E 243 1.21 -33.21 0.55
N GLY E 244 1.96 -32.12 0.39
CA GLY E 244 1.43 -30.77 0.19
C GLY E 244 1.24 -29.91 1.42
N GLY E 245 1.38 -28.60 1.22
CA GLY E 245 1.15 -27.59 2.25
C GLY E 245 2.21 -27.34 3.29
N ILE E 246 3.43 -27.88 3.08
CA ILE E 246 4.57 -27.70 4.00
C ILE E 246 5.29 -26.43 3.58
N ARG E 247 5.35 -25.44 4.50
CA ARG E 247 5.98 -24.14 4.28
C ARG E 247 7.23 -24.01 5.15
N PHE E 248 7.18 -24.58 6.36
CA PHE E 248 8.28 -24.50 7.34
C PHE E 248 8.57 -25.85 7.99
N SER E 249 9.72 -25.94 8.68
CA SER E 249 10.18 -27.14 9.39
C SER E 249 9.23 -27.57 10.53
N GLY E 250 8.42 -26.62 11.02
CA GLY E 250 7.44 -26.84 12.06
C GLY E 250 6.26 -27.67 11.58
N ASP E 251 5.85 -27.46 10.30
CA ASP E 251 4.75 -28.18 9.64
C ASP E 251 5.05 -29.67 9.55
N MET E 252 6.34 -30.00 9.30
CA MET E 252 6.87 -31.36 9.20
C MET E 252 6.75 -32.12 10.51
N ALA E 253 7.04 -31.45 11.62
CA ALA E 253 6.95 -31.99 12.98
C ALA E 253 5.49 -32.25 13.34
N LYS E 254 4.60 -31.30 12.97
CA LYS E 254 3.14 -31.40 13.17
C LYS E 254 2.60 -32.56 12.34
N ALA E 255 3.04 -32.68 11.06
CA ALA E 255 2.63 -33.79 10.17
C ALA E 255 3.01 -35.16 10.75
N ILE E 256 4.28 -35.34 11.19
CA ILE E 256 4.78 -36.59 11.79
C ILE E 256 4.03 -36.90 13.11
N GLY E 257 3.83 -35.89 13.94
CA GLY E 257 3.09 -35.98 15.19
C GLY E 257 1.64 -36.39 14.99
N ALA E 258 1.04 -35.94 13.87
CA ALA E 258 -0.34 -36.27 13.47
C ALA E 258 -0.46 -37.71 12.96
N GLY E 259 0.65 -38.30 12.50
CA GLY E 259 0.66 -39.68 12.02
C GLY E 259 1.47 -40.02 10.80
N ALA E 260 2.07 -39.01 10.12
CA ALA E 260 2.87 -39.21 8.92
C ALA E 260 4.19 -39.91 9.19
N SER E 261 4.67 -40.75 8.24
CA SER E 261 5.96 -41.42 8.35
C SER E 261 6.99 -40.64 7.53
N THR E 262 6.57 -40.05 6.40
CA THR E 262 7.39 -39.21 5.53
C THR E 262 6.59 -37.96 5.13
N ILE E 263 7.27 -36.97 4.50
CA ILE E 263 6.72 -35.71 4.04
C ILE E 263 7.13 -35.41 2.60
N MET E 264 6.14 -35.18 1.73
CA MET E 264 6.41 -34.80 0.35
C MET E 264 6.32 -33.28 0.24
N VAL E 265 7.32 -32.69 -0.44
CA VAL E 265 7.46 -31.24 -0.65
C VAL E 265 7.76 -30.91 -2.11
N GLY E 266 7.15 -29.84 -2.59
CA GLY E 266 7.32 -29.32 -3.94
C GLY E 266 7.91 -27.92 -3.90
N SER E 267 7.16 -26.97 -3.28
CA SER E 267 7.50 -25.56 -3.13
C SER E 267 8.88 -25.33 -2.52
N LEU E 268 9.20 -26.02 -1.42
CA LEU E 268 10.48 -25.89 -0.71
C LEU E 268 11.69 -26.34 -1.53
N LEU E 269 11.52 -27.36 -2.40
CA LEU E 269 12.61 -27.86 -3.23
C LEU E 269 12.66 -27.20 -4.60
N ALA E 270 11.59 -26.46 -4.97
CA ALA E 270 11.54 -25.70 -6.22
C ALA E 270 12.42 -24.47 -6.05
N GLY E 271 13.07 -24.03 -7.12
CA GLY E 271 13.98 -22.89 -7.05
C GLY E 271 15.42 -23.27 -6.74
N THR E 272 15.64 -24.51 -6.25
CA THR E 272 16.97 -25.03 -5.94
C THR E 272 17.70 -25.38 -7.23
N GLU E 273 19.04 -25.42 -7.19
CA GLU E 273 19.94 -25.73 -8.31
C GLU E 273 19.59 -27.05 -9.02
N GLU E 274 19.32 -28.11 -8.21
CA GLU E 274 19.01 -29.48 -8.62
C GLU E 274 17.67 -29.66 -9.31
N ALA E 275 16.69 -28.77 -9.02
CA ALA E 275 15.34 -28.82 -9.59
C ALA E 275 15.36 -28.54 -11.11
N PRO E 276 14.46 -29.14 -11.92
CA PRO E 276 14.46 -28.86 -13.37
C PRO E 276 14.18 -27.39 -13.69
N GLY E 277 14.71 -26.93 -14.81
CA GLY E 277 14.52 -25.57 -15.26
C GLY E 277 15.76 -24.72 -15.10
N GLU E 278 15.94 -23.77 -16.02
CA GLU E 278 17.06 -22.84 -16.03
C GLU E 278 16.69 -21.60 -15.20
N VAL E 279 17.69 -20.95 -14.60
CA VAL E 279 17.50 -19.73 -13.79
C VAL E 279 17.12 -18.54 -14.69
N GLU E 280 16.11 -17.78 -14.28
CA GLU E 280 15.62 -16.62 -15.01
C GLU E 280 15.91 -15.32 -14.23
N PHE E 281 16.40 -14.31 -14.94
CA PHE E 281 16.76 -13.01 -14.39
C PHE E 281 15.63 -12.00 -14.58
N PHE E 282 14.74 -11.90 -13.59
CA PHE E 282 13.59 -10.98 -13.62
C PHE E 282 13.69 -9.88 -12.56
N GLN E 283 13.77 -8.61 -13.02
CA GLN E 283 13.84 -7.38 -12.22
C GLN E 283 15.01 -7.39 -11.21
N GLY E 284 16.20 -7.75 -11.70
CA GLY E 284 17.42 -7.80 -10.90
C GLY E 284 17.64 -9.06 -10.10
N ARG E 285 16.56 -9.80 -9.78
CA ARG E 285 16.59 -11.04 -8.99
C ARG E 285 16.63 -12.33 -9.85
N TYR E 286 16.95 -13.47 -9.22
CA TYR E 286 17.00 -14.77 -9.87
C TYR E 286 15.87 -15.68 -9.41
N TYR E 287 15.15 -16.27 -10.36
CA TYR E 287 14.01 -17.15 -10.11
C TYR E 287 14.06 -18.43 -10.95
N LYS E 288 13.25 -19.40 -10.56
CA LYS E 288 13.03 -20.65 -11.28
C LYS E 288 11.52 -20.84 -11.34
N ALA E 289 11.02 -21.48 -12.41
CA ALA E 289 9.60 -21.75 -12.56
C ALA E 289 9.10 -22.77 -11.55
N TYR E 290 7.86 -22.60 -11.09
CA TYR E 290 7.17 -23.52 -10.23
C TYR E 290 5.69 -23.52 -10.61
N ARG E 291 5.18 -24.69 -11.03
CA ARG E 291 3.80 -24.82 -11.49
C ARG E 291 3.14 -26.09 -11.02
N GLY E 292 1.82 -26.05 -10.87
CA GLY E 292 1.03 -27.21 -10.51
C GLY E 292 0.95 -28.17 -11.68
N MET E 293 0.79 -29.47 -11.42
CA MET E 293 0.67 -30.47 -12.48
C MET E 293 -0.71 -30.43 -13.15
N GLY E 294 -1.64 -29.71 -12.52
CA GLY E 294 -2.99 -29.47 -13.01
C GLY E 294 -3.18 -28.06 -13.55
N SER E 295 -2.08 -27.37 -13.87
CA SER E 295 -2.12 -26.03 -14.45
C SER E 295 -2.27 -26.11 -15.96
N LEU E 296 -2.70 -25.02 -16.61
CA LEU E 296 -2.86 -24.93 -18.06
C LEU E 296 -1.58 -25.31 -18.83
N GLY E 297 -0.43 -24.81 -18.36
CA GLY E 297 0.87 -25.07 -18.94
C GLY E 297 1.36 -26.50 -18.80
N ALA E 298 1.07 -27.15 -17.65
CA ALA E 298 1.47 -28.54 -17.35
C ALA E 298 0.62 -29.56 -18.11
N MET E 299 -0.65 -29.21 -18.42
CA MET E 299 -1.58 -30.09 -19.14
C MET E 299 -1.37 -30.00 -20.65
N ALA E 300 -0.92 -28.82 -21.16
CA ALA E 300 -0.64 -28.57 -22.57
C ALA E 300 0.83 -28.82 -22.88
N LEU E 320 -10.41 -31.31 -18.76
CA LEU E 320 -10.56 -30.82 -17.38
C LEU E 320 -10.12 -29.38 -17.24
N VAL E 321 -10.84 -28.62 -16.40
CA VAL E 321 -10.52 -27.23 -16.09
C VAL E 321 -9.28 -27.23 -15.15
N PRO E 322 -8.30 -26.29 -15.33
CA PRO E 322 -7.13 -26.28 -14.43
C PRO E 322 -7.45 -26.25 -12.93
N GLU E 323 -6.58 -26.90 -12.13
CA GLU E 323 -6.68 -26.96 -10.67
C GLU E 323 -5.36 -26.54 -10.00
N GLY E 324 -4.53 -25.80 -10.73
CA GLY E 324 -3.24 -25.32 -10.25
C GLY E 324 -2.77 -24.07 -10.98
N ILE E 325 -1.82 -23.36 -10.36
CA ILE E 325 -1.27 -22.12 -10.92
C ILE E 325 0.18 -22.28 -11.42
N GLU E 326 0.63 -21.33 -12.25
CA GLU E 326 1.97 -21.28 -12.82
C GLU E 326 2.65 -20.03 -12.28
N GLY E 327 3.81 -20.20 -11.67
CA GLY E 327 4.57 -19.09 -11.09
C GLY E 327 6.06 -19.25 -11.07
N ARG E 328 6.73 -18.34 -10.37
CA ARG E 328 8.17 -18.30 -10.21
C ARG E 328 8.51 -18.24 -8.73
N VAL E 329 9.47 -19.07 -8.32
CA VAL E 329 9.99 -19.13 -6.95
C VAL E 329 11.43 -18.56 -6.97
N PRO E 330 11.90 -17.87 -5.90
CA PRO E 330 13.27 -17.32 -5.94
C PRO E 330 14.34 -18.41 -5.92
N TYR E 331 15.53 -18.13 -6.54
CA TYR E 331 16.66 -19.06 -6.59
C TYR E 331 17.20 -19.33 -5.19
N LYS E 332 17.13 -20.61 -4.76
CA LYS E 332 17.54 -21.05 -3.42
C LYS E 332 18.95 -21.67 -3.32
N GLY E 333 19.61 -21.84 -4.47
CA GLY E 333 20.94 -22.44 -4.54
C GLY E 333 20.91 -23.94 -4.32
N PRO E 334 22.04 -24.59 -3.91
CA PRO E 334 22.01 -26.06 -3.73
C PRO E 334 20.93 -26.53 -2.75
N MET E 335 20.20 -27.58 -3.12
CA MET E 335 19.10 -28.13 -2.31
C MET E 335 19.53 -28.57 -0.91
N GLY E 336 20.81 -28.94 -0.75
CA GLY E 336 21.40 -29.41 0.49
C GLY E 336 21.19 -28.49 1.68
N ASN E 337 21.34 -27.15 1.44
CA ASN E 337 21.18 -26.08 2.43
C ASN E 337 19.77 -26.08 3.04
N ILE E 338 18.75 -26.07 2.18
CA ILE E 338 17.32 -26.08 2.50
C ILE E 338 16.99 -27.35 3.31
N VAL E 339 17.42 -28.54 2.84
CA VAL E 339 17.22 -29.85 3.49
C VAL E 339 17.79 -29.86 4.93
N HIS E 340 19.00 -29.29 5.11
N HIS E 340 19.01 -29.29 5.12
CA HIS E 340 19.67 -29.20 6.41
CA HIS E 340 19.69 -29.18 6.41
C HIS E 340 18.93 -28.28 7.38
C HIS E 340 18.91 -28.29 7.37
N GLN E 341 18.38 -27.15 6.88
CA GLN E 341 17.57 -26.20 7.66
C GLN E 341 16.26 -26.88 8.14
N MET E 342 15.61 -27.66 7.27
CA MET E 342 14.36 -28.40 7.57
C MET E 342 14.58 -29.55 8.56
N MET E 343 15.66 -30.33 8.37
CA MET E 343 16.01 -31.43 9.26
C MET E 343 16.52 -30.92 10.60
N GLY E 344 17.11 -29.71 10.60
CA GLY E 344 17.56 -29.03 11.80
C GLY E 344 16.41 -28.64 12.70
N GLY E 345 15.37 -28.05 12.10
CA GLY E 345 14.14 -27.64 12.77
C GLY E 345 13.35 -28.81 13.33
N LEU E 346 13.34 -29.93 12.59
CA LEU E 346 12.68 -31.16 13.00
C LEU E 346 13.44 -31.79 14.17
N ARG E 347 14.78 -31.68 14.18
CA ARG E 347 15.63 -32.20 15.26
C ARG E 347 15.30 -31.48 16.55
N SER E 348 15.19 -30.13 16.50
CA SER E 348 14.82 -29.31 17.67
C SER E 348 13.47 -29.71 18.24
N SER E 349 12.48 -29.98 17.36
N SER E 349 12.47 -29.99 17.35
CA SER E 349 11.12 -30.39 17.71
CA SER E 349 11.11 -30.41 17.69
C SER E 349 11.11 -31.72 18.46
C SER E 349 11.12 -31.72 18.48
N MET E 350 11.93 -32.69 18.01
CA MET E 350 12.07 -34.02 18.62
C MET E 350 12.77 -33.90 19.96
N GLY E 351 13.67 -32.93 20.07
CA GLY E 351 14.32 -32.59 21.32
C GLY E 351 13.32 -32.01 22.31
N TYR E 352 12.37 -31.17 21.83
CA TYR E 352 11.33 -30.55 22.67
C TYR E 352 10.28 -31.56 23.15
N THR E 353 9.95 -32.55 22.31
CA THR E 353 8.95 -33.58 22.62
C THR E 353 9.53 -34.77 23.41
N GLY E 354 10.84 -34.91 23.40
CA GLY E 354 11.55 -36.02 24.04
C GLY E 354 11.50 -37.25 23.16
N SER E 355 11.58 -37.03 21.84
CA SER E 355 11.52 -38.07 20.82
C SER E 355 12.91 -38.45 20.31
N ALA E 356 13.39 -39.62 20.71
CA ALA E 356 14.71 -40.09 20.29
C ALA E 356 14.67 -40.62 18.84
N VAL E 357 13.54 -41.23 18.47
CA VAL E 357 13.27 -41.83 17.15
C VAL E 357 11.97 -41.26 16.57
N ILE E 358 11.79 -41.31 15.23
CA ILE E 358 10.61 -40.81 14.52
C ILE E 358 9.32 -41.41 15.12
N GLU E 359 9.34 -42.73 15.40
CA GLU E 359 8.21 -43.45 15.98
C GLU E 359 7.78 -42.90 17.37
N ASP E 360 8.72 -42.30 18.14
CA ASP E 360 8.41 -41.68 19.43
C ASP E 360 7.52 -40.44 19.22
N LEU E 361 7.85 -39.60 18.21
CA LEU E 361 7.05 -38.41 17.86
C LEU E 361 5.67 -38.83 17.33
N ARG E 362 5.65 -39.84 16.45
CA ARG E 362 4.42 -40.38 15.85
C ARG E 362 3.40 -40.91 16.87
N GLN E 363 3.88 -41.57 17.94
CA GLN E 363 3.03 -42.19 18.96
C GLN E 363 2.79 -41.36 20.24
N ASN E 364 3.72 -40.47 20.61
CA ASN E 364 3.63 -39.73 21.86
C ASN E 364 3.28 -38.25 21.77
N ALA E 365 3.27 -37.65 20.55
CA ALA E 365 2.95 -36.23 20.37
C ALA E 365 1.58 -35.83 20.90
N LYS E 366 1.55 -34.72 21.65
CA LYS E 366 0.36 -34.11 22.23
C LYS E 366 0.27 -32.70 21.64
N PHE E 367 -0.93 -32.34 21.19
CA PHE E 367 -1.22 -31.05 20.56
C PHE E 367 -2.24 -30.22 21.35
N VAL E 368 -2.26 -28.92 21.06
CA VAL E 368 -3.26 -27.96 21.54
C VAL E 368 -3.85 -27.28 20.31
N LYS E 369 -5.17 -27.01 20.32
CA LYS E 369 -5.83 -26.30 19.22
C LYS E 369 -5.68 -24.80 19.51
N ILE E 370 -5.29 -24.01 18.50
CA ILE E 370 -5.13 -22.57 18.69
C ILE E 370 -6.16 -21.79 17.86
N THR E 371 -6.52 -20.57 18.31
CA THR E 371 -7.48 -19.71 17.62
C THR E 371 -6.77 -18.88 16.53
N SER E 372 -7.52 -17.98 15.86
CA SER E 372 -7.02 -17.05 14.85
C SER E 372 -6.07 -16.00 15.48
N ALA E 373 -6.17 -15.78 16.81
CA ALA E 373 -5.33 -14.85 17.56
C ALA E 373 -3.97 -15.46 17.89
N GLY E 374 -3.96 -16.76 18.21
CA GLY E 374 -2.75 -17.52 18.55
C GLY E 374 -1.79 -17.72 17.40
N SER F 16 -29.57 -16.62 30.49
CA SER F 16 -29.53 -15.87 29.25
C SER F 16 -30.87 -15.88 28.54
N MET F 17 -31.24 -14.75 27.89
CA MET F 17 -32.50 -14.59 27.15
C MET F 17 -32.27 -14.51 25.62
N LEU F 18 -31.02 -14.22 25.19
CA LEU F 18 -30.62 -14.12 23.77
C LEU F 18 -30.83 -15.46 23.08
N THR F 19 -31.58 -15.46 21.96
CA THR F 19 -31.87 -16.68 21.21
C THR F 19 -30.94 -16.82 20.00
N ILE F 20 -29.96 -17.73 20.14
CA ILE F 20 -29.02 -18.09 19.08
C ILE F 20 -29.52 -19.44 18.58
N VAL F 21 -30.12 -19.44 17.38
CA VAL F 21 -30.72 -20.61 16.74
C VAL F 21 -29.63 -21.64 16.38
N GLN F 22 -28.51 -21.15 15.80
CA GLN F 22 -27.38 -21.98 15.38
C GLN F 22 -26.16 -21.12 15.05
N GLU F 23 -25.02 -21.78 14.79
CA GLU F 23 -23.83 -21.10 14.28
C GLU F 23 -23.96 -21.31 12.77
N ALA F 24 -24.37 -20.26 12.06
CA ALA F 24 -24.60 -20.35 10.63
C ALA F 24 -23.32 -20.31 9.81
N LEU F 25 -23.27 -21.17 8.78
CA LEU F 25 -22.12 -21.38 7.90
C LEU F 25 -22.31 -20.83 6.50
N THR F 26 -21.23 -20.27 5.92
CA THR F 26 -21.18 -19.75 4.55
C THR F 26 -20.31 -20.72 3.70
N PHE F 27 -20.15 -20.42 2.39
CA PHE F 27 -19.37 -21.23 1.45
C PHE F 27 -17.94 -21.47 1.93
N ASP F 28 -17.24 -20.41 2.36
CA ASP F 28 -15.84 -20.47 2.86
C ASP F 28 -15.66 -21.21 4.21
N ASP F 29 -16.75 -21.56 4.89
CA ASP F 29 -16.70 -22.28 6.16
C ASP F 29 -16.61 -23.78 6.00
N VAL F 30 -16.93 -24.29 4.79
CA VAL F 30 -16.99 -25.73 4.51
C VAL F 30 -16.21 -26.14 3.26
N LEU F 31 -15.88 -27.43 3.20
CA LEU F 31 -15.24 -28.10 2.07
C LEU F 31 -15.90 -29.46 1.92
N LEU F 32 -16.15 -29.85 0.67
CA LEU F 32 -16.72 -31.15 0.35
C LEU F 32 -15.62 -32.19 0.46
N LEU F 33 -15.97 -33.37 0.95
CA LEU F 33 -15.02 -34.46 1.07
C LEU F 33 -15.02 -35.35 -0.16
N PRO F 34 -13.85 -35.80 -0.66
CA PRO F 34 -13.86 -36.73 -1.79
C PRO F 34 -14.30 -38.12 -1.31
N ALA F 35 -15.03 -38.85 -2.16
CA ALA F 35 -15.54 -40.19 -1.82
C ALA F 35 -15.25 -41.16 -2.99
N TYR F 36 -15.51 -42.48 -2.79
CA TYR F 36 -15.29 -43.49 -3.84
C TYR F 36 -16.01 -43.11 -5.12
N SER F 37 -15.26 -43.09 -6.23
CA SER F 37 -15.77 -42.68 -7.54
C SER F 37 -15.38 -43.60 -8.71
N THR F 38 -16.34 -43.86 -9.59
CA THR F 38 -16.20 -44.67 -10.80
C THR F 38 -16.63 -43.88 -12.05
N VAL F 39 -17.14 -42.65 -11.86
N VAL F 39 -17.18 -42.65 -11.88
CA VAL F 39 -17.61 -41.80 -12.96
CA VAL F 39 -17.67 -41.85 -13.02
C VAL F 39 -16.70 -40.60 -13.17
C VAL F 39 -16.80 -40.59 -13.19
N LEU F 40 -16.30 -40.42 -14.41
CA LEU F 40 -15.42 -39.35 -14.84
C LEU F 40 -16.19 -38.04 -15.00
N PRO F 41 -15.56 -36.88 -14.67
CA PRO F 41 -16.26 -35.58 -14.82
C PRO F 41 -16.96 -35.35 -16.17
N LYS F 42 -16.38 -35.81 -17.30
CA LYS F 42 -16.98 -35.65 -18.62
C LYS F 42 -18.26 -36.49 -18.82
N ASP F 43 -18.48 -37.52 -17.98
CA ASP F 43 -19.61 -38.44 -18.04
C ASP F 43 -20.79 -38.10 -17.10
N VAL F 44 -20.64 -37.13 -16.19
CA VAL F 44 -21.68 -36.76 -15.22
C VAL F 44 -22.85 -36.02 -15.87
N SER F 45 -24.05 -36.16 -15.28
CA SER F 45 -25.28 -35.51 -15.73
C SER F 45 -25.53 -34.25 -14.88
N LEU F 46 -25.56 -33.08 -15.54
CA LEU F 46 -25.83 -31.79 -14.89
C LEU F 46 -27.33 -31.42 -14.91
N LYS F 47 -28.17 -32.33 -15.44
CA LYS F 47 -29.61 -32.17 -15.50
C LYS F 47 -30.20 -32.08 -14.08
N THR F 48 -31.14 -31.15 -13.87
CA THR F 48 -31.77 -30.89 -12.57
C THR F 48 -33.15 -30.24 -12.74
N ARG F 49 -33.88 -29.99 -11.63
CA ARG F 49 -35.19 -29.35 -11.73
C ARG F 49 -35.21 -27.94 -11.14
N LEU F 50 -35.76 -26.99 -11.92
CA LEU F 50 -35.92 -25.58 -11.53
C LEU F 50 -37.15 -25.47 -10.61
N THR F 51 -38.26 -26.14 -10.98
CA THR F 51 -39.51 -26.20 -10.21
C THR F 51 -39.94 -27.68 -10.18
N ARG F 52 -41.15 -27.99 -9.70
CA ARG F 52 -41.58 -29.39 -9.72
C ARG F 52 -42.01 -29.83 -11.13
N GLY F 53 -42.23 -28.86 -12.02
CA GLY F 53 -42.65 -29.08 -13.40
C GLY F 53 -41.62 -28.73 -14.47
N ILE F 54 -40.59 -27.92 -14.13
CA ILE F 54 -39.55 -27.52 -15.09
C ILE F 54 -38.18 -28.12 -14.75
N TYR F 55 -37.54 -28.75 -15.76
CA TYR F 55 -36.20 -29.31 -15.63
C TYR F 55 -35.24 -28.52 -16.50
N LEU F 56 -34.01 -28.30 -15.99
CA LEU F 56 -32.94 -27.60 -16.71
C LEU F 56 -31.83 -28.62 -17.03
N ASN F 57 -31.00 -28.35 -18.05
CA ASN F 57 -29.91 -29.24 -18.42
C ASN F 57 -28.61 -28.95 -17.66
N ILE F 58 -28.54 -27.77 -17.04
CA ILE F 58 -27.41 -27.31 -16.19
C ILE F 58 -28.04 -26.65 -14.95
N PRO F 59 -27.44 -26.74 -13.72
CA PRO F 59 -28.06 -26.07 -12.56
C PRO F 59 -27.70 -24.58 -12.45
N LEU F 60 -27.93 -23.81 -13.54
CA LEU F 60 -27.61 -22.37 -13.58
C LEU F 60 -28.81 -21.50 -14.00
N VAL F 61 -29.04 -20.42 -13.20
CA VAL F 61 -30.12 -19.44 -13.38
C VAL F 61 -29.52 -18.03 -13.33
N SER F 62 -29.83 -17.17 -14.31
CA SER F 62 -29.34 -15.79 -14.31
C SER F 62 -30.29 -14.88 -13.50
N ALA F 63 -29.72 -14.00 -12.65
CA ALA F 63 -30.47 -13.12 -11.74
C ALA F 63 -31.37 -12.08 -12.41
N ALA F 64 -32.57 -11.85 -11.83
CA ALA F 64 -33.58 -10.88 -12.28
C ALA F 64 -33.11 -9.45 -11.98
N MET F 65 -32.08 -8.98 -12.71
CA MET F 65 -31.45 -7.69 -12.50
C MET F 65 -31.27 -6.93 -13.81
N ASP F 66 -31.46 -5.60 -13.77
CA ASP F 66 -31.38 -4.72 -14.94
C ASP F 66 -29.99 -4.61 -15.59
N THR F 67 -28.97 -5.23 -14.98
CA THR F 67 -27.58 -5.27 -15.49
C THR F 67 -27.13 -6.73 -15.75
N VAL F 68 -28.07 -7.69 -15.60
CA VAL F 68 -27.80 -9.13 -15.80
C VAL F 68 -28.71 -9.76 -16.87
N THR F 69 -30.06 -9.83 -16.65
CA THR F 69 -30.99 -10.54 -17.54
C THR F 69 -32.09 -9.72 -18.24
N GLU F 70 -31.95 -9.63 -19.55
CA GLU F 70 -32.92 -9.11 -20.50
C GLU F 70 -33.08 -10.23 -21.52
N SER F 71 -33.77 -10.03 -22.65
CA SER F 71 -34.01 -11.11 -23.63
C SER F 71 -32.72 -11.82 -24.13
N ARG F 72 -31.64 -11.04 -24.43
CA ARG F 72 -30.33 -11.56 -24.90
C ARG F 72 -29.70 -12.56 -23.94
N MET F 73 -29.65 -12.22 -22.65
CA MET F 73 -29.12 -13.11 -21.60
C MET F 73 -30.02 -14.36 -21.44
N ALA F 74 -31.34 -14.17 -21.43
CA ALA F 74 -32.33 -15.26 -21.29
C ALA F 74 -32.22 -16.25 -22.47
N ILE F 75 -31.99 -15.75 -23.73
CA ILE F 75 -31.84 -16.58 -24.94
C ILE F 75 -30.59 -17.47 -24.76
N ALA F 76 -29.45 -16.84 -24.38
CA ALA F 76 -28.16 -17.49 -24.13
C ALA F 76 -28.22 -18.50 -22.96
N MET F 77 -28.91 -18.15 -21.85
CA MET F 77 -29.07 -19.01 -20.68
C MET F 77 -29.72 -20.35 -21.05
N ALA F 78 -30.87 -20.29 -21.76
CA ALA F 78 -31.68 -21.40 -22.27
C ALA F 78 -30.91 -22.27 -23.27
N GLN F 79 -30.19 -21.64 -24.21
CA GLN F 79 -29.35 -22.27 -25.23
C GLN F 79 -28.25 -23.14 -24.63
N ASN F 80 -27.72 -22.76 -23.42
CA ASN F 80 -26.70 -23.54 -22.70
C ASN F 80 -27.35 -24.52 -21.70
N GLY F 81 -28.68 -24.51 -21.62
CA GLY F 81 -29.42 -25.45 -20.79
C GLY F 81 -30.00 -24.91 -19.51
N GLY F 82 -29.72 -23.65 -19.21
CA GLY F 82 -30.21 -22.96 -18.02
C GLY F 82 -31.50 -22.23 -18.29
N ILE F 83 -31.72 -21.13 -17.55
CA ILE F 83 -32.90 -20.29 -17.68
C ILE F 83 -32.57 -18.89 -17.21
N GLY F 84 -33.22 -17.91 -17.81
CA GLY F 84 -33.05 -16.50 -17.46
C GLY F 84 -34.30 -15.92 -16.85
N ILE F 85 -34.14 -15.16 -15.76
CA ILE F 85 -35.25 -14.51 -15.08
C ILE F 85 -35.24 -13.05 -15.47
N LEU F 86 -36.22 -12.62 -16.30
CA LEU F 86 -36.34 -11.24 -16.77
C LEU F 86 -36.70 -10.28 -15.63
N HIS F 87 -35.96 -9.15 -15.50
CA HIS F 87 -36.16 -8.17 -14.43
C HIS F 87 -37.48 -7.39 -14.55
N LYS F 88 -37.98 -6.86 -13.43
CA LYS F 88 -39.22 -6.09 -13.37
C LYS F 88 -39.04 -4.56 -13.43
N ASN F 89 -37.80 -4.08 -13.60
CA ASN F 89 -37.49 -2.65 -13.69
C ASN F 89 -37.74 -2.10 -15.10
N MET F 90 -38.91 -2.48 -15.65
CA MET F 90 -39.45 -2.10 -16.95
C MET F 90 -40.97 -2.24 -16.93
N ASP F 91 -41.67 -1.48 -17.78
CA ASP F 91 -43.14 -1.52 -17.87
C ASP F 91 -43.65 -2.87 -18.37
N ILE F 92 -44.91 -3.20 -18.05
CA ILE F 92 -45.61 -4.47 -18.39
C ILE F 92 -45.46 -4.83 -19.89
N ALA F 93 -45.62 -3.84 -20.78
CA ALA F 93 -45.50 -4.02 -22.23
C ALA F 93 -44.10 -4.41 -22.68
N ALA F 94 -43.06 -3.78 -22.10
CA ALA F 94 -41.67 -4.09 -22.44
C ALA F 94 -41.29 -5.49 -21.91
N GLN F 95 -41.71 -5.86 -20.67
CA GLN F 95 -41.42 -7.16 -20.08
C GLN F 95 -42.07 -8.31 -20.83
N ALA F 96 -43.33 -8.13 -21.28
CA ALA F 96 -44.05 -9.13 -22.07
C ALA F 96 -43.40 -9.29 -23.46
N ALA F 97 -42.84 -8.18 -24.03
CA ALA F 97 -42.13 -8.16 -25.32
C ALA F 97 -40.80 -8.90 -25.21
N GLU F 98 -40.18 -8.88 -24.01
CA GLU F 98 -38.92 -9.59 -23.74
C GLU F 98 -39.21 -11.09 -23.65
N VAL F 99 -40.37 -11.48 -23.05
CA VAL F 99 -40.81 -12.90 -22.96
C VAL F 99 -41.00 -13.44 -24.38
N ARG F 100 -41.72 -12.67 -25.24
CA ARG F 100 -42.00 -13.03 -26.63
C ARG F 100 -40.71 -13.21 -27.45
N ARG F 101 -39.70 -12.34 -27.22
CA ARG F 101 -38.38 -12.39 -27.88
C ARG F 101 -37.64 -13.71 -27.66
N VAL F 102 -37.76 -14.27 -26.43
CA VAL F 102 -37.14 -15.54 -26.05
C VAL F 102 -37.96 -16.69 -26.63
N LYS F 103 -39.30 -16.64 -26.51
CA LYS F 103 -40.22 -17.68 -27.01
C LYS F 103 -40.26 -17.81 -28.53
N LYS F 104 -40.08 -16.70 -29.26
CA LYS F 104 -40.12 -16.66 -30.73
C LYS F 104 -38.73 -16.79 -31.37
N PHE F 105 -37.65 -16.94 -30.55
CA PHE F 105 -36.29 -17.10 -31.06
C PHE F 105 -36.09 -18.44 -31.75
N GLU F 106 -35.52 -18.40 -32.98
CA GLU F 106 -35.22 -19.60 -33.76
C GLU F 106 -33.74 -19.58 -34.19
N ALA F 107 -33.04 -20.70 -34.01
CA ALA F 107 -31.62 -20.84 -34.36
C ALA F 107 -31.43 -21.03 -35.87
N GLY F 108 -30.49 -20.27 -36.44
CA GLY F 108 -30.16 -20.30 -37.86
C GLY F 108 -29.46 -21.56 -38.32
N SER F 112 -25.98 -24.44 -33.65
CA SER F 112 -26.59 -25.60 -33.03
C SER F 112 -26.27 -25.70 -31.53
N TYR F 113 -27.33 -25.87 -30.70
CA TYR F 113 -27.27 -26.00 -29.25
C TYR F 113 -28.08 -27.24 -28.81
N PRO F 114 -27.43 -28.43 -28.72
CA PRO F 114 -28.18 -29.64 -28.38
C PRO F 114 -28.68 -29.71 -26.94
N ASN F 115 -28.00 -29.03 -26.01
CA ASN F 115 -28.34 -28.99 -24.58
C ASN F 115 -29.36 -27.91 -24.20
N SER F 116 -30.01 -27.27 -25.21
CA SER F 116 -31.02 -26.22 -25.04
C SER F 116 -32.16 -26.62 -24.11
N CYS F 117 -32.56 -25.69 -23.25
CA CYS F 117 -33.68 -25.87 -22.33
C CYS F 117 -34.91 -25.30 -23.03
N LYS F 118 -35.83 -26.18 -23.42
CA LYS F 118 -37.02 -25.85 -24.19
C LYS F 118 -38.27 -26.44 -23.59
N ASP F 119 -39.44 -25.86 -23.93
CA ASP F 119 -40.74 -26.32 -23.47
C ASP F 119 -41.28 -27.48 -24.34
N ASP F 120 -42.58 -27.82 -24.18
CA ASP F 120 -43.25 -28.88 -24.94
C ASP F 120 -43.38 -28.57 -26.44
N LEU F 121 -43.39 -27.27 -26.78
CA LEU F 121 -43.51 -26.76 -28.15
C LEU F 121 -42.15 -26.46 -28.79
N GLY F 122 -41.07 -26.91 -28.16
CA GLY F 122 -39.69 -26.73 -28.64
C GLY F 122 -39.15 -25.32 -28.60
N ARG F 123 -39.82 -24.41 -27.85
CA ARG F 123 -39.42 -23.00 -27.69
C ARG F 123 -38.52 -22.88 -26.46
N LEU F 124 -37.48 -22.03 -26.54
CA LEU F 124 -36.55 -21.75 -25.44
C LEU F 124 -37.33 -21.31 -24.20
N ARG F 125 -37.01 -21.90 -23.04
CA ARG F 125 -37.66 -21.55 -21.77
C ARG F 125 -37.21 -20.19 -21.21
N VAL F 126 -38.14 -19.48 -20.52
CA VAL F 126 -37.88 -18.16 -19.92
C VAL F 126 -38.71 -17.95 -18.65
N GLY F 127 -38.19 -17.12 -17.76
CA GLY F 127 -38.84 -16.73 -16.51
C GLY F 127 -38.92 -15.23 -16.41
N ALA F 128 -39.86 -14.75 -15.58
CA ALA F 128 -40.05 -13.31 -15.39
C ALA F 128 -40.34 -12.99 -13.92
N ALA F 129 -39.77 -11.89 -13.45
CA ALA F 129 -39.95 -11.42 -12.08
C ALA F 129 -41.13 -10.47 -11.95
N VAL F 130 -41.88 -10.62 -10.86
CA VAL F 130 -43.01 -9.75 -10.50
C VAL F 130 -42.86 -9.36 -9.01
N GLY F 131 -43.47 -8.23 -8.64
CA GLY F 131 -43.44 -7.74 -7.26
C GLY F 131 -44.70 -8.14 -6.52
N THR F 132 -45.18 -7.25 -5.65
CA THR F 132 -46.43 -7.43 -4.88
C THR F 132 -47.33 -6.18 -5.03
N GLY F 133 -46.82 -5.18 -5.78
CA GLY F 133 -47.47 -3.91 -6.06
C GLY F 133 -48.81 -3.99 -6.80
N ALA F 134 -49.41 -2.83 -7.07
CA ALA F 134 -50.71 -2.72 -7.72
C ALA F 134 -50.78 -3.20 -9.17
N ASP F 135 -49.66 -3.06 -9.93
CA ASP F 135 -49.62 -3.48 -11.35
C ASP F 135 -49.35 -4.98 -11.55
N THR F 136 -49.12 -5.73 -10.47
CA THR F 136 -48.83 -7.18 -10.48
C THR F 136 -49.92 -8.00 -11.19
N PRO F 137 -51.24 -7.88 -10.92
CA PRO F 137 -52.21 -8.71 -11.67
C PRO F 137 -52.16 -8.49 -13.18
N SER F 138 -51.97 -7.24 -13.63
CA SER F 138 -51.84 -6.89 -15.05
C SER F 138 -50.53 -7.40 -15.63
N ARG F 139 -49.44 -7.34 -14.81
CA ARG F 139 -48.10 -7.83 -15.17
C ARG F 139 -48.12 -9.36 -15.36
N VAL F 140 -48.64 -10.10 -14.35
CA VAL F 140 -48.76 -11.57 -14.36
C VAL F 140 -49.57 -12.06 -15.56
N GLU F 141 -50.75 -11.45 -15.80
CA GLU F 141 -51.63 -11.80 -16.91
C GLU F 141 -50.93 -11.64 -18.26
N ALA F 142 -50.23 -10.51 -18.46
CA ALA F 142 -49.49 -10.18 -19.69
C ALA F 142 -48.29 -11.10 -19.95
N LEU F 143 -47.60 -11.55 -18.87
CA LEU F 143 -46.45 -12.44 -19.00
C LEU F 143 -46.87 -13.87 -19.38
N VAL F 144 -47.95 -14.40 -18.74
CA VAL F 144 -48.51 -15.74 -19.02
C VAL F 144 -49.02 -15.77 -20.48
N GLU F 145 -49.68 -14.68 -20.92
CA GLU F 145 -50.21 -14.49 -22.27
C GLU F 145 -49.07 -14.48 -23.30
N ALA F 146 -47.90 -13.90 -22.92
CA ALA F 146 -46.69 -13.84 -23.75
C ALA F 146 -45.95 -15.20 -23.83
N GLY F 147 -46.39 -16.16 -23.03
CA GLY F 147 -45.85 -17.52 -23.01
C GLY F 147 -44.76 -17.82 -22.01
N VAL F 148 -44.68 -17.04 -20.91
CA VAL F 148 -43.67 -17.24 -19.85
C VAL F 148 -43.86 -18.63 -19.19
N ASP F 149 -42.74 -19.32 -18.92
CA ASP F 149 -42.72 -20.64 -18.31
C ASP F 149 -42.84 -20.58 -16.81
N VAL F 150 -42.23 -19.57 -16.19
CA VAL F 150 -42.25 -19.44 -14.73
C VAL F 150 -42.36 -17.95 -14.27
N ILE F 151 -43.21 -17.73 -13.26
CA ILE F 151 -43.44 -16.42 -12.64
C ILE F 151 -42.65 -16.41 -11.31
N VAL F 152 -41.75 -15.42 -11.16
CA VAL F 152 -40.96 -15.30 -9.93
C VAL F 152 -41.50 -14.13 -9.08
N VAL F 153 -42.29 -14.45 -8.04
CA VAL F 153 -42.83 -13.46 -7.10
C VAL F 153 -41.66 -13.22 -6.14
N ASP F 154 -40.87 -12.18 -6.44
CA ASP F 154 -39.63 -11.88 -5.74
C ASP F 154 -39.57 -10.49 -5.12
N THR F 155 -39.36 -10.48 -3.79
CA THR F 155 -39.13 -9.27 -2.98
C THR F 155 -37.88 -9.53 -2.13
N ALA F 156 -37.49 -8.55 -1.31
CA ALA F 156 -36.37 -8.69 -0.39
C ALA F 156 -36.74 -9.63 0.76
N HIS F 157 -38.03 -9.74 1.09
CA HIS F 157 -38.48 -10.59 2.19
C HIS F 157 -39.67 -11.49 1.81
N GLY F 158 -39.35 -12.72 1.43
CA GLY F 158 -40.30 -13.74 1.01
C GLY F 158 -41.21 -14.32 2.08
N HIS F 159 -40.86 -14.12 3.36
CA HIS F 159 -41.66 -14.62 4.49
C HIS F 159 -42.61 -13.50 4.94
N SER F 160 -43.38 -12.97 4.00
CA SER F 160 -44.31 -11.90 4.24
C SER F 160 -45.67 -12.24 3.67
N ALA F 161 -46.75 -11.66 4.24
CA ALA F 161 -48.11 -11.88 3.76
C ALA F 161 -48.23 -11.48 2.28
N GLY F 162 -47.55 -10.38 1.92
CA GLY F 162 -47.48 -9.85 0.57
C GLY F 162 -47.04 -10.84 -0.49
N VAL F 163 -45.95 -11.59 -0.22
CA VAL F 163 -45.40 -12.60 -1.13
C VAL F 163 -46.22 -13.88 -1.06
N ILE F 164 -46.48 -14.41 0.15
CA ILE F 164 -47.25 -15.64 0.38
C ILE F 164 -48.62 -15.60 -0.32
N GLU F 165 -49.37 -14.49 -0.15
CA GLU F 165 -50.70 -14.34 -0.75
C GLU F 165 -50.66 -14.11 -2.26
N ARG F 166 -49.62 -13.42 -2.78
CA ARG F 166 -49.45 -13.20 -4.23
C ARG F 166 -49.10 -14.52 -4.94
N VAL F 167 -48.26 -15.36 -4.32
CA VAL F 167 -47.89 -16.70 -4.82
C VAL F 167 -49.16 -17.54 -4.91
N ARG F 168 -50.03 -17.47 -3.88
CA ARG F 168 -51.30 -18.18 -3.76
C ARG F 168 -52.29 -17.68 -4.81
N TRP F 169 -52.25 -16.37 -5.13
CA TRP F 169 -53.09 -15.74 -6.13
C TRP F 169 -52.71 -16.24 -7.53
N VAL F 170 -51.39 -16.26 -7.86
CA VAL F 170 -50.85 -16.72 -9.15
C VAL F 170 -51.18 -18.20 -9.39
N LYS F 171 -50.99 -19.07 -8.38
CA LYS F 171 -51.28 -20.50 -8.48
C LYS F 171 -52.77 -20.80 -8.70
N GLN F 172 -53.66 -20.07 -8.01
CA GLN F 172 -55.10 -20.25 -8.11
C GLN F 172 -55.69 -19.70 -9.41
N ASN F 173 -55.21 -18.52 -9.87
CA ASN F 173 -55.70 -17.86 -11.07
C ASN F 173 -55.01 -18.30 -12.36
N PHE F 174 -53.74 -18.73 -12.28
CA PHE F 174 -52.97 -19.18 -13.44
C PHE F 174 -52.30 -20.56 -13.18
N PRO F 175 -53.07 -21.67 -13.04
CA PRO F 175 -52.42 -22.98 -12.77
C PRO F 175 -51.57 -23.54 -13.92
N GLN F 176 -51.74 -23.00 -15.14
CA GLN F 176 -50.98 -23.40 -16.34
C GLN F 176 -49.51 -22.90 -16.34
N VAL F 177 -49.15 -22.02 -15.38
CA VAL F 177 -47.80 -21.46 -15.23
C VAL F 177 -47.18 -21.89 -13.88
N GLN F 178 -45.84 -22.06 -13.87
CA GLN F 178 -45.09 -22.43 -12.67
C GLN F 178 -44.78 -21.16 -11.85
N VAL F 179 -44.83 -21.25 -10.51
CA VAL F 179 -44.59 -20.09 -9.65
C VAL F 179 -43.44 -20.34 -8.63
N ILE F 180 -42.56 -19.33 -8.50
CA ILE F 180 -41.46 -19.32 -7.53
C ILE F 180 -41.70 -18.18 -6.52
N GLY F 181 -41.40 -18.46 -5.25
CA GLY F 181 -41.51 -17.49 -4.17
C GLY F 181 -40.14 -17.22 -3.59
N GLY F 182 -39.82 -15.95 -3.40
CA GLY F 182 -38.55 -15.52 -2.82
C GLY F 182 -38.64 -14.14 -2.22
N ASN F 183 -37.61 -13.70 -1.45
CA ASN F 183 -36.43 -14.52 -1.12
C ASN F 183 -36.53 -15.01 0.34
N ILE F 184 -36.12 -16.23 0.62
CA ILE F 184 -36.21 -16.75 1.99
C ILE F 184 -34.88 -17.31 2.52
N ALA F 185 -34.75 -17.43 3.85
CA ALA F 185 -33.55 -17.98 4.52
C ALA F 185 -33.87 -18.96 5.67
N THR F 186 -35.15 -19.33 5.88
CA THR F 186 -35.52 -20.24 6.97
C THR F 186 -36.47 -21.35 6.51
N GLY F 187 -36.52 -22.44 7.26
CA GLY F 187 -37.39 -23.58 6.99
C GLY F 187 -38.86 -23.24 7.14
N ASP F 188 -39.19 -22.36 8.11
CA ASP F 188 -40.55 -21.90 8.40
C ASP F 188 -41.13 -21.13 7.23
N ALA F 189 -40.28 -20.29 6.61
CA ALA F 189 -40.61 -19.49 5.43
C ALA F 189 -40.93 -20.41 4.25
N ALA F 190 -40.11 -21.47 4.04
CA ALA F 190 -40.24 -22.48 2.99
C ALA F 190 -41.56 -23.23 3.08
N LEU F 191 -41.96 -23.63 4.30
CA LEU F 191 -43.22 -24.34 4.55
C LEU F 191 -44.41 -23.42 4.24
N ALA F 192 -44.29 -22.12 4.59
CA ALA F 192 -45.32 -21.10 4.33
C ALA F 192 -45.55 -20.94 2.82
N LEU F 193 -44.47 -20.85 2.03
CA LEU F 193 -44.56 -20.74 0.57
C LEU F 193 -44.99 -22.06 -0.08
N LEU F 194 -44.64 -23.21 0.54
CA LEU F 194 -45.05 -24.55 0.08
C LEU F 194 -46.58 -24.69 0.20
N ASP F 195 -47.14 -24.25 1.36
CA ASP F 195 -48.58 -24.28 1.63
C ASP F 195 -49.35 -23.28 0.75
N ALA F 196 -48.65 -22.23 0.23
CA ALA F 196 -49.22 -21.21 -0.65
C ALA F 196 -49.33 -21.71 -2.10
N GLY F 197 -48.63 -22.80 -2.41
CA GLY F 197 -48.63 -23.44 -3.72
C GLY F 197 -47.44 -23.14 -4.60
N ALA F 198 -46.30 -22.70 -4.01
CA ALA F 198 -45.08 -22.41 -4.79
C ALA F 198 -44.52 -23.72 -5.32
N ASP F 199 -44.03 -23.71 -6.56
CA ASP F 199 -43.46 -24.88 -7.23
C ASP F 199 -41.96 -24.99 -6.94
N ALA F 200 -41.37 -23.90 -6.43
CA ALA F 200 -39.97 -23.78 -6.02
C ALA F 200 -39.81 -22.53 -5.16
N VAL F 201 -38.80 -22.54 -4.27
CA VAL F 201 -38.45 -21.42 -3.40
C VAL F 201 -37.06 -20.87 -3.74
N LYS F 202 -36.87 -19.56 -3.60
CA LYS F 202 -35.60 -18.91 -3.88
C LYS F 202 -35.01 -18.53 -2.53
N VAL F 203 -33.81 -19.06 -2.26
CA VAL F 203 -33.09 -18.91 -0.99
C VAL F 203 -31.96 -17.90 -1.12
N GLY F 204 -32.00 -16.87 -0.29
CA GLY F 204 -30.97 -15.85 -0.29
C GLY F 204 -31.32 -14.57 0.43
N ILE F 205 -30.93 -14.50 1.70
CA ILE F 205 -31.07 -13.30 2.53
C ILE F 205 -29.69 -12.82 2.95
N GLY F 206 -29.23 -11.79 2.27
CA GLY F 206 -27.93 -11.18 2.54
C GLY F 206 -26.67 -11.75 1.92
N PRO F 207 -26.64 -12.79 1.03
CA PRO F 207 -25.34 -13.25 0.51
C PRO F 207 -24.82 -12.51 -0.74
N GLY F 208 -25.68 -11.74 -1.41
CA GLY F 208 -25.34 -10.99 -2.62
C GLY F 208 -24.04 -10.20 -2.58
N SER F 209 -23.26 -10.25 -3.67
CA SER F 209 -22.00 -9.51 -3.79
C SER F 209 -22.18 -7.99 -3.67
N ILE F 210 -23.28 -7.46 -4.23
CA ILE F 210 -23.65 -6.03 -4.23
C ILE F 210 -24.60 -5.65 -3.07
N CYS F 211 -24.96 -6.65 -2.25
CA CYS F 211 -25.88 -6.55 -1.11
C CYS F 211 -25.29 -5.86 0.11
N THR F 212 -26.06 -4.95 0.74
CA THR F 212 -25.67 -4.25 1.99
C THR F 212 -26.77 -4.43 3.08
N THR F 213 -27.69 -5.40 2.92
CA THR F 213 -28.79 -5.75 3.86
C THR F 213 -28.25 -6.02 5.27
N ARG F 214 -27.13 -6.75 5.37
CA ARG F 214 -26.46 -7.10 6.62
C ARG F 214 -25.98 -5.85 7.40
N ILE F 215 -25.42 -4.84 6.71
CA ILE F 215 -24.95 -3.61 7.33
C ILE F 215 -26.11 -2.65 7.63
N VAL F 216 -27.08 -2.53 6.70
CA VAL F 216 -28.21 -1.61 6.83
C VAL F 216 -29.29 -2.12 7.83
N ALA F 217 -29.62 -3.42 7.78
CA ALA F 217 -30.66 -3.97 8.64
C ALA F 217 -30.19 -4.95 9.72
N GLY F 218 -28.94 -5.44 9.62
CA GLY F 218 -28.39 -6.41 10.56
C GLY F 218 -29.07 -7.75 10.44
N ILE F 219 -29.70 -7.97 9.27
CA ILE F 219 -30.47 -9.14 8.88
C ILE F 219 -29.65 -9.98 7.91
N GLY F 220 -29.74 -11.29 8.06
CA GLY F 220 -29.03 -12.20 7.19
C GLY F 220 -28.92 -13.61 7.71
N MET F 221 -28.46 -14.50 6.82
CA MET F 221 -28.24 -15.91 7.11
C MET F 221 -27.19 -16.44 6.12
N PRO F 222 -25.97 -16.78 6.59
CA PRO F 222 -24.96 -17.36 5.70
C PRO F 222 -25.54 -18.50 4.86
N GLN F 223 -25.30 -18.44 3.54
CA GLN F 223 -25.88 -19.28 2.50
C GLN F 223 -25.86 -20.81 2.72
N ILE F 224 -24.78 -21.43 3.24
CA ILE F 224 -24.77 -22.89 3.43
C ILE F 224 -25.83 -23.33 4.46
N SER F 225 -25.99 -22.57 5.55
CA SER F 225 -26.99 -22.82 6.60
C SER F 225 -28.40 -22.46 6.15
N ALA F 226 -28.53 -21.45 5.26
CA ALA F 226 -29.80 -21.00 4.68
C ALA F 226 -30.38 -22.12 3.80
N ILE F 227 -29.54 -22.70 2.90
CA ILE F 227 -29.90 -23.81 2.00
C ILE F 227 -30.27 -25.04 2.83
N ASP F 228 -29.43 -25.38 3.83
CA ASP F 228 -29.66 -26.53 4.71
C ASP F 228 -31.00 -26.46 5.45
N SER F 229 -31.32 -25.29 6.05
CA SER F 229 -32.56 -25.01 6.80
C SER F 229 -33.80 -25.18 5.93
N VAL F 230 -33.78 -24.57 4.72
CA VAL F 230 -34.87 -24.63 3.74
C VAL F 230 -35.06 -26.09 3.23
N ALA F 231 -33.98 -26.73 2.73
CA ALA F 231 -33.98 -28.11 2.20
C ALA F 231 -34.47 -29.17 3.21
N SER F 232 -34.10 -29.04 4.49
CA SER F 232 -34.49 -29.96 5.56
C SER F 232 -35.98 -29.91 5.88
N ALA F 233 -36.59 -28.72 5.74
CA ALA F 233 -38.01 -28.52 6.00
C ALA F 233 -38.85 -29.02 4.83
N LEU F 234 -38.41 -28.72 3.59
CA LEU F 234 -39.10 -29.11 2.36
C LEU F 234 -39.20 -30.61 2.14
N LYS F 235 -38.16 -31.38 2.50
CA LYS F 235 -38.09 -32.84 2.34
C LYS F 235 -38.30 -33.25 0.85
N ASP F 236 -37.63 -32.51 -0.06
CA ASP F 236 -37.62 -32.66 -1.53
C ASP F 236 -39.02 -32.55 -2.19
N GLN F 237 -40.00 -31.91 -1.51
CA GLN F 237 -41.35 -31.73 -2.04
C GLN F 237 -41.35 -30.75 -3.21
N ILE F 238 -40.53 -29.69 -3.09
CA ILE F 238 -40.29 -28.68 -4.13
C ILE F 238 -38.79 -28.31 -4.13
N PRO F 239 -38.17 -28.01 -5.29
CA PRO F 239 -36.73 -27.66 -5.26
C PRO F 239 -36.49 -26.24 -4.74
N LEU F 240 -35.19 -25.89 -4.50
CA LEU F 240 -34.78 -24.56 -4.07
C LEU F 240 -33.66 -24.02 -4.95
N ILE F 241 -33.63 -22.69 -5.16
CA ILE F 241 -32.61 -22.01 -5.95
C ILE F 241 -31.68 -21.28 -4.97
N ALA F 242 -30.38 -21.61 -5.01
CA ALA F 242 -29.36 -20.97 -4.18
C ALA F 242 -29.05 -19.63 -4.86
N ASP F 243 -29.71 -18.58 -4.36
CA ASP F 243 -29.62 -17.22 -4.89
C ASP F 243 -28.68 -16.28 -4.10
N GLY F 244 -27.58 -15.88 -4.72
CA GLY F 244 -26.63 -14.95 -4.12
C GLY F 244 -25.37 -15.55 -3.50
N GLY F 245 -24.27 -14.81 -3.62
CA GLY F 245 -22.97 -15.16 -3.01
C GLY F 245 -22.08 -16.17 -3.70
N ILE F 246 -22.35 -16.50 -4.97
CA ILE F 246 -21.54 -17.44 -5.74
C ILE F 246 -20.43 -16.64 -6.42
N ARG F 247 -19.16 -16.98 -6.11
CA ARG F 247 -17.98 -16.32 -6.66
C ARG F 247 -17.20 -17.28 -7.56
N PHE F 248 -17.20 -18.57 -7.22
CA PHE F 248 -16.47 -19.61 -7.96
C PHE F 248 -17.29 -20.87 -8.15
N SER F 249 -16.82 -21.77 -9.05
CA SER F 249 -17.45 -23.06 -9.37
C SER F 249 -17.54 -24.02 -8.17
N GLY F 250 -16.69 -23.80 -7.18
CA GLY F 250 -16.67 -24.57 -5.93
C GLY F 250 -17.84 -24.29 -5.05
N ASP F 251 -18.31 -23.00 -5.03
CA ASP F 251 -19.47 -22.53 -4.25
C ASP F 251 -20.74 -23.24 -4.71
N MET F 252 -20.86 -23.46 -6.03
CA MET F 252 -21.97 -24.14 -6.70
C MET F 252 -22.11 -25.59 -6.25
N ALA F 253 -20.97 -26.29 -6.14
CA ALA F 253 -20.89 -27.68 -5.68
C ALA F 253 -21.28 -27.78 -4.21
N LYS F 254 -20.80 -26.81 -3.38
CA LYS F 254 -21.13 -26.70 -1.96
C LYS F 254 -22.63 -26.43 -1.78
N ALA F 255 -23.18 -25.51 -2.61
CA ALA F 255 -24.62 -25.16 -2.60
C ALA F 255 -25.49 -26.39 -2.90
N ILE F 256 -25.18 -27.14 -4.00
CA ILE F 256 -25.91 -28.35 -4.41
C ILE F 256 -25.78 -29.45 -3.32
N GLY F 257 -24.57 -29.63 -2.78
CA GLY F 257 -24.28 -30.57 -1.71
C GLY F 257 -25.04 -30.29 -0.43
N ALA F 258 -25.27 -28.98 -0.15
CA ALA F 258 -26.03 -28.48 1.00
C ALA F 258 -27.54 -28.69 0.83
N GLY F 259 -28.02 -28.84 -0.42
CA GLY F 259 -29.43 -29.08 -0.69
C GLY F 259 -30.07 -28.38 -1.89
N ALA F 260 -29.34 -27.46 -2.55
CA ALA F 260 -29.84 -26.71 -3.70
C ALA F 260 -30.05 -27.57 -4.94
N SER F 261 -31.08 -27.25 -5.76
CA SER F 261 -31.31 -27.96 -7.02
C SER F 261 -30.74 -27.09 -8.15
N THR F 262 -30.80 -25.76 -7.97
CA THR F 262 -30.26 -24.76 -8.88
C THR F 262 -29.53 -23.68 -8.09
N ILE F 263 -28.80 -22.81 -8.83
CA ILE F 263 -27.99 -21.70 -8.35
C ILE F 263 -28.27 -20.48 -9.22
N MET F 264 -28.64 -19.35 -8.58
CA MET F 264 -28.86 -18.08 -9.26
C MET F 264 -27.60 -17.23 -9.11
N VAL F 265 -27.14 -16.63 -10.23
CA VAL F 265 -25.93 -15.82 -10.28
C VAL F 265 -26.18 -14.50 -11.00
N GLY F 266 -25.64 -13.43 -10.42
CA GLY F 266 -25.74 -12.09 -10.95
C GLY F 266 -24.38 -11.58 -11.36
N SER F 267 -23.45 -11.48 -10.37
CA SER F 267 -22.07 -11.02 -10.51
C SER F 267 -21.31 -11.74 -11.61
N LEU F 268 -21.37 -13.08 -11.64
CA LEU F 268 -20.66 -13.91 -12.61
C LEU F 268 -21.12 -13.71 -14.06
N LEU F 269 -22.42 -13.41 -14.27
CA LEU F 269 -22.96 -13.18 -15.60
C LEU F 269 -22.95 -11.71 -16.00
N ALA F 270 -22.69 -10.81 -15.03
CA ALA F 270 -22.59 -9.37 -15.30
C ALA F 270 -21.25 -9.15 -15.97
N GLY F 271 -21.17 -8.17 -16.87
CA GLY F 271 -19.93 -7.90 -17.59
C GLY F 271 -19.81 -8.66 -18.88
N THR F 272 -20.64 -9.72 -19.06
CA THR F 272 -20.66 -10.53 -20.28
C THR F 272 -21.34 -9.76 -21.40
N GLU F 273 -21.06 -10.13 -22.66
CA GLU F 273 -21.59 -9.50 -23.89
C GLU F 273 -23.12 -9.46 -23.90
N GLU F 274 -23.77 -10.58 -23.49
CA GLU F 274 -25.22 -10.79 -23.46
C GLU F 274 -25.98 -9.98 -22.41
N ALA F 275 -25.29 -9.57 -21.33
CA ALA F 275 -25.88 -8.80 -20.22
C ALA F 275 -26.27 -7.37 -20.69
N PRO F 276 -27.34 -6.75 -20.14
CA PRO F 276 -27.69 -5.39 -20.58
C PRO F 276 -26.60 -4.37 -20.27
N GLY F 277 -26.56 -3.32 -21.08
CA GLY F 277 -25.59 -2.25 -20.92
C GLY F 277 -24.51 -2.29 -21.96
N GLU F 278 -24.02 -1.09 -22.31
CA GLU F 278 -22.95 -0.90 -23.28
C GLU F 278 -21.61 -0.91 -22.55
N VAL F 279 -20.54 -1.38 -23.24
CA VAL F 279 -19.19 -1.43 -22.68
C VAL F 279 -18.62 -0.03 -22.48
N GLU F 280 -18.00 0.21 -21.31
CA GLU F 280 -17.39 1.49 -20.97
C GLU F 280 -15.86 1.36 -20.88
N PHE F 281 -15.14 2.33 -21.46
CA PHE F 281 -13.69 2.37 -21.49
C PHE F 281 -13.15 3.27 -20.38
N PHE F 282 -12.84 2.67 -19.21
CA PHE F 282 -12.32 3.39 -18.05
C PHE F 282 -10.88 2.98 -17.71
N GLN F 283 -9.93 3.94 -17.79
CA GLN F 283 -8.50 3.80 -17.48
C GLN F 283 -7.82 2.67 -18.29
N GLY F 284 -8.07 2.65 -19.59
CA GLY F 284 -7.50 1.67 -20.51
C GLY F 284 -8.22 0.34 -20.60
N ARG F 285 -8.99 -0.03 -19.55
CA ARG F 285 -9.75 -1.28 -19.46
C ARG F 285 -11.22 -1.15 -19.89
N TYR F 286 -11.90 -2.30 -20.13
CA TYR F 286 -13.30 -2.36 -20.51
C TYR F 286 -14.16 -2.93 -19.39
N TYR F 287 -15.25 -2.20 -19.05
CA TYR F 287 -16.19 -2.59 -17.99
C TYR F 287 -17.65 -2.48 -18.42
N LYS F 288 -18.54 -3.08 -17.63
CA LYS F 288 -19.99 -3.00 -17.76
C LYS F 288 -20.54 -2.70 -16.38
N ALA F 289 -21.66 -1.99 -16.29
CA ALA F 289 -22.27 -1.65 -15.01
C ALA F 289 -22.86 -2.88 -14.32
N TYR F 290 -22.79 -2.89 -13.00
CA TYR F 290 -23.39 -3.93 -12.18
C TYR F 290 -23.87 -3.26 -10.89
N ARG F 291 -25.19 -3.34 -10.65
CA ARG F 291 -25.80 -2.71 -9.48
C ARG F 291 -26.88 -3.57 -8.83
N GLY F 292 -27.07 -3.37 -7.54
CA GLY F 292 -28.11 -4.05 -6.78
C GLY F 292 -29.46 -3.48 -7.14
N MET F 293 -30.53 -4.30 -7.04
CA MET F 293 -31.88 -3.83 -7.35
C MET F 293 -32.44 -2.93 -6.23
N GLY F 294 -31.75 -2.91 -5.08
CA GLY F 294 -32.05 -2.07 -3.93
C GLY F 294 -31.09 -0.92 -3.78
N SER F 295 -30.38 -0.56 -4.85
CA SER F 295 -29.44 0.57 -4.86
C SER F 295 -30.19 1.86 -5.18
N LEU F 296 -29.58 3.03 -4.87
CA LEU F 296 -30.18 4.33 -5.14
C LEU F 296 -30.54 4.54 -6.62
N GLY F 297 -29.65 4.10 -7.52
CA GLY F 297 -29.84 4.19 -8.96
C GLY F 297 -30.92 3.29 -9.51
N ALA F 298 -31.07 2.07 -8.96
CA ALA F 298 -32.07 1.08 -9.37
C ALA F 298 -33.49 1.43 -8.90
N MET F 299 -33.59 2.15 -7.76
CA MET F 299 -34.87 2.56 -7.17
C MET F 299 -35.39 3.84 -7.81
N ALA F 300 -34.47 4.73 -8.27
CA ALA F 300 -34.81 5.99 -8.95
C ALA F 300 -34.83 5.80 -10.46
N LYS F 319 -40.47 4.43 0.49
CA LYS F 319 -39.22 5.21 0.45
C LYS F 319 -38.16 4.58 1.35
N LEU F 320 -37.82 3.31 1.04
CA LEU F 320 -36.84 2.48 1.75
C LEU F 320 -35.44 3.01 1.56
N VAL F 321 -34.58 2.82 2.59
CA VAL F 321 -33.15 3.18 2.57
C VAL F 321 -32.45 2.16 1.61
N PRO F 322 -31.48 2.55 0.74
CA PRO F 322 -30.81 1.55 -0.11
C PRO F 322 -30.19 0.36 0.63
N GLU F 323 -30.23 -0.82 -0.01
CA GLU F 323 -29.69 -2.08 0.52
C GLU F 323 -28.74 -2.75 -0.50
N GLY F 324 -28.22 -1.96 -1.44
CA GLY F 324 -27.31 -2.42 -2.47
C GLY F 324 -26.42 -1.33 -3.01
N ILE F 325 -25.31 -1.73 -3.64
CA ILE F 325 -24.33 -0.79 -4.22
C ILE F 325 -24.37 -0.78 -5.76
N GLU F 326 -23.77 0.28 -6.35
CA GLU F 326 -23.67 0.48 -7.80
C GLU F 326 -22.20 0.46 -8.15
N GLY F 327 -21.83 -0.41 -9.09
CA GLY F 327 -20.45 -0.55 -9.52
C GLY F 327 -20.25 -0.96 -10.96
N ARG F 328 -19.00 -1.28 -11.30
CA ARG F 328 -18.58 -1.72 -12.61
C ARG F 328 -17.82 -3.03 -12.48
N VAL F 329 -18.17 -3.99 -13.34
CA VAL F 329 -17.53 -5.30 -13.42
C VAL F 329 -16.70 -5.35 -14.72
N PRO F 330 -15.53 -6.03 -14.78
CA PRO F 330 -14.75 -6.05 -16.02
C PRO F 330 -15.45 -6.82 -17.13
N TYR F 331 -15.19 -6.44 -18.41
CA TYR F 331 -15.77 -7.09 -19.58
C TYR F 331 -15.29 -8.55 -19.69
N LYS F 332 -16.24 -9.50 -19.62
CA LYS F 332 -15.97 -10.94 -19.64
C LYS F 332 -16.16 -11.63 -21.01
N GLY F 333 -16.64 -10.89 -22.01
CA GLY F 333 -16.89 -11.41 -23.35
C GLY F 333 -18.12 -12.30 -23.40
N PRO F 334 -18.26 -13.20 -24.40
CA PRO F 334 -19.47 -14.05 -24.47
C PRO F 334 -19.71 -14.85 -23.19
N MET F 335 -20.96 -14.88 -22.71
CA MET F 335 -21.36 -15.57 -21.49
C MET F 335 -21.03 -17.07 -21.50
N GLY F 336 -20.97 -17.66 -22.70
CA GLY F 336 -20.71 -19.09 -22.92
C GLY F 336 -19.44 -19.60 -22.25
N ASN F 337 -18.37 -18.80 -22.32
CA ASN F 337 -17.05 -19.07 -21.74
C ASN F 337 -17.13 -19.27 -20.21
N ILE F 338 -17.75 -18.29 -19.50
CA ILE F 338 -17.96 -18.25 -18.04
C ILE F 338 -18.80 -19.47 -17.60
N VAL F 339 -19.88 -19.78 -18.33
CA VAL F 339 -20.79 -20.90 -18.07
C VAL F 339 -20.04 -22.25 -18.17
N HIS F 340 -19.19 -22.40 -19.20
N HIS F 340 -19.18 -22.41 -19.20
CA HIS F 340 -18.39 -23.62 -19.43
CA HIS F 340 -18.37 -23.61 -19.45
C HIS F 340 -17.33 -23.84 -18.33
C HIS F 340 -17.35 -23.84 -18.31
N GLN F 341 -16.69 -22.76 -17.86
CA GLN F 341 -15.70 -22.77 -16.77
C GLN F 341 -16.37 -23.22 -15.46
N MET F 342 -17.58 -22.69 -15.17
CA MET F 342 -18.38 -23.02 -13.97
C MET F 342 -18.89 -24.46 -13.98
N MET F 343 -19.42 -24.91 -15.13
CA MET F 343 -19.92 -26.27 -15.28
C MET F 343 -18.80 -27.28 -15.30
N GLY F 344 -17.62 -26.86 -15.78
CA GLY F 344 -16.41 -27.67 -15.80
C GLY F 344 -15.92 -28.01 -14.41
N GLY F 345 -15.88 -26.99 -13.54
CA GLY F 345 -15.49 -27.07 -12.14
C GLY F 345 -16.46 -27.91 -11.32
N LEU F 346 -17.77 -27.81 -11.61
CA LEU F 346 -18.80 -28.60 -10.96
C LEU F 346 -18.70 -30.07 -11.41
N ARG F 347 -18.33 -30.32 -12.70
CA ARG F 347 -18.14 -31.68 -13.22
C ARG F 347 -17.03 -32.38 -12.45
N SER F 348 -15.89 -31.69 -12.24
CA SER F 348 -14.75 -32.20 -11.46
C SER F 348 -15.16 -32.55 -10.03
N SER F 349 -15.99 -31.71 -9.39
N SER F 349 -16.00 -31.70 -9.39
CA SER F 349 -16.49 -31.88 -8.03
CA SER F 349 -16.52 -31.87 -8.04
C SER F 349 -17.33 -33.16 -7.89
C SER F 349 -17.32 -33.17 -7.90
N MET F 350 -18.18 -33.45 -8.88
CA MET F 350 -19.03 -34.65 -8.90
C MET F 350 -18.21 -35.90 -9.13
N GLY F 351 -17.14 -35.75 -9.93
CA GLY F 351 -16.14 -36.79 -10.14
C GLY F 351 -15.31 -37.05 -8.89
N TYR F 352 -15.15 -36.03 -8.00
CA TYR F 352 -14.44 -36.20 -6.73
C TYR F 352 -15.36 -36.88 -5.69
N THR F 353 -16.67 -36.55 -5.68
CA THR F 353 -17.66 -37.09 -4.74
C THR F 353 -18.27 -38.43 -5.21
N GLY F 354 -18.06 -38.80 -6.49
CA GLY F 354 -18.62 -40.01 -7.08
C GLY F 354 -20.10 -39.86 -7.39
N SER F 355 -20.48 -38.64 -7.83
CA SER F 355 -21.85 -38.25 -8.16
C SER F 355 -22.09 -38.30 -9.67
N ALA F 356 -22.82 -39.32 -10.13
CA ALA F 356 -23.10 -39.48 -11.55
C ALA F 356 -24.18 -38.49 -12.00
N VAL F 357 -25.16 -38.22 -11.11
CA VAL F 357 -26.28 -37.31 -11.30
C VAL F 357 -26.33 -36.25 -10.19
N ILE F 358 -27.00 -35.09 -10.44
CA ILE F 358 -27.13 -33.98 -9.48
C ILE F 358 -27.70 -34.49 -8.14
N GLU F 359 -28.72 -35.35 -8.20
CA GLU F 359 -29.36 -35.95 -7.01
C GLU F 359 -28.38 -36.76 -6.14
N ASP F 360 -27.33 -37.36 -6.74
CA ASP F 360 -26.30 -38.10 -6.00
C ASP F 360 -25.50 -37.12 -5.11
N LEU F 361 -25.10 -35.94 -5.64
CA LEU F 361 -24.39 -34.90 -4.89
C LEU F 361 -25.29 -34.33 -3.79
N ARG F 362 -26.56 -34.06 -4.11
CA ARG F 362 -27.57 -33.52 -3.19
C ARG F 362 -27.80 -34.41 -1.97
N GLN F 363 -27.82 -35.75 -2.16
CA GLN F 363 -28.12 -36.70 -1.08
C GLN F 363 -26.90 -37.33 -0.40
N ASN F 364 -25.75 -37.45 -1.09
CA ASN F 364 -24.58 -38.14 -0.55
C ASN F 364 -23.40 -37.28 -0.12
N ALA F 365 -23.40 -35.97 -0.42
CA ALA F 365 -22.30 -35.07 -0.05
C ALA F 365 -22.01 -35.04 1.45
N LYS F 366 -20.72 -35.14 1.80
CA LYS F 366 -20.19 -35.09 3.16
C LYS F 366 -19.25 -33.90 3.21
N PHE F 367 -19.39 -33.08 4.26
CA PHE F 367 -18.60 -31.87 4.48
C PHE F 367 -17.75 -31.92 5.75
N VAL F 368 -16.76 -31.04 5.82
CA VAL F 368 -15.94 -30.76 6.99
C VAL F 368 -16.00 -29.25 7.23
N LYS F 369 -16.06 -28.83 8.50
CA LYS F 369 -16.05 -27.42 8.84
C LYS F 369 -14.58 -27.00 8.94
N ILE F 370 -14.23 -25.86 8.31
CA ILE F 370 -12.85 -25.36 8.36
C ILE F 370 -12.75 -24.04 9.17
N THR F 371 -11.56 -23.74 9.72
CA THR F 371 -11.30 -22.51 10.48
C THR F 371 -10.88 -21.39 9.51
N SER F 372 -10.55 -20.19 10.04
CA SER F 372 -10.06 -19.04 9.29
C SER F 372 -8.66 -19.30 8.67
N ALA F 373 -7.93 -20.29 9.23
CA ALA F 373 -6.60 -20.69 8.76
C ALA F 373 -6.70 -21.61 7.52
N GLY F 374 -7.70 -22.50 7.52
CA GLY F 374 -7.96 -23.45 6.46
C GLY F 374 -8.41 -22.82 5.15
N SER G 16 -8.02 -27.18 35.36
CA SER G 16 -7.96 -25.76 35.05
C SER G 16 -8.61 -24.90 36.13
N MET G 17 -8.01 -23.74 36.42
CA MET G 17 -8.48 -22.78 37.43
C MET G 17 -9.06 -21.50 36.80
N LEU G 18 -8.72 -21.23 35.51
CA LEU G 18 -9.19 -20.06 34.74
C LEU G 18 -10.71 -20.07 34.64
N THR G 19 -11.37 -18.98 35.03
CA THR G 19 -12.83 -18.87 34.99
C THR G 19 -13.29 -18.12 33.75
N ILE G 20 -13.82 -18.88 32.78
CA ILE G 20 -14.41 -18.35 31.55
C ILE G 20 -15.92 -18.47 31.77
N VAL G 21 -16.58 -17.32 31.99
CA VAL G 21 -18.02 -17.23 32.25
C VAL G 21 -18.81 -17.63 31.00
N GLN G 22 -18.39 -17.13 29.82
CA GLN G 22 -19.03 -17.39 28.53
C GLN G 22 -18.11 -16.94 27.37
N GLU G 23 -18.51 -17.28 26.14
CA GLU G 23 -17.85 -16.80 24.94
C GLU G 23 -18.71 -15.57 24.59
N ALA G 24 -18.17 -14.39 24.85
CA ALA G 24 -18.90 -13.15 24.62
C ALA G 24 -18.92 -12.73 23.17
N LEU G 25 -20.10 -12.25 22.71
CA LEU G 25 -20.38 -11.86 21.33
C LEU G 25 -20.55 -10.36 21.13
N THR G 26 -20.05 -9.86 19.99
CA THR G 26 -20.17 -8.45 19.57
C THR G 26 -21.19 -8.37 18.41
N PHE G 27 -21.44 -7.15 17.88
CA PHE G 27 -22.36 -6.91 16.77
C PHE G 27 -22.05 -7.75 15.53
N ASP G 28 -20.77 -7.79 15.11
CA ASP G 28 -20.29 -8.54 13.95
C ASP G 28 -20.34 -10.07 14.09
N ASP G 29 -20.60 -10.59 15.31
CA ASP G 29 -20.67 -12.02 15.59
C ASP G 29 -22.05 -12.61 15.32
N VAL G 30 -23.08 -11.75 15.19
CA VAL G 30 -24.47 -12.17 15.02
C VAL G 30 -25.18 -11.47 13.88
N LEU G 31 -26.27 -12.10 13.43
CA LEU G 31 -27.21 -11.60 12.41
C LEU G 31 -28.59 -11.95 12.86
N LEU G 32 -29.52 -11.01 12.67
CA LEU G 32 -30.92 -11.21 13.00
C LEU G 32 -31.54 -12.03 11.89
N LEU G 33 -32.44 -12.94 12.27
CA LEU G 33 -33.14 -13.77 11.31
C LEU G 33 -34.45 -13.13 10.85
N PRO G 34 -34.79 -13.14 9.55
CA PRO G 34 -36.09 -12.60 9.13
C PRO G 34 -37.20 -13.57 9.59
N ALA G 35 -38.36 -13.02 9.97
CA ALA G 35 -39.50 -13.81 10.44
C ALA G 35 -40.78 -13.37 9.71
N TYR G 36 -41.92 -14.08 9.92
CA TYR G 36 -43.19 -13.74 9.26
C TYR G 36 -43.58 -12.30 9.55
N SER G 37 -43.85 -11.54 8.48
CA SER G 37 -44.17 -10.12 8.57
C SER G 37 -45.39 -9.65 7.75
N THR G 38 -46.23 -8.81 8.38
CA THR G 38 -47.40 -8.19 7.77
C THR G 38 -47.26 -6.67 7.88
N VAL G 39 -46.11 -6.18 8.43
CA VAL G 39 -45.87 -4.77 8.69
C VAL G 39 -44.81 -4.18 7.74
N LEU G 40 -45.11 -3.00 7.21
CA LEU G 40 -44.21 -2.29 6.31
C LEU G 40 -43.30 -1.37 7.12
N PRO G 41 -42.00 -1.23 6.73
CA PRO G 41 -41.09 -0.34 7.47
C PRO G 41 -41.62 1.07 7.77
N LYS G 42 -42.38 1.69 6.84
CA LYS G 42 -42.93 3.03 7.05
C LYS G 42 -44.04 3.07 8.13
N ASP G 43 -44.63 1.90 8.48
CA ASP G 43 -45.72 1.76 9.44
C ASP G 43 -45.31 1.35 10.85
N VAL G 44 -44.02 1.00 11.07
CA VAL G 44 -43.55 0.52 12.37
C VAL G 44 -43.43 1.69 13.37
N SER G 45 -43.61 1.39 14.67
CA SER G 45 -43.52 2.38 15.74
C SER G 45 -42.13 2.32 16.37
N LEU G 46 -41.38 3.44 16.32
CA LEU G 46 -40.02 3.54 16.89
C LEU G 46 -40.05 4.04 18.34
N LYS G 47 -41.27 4.25 18.91
CA LYS G 47 -41.51 4.71 20.27
C LYS G 47 -40.98 3.68 21.26
N THR G 48 -40.29 4.15 22.32
CA THR G 48 -39.66 3.31 23.35
C THR G 48 -39.50 4.10 24.69
N ARG G 49 -38.99 3.43 25.76
CA ARG G 49 -38.74 4.07 27.06
C ARG G 49 -37.27 4.32 27.30
N LEU G 50 -36.90 5.53 27.72
CA LEU G 50 -35.54 5.90 28.10
C LEU G 50 -35.33 5.45 29.54
N THR G 51 -36.30 5.77 30.42
CA THR G 51 -36.34 5.37 31.83
C THR G 51 -37.76 4.83 32.07
N ARG G 52 -38.06 4.34 33.29
CA ARG G 52 -39.40 3.80 33.57
C ARG G 52 -40.48 4.90 33.53
N GLY G 53 -40.06 6.16 33.59
CA GLY G 53 -40.93 7.32 33.54
C GLY G 53 -40.85 8.17 32.30
N ILE G 54 -39.77 8.05 31.50
CA ILE G 54 -39.59 8.84 30.26
C ILE G 54 -39.67 7.97 29.00
N TYR G 55 -40.49 8.39 28.02
CA TYR G 55 -40.63 7.72 26.73
C TYR G 55 -40.07 8.60 25.63
N LEU G 56 -39.38 8.00 24.65
CA LEU G 56 -38.81 8.68 23.48
C LEU G 56 -39.56 8.20 22.24
N ASN G 57 -39.54 9.00 21.16
CA ASN G 57 -40.23 8.63 19.91
C ASN G 57 -39.34 7.83 18.96
N ILE G 58 -38.03 7.83 19.21
CA ILE G 58 -37.01 7.07 18.45
C ILE G 58 -36.04 6.50 19.52
N PRO G 59 -35.42 5.31 19.32
CA PRO G 59 -34.51 4.79 20.36
C PRO G 59 -33.10 5.36 20.34
N LEU G 60 -32.95 6.66 20.04
CA LEU G 60 -31.65 7.31 19.95
C LEU G 60 -31.35 8.28 21.09
N VAL G 61 -30.14 8.16 21.66
CA VAL G 61 -29.59 8.99 22.72
C VAL G 61 -28.24 9.47 22.22
N SER G 62 -27.92 10.76 22.36
CA SER G 62 -26.61 11.28 21.98
C SER G 62 -25.70 11.33 23.20
N ALA G 63 -24.50 10.76 23.06
CA ALA G 63 -23.42 10.67 24.05
C ALA G 63 -23.10 11.96 24.84
N ALA G 64 -22.79 11.81 26.16
CA ALA G 64 -22.39 12.91 27.04
C ALA G 64 -20.90 13.21 26.83
N MET G 65 -20.58 13.82 25.66
CA MET G 65 -19.21 14.10 25.24
C MET G 65 -19.06 15.53 24.75
N ASP G 66 -17.92 16.17 25.07
CA ASP G 66 -17.63 17.56 24.72
C ASP G 66 -17.48 17.84 23.22
N THR G 67 -17.55 16.80 22.37
CA THR G 67 -17.48 16.89 20.91
C THR G 67 -18.77 16.33 20.26
N VAL G 68 -19.77 15.96 21.11
CA VAL G 68 -21.05 15.40 20.65
C VAL G 68 -22.27 16.23 21.13
N THR G 69 -22.49 16.34 22.46
CA THR G 69 -23.70 16.99 22.97
C THR G 69 -23.49 18.20 23.89
N GLU G 70 -24.04 19.33 23.44
CA GLU G 70 -24.20 20.60 24.14
C GLU G 70 -25.66 21.00 23.85
N SER G 71 -26.10 22.23 24.20
CA SER G 71 -27.50 22.66 24.01
C SER G 71 -28.06 22.43 22.59
N ARG G 72 -27.27 22.81 21.53
CA ARG G 72 -27.63 22.69 20.11
C ARG G 72 -27.98 21.25 19.69
N MET G 73 -27.14 20.26 20.09
CA MET G 73 -27.35 18.84 19.83
C MET G 73 -28.57 18.29 20.61
N ALA G 74 -28.76 18.73 21.86
CA ALA G 74 -29.90 18.29 22.69
C ALA G 74 -31.25 18.73 22.12
N ILE G 75 -31.33 20.00 21.62
CA ILE G 75 -32.53 20.57 20.99
C ILE G 75 -32.90 19.74 19.74
N ALA G 76 -31.91 19.49 18.84
CA ALA G 76 -32.11 18.69 17.63
C ALA G 76 -32.45 17.21 17.97
N MET G 77 -31.83 16.65 19.03
CA MET G 77 -32.11 15.30 19.49
C MET G 77 -33.55 15.17 19.91
N ALA G 78 -34.03 16.10 20.77
CA ALA G 78 -35.40 16.18 21.28
C ALA G 78 -36.43 16.40 20.19
N GLN G 79 -36.11 17.27 19.22
CA GLN G 79 -36.97 17.58 18.07
C GLN G 79 -37.32 16.36 17.21
N ASN G 80 -36.34 15.42 17.03
CA ASN G 80 -36.51 14.17 16.25
C ASN G 80 -37.01 12.97 17.09
N GLY G 81 -37.41 13.23 18.33
CA GLY G 81 -37.96 12.18 19.20
C GLY G 81 -36.98 11.55 20.14
N GLY G 82 -35.75 12.04 20.14
CA GLY G 82 -34.68 11.54 21.00
C GLY G 82 -34.44 12.42 22.22
N ILE G 83 -33.24 12.30 22.80
CA ILE G 83 -32.79 13.05 23.97
C ILE G 83 -31.29 13.10 23.94
N GLY G 84 -30.76 14.26 24.26
CA GLY G 84 -29.32 14.48 24.34
C GLY G 84 -28.87 14.55 25.78
N ILE G 85 -27.71 13.96 26.09
CA ILE G 85 -27.15 14.03 27.44
C ILE G 85 -26.04 15.05 27.39
N LEU G 86 -26.20 16.19 28.07
CA LEU G 86 -25.22 17.27 28.11
C LEU G 86 -24.02 16.81 28.93
N HIS G 87 -22.79 17.05 28.41
CA HIS G 87 -21.54 16.61 29.06
C HIS G 87 -21.20 17.38 30.34
N LYS G 88 -20.36 16.77 31.21
CA LYS G 88 -19.94 17.35 32.49
C LYS G 88 -18.59 18.08 32.44
N ASN G 89 -17.96 18.17 31.26
CA ASN G 89 -16.67 18.86 31.08
C ASN G 89 -16.86 20.39 30.96
N MET G 90 -17.65 20.93 31.89
CA MET G 90 -18.01 22.34 32.04
C MET G 90 -18.47 22.58 33.48
N ASP G 91 -18.32 23.83 33.97
CA ASP G 91 -18.73 24.21 35.33
C ASP G 91 -20.25 24.10 35.53
N ILE G 92 -20.68 23.96 36.81
CA ILE G 92 -22.08 23.80 37.24
C ILE G 92 -23.01 24.88 36.62
N ALA G 93 -22.56 26.14 36.61
CA ALA G 93 -23.30 27.28 36.06
C ALA G 93 -23.53 27.17 34.55
N ALA G 94 -22.50 26.73 33.78
CA ALA G 94 -22.61 26.58 32.33
C ALA G 94 -23.49 25.37 31.97
N GLN G 95 -23.40 24.26 32.74
CA GLN G 95 -24.22 23.07 32.50
C GLN G 95 -25.69 23.32 32.78
N ALA G 96 -26.01 24.07 33.85
CA ALA G 96 -27.38 24.43 34.21
C ALA G 96 -27.97 25.40 33.16
N ALA G 97 -27.11 26.29 32.59
CA ALA G 97 -27.48 27.25 31.52
C ALA G 97 -27.79 26.51 30.22
N GLU G 98 -27.12 25.36 29.97
CA GLU G 98 -27.35 24.51 28.81
C GLU G 98 -28.70 23.81 28.95
N VAL G 99 -29.05 23.36 30.19
CA VAL G 99 -30.34 22.71 30.50
C VAL G 99 -31.46 23.71 30.19
N ARG G 100 -31.33 24.96 30.69
N ARG G 100 -31.33 24.97 30.68
CA ARG G 100 -32.29 26.05 30.49
CA ARG G 100 -32.29 26.05 30.49
C ARG G 100 -32.50 26.40 29.01
C ARG G 100 -32.50 26.40 29.01
N ARG G 101 -31.41 26.37 28.22
CA ARG G 101 -31.43 26.64 26.76
C ARG G 101 -32.32 25.63 25.99
N VAL G 102 -32.32 24.36 26.42
CA VAL G 102 -33.14 23.30 25.82
C VAL G 102 -34.59 23.43 26.29
N LYS G 103 -34.79 23.66 27.61
CA LYS G 103 -36.11 23.79 28.24
C LYS G 103 -36.88 25.05 27.81
N LYS G 104 -36.17 26.15 27.52
CA LYS G 104 -36.77 27.43 27.12
C LYS G 104 -36.82 27.61 25.59
N PHE G 105 -36.41 26.59 24.82
CA PHE G 105 -36.42 26.65 23.35
C PHE G 105 -37.86 26.60 22.81
N GLU G 106 -38.18 27.54 21.90
CA GLU G 106 -39.49 27.65 21.25
C GLU G 106 -39.33 27.64 19.73
N ALA G 107 -40.12 26.78 19.06
CA ALA G 107 -40.10 26.62 17.60
C ALA G 107 -40.83 27.77 16.90
N GLY G 108 -40.21 28.29 15.85
CA GLY G 108 -40.77 29.39 15.05
C GLY G 108 -41.74 28.91 14.00
N TYR G 113 -41.94 20.03 13.94
CA TYR G 113 -41.41 18.74 14.39
C TYR G 113 -42.50 17.98 15.16
N PRO G 114 -43.36 17.20 14.46
CA PRO G 114 -44.45 16.50 15.16
C PRO G 114 -44.01 15.35 16.07
N ASN G 115 -42.85 14.75 15.77
CA ASN G 115 -42.25 13.64 16.53
C ASN G 115 -41.40 14.08 17.74
N SER G 116 -41.44 15.39 18.12
CA SER G 116 -40.71 15.99 19.24
C SER G 116 -40.97 15.31 20.57
N CYS G 117 -39.89 15.08 21.34
CA CYS G 117 -39.91 14.49 22.67
C CYS G 117 -39.96 15.63 23.68
N LYS G 118 -41.11 15.75 24.35
CA LYS G 118 -41.39 16.84 25.29
C LYS G 118 -41.94 16.32 26.62
N ASP G 119 -41.82 17.15 27.68
CA ASP G 119 -42.32 16.84 29.01
C ASP G 119 -43.83 17.16 29.15
N ASP G 120 -44.35 17.14 30.40
CA ASP G 120 -45.75 17.43 30.71
C ASP G 120 -46.13 18.90 30.43
N LEU G 121 -45.12 19.80 30.46
CA LEU G 121 -45.27 21.24 30.22
C LEU G 121 -44.99 21.63 28.76
N GLY G 122 -44.89 20.63 27.87
CA GLY G 122 -44.65 20.81 26.44
C GLY G 122 -43.25 21.32 26.06
N ARG G 123 -42.29 21.26 27.00
CA ARG G 123 -40.91 21.69 26.79
C ARG G 123 -40.08 20.49 26.33
N LEU G 124 -39.13 20.74 25.39
CA LEU G 124 -38.22 19.70 24.85
C LEU G 124 -37.47 19.03 26.01
N ARG G 125 -37.43 17.70 26.00
CA ARG G 125 -36.73 16.92 27.03
C ARG G 125 -35.20 16.98 26.90
N VAL G 126 -34.49 16.94 28.04
CA VAL G 126 -33.03 16.99 28.10
C VAL G 126 -32.48 16.18 29.28
N GLY G 127 -31.27 15.67 29.13
CA GLY G 127 -30.55 14.94 30.15
C GLY G 127 -29.21 15.57 30.42
N ALA G 128 -28.64 15.30 31.60
CA ALA G 128 -27.33 15.84 31.98
C ALA G 128 -26.48 14.82 32.71
N ALA G 129 -25.18 14.79 32.39
CA ALA G 129 -24.22 13.89 33.04
C ALA G 129 -23.59 14.51 34.29
N VAL G 130 -23.42 13.66 35.33
CA VAL G 130 -22.77 14.00 36.61
C VAL G 130 -21.77 12.88 36.96
N GLY G 131 -20.75 13.21 37.75
CA GLY G 131 -19.75 12.25 38.20
C GLY G 131 -20.08 11.73 39.58
N THR G 132 -19.05 11.49 40.40
CA THR G 132 -19.17 11.03 41.80
C THR G 132 -18.33 11.92 42.73
N GLY G 133 -17.64 12.92 42.13
CA GLY G 133 -16.80 13.90 42.81
C GLY G 133 -17.49 14.79 43.82
N ALA G 134 -16.71 15.71 44.42
CA ALA G 134 -17.18 16.62 45.46
C ALA G 134 -18.24 17.65 45.02
N ASP G 135 -18.19 18.10 43.75
CA ASP G 135 -19.13 19.10 43.23
C ASP G 135 -20.48 18.52 42.77
N THR G 136 -20.63 17.17 42.82
CA THR G 136 -21.85 16.45 42.40
C THR G 136 -23.11 16.93 43.13
N PRO G 137 -23.20 17.04 44.49
CA PRO G 137 -24.45 17.53 45.10
C PRO G 137 -24.88 18.93 44.62
N SER G 138 -23.93 19.84 44.44
CA SER G 138 -24.17 21.20 43.91
C SER G 138 -24.57 21.16 42.44
N ARG G 139 -23.94 20.25 41.66
CA ARG G 139 -24.21 20.04 40.23
C ARG G 139 -25.64 19.48 40.04
N VAL G 140 -25.99 18.39 40.75
CA VAL G 140 -27.30 17.73 40.72
C VAL G 140 -28.42 18.71 41.08
N GLU G 141 -28.25 19.46 42.18
CA GLU G 141 -29.23 20.45 42.66
C GLU G 141 -29.49 21.52 41.61
N ALA G 142 -28.42 22.08 41.01
CA ALA G 142 -28.52 23.12 39.98
C ALA G 142 -29.17 22.63 38.68
N LEU G 143 -28.94 21.35 38.30
CA LEU G 143 -29.52 20.80 37.07
C LEU G 143 -31.02 20.53 37.20
N VAL G 144 -31.45 19.97 38.36
CA VAL G 144 -32.87 19.69 38.67
C VAL G 144 -33.64 21.02 38.72
N GLU G 145 -33.02 22.06 39.34
CA GLU G 145 -33.57 23.40 39.46
C GLU G 145 -33.76 24.04 38.08
N ALA G 146 -32.80 23.78 37.14
CA ALA G 146 -32.83 24.26 35.76
C ALA G 146 -33.88 23.53 34.89
N GLY G 147 -34.48 22.46 35.43
CA GLY G 147 -35.53 21.69 34.79
C GLY G 147 -35.12 20.45 34.04
N VAL G 148 -33.95 19.84 34.37
CA VAL G 148 -33.46 18.62 33.72
C VAL G 148 -34.43 17.45 33.95
N ASP G 149 -34.65 16.64 32.89
CA ASP G 149 -35.57 15.50 32.92
C ASP G 149 -34.92 14.25 33.51
N VAL G 150 -33.63 14.06 33.22
CA VAL G 150 -32.90 12.89 33.70
C VAL G 150 -31.44 13.22 34.09
N ILE G 151 -31.00 12.65 35.22
CA ILE G 151 -29.64 12.79 35.75
C ILE G 151 -28.89 11.49 35.41
N VAL G 152 -27.75 11.62 34.69
CA VAL G 152 -26.95 10.46 34.33
C VAL G 152 -25.69 10.41 35.20
N VAL G 153 -25.69 9.55 36.23
CA VAL G 153 -24.54 9.32 37.11
C VAL G 153 -23.65 8.35 36.31
N ASP G 154 -22.69 8.89 35.55
CA ASP G 154 -21.86 8.11 34.63
C ASP G 154 -20.34 8.22 34.85
N THR G 155 -19.71 7.08 35.21
CA THR G 155 -18.25 6.92 35.33
C THR G 155 -17.83 5.72 34.44
N ALA G 156 -16.52 5.43 34.38
CA ALA G 156 -15.97 4.32 33.58
C ALA G 156 -16.35 2.98 34.17
N HIS G 157 -16.60 2.93 35.48
CA HIS G 157 -16.91 1.71 36.19
C HIS G 157 -18.13 1.90 37.11
N GLY G 158 -19.31 1.70 36.52
CA GLY G 158 -20.60 1.83 37.19
C GLY G 158 -20.93 0.77 38.24
N HIS G 159 -20.12 -0.32 38.34
CA HIS G 159 -20.30 -1.36 39.38
C HIS G 159 -19.38 -1.04 40.55
N SER G 160 -19.51 0.19 41.06
CA SER G 160 -18.70 0.69 42.16
C SER G 160 -19.56 1.31 43.23
N ALA G 161 -19.09 1.33 44.48
CA ALA G 161 -19.81 1.94 45.60
C ALA G 161 -20.09 3.41 45.31
N GLY G 162 -19.12 4.08 44.67
CA GLY G 162 -19.21 5.48 44.26
C GLY G 162 -20.43 5.81 43.40
N VAL G 163 -20.71 4.99 42.38
CA VAL G 163 -21.85 5.17 41.47
C VAL G 163 -23.14 4.69 42.13
N ILE G 164 -23.14 3.47 42.70
CA ILE G 164 -24.30 2.86 43.36
C ILE G 164 -24.89 3.77 44.44
N GLU G 165 -24.04 4.31 45.33
CA GLU G 165 -24.45 5.19 46.42
C GLU G 165 -24.89 6.59 45.95
N ARG G 166 -24.25 7.12 44.86
CA ARG G 166 -24.62 8.41 44.30
C ARG G 166 -26.01 8.34 43.62
N VAL G 167 -26.34 7.24 42.88
CA VAL G 167 -27.68 7.08 42.27
C VAL G 167 -28.73 6.91 43.40
N ARG G 168 -28.37 6.25 44.54
CA ARG G 168 -29.22 6.09 45.71
C ARG G 168 -29.45 7.45 46.40
N TRP G 169 -28.42 8.33 46.38
CA TRP G 169 -28.48 9.68 46.95
C TRP G 169 -29.42 10.56 46.11
N VAL G 170 -29.28 10.54 44.76
CA VAL G 170 -30.10 11.31 43.81
C VAL G 170 -31.58 10.89 43.91
N LYS G 171 -31.87 9.59 43.96
CA LYS G 171 -33.24 9.07 44.05
C LYS G 171 -33.93 9.45 45.38
N GLN G 172 -33.19 9.42 46.50
CA GLN G 172 -33.72 9.75 47.83
C GLN G 172 -33.92 11.26 48.04
N ASN G 173 -32.97 12.08 47.54
CA ASN G 173 -32.99 13.54 47.69
C ASN G 173 -33.76 14.27 46.60
N PHE G 174 -33.83 13.71 45.40
CA PHE G 174 -34.53 14.32 44.26
C PHE G 174 -35.48 13.31 43.58
N PRO G 175 -36.58 12.84 44.24
CA PRO G 175 -37.47 11.86 43.60
C PRO G 175 -38.26 12.38 42.38
N GLN G 176 -38.32 13.71 42.20
CA GLN G 176 -39.01 14.37 41.09
C GLN G 176 -38.25 14.26 39.75
N VAL G 177 -37.00 13.77 39.79
CA VAL G 177 -36.15 13.60 38.61
C VAL G 177 -35.82 12.10 38.37
N GLN G 178 -35.64 11.72 37.10
CA GLN G 178 -35.28 10.34 36.72
C GLN G 178 -33.75 10.17 36.80
N VAL G 179 -33.29 9.00 37.25
CA VAL G 179 -31.85 8.75 37.39
C VAL G 179 -31.36 7.51 36.61
N ILE G 180 -30.24 7.68 35.89
CA ILE G 180 -29.57 6.61 35.15
C ILE G 180 -28.20 6.35 35.79
N GLY G 181 -27.87 5.07 35.91
CA GLY G 181 -26.60 4.60 36.43
C GLY G 181 -25.83 3.83 35.37
N GLY G 182 -24.54 4.13 35.25
CA GLY G 182 -23.64 3.47 34.30
C GLY G 182 -22.19 3.83 34.55
N ASN G 183 -21.24 3.30 33.75
CA ASN G 183 -21.47 2.32 32.68
C ASN G 183 -21.20 0.92 33.23
N ILE G 184 -22.06 -0.06 32.88
CA ILE G 184 -21.97 -1.46 33.35
C ILE G 184 -21.89 -2.46 32.18
N ALA G 185 -21.65 -3.77 32.49
CA ALA G 185 -21.57 -4.84 31.48
C ALA G 185 -21.97 -6.21 31.99
N THR G 186 -22.42 -6.32 33.26
CA THR G 186 -22.86 -7.62 33.85
C THR G 186 -24.24 -7.51 34.49
N GLY G 187 -24.89 -8.66 34.65
CA GLY G 187 -26.20 -8.76 35.30
C GLY G 187 -26.18 -8.38 36.77
N ASP G 188 -25.07 -8.74 37.46
CA ASP G 188 -24.85 -8.42 38.89
C ASP G 188 -24.79 -6.92 39.13
N ALA G 189 -24.14 -6.18 38.20
CA ALA G 189 -24.01 -4.72 38.21
C ALA G 189 -25.37 -4.06 38.04
N ALA G 190 -26.23 -4.63 37.15
CA ALA G 190 -27.58 -4.15 36.86
C ALA G 190 -28.50 -4.29 38.06
N LEU G 191 -28.43 -5.44 38.78
CA LEU G 191 -29.23 -5.70 39.99
C LEU G 191 -28.83 -4.72 41.10
N ALA G 192 -27.51 -4.43 41.22
CA ALA G 192 -26.95 -3.49 42.19
C ALA G 192 -27.52 -2.09 41.98
N LEU G 193 -27.53 -1.61 40.71
CA LEU G 193 -28.09 -0.30 40.37
C LEU G 193 -29.62 -0.26 40.47
N LEU G 194 -30.29 -1.42 40.22
CA LEU G 194 -31.75 -1.57 40.34
C LEU G 194 -32.15 -1.40 41.82
N ASP G 195 -31.40 -2.06 42.73
CA ASP G 195 -31.61 -1.99 44.18
C ASP G 195 -31.32 -0.60 44.75
N ALA G 196 -30.45 0.18 44.06
CA ALA G 196 -30.07 1.54 44.42
C ALA G 196 -31.15 2.56 44.04
N GLY G 197 -32.09 2.15 43.18
CA GLY G 197 -33.19 2.98 42.73
C GLY G 197 -33.02 3.62 41.37
N ALA G 198 -32.13 3.08 40.51
CA ALA G 198 -31.94 3.61 39.14
C ALA G 198 -33.18 3.32 38.31
N ASP G 199 -33.57 4.28 37.46
CA ASP G 199 -34.76 4.17 36.60
C ASP G 199 -34.40 3.55 35.26
N ALA G 200 -33.10 3.46 34.97
CA ALA G 200 -32.49 2.89 33.77
C ALA G 200 -31.00 2.69 33.99
N VAL G 201 -30.41 1.71 33.28
CA VAL G 201 -28.97 1.42 33.33
C VAL G 201 -28.33 1.65 31.95
N LYS G 202 -27.09 2.12 31.93
CA LYS G 202 -26.36 2.37 30.69
C LYS G 202 -25.27 1.27 30.58
N VAL G 203 -25.31 0.53 29.45
CA VAL G 203 -24.47 -0.65 29.15
C VAL G 203 -23.36 -0.38 28.11
N GLY G 204 -22.10 -0.57 28.54
CA GLY G 204 -20.95 -0.41 27.67
C GLY G 204 -19.60 -0.27 28.34
N ILE G 205 -18.87 -1.40 28.45
CA ILE G 205 -17.51 -1.46 28.99
C ILE G 205 -16.56 -1.96 27.90
N GLY G 206 -15.89 -1.01 27.25
CA GLY G 206 -14.94 -1.27 26.18
C GLY G 206 -15.40 -1.27 24.72
N PRO G 207 -16.68 -0.99 24.31
CA PRO G 207 -17.00 -1.07 22.88
C PRO G 207 -16.85 0.24 22.07
N GLY G 208 -16.71 1.38 22.74
CA GLY G 208 -16.57 2.69 22.11
C GLY G 208 -15.54 2.76 21.01
N SER G 209 -15.83 3.50 19.93
CA SER G 209 -14.93 3.66 18.77
C SER G 209 -13.59 4.32 19.13
N ILE G 210 -13.62 5.30 20.04
CA ILE G 210 -12.44 6.05 20.53
C ILE G 210 -11.85 5.45 21.81
N CYS G 211 -12.46 4.38 22.33
CA CYS G 211 -12.10 3.67 23.56
C CYS G 211 -10.84 2.80 23.43
N THR G 212 -9.93 2.89 24.43
CA THR G 212 -8.71 2.06 24.51
C THR G 212 -8.64 1.27 25.84
N THR G 213 -9.79 1.14 26.55
CA THR G 213 -9.95 0.41 27.83
C THR G 213 -9.41 -1.03 27.73
N ARG G 214 -9.75 -1.73 26.63
CA ARG G 214 -9.33 -3.11 26.36
C ARG G 214 -7.80 -3.25 26.29
N ILE G 215 -7.10 -2.29 25.66
CA ILE G 215 -5.65 -2.32 25.52
C ILE G 215 -4.94 -1.85 26.81
N VAL G 216 -5.45 -0.80 27.43
CA VAL G 216 -4.87 -0.23 28.64
C VAL G 216 -5.13 -1.07 29.92
N ALA G 217 -6.35 -1.60 30.08
CA ALA G 217 -6.71 -2.34 31.28
C ALA G 217 -6.99 -3.83 31.07
N GLY G 218 -7.17 -4.27 29.81
CA GLY G 218 -7.48 -5.66 29.48
C GLY G 218 -8.87 -6.06 29.97
N ILE G 219 -9.71 -5.03 30.17
CA ILE G 219 -11.07 -5.09 30.67
C ILE G 219 -12.04 -4.83 29.52
N GLY G 220 -13.16 -5.54 29.54
CA GLY G 220 -14.18 -5.38 28.51
C GLY G 220 -15.17 -6.53 28.43
N MET G 221 -16.24 -6.28 27.67
CA MET G 221 -17.31 -7.23 27.42
C MET G 221 -17.96 -6.88 26.08
N PRO G 222 -17.80 -7.74 25.03
CA PRO G 222 -18.46 -7.47 23.74
C PRO G 222 -19.95 -7.14 23.92
N GLN G 223 -20.39 -6.05 23.29
CA GLN G 223 -21.71 -5.41 23.44
C GLN G 223 -22.95 -6.33 23.34
N ILE G 224 -23.02 -7.31 22.42
CA ILE G 224 -24.21 -8.16 22.32
C ILE G 224 -24.40 -9.01 23.61
N SER G 225 -23.30 -9.54 24.18
CA SER G 225 -23.32 -10.33 25.39
C SER G 225 -23.51 -9.46 26.64
N ALA G 226 -23.03 -8.19 26.59
CA ALA G 226 -23.16 -7.21 27.66
C ALA G 226 -24.65 -6.85 27.83
N ILE G 227 -25.36 -6.55 26.70
CA ILE G 227 -26.79 -6.21 26.66
C ILE G 227 -27.61 -7.42 27.14
N ASP G 228 -27.29 -8.62 26.61
CA ASP G 228 -27.98 -9.85 26.98
C ASP G 228 -27.91 -10.15 28.47
N SER G 229 -26.70 -10.06 29.08
CA SER G 229 -26.44 -10.31 30.50
C SER G 229 -27.23 -9.37 31.40
N VAL G 230 -27.19 -8.06 31.10
CA VAL G 230 -27.91 -7.01 31.82
C VAL G 230 -29.44 -7.20 31.70
N ALA G 231 -29.98 -7.31 30.45
CA ALA G 231 -31.41 -7.50 30.16
C ALA G 231 -32.02 -8.73 30.82
N SER G 232 -31.28 -9.86 30.87
CA SER G 232 -31.75 -11.13 31.46
C SER G 232 -31.91 -11.04 32.97
N ALA G 233 -31.06 -10.23 33.63
CA ALA G 233 -31.11 -10.05 35.09
C ALA G 233 -32.23 -9.11 35.47
N LEU G 234 -32.40 -7.99 34.71
CA LEU G 234 -33.42 -6.97 34.95
C LEU G 234 -34.86 -7.45 34.83
N LYS G 235 -35.14 -8.36 33.87
CA LYS G 235 -36.47 -8.91 33.59
C LYS G 235 -37.50 -7.79 33.31
N ASP G 236 -37.08 -6.79 32.48
CA ASP G 236 -37.83 -5.62 32.02
C ASP G 236 -38.35 -4.69 33.15
N GLN G 237 -37.73 -4.78 34.36
CA GLN G 237 -38.10 -3.93 35.51
C GLN G 237 -37.73 -2.47 35.23
N ILE G 238 -36.57 -2.26 34.58
CA ILE G 238 -36.06 -0.95 34.15
C ILE G 238 -35.40 -1.11 32.77
N PRO G 239 -35.48 -0.12 31.84
CA PRO G 239 -34.83 -0.29 30.53
C PRO G 239 -33.30 -0.15 30.60
N LEU G 240 -32.61 -0.49 29.49
CA LEU G 240 -31.16 -0.32 29.37
C LEU G 240 -30.80 0.48 28.09
N ILE G 241 -29.74 1.31 28.14
CA ILE G 241 -29.25 2.12 27.00
C ILE G 241 -27.99 1.41 26.48
N ALA G 242 -28.05 0.91 25.22
CA ALA G 242 -26.91 0.26 24.56
C ALA G 242 -25.91 1.34 24.15
N ASP G 243 -24.92 1.57 25.01
CA ASP G 243 -23.94 2.63 24.83
C ASP G 243 -22.56 2.15 24.35
N GLY G 244 -22.18 2.68 23.19
CA GLY G 244 -20.88 2.45 22.56
C GLY G 244 -20.86 1.35 21.52
N GLY G 245 -20.04 1.57 20.48
CA GLY G 245 -19.80 0.58 19.43
C GLY G 245 -20.76 0.49 18.26
N ILE G 246 -21.68 1.48 18.10
CA ILE G 246 -22.64 1.52 16.99
C ILE G 246 -21.96 2.24 15.82
N ARG G 247 -21.82 1.52 14.69
CA ARG G 247 -21.20 2.02 13.46
C ARG G 247 -22.22 2.17 12.35
N PHE G 248 -23.21 1.26 12.32
CA PHE G 248 -24.27 1.22 11.30
C PHE G 248 -25.65 0.99 11.90
N SER G 249 -26.70 1.23 11.09
CA SER G 249 -28.11 1.04 11.46
C SER G 249 -28.46 -0.41 11.83
N GLY G 250 -27.67 -1.35 11.34
CA GLY G 250 -27.81 -2.78 11.61
C GLY G 250 -27.46 -3.14 13.04
N ASP G 251 -26.42 -2.46 13.61
CA ASP G 251 -25.97 -2.64 14.98
C ASP G 251 -27.06 -2.29 15.98
N MET G 252 -27.86 -1.25 15.65
CA MET G 252 -28.99 -0.74 16.45
C MET G 252 -30.09 -1.77 16.58
N ALA G 253 -30.40 -2.45 15.48
CA ALA G 253 -31.40 -3.52 15.39
C ALA G 253 -30.95 -4.73 16.21
N LYS G 254 -29.65 -5.09 16.11
CA LYS G 254 -29.02 -6.17 16.86
C LYS G 254 -29.04 -5.86 18.35
N ALA G 255 -28.70 -4.59 18.72
CA ALA G 255 -28.73 -4.11 20.12
C ALA G 255 -30.12 -4.22 20.73
N ILE G 256 -31.19 -3.72 20.01
CA ILE G 256 -32.59 -3.78 20.47
C ILE G 256 -33.06 -5.24 20.58
N GLY G 257 -32.72 -6.06 19.59
CA GLY G 257 -33.02 -7.49 19.56
C GLY G 257 -32.38 -8.26 20.71
N ALA G 258 -31.18 -7.83 21.13
CA ALA G 258 -30.43 -8.40 22.24
C ALA G 258 -31.02 -8.02 23.60
N GLY G 259 -31.79 -6.92 23.66
CA GLY G 259 -32.45 -6.48 24.88
C GLY G 259 -32.48 -5.00 25.20
N ALA G 260 -31.80 -4.17 24.39
CA ALA G 260 -31.75 -2.71 24.58
C ALA G 260 -33.08 -2.01 24.32
N SER G 261 -33.38 -0.93 25.08
CA SER G 261 -34.59 -0.14 24.86
C SER G 261 -34.22 1.11 24.08
N THR G 262 -33.02 1.64 24.29
CA THR G 262 -32.47 2.79 23.56
C THR G 262 -30.99 2.51 23.21
N ILE G 263 -30.42 3.37 22.36
CA ILE G 263 -29.04 3.28 21.89
C ILE G 263 -28.36 4.63 22.04
N MET G 264 -27.18 4.66 22.67
CA MET G 264 -26.40 5.88 22.78
C MET G 264 -25.32 5.88 21.70
N VAL G 265 -25.14 7.04 21.04
CA VAL G 265 -24.16 7.20 19.96
C VAL G 265 -23.32 8.47 20.11
N GLY G 266 -22.03 8.33 19.84
CA GLY G 266 -21.07 9.41 19.86
C GLY G 266 -20.51 9.70 18.50
N SER G 267 -19.78 8.72 17.91
N SER G 267 -19.79 8.71 17.92
CA SER G 267 -19.12 8.83 16.61
CA SER G 267 -19.13 8.78 16.61
C SER G 267 -20.06 9.20 15.47
C SER G 267 -20.06 9.18 15.46
N LEU G 268 -21.27 8.58 15.41
CA LEU G 268 -22.26 8.87 14.36
C LEU G 268 -22.81 10.30 14.39
N LEU G 269 -22.92 10.90 15.58
CA LEU G 269 -23.41 12.27 15.73
C LEU G 269 -22.29 13.30 15.74
N ALA G 270 -21.03 12.84 15.89
CA ALA G 270 -19.86 13.71 15.85
C ALA G 270 -19.65 14.10 14.38
N GLY G 271 -19.15 15.31 14.14
CA GLY G 271 -18.96 15.79 12.77
C GLY G 271 -20.16 16.50 12.20
N THR G 272 -21.35 16.35 12.83
CA THR G 272 -22.57 17.02 12.40
C THR G 272 -22.53 18.49 12.80
N GLU G 273 -23.31 19.35 12.10
CA GLU G 273 -23.41 20.80 12.30
C GLU G 273 -23.73 21.18 13.77
N GLU G 274 -24.68 20.45 14.39
CA GLU G 274 -25.17 20.64 15.76
C GLU G 274 -24.19 20.29 16.87
N ALA G 275 -23.22 19.39 16.58
CA ALA G 275 -22.21 18.93 17.54
C ALA G 275 -21.25 20.08 17.92
N PRO G 276 -20.71 20.14 19.18
CA PRO G 276 -19.76 21.22 19.51
C PRO G 276 -18.50 21.20 18.66
N GLY G 277 -17.89 22.36 18.49
CA GLY G 277 -16.67 22.51 17.72
C GLY G 277 -16.89 23.16 16.38
N GLU G 278 -15.87 23.90 15.92
CA GLU G 278 -15.86 24.59 14.64
C GLU G 278 -15.31 23.66 13.58
N VAL G 279 -15.76 23.81 12.33
CA VAL G 279 -15.29 23.01 11.19
C VAL G 279 -13.84 23.37 10.83
N GLU G 280 -13.01 22.35 10.61
CA GLU G 280 -11.60 22.53 10.24
C GLU G 280 -11.34 22.04 8.81
N PHE G 281 -10.59 22.83 8.04
CA PHE G 281 -10.25 22.55 6.66
C PHE G 281 -8.86 21.91 6.56
N PHE G 282 -8.82 20.57 6.56
CA PHE G 282 -7.58 19.81 6.48
C PHE G 282 -7.47 19.00 5.17
N GLN G 283 -6.46 19.33 4.34
CA GLN G 283 -6.12 18.69 3.06
C GLN G 283 -7.31 18.68 2.07
N GLY G 284 -7.95 19.83 1.91
CA GLY G 284 -9.08 20.00 1.01
C GLY G 284 -10.44 19.61 1.55
N ARG G 285 -10.48 18.71 2.55
CA ARG G 285 -11.70 18.21 3.19
C ARG G 285 -12.10 18.97 4.48
N TYR G 286 -13.36 18.78 4.94
CA TYR G 286 -13.88 19.39 6.15
C TYR G 286 -14.07 18.37 7.25
N TYR G 287 -13.54 18.67 8.45
CA TYR G 287 -13.62 17.79 9.63
C TYR G 287 -14.03 18.54 10.90
N LYS G 288 -14.44 17.77 11.90
CA LYS G 288 -14.75 18.25 13.25
C LYS G 288 -14.03 17.30 14.21
N ALA G 289 -13.62 17.81 15.37
CA ALA G 289 -12.91 17.02 16.36
C ALA G 289 -13.81 15.98 17.01
N TYR G 290 -13.25 14.82 17.33
CA TYR G 290 -13.94 13.77 18.04
C TYR G 290 -12.92 13.11 18.96
N ARG G 291 -13.18 13.12 20.27
CA ARG G 291 -12.27 12.57 21.27
C ARG G 291 -13.00 11.85 22.41
N GLY G 292 -12.31 10.89 23.01
CA GLY G 292 -12.84 10.17 24.16
C GLY G 292 -12.79 11.05 25.40
N MET G 293 -13.69 10.82 26.35
CA MET G 293 -13.72 11.61 27.59
C MET G 293 -12.59 11.23 28.55
N GLY G 294 -11.94 10.09 28.26
CA GLY G 294 -10.78 9.57 28.98
C GLY G 294 -9.49 9.77 28.21
N SER G 295 -9.47 10.65 27.21
CA SER G 295 -8.27 10.98 26.44
C SER G 295 -7.47 12.07 27.15
N LEU G 296 -6.18 12.20 26.82
CA LEU G 296 -5.25 13.18 27.39
C LEU G 296 -5.78 14.63 27.29
N GLY G 297 -6.34 15.00 26.14
CA GLY G 297 -6.93 16.31 25.89
C GLY G 297 -8.20 16.61 26.65
N ALA G 298 -9.06 15.60 26.85
CA ALA G 298 -10.33 15.73 27.59
C ALA G 298 -10.13 15.82 29.10
N MET G 299 -9.04 15.21 29.62
CA MET G 299 -8.71 15.20 31.04
C MET G 299 -7.95 16.47 31.45
N ALA G 300 -7.18 17.06 30.52
CA ALA G 300 -6.42 18.29 30.73
C ALA G 300 -7.22 19.51 30.25
N LEU G 320 -5.11 9.22 36.46
CA LEU G 320 -5.34 8.02 35.67
C LEU G 320 -4.67 8.11 34.30
N VAL G 321 -4.21 6.95 33.79
CA VAL G 321 -3.62 6.83 32.46
C VAL G 321 -4.78 6.94 31.41
N PRO G 322 -4.60 7.64 30.26
CA PRO G 322 -5.70 7.75 29.29
C PRO G 322 -6.30 6.41 28.83
N GLU G 323 -7.61 6.41 28.55
CA GLU G 323 -8.36 5.25 28.08
C GLU G 323 -9.16 5.58 26.80
N GLY G 324 -8.76 6.64 26.11
CA GLY G 324 -9.39 7.09 24.88
C GLY G 324 -8.46 7.87 23.98
N ILE G 325 -8.82 7.98 22.69
CA ILE G 325 -8.03 8.67 21.67
C ILE G 325 -8.68 9.99 21.22
N GLU G 326 -7.87 10.86 20.61
CA GLU G 326 -8.28 12.16 20.08
C GLU G 326 -8.11 12.13 18.58
N GLY G 327 -9.17 12.47 17.85
CA GLY G 327 -9.16 12.47 16.40
C GLY G 327 -10.09 13.46 15.73
N ARG G 328 -10.24 13.30 14.41
CA ARG G 328 -11.10 14.14 13.58
C ARG G 328 -12.02 13.22 12.78
N VAL G 329 -13.31 13.58 12.74
CA VAL G 329 -14.35 12.90 11.98
C VAL G 329 -14.77 13.80 10.80
N PRO G 330 -15.13 13.27 9.62
CA PRO G 330 -15.51 14.16 8.51
C PRO G 330 -16.83 14.91 8.76
N TYR G 331 -16.96 16.13 8.20
CA TYR G 331 -18.17 16.95 8.34
C TYR G 331 -19.38 16.27 7.69
N LYS G 332 -20.40 15.98 8.50
CA LYS G 332 -21.61 15.26 8.10
C LYS G 332 -22.84 16.15 7.81
N GLY G 333 -22.72 17.46 8.03
CA GLY G 333 -23.80 18.41 7.82
C GLY G 333 -24.87 18.32 8.89
N PRO G 334 -26.13 18.78 8.63
CA PRO G 334 -27.17 18.70 9.66
C PRO G 334 -27.39 17.29 10.21
N MET G 335 -27.49 17.14 11.53
CA MET G 335 -27.67 15.86 12.22
C MET G 335 -28.92 15.10 11.76
N GLY G 336 -29.94 15.83 11.30
CA GLY G 336 -31.22 15.28 10.84
C GLY G 336 -31.11 14.20 9.79
N ASN G 337 -30.18 14.38 8.82
CA ASN G 337 -29.88 13.46 7.72
C ASN G 337 -29.42 12.09 8.25
N ILE G 338 -28.40 12.09 9.14
CA ILE G 338 -27.79 10.91 9.78
C ILE G 338 -28.85 10.14 10.59
N VAL G 339 -29.68 10.86 11.38
CA VAL G 339 -30.77 10.30 12.19
C VAL G 339 -31.82 9.58 11.31
N HIS G 340 -32.20 10.19 10.17
N HIS G 340 -32.18 10.20 10.15
CA HIS G 340 -33.18 9.61 9.24
CA HIS G 340 -33.12 9.68 9.16
C HIS G 340 -32.63 8.35 8.54
C HIS G 340 -32.62 8.37 8.55
N GLN G 341 -31.33 8.35 8.17
CA GLN G 341 -30.64 7.18 7.57
C GLN G 341 -30.59 6.00 8.56
N MET G 342 -30.34 6.30 9.84
CA MET G 342 -30.27 5.35 10.95
C MET G 342 -31.63 4.78 11.29
N MET G 343 -32.63 5.64 11.46
CA MET G 343 -33.99 5.19 11.78
C MET G 343 -34.63 4.48 10.58
N GLY G 344 -34.21 4.84 9.37
CA GLY G 344 -34.64 4.20 8.13
C GLY G 344 -34.21 2.74 8.04
N GLY G 345 -32.97 2.47 8.45
CA GLY G 345 -32.38 1.14 8.49
C GLY G 345 -33.01 0.25 9.55
N LEU G 346 -33.40 0.83 10.70
CA LEU G 346 -34.06 0.12 11.81
C LEU G 346 -35.50 -0.23 11.42
N ARG G 347 -36.14 0.65 10.62
CA ARG G 347 -37.51 0.41 10.14
C ARG G 347 -37.52 -0.78 9.20
N SER G 348 -36.51 -0.89 8.29
CA SER G 348 -36.37 -2.04 7.38
C SER G 348 -36.18 -3.35 8.15
N SER G 349 -35.35 -3.32 9.22
N SER G 349 -35.35 -3.31 9.23
CA SER G 349 -35.06 -4.45 10.10
CA SER G 349 -35.06 -4.45 10.13
C SER G 349 -36.33 -4.94 10.82
C SER G 349 -36.34 -4.94 10.80
N MET G 350 -37.18 -3.99 11.29
CA MET G 350 -38.45 -4.23 11.97
C MET G 350 -39.50 -4.75 11.00
N GLY G 351 -39.32 -4.40 9.73
CA GLY G 351 -40.14 -4.92 8.64
C GLY G 351 -39.74 -6.35 8.33
N TYR G 352 -38.43 -6.68 8.40
CA TYR G 352 -37.89 -8.04 8.15
C TYR G 352 -38.23 -9.02 9.28
N THR G 353 -38.28 -8.53 10.52
CA THR G 353 -38.53 -9.33 11.71
C THR G 353 -40.03 -9.48 12.00
N GLY G 354 -40.84 -8.60 11.42
CA GLY G 354 -42.29 -8.56 11.65
C GLY G 354 -42.59 -7.91 12.98
N SER G 355 -41.83 -6.87 13.32
CA SER G 355 -41.96 -6.14 14.56
C SER G 355 -42.69 -4.82 14.34
N ALA G 356 -43.95 -4.75 14.75
CA ALA G 356 -44.75 -3.53 14.58
C ALA G 356 -44.33 -2.44 15.57
N VAL G 357 -43.91 -2.87 16.78
CA VAL G 357 -43.45 -2.02 17.88
C VAL G 357 -42.06 -2.46 18.35
N ILE G 358 -41.29 -1.57 18.99
CA ILE G 358 -39.95 -1.83 19.54
C ILE G 358 -39.96 -3.08 20.44
N GLU G 359 -40.97 -3.21 21.32
CA GLU G 359 -41.14 -4.35 22.21
C GLU G 359 -41.26 -5.70 21.48
N ASP G 360 -41.80 -5.70 20.24
CA ASP G 360 -41.90 -6.92 19.41
C ASP G 360 -40.49 -7.40 19.03
N LEU G 361 -39.58 -6.47 18.63
CA LEU G 361 -38.19 -6.77 18.27
C LEU G 361 -37.39 -7.23 19.50
N ARG G 362 -37.62 -6.58 20.65
CA ARG G 362 -36.97 -6.87 21.92
C ARG G 362 -37.29 -8.28 22.45
N GLN G 363 -38.54 -8.74 22.28
CA GLN G 363 -39.01 -10.03 22.79
C GLN G 363 -38.99 -11.20 21.79
N ASN G 364 -39.14 -10.92 20.47
CA ASN G 364 -39.24 -11.98 19.45
C ASN G 364 -38.02 -12.20 18.55
N ALA G 365 -36.99 -11.32 18.60
CA ALA G 365 -35.79 -11.46 17.77
C ALA G 365 -35.06 -12.78 17.96
N LYS G 366 -34.70 -13.43 16.84
CA LYS G 366 -33.97 -14.69 16.78
C LYS G 366 -32.68 -14.38 16.02
N PHE G 367 -31.55 -14.87 16.55
CA PHE G 367 -30.22 -14.65 15.99
C PHE G 367 -29.52 -15.95 15.57
N VAL G 368 -28.50 -15.81 14.73
CA VAL G 368 -27.58 -16.87 14.33
C VAL G 368 -26.16 -16.36 14.61
N LYS G 369 -25.26 -17.23 15.08
CA LYS G 369 -23.86 -16.87 15.30
C LYS G 369 -23.11 -17.07 13.98
N ILE G 370 -22.30 -16.09 13.58
CA ILE G 370 -21.53 -16.21 12.33
C ILE G 370 -20.02 -16.28 12.61
N THR G 371 -19.26 -16.90 11.70
CA THR G 371 -17.79 -17.03 11.82
C THR G 371 -17.11 -15.80 11.20
N SER G 372 -15.76 -15.80 11.16
CA SER G 372 -14.94 -14.75 10.56
C SER G 372 -15.11 -14.71 9.03
N ALA G 373 -15.59 -15.82 8.43
CA ALA G 373 -15.85 -15.93 6.99
C ALA G 373 -17.20 -15.28 6.62
N GLY G 374 -18.22 -15.45 7.49
CA GLY G 374 -19.56 -14.90 7.30
C GLY G 374 -19.65 -13.39 7.38
N SER H 16 -10.53 -41.36 15.93
CA SER H 16 -9.40 -40.44 15.82
C SER H 16 -8.29 -40.79 16.83
N MET H 17 -7.01 -40.59 16.41
CA MET H 17 -5.84 -40.88 17.24
C MET H 17 -5.12 -39.60 17.69
N LEU H 18 -5.37 -38.45 16.99
CA LEU H 18 -4.79 -37.13 17.29
C LEU H 18 -5.20 -36.69 18.71
N THR H 19 -4.20 -36.35 19.55
CA THR H 19 -4.47 -35.92 20.92
C THR H 19 -4.43 -34.41 21.04
N ILE H 20 -5.64 -33.80 21.17
CA ILE H 20 -5.82 -32.37 21.37
C ILE H 20 -6.15 -32.25 22.86
N VAL H 21 -5.18 -31.72 23.62
CA VAL H 21 -5.25 -31.54 25.07
C VAL H 21 -6.35 -30.53 25.45
N GLN H 22 -6.39 -29.40 24.73
CA GLN H 22 -7.34 -28.31 24.94
C GLN H 22 -7.27 -27.30 23.78
N GLU H 23 -8.18 -26.31 23.78
CA GLU H 23 -8.11 -25.21 22.83
C GLU H 23 -7.37 -24.15 23.65
N ALA H 24 -6.08 -23.94 23.35
CA ALA H 24 -5.24 -23.01 24.09
C ALA H 24 -5.49 -21.56 23.71
N LEU H 25 -5.55 -20.69 24.73
CA LEU H 25 -5.85 -19.27 24.62
C LEU H 25 -4.66 -18.35 24.87
N THR H 26 -4.59 -17.26 24.11
CA THR H 26 -3.58 -16.22 24.22
C THR H 26 -4.23 -14.95 24.84
N PHE H 27 -3.44 -13.88 25.03
CA PHE H 27 -3.91 -12.61 25.60
C PHE H 27 -5.12 -12.02 24.85
N ASP H 28 -5.05 -11.97 23.51
CA ASP H 28 -6.10 -11.44 22.62
C ASP H 28 -7.38 -12.28 22.58
N ASP H 29 -7.36 -13.49 23.13
CA ASP H 29 -8.52 -14.39 23.15
C ASP H 29 -9.47 -14.14 24.31
N VAL H 30 -8.99 -13.40 25.33
CA VAL H 30 -9.75 -13.14 26.56
C VAL H 30 -9.79 -11.65 26.96
N LEU H 31 -10.78 -11.33 27.80
CA LEU H 31 -10.96 -10.02 28.41
C LEU H 31 -11.40 -10.26 29.82
N LEU H 32 -10.86 -9.45 30.75
CA LEU H 32 -11.22 -9.52 32.16
C LEU H 32 -12.55 -8.82 32.33
N LEU H 33 -13.40 -9.37 33.20
CA LEU H 33 -14.69 -8.79 33.47
C LEU H 33 -14.62 -7.80 34.64
N PRO H 34 -15.29 -6.63 34.54
CA PRO H 34 -15.32 -5.73 35.71
C PRO H 34 -16.21 -6.34 36.81
N ALA H 35 -15.85 -6.12 38.09
CA ALA H 35 -16.62 -6.64 39.22
C ALA H 35 -16.85 -5.52 40.26
N TYR H 36 -17.63 -5.80 41.34
CA TYR H 36 -17.92 -4.80 42.36
C TYR H 36 -16.62 -4.29 42.99
N SER H 37 -16.47 -2.96 43.01
CA SER H 37 -15.26 -2.31 43.49
C SER H 37 -15.48 -1.11 44.43
N THR H 38 -14.69 -1.07 45.52
CA THR H 38 -14.67 0.02 46.50
C THR H 38 -13.21 0.55 46.59
N VAL H 39 -12.33 0.08 45.71
CA VAL H 39 -10.92 0.47 45.69
C VAL H 39 -10.59 1.35 44.49
N LEU H 40 -9.83 2.43 44.73
CA LEU H 40 -9.40 3.34 43.68
C LEU H 40 -8.04 2.90 43.16
N PRO H 41 -7.79 2.99 41.82
CA PRO H 41 -6.49 2.57 41.28
C PRO H 41 -5.25 3.11 42.01
N LYS H 42 -5.28 4.36 42.50
CA LYS H 42 -4.14 4.96 43.24
C LYS H 42 -3.90 4.31 44.62
N ASP H 43 -4.90 3.60 45.17
CA ASP H 43 -4.85 2.95 46.48
C ASP H 43 -4.48 1.46 46.46
N VAL H 44 -4.31 0.91 45.27
CA VAL H 44 -4.01 -0.50 44.98
C VAL H 44 -2.57 -0.90 45.38
N SER H 45 -2.39 -2.13 45.92
CA SER H 45 -1.05 -2.63 46.27
C SER H 45 -0.52 -3.51 45.12
N LEU H 46 0.61 -3.10 44.52
CA LEU H 46 1.25 -3.83 43.43
C LEU H 46 2.30 -4.83 43.94
N LYS H 47 2.45 -4.95 45.29
CA LYS H 47 3.39 -5.85 45.96
C LYS H 47 3.02 -7.30 45.63
N THR H 48 4.05 -8.13 45.35
CA THR H 48 3.89 -9.55 44.97
C THR H 48 5.17 -10.36 45.29
N ARG H 49 5.14 -11.70 45.06
CA ARG H 49 6.31 -12.55 45.27
C ARG H 49 6.95 -12.96 43.95
N LEU H 50 8.29 -12.89 43.88
CA LEU H 50 9.09 -13.33 42.73
C LEU H 50 9.38 -14.84 42.90
N THR H 51 9.75 -15.27 44.13
CA THR H 51 10.03 -16.65 44.52
C THR H 51 9.30 -16.86 45.85
N ARG H 52 9.45 -18.02 46.53
CA ARG H 52 8.79 -18.21 47.82
C ARG H 52 9.47 -17.39 48.92
N GLY H 53 10.68 -16.91 48.66
CA GLY H 53 11.47 -16.11 49.60
C GLY H 53 11.70 -14.66 49.23
N ILE H 54 11.50 -14.28 47.95
CA ILE H 54 11.69 -12.89 47.49
C ILE H 54 10.38 -12.21 47.10
N TYR H 55 10.14 -11.00 47.63
CA TYR H 55 8.97 -10.19 47.31
C TYR H 55 9.40 -8.95 46.54
N LEU H 56 8.60 -8.54 45.55
CA LEU H 56 8.83 -7.34 44.74
C LEU H 56 7.72 -6.34 45.05
N ASN H 57 7.97 -5.04 44.81
CA ASN H 57 6.96 -4.00 45.06
C ASN H 57 6.04 -3.74 43.85
N ILE H 58 6.46 -4.21 42.68
CA ILE H 58 5.70 -4.15 41.41
C ILE H 58 5.86 -5.53 40.73
N PRO H 59 4.90 -6.05 39.93
CA PRO H 59 5.10 -7.38 39.33
C PRO H 59 5.93 -7.40 38.04
N LEU H 60 6.89 -6.49 37.85
CA LEU H 60 7.70 -6.44 36.63
C LEU H 60 9.13 -6.99 36.77
N VAL H 61 9.53 -7.87 35.84
CA VAL H 61 10.86 -8.48 35.76
C VAL H 61 11.47 -8.12 34.40
N SER H 62 12.74 -7.69 34.33
CA SER H 62 13.34 -7.42 33.02
C SER H 62 14.09 -8.67 32.49
N ALA H 63 13.85 -9.02 31.22
CA ALA H 63 14.36 -10.20 30.49
C ALA H 63 15.87 -10.39 30.51
N ALA H 64 16.32 -11.67 30.65
CA ALA H 64 17.74 -12.04 30.62
C ALA H 64 18.24 -12.03 29.17
N MET H 65 18.36 -10.82 28.58
CA MET H 65 18.74 -10.62 27.18
C MET H 65 19.83 -9.56 27.04
N ASP H 66 20.78 -9.77 26.12
CA ASP H 66 21.92 -8.88 25.89
C ASP H 66 21.56 -7.49 25.33
N THR H 67 20.27 -7.25 25.03
CA THR H 67 19.74 -5.97 24.53
C THR H 67 18.68 -5.42 25.49
N VAL H 68 18.48 -6.08 26.66
CA VAL H 68 17.50 -5.67 27.67
C VAL H 68 18.16 -5.44 29.05
N THR H 69 18.73 -6.48 29.67
CA THR H 69 19.27 -6.35 31.04
C THR H 69 20.80 -6.56 31.21
N GLU H 70 21.44 -5.51 31.74
CA GLU H 70 22.82 -5.47 32.22
C GLU H 70 22.71 -4.72 33.55
N SER H 71 23.82 -4.30 34.18
CA SER H 71 23.77 -3.64 35.51
C SER H 71 22.86 -2.40 35.54
N ARG H 72 22.95 -1.52 34.51
CA ARG H 72 22.16 -0.29 34.38
C ARG H 72 20.65 -0.54 34.47
N MET H 73 20.14 -1.54 33.73
CA MET H 73 18.74 -1.93 33.72
C MET H 73 18.34 -2.58 35.06
N ALA H 74 19.21 -3.42 35.64
CA ALA H 74 18.94 -4.08 36.93
C ALA H 74 18.92 -3.09 38.11
N ILE H 75 19.64 -1.95 38.01
CA ILE H 75 19.61 -0.94 39.08
C ILE H 75 18.23 -0.23 38.98
N ALA H 76 17.88 0.31 37.78
CA ALA H 76 16.62 0.98 37.46
C ALA H 76 15.40 0.09 37.75
N MET H 77 15.48 -1.23 37.49
CA MET H 77 14.39 -2.17 37.77
C MET H 77 14.06 -2.24 39.26
N ALA H 78 15.09 -2.49 40.09
CA ALA H 78 15.08 -2.59 41.55
C ALA H 78 14.71 -1.26 42.21
N GLN H 79 15.11 -0.12 41.61
CA GLN H 79 14.76 1.24 42.11
C GLN H 79 13.25 1.47 42.01
N ASN H 80 12.60 0.88 40.98
CA ASN H 80 11.15 0.99 40.73
C ASN H 80 10.31 -0.12 41.42
N GLY H 81 10.96 -1.04 42.12
CA GLY H 81 10.26 -2.10 42.85
C GLY H 81 10.33 -3.48 42.25
N GLY H 82 10.83 -3.57 41.01
CA GLY H 82 10.98 -4.82 40.28
C GLY H 82 12.32 -5.48 40.51
N ILE H 83 12.80 -6.23 39.51
CA ILE H 83 14.05 -6.98 39.53
C ILE H 83 14.56 -7.22 38.10
N GLY H 84 15.87 -7.21 37.94
CA GLY H 84 16.52 -7.42 36.65
C GLY H 84 17.27 -8.74 36.62
N ILE H 85 17.16 -9.47 35.50
CA ILE H 85 17.88 -10.75 35.34
C ILE H 85 19.03 -10.57 34.36
N LEU H 86 20.27 -10.47 34.89
CA LEU H 86 21.48 -10.30 34.09
C LEU H 86 21.69 -11.49 33.15
N HIS H 87 21.86 -11.21 31.84
CA HIS H 87 22.02 -12.22 30.80
C HIS H 87 23.33 -13.02 30.94
N LYS H 88 23.36 -14.23 30.35
CA LYS H 88 24.51 -15.13 30.40
C LYS H 88 25.42 -15.04 29.16
N ASN H 89 25.15 -14.12 28.22
CA ASN H 89 25.97 -13.93 27.02
C ASN H 89 27.20 -13.06 27.31
N MET H 90 27.88 -13.41 28.41
CA MET H 90 29.10 -12.80 28.94
C MET H 90 29.82 -13.81 29.82
N ASP H 91 31.15 -13.68 29.93
CA ASP H 91 31.98 -14.56 30.75
C ASP H 91 31.64 -14.45 32.23
N ILE H 92 31.95 -15.50 33.02
CA ILE H 92 31.69 -15.63 34.46
C ILE H 92 32.15 -14.39 35.25
N ALA H 93 33.37 -13.87 34.95
CA ALA H 93 33.95 -12.70 35.60
C ALA H 93 33.15 -11.43 35.32
N ALA H 94 32.66 -11.25 34.08
CA ALA H 94 31.85 -10.09 33.68
C ALA H 94 30.48 -10.12 34.36
N GLN H 95 29.84 -11.31 34.41
CA GLN H 95 28.52 -11.49 35.02
C GLN H 95 28.54 -11.28 36.51
N ALA H 96 29.59 -11.77 37.21
CA ALA H 96 29.77 -11.59 38.65
C ALA H 96 30.03 -10.10 38.99
N ALA H 97 30.73 -9.37 38.09
CA ALA H 97 31.03 -7.93 38.21
C ALA H 97 29.77 -7.10 38.04
N GLU H 98 28.82 -7.59 37.22
CA GLU H 98 27.51 -6.95 37.00
C GLU H 98 26.66 -7.13 38.25
N VAL H 99 26.71 -8.32 38.91
CA VAL H 99 26.00 -8.59 40.17
C VAL H 99 26.50 -7.61 41.25
N ARG H 100 27.84 -7.50 41.41
N ARG H 100 27.83 -7.49 41.41
CA ARG H 100 28.47 -6.60 42.38
CA ARG H 100 28.45 -6.60 42.39
C ARG H 100 28.14 -5.12 42.12
C ARG H 100 28.16 -5.12 42.12
N ARG H 101 27.95 -4.75 40.84
CA ARG H 101 27.61 -3.37 40.43
C ARG H 101 26.22 -2.97 40.98
N VAL H 102 25.25 -3.91 40.95
CA VAL H 102 23.89 -3.71 41.44
C VAL H 102 23.89 -3.73 42.98
N LYS H 103 24.61 -4.69 43.60
CA LYS H 103 24.68 -4.86 45.04
C LYS H 103 25.43 -3.73 45.77
N LYS H 104 26.44 -3.12 45.13
CA LYS H 104 27.23 -2.03 45.71
C LYS H 104 26.72 -0.63 45.32
N PHE H 105 25.60 -0.55 44.58
CA PHE H 105 25.01 0.73 44.15
C PHE H 105 24.40 1.48 45.33
N GLU H 106 24.74 2.78 45.44
CA GLU H 106 24.24 3.68 46.49
C GLU H 106 23.63 4.93 45.86
N ALA H 107 22.42 5.28 46.31
CA ALA H 107 21.67 6.43 45.83
C ALA H 107 22.23 7.76 46.37
N GLY H 108 22.37 8.75 45.47
CA GLY H 108 22.87 10.08 45.79
C GLY H 108 21.92 10.90 46.67
N TYR H 113 13.99 6.86 45.97
CA TYR H 113 13.19 5.73 45.47
C TYR H 113 12.61 4.96 46.68
N PRO H 114 11.43 5.37 47.20
CA PRO H 114 10.87 4.68 48.37
C PRO H 114 10.37 3.25 48.11
N ASN H 115 9.97 2.97 46.86
CA ASN H 115 9.45 1.67 46.42
C ASN H 115 10.55 0.66 46.00
N SER H 116 11.83 0.96 46.29
CA SER H 116 12.99 0.13 45.98
C SER H 116 12.89 -1.28 46.51
N CYS H 117 13.26 -2.26 45.68
CA CYS H 117 13.30 -3.68 46.03
C CYS H 117 14.72 -3.99 46.52
N LYS H 118 14.85 -4.24 47.82
CA LYS H 118 16.14 -4.44 48.49
C LYS H 118 16.13 -5.69 49.35
N ASP H 119 17.33 -6.22 49.65
CA ASP H 119 17.51 -7.41 50.50
C ASP H 119 17.52 -7.04 51.99
N ASP H 120 17.90 -7.99 52.86
CA ASP H 120 17.99 -7.80 54.31
C ASP H 120 19.07 -6.78 54.73
N LEU H 121 20.09 -6.59 53.88
CA LEU H 121 21.21 -5.68 54.10
C LEU H 121 21.00 -4.32 53.42
N GLY H 122 19.77 -4.05 52.95
CA GLY H 122 19.38 -2.81 52.29
C GLY H 122 19.98 -2.56 50.92
N ARG H 123 20.54 -3.60 50.28
CA ARG H 123 21.15 -3.53 48.94
C ARG H 123 20.09 -3.89 47.91
N LEU H 124 20.11 -3.20 46.75
CA LEU H 124 19.20 -3.44 45.62
C LEU H 124 19.26 -4.90 45.20
N ARG H 125 18.10 -5.54 45.04
CA ARG H 125 18.01 -6.96 44.62
C ARG H 125 18.35 -7.17 43.14
N VAL H 126 18.96 -8.31 42.81
CA VAL H 126 19.36 -8.68 41.44
C VAL H 126 19.31 -10.19 41.21
N GLY H 127 19.04 -10.57 39.96
CA GLY H 127 19.01 -11.95 39.51
C GLY H 127 20.00 -12.16 38.38
N ALA H 128 20.41 -13.42 38.17
CA ALA H 128 21.35 -13.78 37.11
C ALA H 128 20.95 -15.09 36.44
N ALA H 129 21.09 -15.13 35.10
CA ALA H 129 20.78 -16.31 34.30
C ALA H 129 21.98 -17.23 34.15
N VAL H 130 21.74 -18.55 34.23
CA VAL H 130 22.73 -19.61 34.02
C VAL H 130 22.14 -20.65 33.05
N GLY H 131 23.04 -21.39 32.38
CA GLY H 131 22.65 -22.44 31.45
C GLY H 131 22.70 -23.80 32.11
N THR H 132 23.06 -24.83 31.34
CA THR H 132 23.22 -26.21 31.83
C THR H 132 24.59 -26.78 31.41
N GLY H 133 25.35 -25.96 30.67
CA GLY H 133 26.68 -26.27 30.15
C GLY H 133 27.74 -26.56 31.21
N ALA H 134 28.97 -26.79 30.75
CA ALA H 134 30.12 -27.13 31.59
C ALA H 134 30.58 -26.03 32.56
N ASP H 135 30.43 -24.74 32.17
CA ASP H 135 30.88 -23.61 33.01
C ASP H 135 29.87 -23.20 34.09
N THR H 136 28.68 -23.85 34.12
CA THR H 136 27.60 -23.58 35.07
C THR H 136 28.04 -23.69 36.54
N PRO H 137 28.71 -24.77 37.05
CA PRO H 137 29.11 -24.79 38.46
C PRO H 137 30.01 -23.61 38.88
N SER H 138 30.95 -23.21 37.99
CA SER H 138 31.85 -22.08 38.21
C SER H 138 31.08 -20.77 38.15
N ARG H 139 30.09 -20.68 37.22
CA ARG H 139 29.23 -19.50 37.04
C ARG H 139 28.35 -19.29 38.29
N VAL H 140 27.62 -20.34 38.72
CA VAL H 140 26.73 -20.34 39.90
C VAL H 140 27.50 -19.93 41.17
N GLU H 141 28.68 -20.55 41.41
CA GLU H 141 29.52 -20.28 42.57
C GLU H 141 29.94 -18.80 42.62
N ALA H 142 30.41 -18.26 41.47
CA ALA H 142 30.84 -16.87 41.35
C ALA H 142 29.71 -15.85 41.52
N LEU H 143 28.49 -16.19 41.09
CA LEU H 143 27.34 -15.28 41.21
C LEU H 143 26.83 -15.19 42.65
N VAL H 144 26.75 -16.34 43.36
CA VAL H 144 26.32 -16.42 44.77
C VAL H 144 27.34 -15.64 45.65
N GLU H 145 28.65 -15.82 45.35
CA GLU H 145 29.77 -15.16 46.02
C GLU H 145 29.68 -13.63 45.82
N ALA H 146 29.23 -13.18 44.62
CA ALA H 146 29.04 -11.77 44.27
C ALA H 146 27.82 -11.14 44.94
N GLY H 147 26.98 -11.98 45.55
CA GLY H 147 25.79 -11.57 46.30
C GLY H 147 24.47 -11.60 45.56
N VAL H 148 24.37 -12.43 44.49
CA VAL H 148 23.12 -12.57 43.72
C VAL H 148 21.98 -13.11 44.60
N ASP H 149 20.77 -12.54 44.43
CA ASP H 149 19.57 -12.91 45.20
C ASP H 149 18.89 -14.14 44.63
N VAL H 150 18.89 -14.27 43.29
CA VAL H 150 18.23 -15.39 42.61
C VAL H 150 19.02 -15.88 41.38
N ILE H 151 19.11 -17.22 41.25
CA ILE H 151 19.76 -17.91 40.13
C ILE H 151 18.65 -18.40 39.18
N VAL H 152 18.69 -17.99 37.89
CA VAL H 152 17.66 -18.46 36.95
C VAL H 152 18.28 -19.49 35.98
N VAL H 153 18.02 -20.78 36.24
CA VAL H 153 18.48 -21.89 35.39
C VAL H 153 17.48 -21.86 34.21
N ASP H 154 17.87 -21.18 33.13
CA ASP H 154 17.00 -20.94 31.99
C ASP H 154 17.55 -21.43 30.66
N THR H 155 16.76 -22.29 29.99
CA THR H 155 17.00 -22.81 28.64
C THR H 155 15.71 -22.65 27.83
N ALA H 156 15.72 -23.08 26.57
CA ALA H 156 14.55 -23.05 25.70
C ALA H 156 13.55 -24.13 26.12
N HIS H 157 14.03 -25.22 26.75
CA HIS H 157 13.19 -26.35 27.15
C HIS H 157 13.46 -26.79 28.60
N GLY H 158 12.75 -26.17 29.54
CA GLY H 158 12.88 -26.40 30.97
C GLY H 158 12.40 -27.75 31.47
N HIS H 159 11.60 -28.47 30.65
CA HIS H 159 11.10 -29.81 31.00
C HIS H 159 12.11 -30.86 30.51
N SER H 160 13.36 -30.69 30.91
CA SER H 160 14.45 -31.55 30.50
C SER H 160 15.26 -31.98 31.70
N ALA H 161 15.93 -33.14 31.62
CA ALA H 161 16.79 -33.65 32.70
C ALA H 161 17.89 -32.63 33.01
N GLY H 162 18.41 -31.96 31.96
CA GLY H 162 19.43 -30.93 32.07
C GLY H 162 19.08 -29.78 32.99
N VAL H 163 17.85 -29.24 32.87
CA VAL H 163 17.36 -28.13 33.71
C VAL H 163 16.94 -28.64 35.08
N ILE H 164 16.11 -29.71 35.14
CA ILE H 164 15.61 -30.31 36.38
C ILE H 164 16.75 -30.67 37.34
N GLU H 165 17.80 -31.35 36.84
CA GLU H 165 18.95 -31.77 37.66
C GLU H 165 19.86 -30.61 38.06
N ARG H 166 20.01 -29.58 37.19
CA ARG H 166 20.83 -28.40 37.51
C ARG H 166 20.14 -27.57 38.62
N VAL H 167 18.78 -27.45 38.57
CA VAL H 167 17.96 -26.76 39.57
C VAL H 167 18.18 -27.46 40.93
N ARG H 168 18.16 -28.81 40.91
CA ARG H 168 18.35 -29.71 42.06
C ARG H 168 19.77 -29.58 42.61
N TRP H 169 20.76 -29.37 41.72
CA TRP H 169 22.17 -29.18 42.08
C TRP H 169 22.35 -27.85 42.81
N VAL H 170 21.77 -26.75 42.27
CA VAL H 170 21.85 -25.40 42.85
C VAL H 170 21.18 -25.35 44.23
N LYS H 171 20.00 -25.96 44.39
CA LYS H 171 19.28 -25.99 45.67
C LYS H 171 20.02 -26.80 46.76
N GLN H 172 20.65 -27.93 46.38
CA GLN H 172 21.39 -28.79 47.31
C GLN H 172 22.74 -28.20 47.72
N ASN H 173 23.47 -27.59 46.76
CA ASN H 173 24.79 -27.01 46.99
C ASN H 173 24.79 -25.57 47.46
N PHE H 174 23.76 -24.78 47.10
CA PHE H 174 23.64 -23.38 47.50
C PHE H 174 22.24 -23.08 48.08
N PRO H 175 21.86 -23.63 49.27
CA PRO H 175 20.52 -23.35 49.81
C PRO H 175 20.27 -21.91 50.24
N GLN H 176 21.34 -21.10 50.42
CA GLN H 176 21.28 -19.70 50.81
C GLN H 176 20.78 -18.77 49.67
N VAL H 177 20.69 -19.29 48.43
CA VAL H 177 20.23 -18.53 47.25
C VAL H 177 18.90 -19.11 46.72
N GLN H 178 18.05 -18.24 46.15
CA GLN H 178 16.77 -18.64 45.55
C GLN H 178 17.01 -19.12 44.10
N VAL H 179 16.29 -20.17 43.67
CA VAL H 179 16.48 -20.73 42.32
C VAL H 179 15.17 -20.74 41.48
N ILE H 180 15.26 -20.26 40.23
CA ILE H 180 14.16 -20.27 39.27
C ILE H 180 14.51 -21.28 38.15
N GLY H 181 13.50 -22.01 37.67
CA GLY H 181 13.61 -22.97 36.58
C GLY H 181 12.72 -22.58 35.41
N GLY H 182 13.24 -22.71 34.20
CA GLY H 182 12.52 -22.38 32.97
C GLY H 182 13.24 -22.74 31.69
N ASN H 183 12.58 -22.60 30.51
CA ASN H 183 11.20 -22.14 30.34
C ASN H 183 10.23 -23.29 30.19
N ILE H 184 9.06 -23.17 30.80
CA ILE H 184 8.04 -24.23 30.78
C ILE H 184 6.67 -23.72 30.31
N ALA H 185 5.74 -24.64 29.97
CA ALA H 185 4.39 -24.28 29.51
C ALA H 185 3.30 -25.30 29.91
N THR H 186 3.65 -26.33 30.70
CA THR H 186 2.69 -27.35 31.13
C THR H 186 2.73 -27.55 32.65
N GLY H 187 1.66 -28.12 33.20
CA GLY H 187 1.54 -28.44 34.61
C GLY H 187 2.50 -29.52 35.05
N ASP H 188 2.75 -30.52 34.17
CA ASP H 188 3.67 -31.63 34.40
C ASP H 188 5.11 -31.14 34.58
N ALA H 189 5.51 -30.14 33.76
CA ALA H 189 6.82 -29.52 33.80
C ALA H 189 7.02 -28.76 35.10
N ALA H 190 5.95 -28.07 35.59
CA ALA H 190 5.93 -27.31 36.84
C ALA H 190 6.12 -28.19 38.05
N LEU H 191 5.44 -29.37 38.08
CA LEU H 191 5.53 -30.34 39.16
C LEU H 191 6.95 -30.93 39.22
N ALA H 192 7.56 -31.19 38.04
CA ALA H 192 8.92 -31.72 37.90
C ALA H 192 9.93 -30.75 38.51
N LEU H 193 9.82 -29.44 38.20
CA LEU H 193 10.70 -28.41 38.74
C LEU H 193 10.41 -28.14 40.23
N LEU H 194 9.14 -28.31 40.67
CA LEU H 194 8.74 -28.15 42.07
C LEU H 194 9.42 -29.25 42.91
N ASP H 195 9.41 -30.50 42.41
CA ASP H 195 10.04 -31.66 43.07
C ASP H 195 11.56 -31.55 43.09
N ALA H 196 12.15 -30.80 42.13
CA ALA H 196 13.59 -30.54 42.01
C ALA H 196 14.07 -29.49 43.02
N GLY H 197 13.14 -28.74 43.60
CA GLY H 197 13.42 -27.70 44.59
C GLY H 197 13.43 -26.27 44.08
N ALA H 198 12.80 -26.00 42.92
CA ALA H 198 12.71 -24.63 42.39
C ALA H 198 11.83 -23.78 43.31
N ASP H 199 12.23 -22.51 43.52
CA ASP H 199 11.50 -21.56 44.37
C ASP H 199 10.44 -20.80 43.57
N ALA H 200 10.55 -20.87 42.24
CA ALA H 200 9.64 -20.26 41.26
C ALA H 200 9.90 -20.89 39.89
N VAL H 201 8.89 -20.87 39.02
CA VAL H 201 8.98 -21.39 37.64
C VAL H 201 8.73 -20.25 36.65
N LYS H 202 9.42 -20.28 35.52
CA LYS H 202 9.27 -19.26 34.51
C LYS H 202 8.51 -19.92 33.35
N VAL H 203 7.35 -19.32 33.00
CA VAL H 203 6.42 -19.84 32.00
C VAL H 203 6.50 -19.08 30.67
N GLY H 204 6.76 -19.78 29.58
CA GLY H 204 6.83 -19.14 28.27
C GLY H 204 7.54 -19.92 27.20
N ILE H 205 6.75 -20.63 26.36
CA ILE H 205 7.21 -21.44 25.23
C ILE H 205 6.49 -20.97 23.96
N GLY H 206 7.18 -20.13 23.20
CA GLY H 206 6.67 -19.57 21.96
C GLY H 206 5.96 -18.21 21.96
N PRO H 207 5.76 -17.44 23.07
CA PRO H 207 5.00 -16.19 22.92
C PRO H 207 5.82 -14.93 22.64
N GLY H 208 7.14 -14.99 22.79
CA GLY H 208 8.05 -13.87 22.60
C GLY H 208 7.86 -13.14 21.30
N SER H 209 8.01 -11.80 21.32
CA SER H 209 7.86 -10.95 20.14
C SER H 209 8.89 -11.25 19.05
N ILE H 210 10.14 -11.55 19.45
CA ILE H 210 11.28 -11.88 18.56
C ILE H 210 11.43 -13.40 18.32
N CYS H 211 10.57 -14.20 18.96
CA CYS H 211 10.54 -15.67 18.93
C CYS H 211 10.02 -16.25 17.60
N THR H 212 10.72 -17.28 17.06
CA THR H 212 10.32 -18.01 15.84
C THR H 212 10.23 -19.54 16.11
N THR H 213 10.13 -19.94 17.41
CA THR H 213 10.01 -21.34 17.87
C THR H 213 8.78 -22.04 17.25
N ARG H 214 7.64 -21.35 17.21
CA ARG H 214 6.38 -21.86 16.62
C ARG H 214 6.54 -22.21 15.13
N ILE H 215 7.31 -21.43 14.36
CA ILE H 215 7.53 -21.66 12.92
C ILE H 215 8.65 -22.70 12.67
N VAL H 216 9.74 -22.62 13.45
CA VAL H 216 10.90 -23.50 13.30
C VAL H 216 10.65 -24.93 13.85
N ALA H 217 10.02 -25.04 15.03
CA ALA H 217 9.82 -26.34 15.65
C ALA H 217 8.36 -26.82 15.73
N GLY H 218 7.40 -25.92 15.48
CA GLY H 218 5.97 -26.24 15.55
C GLY H 218 5.54 -26.52 16.98
N ILE H 219 6.33 -26.01 17.93
CA ILE H 219 6.21 -26.14 19.37
C ILE H 219 5.73 -24.81 19.94
N GLY H 220 4.87 -24.88 20.95
CA GLY H 220 4.34 -23.70 21.60
C GLY H 220 3.08 -23.95 22.40
N MET H 221 2.70 -22.95 23.19
CA MET H 221 1.51 -22.95 24.02
C MET H 221 1.08 -21.50 24.27
N PRO H 222 -0.07 -21.06 23.71
CA PRO H 222 -0.54 -19.68 23.96
C PRO H 222 -0.53 -19.35 25.45
N GLN H 223 0.07 -18.18 25.77
CA GLN H 223 0.39 -17.73 27.14
C GLN H 223 -0.74 -17.80 28.20
N ILE H 224 -2.00 -17.46 27.90
CA ILE H 224 -3.06 -17.51 28.92
C ILE H 224 -3.31 -18.97 29.41
N SER H 225 -3.27 -19.95 28.48
CA SER H 225 -3.45 -21.37 28.79
C SER H 225 -2.20 -21.96 29.44
N ALA H 226 -1.01 -21.44 29.08
CA ALA H 226 0.28 -21.85 29.63
C ALA H 226 0.33 -21.49 31.13
N ILE H 227 -0.05 -20.23 31.49
CA ILE H 227 -0.09 -19.73 32.86
C ILE H 227 -1.13 -20.53 33.66
N ASP H 228 -2.33 -20.71 33.09
CA ASP H 228 -3.40 -21.46 33.74
C ASP H 228 -3.00 -22.90 34.10
N SER H 229 -2.39 -23.63 33.14
CA SER H 229 -1.93 -25.02 33.28
C SER H 229 -0.89 -25.16 34.39
N VAL H 230 0.12 -24.27 34.39
CA VAL H 230 1.19 -24.24 35.39
C VAL H 230 0.62 -23.92 36.79
N ALA H 231 -0.13 -22.79 36.92
CA ALA H 231 -0.76 -22.32 38.17
C ALA H 231 -1.68 -23.35 38.83
N SER H 232 -2.48 -24.08 38.04
CA SER H 232 -3.43 -25.09 38.53
C SER H 232 -2.72 -26.31 39.13
N ALA H 233 -1.56 -26.66 38.59
CA ALA H 233 -0.78 -27.79 39.08
C ALA H 233 -0.03 -27.44 40.36
N LEU H 234 0.57 -26.24 40.40
CA LEU H 234 1.34 -25.73 41.54
C LEU H 234 0.53 -25.55 42.82
N LYS H 235 -0.74 -25.09 42.71
CA LYS H 235 -1.64 -24.82 43.84
C LYS H 235 -1.02 -23.82 44.83
N ASP H 236 -0.41 -22.73 44.28
CA ASP H 236 0.25 -21.61 44.98
C ASP H 236 1.44 -22.03 45.89
N GLN H 237 2.02 -23.23 45.67
CA GLN H 237 3.16 -23.73 46.45
C GLN H 237 4.41 -22.91 46.16
N ILE H 238 4.61 -22.53 44.88
CA ILE H 238 5.67 -21.65 44.38
C ILE H 238 5.08 -20.69 43.34
N PRO H 239 5.52 -19.41 43.24
CA PRO H 239 4.95 -18.52 42.21
C PRO H 239 5.45 -18.83 40.80
N LEU H 240 4.83 -18.18 39.79
CA LEU H 240 5.25 -18.32 38.39
C LEU H 240 5.47 -16.95 37.73
N ILE H 241 6.42 -16.89 36.78
CA ILE H 241 6.72 -15.68 36.01
C ILE H 241 6.18 -15.86 34.57
N ALA H 242 5.23 -14.99 34.16
CA ALA H 242 4.67 -14.96 32.81
C ALA H 242 5.73 -14.30 31.90
N ASP H 243 6.42 -15.14 31.12
CA ASP H 243 7.54 -14.73 30.29
C ASP H 243 7.31 -14.78 28.78
N GLY H 244 7.28 -13.59 28.17
CA GLY H 244 7.09 -13.41 26.74
C GLY H 244 5.67 -13.06 26.34
N GLY H 245 5.57 -12.22 25.28
CA GLY H 245 4.32 -11.84 24.62
C GLY H 245 3.52 -10.68 25.17
N ILE H 246 4.12 -9.88 26.08
CA ILE H 246 3.46 -8.72 26.68
C ILE H 246 3.72 -7.52 25.78
N ARG H 247 2.63 -6.92 25.25
CA ARG H 247 2.68 -5.76 24.35
C ARG H 247 2.10 -4.53 25.03
N PHE H 248 1.08 -4.72 25.88
CA PHE H 248 0.38 -3.64 26.57
C PHE H 248 0.12 -3.97 28.04
N SER H 249 -0.26 -2.93 28.82
CA SER H 249 -0.57 -3.02 30.25
C SER H 249 -1.74 -3.95 30.57
N GLY H 250 -2.61 -4.18 29.58
CA GLY H 250 -3.75 -5.07 29.67
C GLY H 250 -3.36 -6.53 29.71
N ASP H 251 -2.29 -6.90 28.96
CA ASP H 251 -1.75 -8.27 28.89
C ASP H 251 -1.24 -8.73 30.26
N MET H 252 -0.61 -7.82 30.99
CA MET H 252 -0.07 -8.03 32.34
C MET H 252 -1.16 -8.42 33.35
N ALA H 253 -2.29 -7.72 33.30
CA ALA H 253 -3.46 -7.93 34.15
C ALA H 253 -4.10 -9.28 33.81
N LYS H 254 -4.22 -9.60 32.50
CA LYS H 254 -4.72 -10.88 32.01
C LYS H 254 -3.79 -12.00 32.51
N ALA H 255 -2.46 -11.80 32.42
CA ALA H 255 -1.45 -12.75 32.90
C ALA H 255 -1.59 -13.00 34.40
N ILE H 256 -1.66 -11.92 35.23
CA ILE H 256 -1.86 -12.01 36.68
C ILE H 256 -3.21 -12.73 37.01
N GLY H 257 -4.30 -12.32 36.35
CA GLY H 257 -5.64 -12.90 36.49
C GLY H 257 -5.70 -14.38 36.15
N ALA H 258 -4.87 -14.81 35.17
CA ALA H 258 -4.72 -16.19 34.74
C ALA H 258 -3.94 -17.04 35.77
N GLY H 259 -3.11 -16.39 36.60
CA GLY H 259 -2.36 -17.09 37.65
C GLY H 259 -0.93 -16.65 37.92
N ALA H 260 -0.38 -15.73 37.11
CA ALA H 260 0.99 -15.24 37.26
C ALA H 260 1.17 -14.38 38.50
N SER H 261 2.36 -14.45 39.13
CA SER H 261 2.69 -13.62 40.27
C SER H 261 3.52 -12.40 39.78
N THR H 262 4.27 -12.57 38.67
CA THR H 262 5.10 -11.55 38.03
C THR H 262 5.07 -11.67 36.50
N ILE H 263 5.68 -10.69 35.80
CA ILE H 263 5.73 -10.62 34.35
C ILE H 263 7.13 -10.24 33.87
N MET H 264 7.72 -11.09 33.01
CA MET H 264 9.01 -10.81 32.40
C MET H 264 8.74 -10.19 31.05
N VAL H 265 9.41 -9.08 30.76
CA VAL H 265 9.25 -8.26 29.56
C VAL H 265 10.61 -7.98 28.95
N GLY H 266 10.70 -8.08 27.63
CA GLY H 266 11.91 -7.80 26.87
C GLY H 266 11.72 -6.63 25.94
N SER H 267 10.77 -6.76 24.98
N SER H 267 10.77 -6.76 24.98
CA SER H 267 10.46 -5.75 23.96
CA SER H 267 10.42 -5.78 23.96
C SER H 267 10.07 -4.39 24.55
C SER H 267 10.06 -4.40 24.54
N LEU H 268 9.24 -4.38 25.61
CA LEU H 268 8.81 -3.13 26.27
C LEU H 268 9.95 -2.34 26.94
N LEU H 269 10.97 -3.05 27.46
CA LEU H 269 12.12 -2.42 28.10
C LEU H 269 13.28 -2.21 27.14
N ALA H 270 13.23 -2.82 25.94
CA ALA H 270 14.24 -2.63 24.92
C ALA H 270 14.01 -1.25 24.30
N GLY H 271 15.07 -0.58 23.88
CA GLY H 271 14.95 0.76 23.32
C GLY H 271 15.06 1.86 24.35
N THR H 272 14.92 1.51 25.65
CA THR H 272 15.04 2.47 26.75
C THR H 272 16.51 2.82 26.98
N GLU H 273 16.76 3.98 27.60
CA GLU H 273 18.11 4.52 27.89
C GLU H 273 18.99 3.52 28.67
N GLU H 274 18.40 2.86 29.69
CA GLU H 274 19.03 1.90 30.60
C GLU H 274 19.42 0.56 29.96
N ALA H 275 18.73 0.15 28.89
CA ALA H 275 18.98 -1.10 28.18
C ALA H 275 20.37 -1.08 27.49
N PRO H 276 21.09 -2.24 27.37
CA PRO H 276 22.40 -2.23 26.69
C PRO H 276 22.30 -1.80 25.23
N GLY H 277 23.38 -1.24 24.71
CA GLY H 277 23.46 -0.78 23.34
C GLY H 277 23.40 0.71 23.20
N GLU H 278 24.10 1.26 22.20
CA GLU H 278 24.14 2.68 21.90
C GLU H 278 23.03 3.01 20.92
N VAL H 279 22.51 4.25 20.99
CA VAL H 279 21.44 4.71 20.08
C VAL H 279 21.95 4.86 18.63
N GLU H 280 21.17 4.37 17.68
CA GLU H 280 21.50 4.44 16.26
C GLU H 280 20.53 5.37 15.51
N PHE H 281 21.08 6.22 14.62
CA PHE H 281 20.33 7.19 13.84
C PHE H 281 20.04 6.65 12.44
N PHE H 282 18.87 6.01 12.28
CA PHE H 282 18.45 5.44 11.00
C PHE H 282 17.22 6.14 10.42
N GLN H 283 17.39 6.75 9.22
CA GLN H 283 16.35 7.47 8.45
C GLN H 283 15.65 8.59 9.25
N GLY H 284 16.45 9.41 9.92
CA GLY H 284 15.97 10.53 10.73
C GLY H 284 15.54 10.20 12.14
N ARG H 285 15.17 8.93 12.41
CA ARG H 285 14.73 8.44 13.72
C ARG H 285 15.84 7.80 14.56
N TYR H 286 15.58 7.61 15.87
CA TYR H 286 16.51 6.98 16.81
C TYR H 286 16.02 5.60 17.24
N TYR H 287 16.90 4.59 17.15
CA TYR H 287 16.62 3.20 17.49
C TYR H 287 17.71 2.56 18.35
N LYS H 288 17.38 1.43 18.97
CA LYS H 288 18.28 0.58 19.73
C LYS H 288 18.04 -0.84 19.24
N ALA H 289 19.08 -1.68 19.27
CA ALA H 289 18.97 -3.06 18.82
C ALA H 289 18.13 -3.90 19.78
N TYR H 290 17.38 -4.85 19.22
CA TYR H 290 16.59 -5.80 19.98
C TYR H 290 16.64 -7.13 19.25
N ARG H 291 17.17 -8.17 19.89
CA ARG H 291 17.34 -9.49 19.28
C ARG H 291 17.03 -10.63 20.23
N GLY H 292 16.60 -11.75 19.67
CA GLY H 292 16.33 -12.95 20.44
C GLY H 292 17.64 -13.58 20.86
N MET H 293 17.64 -14.32 21.97
CA MET H 293 18.85 -15.00 22.46
C MET H 293 19.17 -16.26 21.64
N GLY H 294 18.21 -16.69 20.82
CA GLY H 294 18.33 -17.80 19.88
C GLY H 294 18.48 -17.35 18.45
N SER H 295 18.87 -16.08 18.22
CA SER H 295 19.10 -15.54 16.88
C SER H 295 20.52 -15.85 16.43
N LEU H 296 20.79 -15.76 15.12
CA LEU H 296 22.11 -16.01 14.53
C LEU H 296 23.20 -15.13 15.16
N GLY H 297 22.91 -13.84 15.37
CA GLY H 297 23.81 -12.88 15.98
C GLY H 297 24.10 -13.12 17.45
N ALA H 298 23.08 -13.56 18.23
CA ALA H 298 23.22 -13.85 19.66
C ALA H 298 23.97 -15.14 19.95
N MET H 299 23.91 -16.12 19.01
CA MET H 299 24.58 -17.41 19.13
C MET H 299 26.05 -17.33 18.69
N ALA H 300 26.35 -16.43 17.73
CA ALA H 300 27.70 -16.21 17.22
C ALA H 300 28.38 -15.05 17.95
N LEU H 320 22.46 -25.74 16.60
CA LEU H 320 21.02 -25.51 16.51
C LEU H 320 20.67 -24.44 15.49
N VAL H 321 19.54 -24.64 14.79
CA VAL H 321 19.02 -23.67 13.82
C VAL H 321 18.42 -22.47 14.62
N PRO H 322 18.59 -21.18 14.19
CA PRO H 322 18.01 -20.07 14.96
C PRO H 322 16.51 -20.18 15.25
N GLU H 323 16.10 -19.64 16.42
CA GLU H 323 14.72 -19.61 16.88
C GLU H 323 14.28 -18.21 17.31
N GLY H 324 15.01 -17.20 16.81
CA GLY H 324 14.74 -15.80 17.09
C GLY H 324 15.25 -14.86 16.01
N ILE H 325 14.72 -13.63 15.98
CA ILE H 325 15.08 -12.62 14.98
C ILE H 325 15.90 -11.47 15.60
N GLU H 326 16.57 -10.69 14.73
CA GLU H 326 17.40 -9.55 15.09
C GLU H 326 16.77 -8.32 14.46
N GLY H 327 16.49 -7.33 15.29
CA GLY H 327 15.86 -6.09 14.85
C GLY H 327 16.24 -4.85 15.62
N ARG H 328 15.49 -3.77 15.35
CA ARG H 328 15.67 -2.46 15.98
C ARG H 328 14.33 -2.00 16.50
N VAL H 329 14.32 -1.52 17.74
CA VAL H 329 13.16 -0.95 18.43
C VAL H 329 13.36 0.57 18.55
N PRO H 330 12.32 1.42 18.48
CA PRO H 330 12.53 2.87 18.58
C PRO H 330 12.99 3.29 19.98
N TYR H 331 13.78 4.39 20.06
CA TYR H 331 14.28 4.94 21.32
C TYR H 331 13.10 5.41 22.20
N LYS H 332 12.98 4.81 23.39
CA LYS H 332 11.89 5.09 24.34
C LYS H 332 12.26 6.03 25.49
N GLY H 333 13.53 6.42 25.60
CA GLY H 333 14.02 7.30 26.65
C GLY H 333 14.15 6.59 27.98
N PRO H 334 14.16 7.31 29.13
CA PRO H 334 14.28 6.61 30.44
C PRO H 334 13.23 5.53 30.66
N MET H 335 13.66 4.37 31.17
CA MET H 335 12.78 3.22 31.40
C MET H 335 11.63 3.52 32.38
N GLY H 336 11.83 4.50 33.26
CA GLY H 336 10.88 4.90 34.29
C GLY H 336 9.51 5.26 33.77
N ASN H 337 9.46 5.96 32.61
CA ASN H 337 8.25 6.40 31.91
C ASN H 337 7.37 5.20 31.51
N ILE H 338 7.98 4.22 30.81
CA ILE H 338 7.37 2.97 30.33
C ILE H 338 6.82 2.15 31.49
N VAL H 339 7.60 2.00 32.56
CA VAL H 339 7.23 1.26 33.79
C VAL H 339 5.98 1.90 34.47
N HIS H 340 5.94 3.25 34.54
N HIS H 340 5.94 3.25 34.54
CA HIS H 340 4.85 4.01 35.14
CA HIS H 340 4.85 4.03 35.14
C HIS H 340 3.55 3.88 34.34
C HIS H 340 3.56 3.85 34.34
N GLN H 341 3.66 3.89 32.99
CA GLN H 341 2.53 3.70 32.06
C GLN H 341 1.95 2.29 32.21
N MET H 342 2.82 1.26 32.36
CA MET H 342 2.42 -0.15 32.54
C MET H 342 1.78 -0.40 33.91
N MET H 343 2.37 0.14 34.99
CA MET H 343 1.85 -0.02 36.36
C MET H 343 0.53 0.74 36.56
N GLY H 344 0.39 1.89 35.89
CA GLY H 344 -0.83 2.70 35.89
C GLY H 344 -2.03 1.98 35.25
N GLY H 345 -1.81 1.37 34.08
CA GLY H 345 -2.80 0.58 33.35
C GLY H 345 -3.24 -0.63 34.16
N LEU H 346 -2.28 -1.27 34.86
CA LEU H 346 -2.50 -2.40 35.76
C LEU H 346 -3.28 -1.94 37.00
N ARG H 347 -3.04 -0.69 37.50
CA ARG H 347 -3.76 -0.12 38.64
C ARG H 347 -5.23 0.07 38.30
N SER H 348 -5.53 0.62 37.09
CA SER H 348 -6.89 0.82 36.59
C SER H 348 -7.65 -0.49 36.49
N SER H 349 -6.98 -1.57 36.03
N SER H 349 -6.97 -1.58 36.03
CA SER H 349 -7.53 -2.92 35.88
CA SER H 349 -7.51 -2.94 35.89
C SER H 349 -7.95 -3.50 37.24
C SER H 349 -7.97 -3.48 37.24
N MET H 350 -7.11 -3.29 38.27
CA MET H 350 -7.34 -3.72 39.65
C MET H 350 -8.50 -2.96 40.24
N GLY H 351 -8.63 -1.68 39.85
CA GLY H 351 -9.75 -0.82 40.22
C GLY H 351 -11.05 -1.30 39.59
N TYR H 352 -11.00 -1.80 38.33
CA TYR H 352 -12.16 -2.33 37.59
C TYR H 352 -12.63 -3.69 38.16
N THR H 353 -11.68 -4.53 38.61
CA THR H 353 -11.96 -5.86 39.14
C THR H 353 -12.23 -5.87 40.64
N GLY H 354 -11.96 -4.75 41.33
CA GLY H 354 -12.15 -4.63 42.77
C GLY H 354 -11.06 -5.36 43.53
N SER H 355 -9.84 -5.33 42.96
CA SER H 355 -8.64 -5.98 43.52
C SER H 355 -7.78 -4.96 44.26
N ALA H 356 -7.76 -5.06 45.59
CA ALA H 356 -6.98 -4.16 46.43
C ALA H 356 -5.51 -4.59 46.44
N VAL H 357 -5.28 -5.91 46.39
CA VAL H 357 -3.96 -6.55 46.39
C VAL H 357 -3.82 -7.48 45.18
N ILE H 358 -2.57 -7.78 44.74
CA ILE H 358 -2.28 -8.67 43.61
C ILE H 358 -2.99 -10.02 43.76
N GLU H 359 -2.96 -10.59 44.98
CA GLU H 359 -3.61 -11.87 45.30
C GLU H 359 -5.13 -11.86 45.05
N ASP H 360 -5.79 -10.68 45.18
CA ASP H 360 -7.22 -10.53 44.90
C ASP H 360 -7.49 -10.75 43.40
N LEU H 361 -6.65 -10.16 42.51
CA LEU H 361 -6.76 -10.32 41.06
C LEU H 361 -6.46 -11.78 40.66
N ARG H 362 -5.42 -12.38 41.26
CA ARG H 362 -4.99 -13.75 41.01
C ARG H 362 -6.07 -14.80 41.33
N GLN H 363 -6.82 -14.59 42.42
CA GLN H 363 -7.84 -15.54 42.88
C GLN H 363 -9.29 -15.25 42.45
N ASN H 364 -9.64 -13.97 42.20
CA ASN H 364 -11.02 -13.58 41.89
C ASN H 364 -11.33 -13.22 40.45
N ALA H 365 -10.31 -13.03 39.59
CA ALA H 365 -10.53 -12.66 38.18
C ALA H 365 -11.44 -13.62 37.41
N LYS H 366 -12.40 -13.03 36.69
CA LYS H 366 -13.36 -13.72 35.82
C LYS H 366 -13.13 -13.20 34.41
N PHE H 367 -13.07 -14.12 33.45
CA PHE H 367 -12.82 -13.83 32.04
C PHE H 367 -13.98 -14.25 31.13
N VAL H 368 -13.99 -13.67 29.92
CA VAL H 368 -14.88 -14.04 28.83
C VAL H 368 -13.99 -14.35 27.63
N LYS H 369 -14.37 -15.36 26.83
CA LYS H 369 -13.64 -15.69 25.61
C LYS H 369 -14.20 -14.83 24.49
N ILE H 370 -13.33 -14.20 23.69
CA ILE H 370 -13.79 -13.37 22.59
C ILE H 370 -13.39 -13.96 21.22
N THR H 371 -14.15 -13.64 20.16
CA THR H 371 -13.88 -14.11 18.79
C THR H 371 -12.92 -13.12 18.10
N SER H 372 -12.62 -13.36 16.81
CA SER H 372 -11.77 -12.50 15.99
C SER H 372 -12.43 -11.13 15.72
N ALA H 373 -13.78 -11.07 15.87
CA ALA H 373 -14.56 -9.84 15.70
C ALA H 373 -14.48 -8.94 16.95
N GLY H 374 -14.47 -9.55 18.13
CA GLY H 374 -14.39 -8.85 19.41
C GLY H 374 -13.06 -8.17 19.67
P IMP I . 27.42 0.29 -5.99
O1P IMP I . 26.42 1.30 -6.49
O2P IMP I . 27.89 -0.65 -7.06
O3P IMP I . 26.90 -0.52 -4.80
O5' IMP I . 28.72 1.08 -5.48
C5' IMP I . 29.72 0.57 -4.57
C4' IMP I . 30.75 1.65 -4.38
O4' IMP I . 30.29 2.61 -3.41
C3' IMP I . 32.11 1.21 -3.83
O3' IMP I . 32.96 0.66 -4.83
C2' IMP I . 32.66 2.50 -3.24
O2' IMP I . 33.30 3.35 -4.18
C1' IMP I . 31.39 3.17 -2.72
N9 IMP I . 31.17 3.01 -1.27
C8 IMP I . 31.44 1.91 -0.49
N7 IMP I . 31.06 2.05 0.75
C5 IMP I . 30.52 3.31 0.81
C6 IMP I . 29.97 4.06 1.91
O6 IMP I . 29.69 3.65 3.02
N1 IMP I . 29.69 5.37 1.54
C2 IMP I . 29.81 5.86 0.30
N3 IMP I . 30.23 5.20 -0.75
C4 IMP I . 30.59 3.93 -0.43
HOP2 IMP I . 28.83 -0.75 -7.35
HOP3 IMP I . 26.87 -0.01 -3.95
H5'1 IMP I . 30.20 -0.30 -5.01
H5'2 IMP I . 29.20 0.27 -3.64
H4' IMP I . 30.90 2.17 -5.31
H3' IMP I . 32.03 0.41 -3.09
HO3' IMP I . 32.47 0.12 -5.51
H2' IMP I . 33.36 2.28 -2.43
HO2' IMP I . 32.60 3.65 -4.83
H1' IMP I . 31.37 4.24 -2.93
H8 IMP I . 31.93 1.02 -0.89
HN1 IMP I . 29.48 6.04 2.28
H2 IMP I . 29.58 6.93 0.14
C14 VP4 J . 39.20 10.90 3.76
C6 VP4 J . 35.06 11.29 4.80
C11 VP4 J . 36.44 11.12 4.82
C7 VP4 J . 34.54 12.56 4.63
C8 VP4 J . 35.37 13.64 4.37
C9 VP4 J . 36.73 13.46 4.36
C10 VP4 J . 37.31 12.20 4.58
C13 VP4 J . 39.40 12.12 5.83
C3 VP4 J . 34.27 8.96 5.09
CL15 VP4 J . 37.71 14.85 4.05
C1 VP4 J . 32.95 8.07 6.98
C2 VP4 J . 33.05 8.16 5.45
O4 VP4 J . 35.35 8.43 4.89
N5 VP4 J . 34.11 10.30 5.05
N12 VP4 J . 38.72 12.06 4.52
N16 VP4 J . 33.01 6.80 4.90
C17 VP4 J . 33.20 6.41 3.57
C18 VP4 J . 33.76 5.14 3.34
C19 VP4 J . 33.99 4.67 2.08
C20 VP4 J . 33.64 5.48 0.96
C21 VP4 J . 33.03 6.75 1.18
C22 VP4 J . 32.79 7.20 2.50
C23 VP4 J . 32.69 7.54 0.05
C24 VP4 J . 32.96 7.04 -1.21
C25 VP4 J . 33.55 5.78 -1.35
N26 VP4 J . 33.87 5.05 -0.30
C27 VP4 J . 32.62 7.82 -2.47
O28 VP4 J . 31.90 9.01 -2.17
P IMP K . 11.72 23.67 9.59
O1P IMP K . 11.75 23.19 8.16
O2P IMP K . 13.06 23.51 10.30
O3P IMP K . 10.68 22.94 10.43
O5' IMP K . 11.37 25.23 9.64
C5' IMP K . 10.86 25.93 10.80
C4' IMP K . 10.67 27.38 10.40
O4' IMP K . 9.42 27.52 9.67
C3' IMP K . 10.55 28.40 11.53
O3' IMP K . 11.82 28.77 12.05
C2' IMP K . 9.81 29.55 10.85
O2' IMP K . 10.64 30.44 10.11
C1' IMP K . 8.89 28.81 9.88
N9 IMP K . 7.50 28.67 10.35
C8 IMP K . 7.06 28.46 11.64
N7 IMP K . 5.77 28.32 11.74
C5 IMP K . 5.32 28.45 10.43
C6 IMP K . 3.99 28.42 9.89
O6 IMP K . 2.95 28.08 10.45
N1 IMP K . 3.98 28.76 8.54
C2 IMP K . 5.09 28.99 7.79
N3 IMP K . 6.32 28.95 8.24
C4 IMP K . 6.37 28.69 9.57
HOP2 IMP K . 13.57 24.25 10.70
HOP3 IMP K . 9.75 23.23 10.26
H5'1 IMP K . 11.59 25.90 11.60
H5'2 IMP K . 9.94 25.44 11.10
H4' IMP K . 11.47 27.67 9.73
H3' IMP K . 10.01 28.02 12.39
HO3' IMP K . 12.47 28.02 12.09
H2' IMP K . 9.26 30.12 11.59
HO2' IMP K . 11.05 29.91 9.38
H1' IMP K . 8.84 29.30 8.90
H8 IMP K . 7.75 28.42 12.49
HN1 IMP K . 3.10 28.97 8.10
H2 IMP K . 4.96 29.27 6.75
C14 VP4 L . 2.77 39.92 8.58
C6 VP4 L . 0.67 36.60 6.86
C11 VP4 L . 1.03 37.72 7.60
C7 VP4 L . 0.44 36.69 5.51
C8 VP4 L . 0.65 37.88 4.85
C9 VP4 L . 1.05 38.99 5.55
C10 VP4 L . 1.26 38.94 6.95
C13 VP4 L . 0.52 40.81 8.31
C3 VP4 L . 0.68 34.85 8.66
CL15 VP4 L . 1.32 40.44 4.62
C1 VP4 L . -1.23 33.39 9.36
C2 VP4 L . 0.22 33.44 8.88
O4 VP4 L . 1.24 35.51 9.52
N5 VP4 L . 0.41 35.34 7.43
N12 VP4 L . 1.64 40.10 7.65
N16 VP4 L . 1.09 32.62 9.77
C17 VP4 L . 2.49 32.53 9.76
C18 VP4 L . 3.15 32.42 11.01
C19 VP4 L . 4.51 32.32 11.10
C20 VP4 L . 5.29 32.31 9.91
C21 VP4 L . 4.63 32.38 8.65
C22 VP4 L . 3.23 32.48 8.59
C23 VP4 L . 5.43 32.37 7.47
C24 VP4 L . 6.80 32.27 7.61
C25 VP4 L . 7.38 32.21 8.89
N26 VP4 L . 6.63 32.21 9.98
C27 VP4 L . 7.68 32.25 6.38
O28 VP4 L . 7.24 31.21 5.49
P IMP M . -11.86 22.57 -12.20
O1P IMP M . -10.40 22.23 -12.24
O2P IMP M . -12.19 23.72 -11.29
O3P IMP M . -12.72 21.37 -11.77
O5' IMP M . -12.33 22.97 -13.66
C5' IMP M . -13.68 22.97 -14.16
C4' IMP M . -13.64 23.44 -15.59
O4' IMP M . -13.26 22.35 -16.45
C3' IMP M . -14.96 23.93 -16.18
O3' IMP M . -15.22 25.29 -15.83
C2' IMP M . -14.73 23.76 -17.68
O2' IMP M . -14.02 24.81 -18.30
C1' IMP M . -13.86 22.50 -17.72
N9 IMP M . -14.60 21.27 -18.04
C8 IMP M . -15.86 20.91 -17.65
N7 IMP M . -16.21 19.71 -18.04
C5 IMP M . -15.12 19.25 -18.75
C6 IMP M . -14.89 18.01 -19.46
O6 IMP M . -15.59 17.01 -19.45
N1 IMP M . -13.70 18.03 -20.15
C2 IMP M . -12.80 19.03 -20.12
N3 IMP M . -12.92 20.14 -19.43
C4 IMP M . -14.12 20.21 -18.77
HOP2 IMP M . -12.62 24.57 -11.58
HOP3 IMP M . -12.81 20.68 -12.47
H5'1 IMP M . -14.28 23.67 -13.58
H5'2 IMP M . -14.07 21.96 -14.03
H4' IMP M . -12.88 24.21 -15.70
H3' IMP M . -15.82 23.37 -15.83
HO3' IMP M . -14.98 25.50 -14.89
H2' IMP M . -15.68 23.61 -18.19
HO2' IMP M . -13.11 24.85 -17.90
H1' IMP M . -13.05 22.58 -18.44
H8 IMP M . -16.51 21.58 -17.08
HN1 IMP M . -13.53 17.31 -20.85
H2 IMP M . -11.90 18.94 -20.73
C14 VP4 N . -16.65 22.13 -30.19
C6 VP4 N . -14.58 18.65 -28.66
C11 VP4 N . -15.45 19.55 -29.27
C7 VP4 N . -13.35 18.37 -29.25
C8 VP4 N . -12.94 19.04 -30.37
C9 VP4 N . -13.77 19.97 -30.95
C10 VP4 N . -15.04 20.27 -30.40
C13 VP4 N . -16.80 20.56 -32.02
C3 VP4 N . -15.83 18.06 -26.61
CL15 VP4 N . -13.16 20.74 -32.37
C1 VP4 N . -16.73 15.85 -25.99
C2 VP4 N . -15.85 17.01 -25.52
O4 VP4 N . -16.64 18.95 -26.68
N5 VP4 N . -14.85 17.89 -27.54
N12 VP4 N . -15.89 21.20 -31.06
N16 VP4 N . -16.31 17.49 -24.20
C17 VP4 N . -15.93 18.67 -23.54
C18 VP4 N . -16.92 19.32 -22.75
C19 VP4 N . -16.63 20.47 -22.07
C20 VP4 N . -15.34 21.02 -22.12
C21 VP4 N . -14.32 20.36 -22.89
C22 VP4 N . -14.64 19.17 -23.58
C23 VP4 N . -13.02 20.92 -22.90
C24 VP4 N . -12.78 22.07 -22.18
C25 VP4 N . -13.83 22.66 -21.47
N26 VP4 N . -15.03 22.15 -21.45
C27 VP4 N . -11.42 22.71 -22.19
O28 VP4 N . -10.37 21.75 -22.03
P IMP O . 3.86 -0.81 -27.85
O1P IMP O . 4.30 0.32 -26.99
O2P IMP O . 2.66 -0.47 -28.70
O3P IMP O . 3.53 -2.09 -27.07
O5' IMP O . 5.06 -1.18 -28.86
C5' IMP O . 5.21 -2.43 -29.57
C4' IMP O . 6.48 -2.33 -30.40
O4' IMP O . 7.62 -2.59 -29.57
C3' IMP O . 6.62 -3.30 -31.56
O3' IMP O . 5.91 -2.88 -32.72
C2' IMP O . 8.14 -3.34 -31.77
O2' IMP O . 8.64 -2.27 -32.57
C1' IMP O . 8.66 -3.17 -30.34
N9 IMP O . 9.08 -4.42 -29.70
C8 IMP O . 8.51 -5.67 -29.83
N7 IMP O . 9.08 -6.57 -29.09
C5 IMP O . 10.10 -5.90 -28.43
C6 IMP O . 11.11 -6.36 -27.51
O6 IMP O . 11.19 -7.45 -26.96
N1 IMP O . 12.02 -5.36 -27.23
C2 IMP O . 11.95 -4.09 -27.66
N3 IMP O . 11.00 -3.61 -28.43
C4 IMP O . 10.11 -4.57 -28.81
HOP2 IMP O . 2.67 -0.48 -29.69
HOP3 IMP O . 4.33 -2.59 -26.74
H5'1 IMP O . 4.36 -2.57 -30.24
H5'2 IMP O . 5.23 -3.24 -28.84
H4' IMP O . 6.58 -1.31 -30.77
H3' IMP O . 6.22 -4.29 -31.34
HO3' IMP O . 5.03 -2.46 -32.50
H2' IMP O . 8.44 -4.28 -32.21
HO2' IMP O . 8.45 -1.42 -32.09
H1' IMP O . 9.50 -2.48 -30.29
H8 IMP O . 7.67 -5.86 -30.49
HN1 IMP O . 12.89 -5.62 -26.76
H2 IMP O . 12.74 -3.40 -27.39
C14 VP4 P . 20.18 -6.67 -35.04
C6 VP4 P . 19.86 -6.72 -30.68
C11 VP4 P . 20.06 -7.14 -32.00
C7 VP4 P . 20.72 -5.78 -30.15
C8 VP4 P . 21.70 -5.19 -30.90
C9 VP4 P . 21.90 -5.57 -32.21
C10 VP4 P . 21.08 -6.56 -32.78
C13 VP4 P . 21.87 -8.28 -34.30
C3 VP4 P . 17.73 -7.83 -30.02
CL15 VP4 P . 23.17 -4.76 -33.09
C1 VP4 P . 17.54 -9.42 -28.08
C2 VP4 P . 16.91 -8.23 -28.80
O4 VP4 P . 17.33 -8.05 -31.14
N5 VP4 P . 18.90 -7.22 -29.78
N12 VP4 P . 21.30 -6.92 -34.12
N16 VP4 P . 15.46 -8.46 -29.04
C17 VP4 P . 14.60 -7.61 -29.75
C18 VP4 P . 13.59 -8.17 -30.57
C19 VP4 P . 12.73 -7.39 -31.28
C20 VP4 P . 12.83 -5.97 -31.21
C21 VP4 P . 13.84 -5.39 -30.38
C22 VP4 P . 14.71 -6.23 -29.65
C23 VP4 P . 13.94 -3.98 -30.33
C24 VP4 P . 13.05 -3.22 -31.05
C25 VP4 P . 12.09 -3.85 -31.83
N26 VP4 P . 11.99 -5.17 -31.89
C27 VP4 P . 13.13 -1.70 -31.01
O28 VP4 P . 13.73 -1.23 -29.80
P IMP Q . 3.53 -27.92 -1.89
O1P IMP Q . 2.66 -27.19 -0.92
O2P IMP Q . 4.77 -28.50 -1.24
O3P IMP Q . 3.96 -27.03 -3.07
O5' IMP Q . 2.73 -29.16 -2.51
C5' IMP Q . 3.04 -29.83 -3.75
C4' IMP Q . 2.03 -30.93 -3.94
O4' IMP Q . 0.82 -30.38 -4.49
C3' IMP Q . 2.40 -32.05 -4.91
O3' IMP Q . 3.22 -33.03 -4.29
C2' IMP Q . 1.03 -32.61 -5.31
O2' IMP Q . 0.48 -33.56 -4.40
C1' IMP Q . 0.17 -31.34 -5.30
N9 IMP Q . -0.07 -30.76 -6.62
C8 IMP Q . 0.79 -30.69 -7.69
N7 IMP Q . 0.30 -30.05 -8.72
C5 IMP Q . -0.97 -29.68 -8.32
C6 IMP Q . -2.03 -28.98 -9.00
O6 IMP Q . -1.95 -28.40 -10.08
N1 IMP Q . -3.18 -28.95 -8.27
C2 IMP Q . -3.33 -29.43 -7.02
N3 IMP Q . -2.38 -30.02 -6.32
C4 IMP Q . -1.22 -30.13 -7.03
HOP2 IMP Q . 5.01 -29.45 -1.25
HOP3 IMP Q . 3.25 -26.87 -3.75
H5'1 IMP Q . 4.04 -30.28 -3.67
H5'2 IMP Q . 3.05 -29.09 -4.56
H4' IMP Q . 1.77 -31.36 -2.98
H3' IMP Q . 2.97 -31.70 -5.77
HO3' IMP Q . 3.91 -32.64 -3.70
H2' IMP Q . 1.08 -33.05 -6.30
HO2' IMP Q . 0.36 -33.09 -3.54
H1' IMP Q . -0.81 -31.51 -4.84
H8 IMP Q . 1.78 -31.14 -7.66
HN1 IMP Q . -4.04 -28.67 -8.73
H2 IMP Q . -4.30 -29.38 -6.55
C14 VP4 R . -8.54 -38.34 -11.76
C6 VP4 R . -9.39 -34.05 -11.52
C11 VP4 R . -9.15 -35.34 -11.99
C7 VP4 R . -10.54 -33.80 -10.77
C8 VP4 R . -11.40 -34.82 -10.44
C9 VP4 R . -11.17 -36.10 -10.89
C10 VP4 R . -10.04 -36.39 -11.69
C13 VP4 R . -10.15 -37.92 -13.56
C3 VP4 R . -7.24 -32.89 -12.06
CL15 VP4 R . -12.31 -37.32 -10.45
C1 VP4 R . -7.01 -30.96 -13.65
C2 VP4 R . -6.62 -31.53 -12.27
O4 VP4 R . -6.57 -33.90 -12.15
N5 VP4 R . -8.57 -32.93 -11.78
N12 VP4 R . -9.82 -37.71 -12.14
N16 VP4 R . -5.17 -31.45 -12.05
C17 VP4 R . -4.48 -31.93 -10.91
C18 VP4 R . -3.16 -32.43 -11.06
C19 VP4 R . -2.44 -32.91 -10.01
C20 VP4 R . -3.01 -32.92 -8.71
C21 VP4 R . -4.34 -32.41 -8.52
C22 VP4 R . -5.04 -31.89 -9.63
C23 VP4 R . -4.90 -32.43 -7.22
C24 VP4 R . -4.16 -32.94 -6.18
C25 VP4 R . -2.87 -33.44 -6.44
N26 VP4 R . -2.34 -33.41 -7.65
C27 VP4 R . -4.70 -33.02 -4.78
O28 VP4 R . -5.23 -31.76 -4.35
P IMP S . -24.50 -12.30 -6.59
O1P IMP S . -23.68 -12.61 -5.37
O2P IMP S . -24.44 -13.41 -7.62
O3P IMP S . -24.14 -10.98 -7.28
O5' IMP S . -26.03 -12.18 -6.15
C5' IMP S . -27.08 -11.51 -6.89
C4' IMP S . -28.34 -11.63 -6.08
O4' IMP S . -28.36 -10.62 -5.05
C3' IMP S . -29.65 -11.42 -6.84
O3' IMP S . -30.07 -12.58 -7.54
C2' IMP S . -30.61 -11.03 -5.70
O2' IMP S . -31.18 -12.12 -4.98
C1' IMP S . -29.69 -10.25 -4.75
N9 IMP S . -29.80 -8.79 -4.88
C8 IMP S . -29.99 -8.04 -6.02
N7 IMP S . -29.99 -6.75 -5.80
C5 IMP S . -29.78 -6.63 -4.44
C6 IMP S . -29.72 -5.48 -3.59
O6 IMP S . -29.65 -4.30 -3.92
N1 IMP S . -29.63 -5.84 -2.25
C2 IMP S . -29.54 -7.10 -1.79
N3 IMP S . -29.53 -8.17 -2.54
C4 IMP S . -29.67 -7.89 -3.86
HOP2 IMP S . -25.23 -13.92 -7.94
HOP3 IMP S . -24.43 -10.17 -6.80
H5'1 IMP S . -27.22 -12.02 -7.84
H5'2 IMP S . -26.76 -10.48 -7.06
H4' IMP S . -28.37 -12.61 -5.59
H3' IMP S . -29.60 -10.65 -7.59
HO3' IMP S . -29.31 -13.08 -7.95
H2' IMP S . -31.42 -10.40 -6.08
HO2' IMP S . -30.42 -12.61 -4.55
H1' IMP S . -29.86 -10.50 -3.72
H8 IMP S . -30.17 -8.50 -6.99
HN1 IMP S . -29.78 -5.12 -1.55
H2 IMP S . -29.51 -7.26 -0.71
C14 VP4 T . -40.54 -6.12 0.61
C6 VP4 T . -36.92 -4.24 2.06
C11 VP4 T . -38.17 -4.55 1.54
C7 VP4 T . -36.68 -4.45 3.41
C8 VP4 T . -37.65 -4.97 4.23
C9 VP4 T . -38.90 -5.28 3.73
C10 VP4 T . -39.19 -5.07 2.36
C13 VP4 T . -41.36 -4.16 1.79
C3 VP4 T . -35.66 -3.59 -0.02
CL15 VP4 T . -40.05 -5.96 4.85
C1 VP4 T . -34.49 -1.45 -0.54
C2 VP4 T . -34.37 -2.97 -0.48
O4 VP4 T . -36.50 -3.94 -0.83
N5 VP4 T . -35.84 -3.70 1.32
N12 VP4 T . -40.48 -5.35 1.86
N16 VP4 T . -33.87 -3.49 -1.77
C17 VP4 T . -33.65 -4.84 -2.08
C18 VP4 T . -33.94 -5.28 -3.40
C19 VP4 T . -33.74 -6.58 -3.79
C20 VP4 T . -33.22 -7.51 -2.87
C21 VP4 T . -32.89 -7.08 -1.54
C22 VP4 T . -33.10 -5.73 -1.17
C23 VP4 T . -32.38 -8.03 -0.63
C24 VP4 T . -32.18 -9.33 -1.04
C25 VP4 T . -32.51 -9.69 -2.36
N26 VP4 T . -32.99 -8.80 -3.21
C27 VP4 T . -31.63 -10.37 -0.11
O28 VP4 T . -31.18 -9.77 1.11
P IMP U . -19.14 5.32 19.99
O1P IMP U . -18.71 3.96 19.55
O2P IMP U . -20.54 5.66 19.52
O3P IMP U . -18.19 6.44 19.55
O5' IMP U . -19.18 5.36 21.59
C5' IMP U . -19.16 6.53 22.42
C4' IMP U . -19.23 6.08 23.86
O4' IMP U . -17.92 5.67 24.29
C3' IMP U . -19.67 7.10 24.89
O3' IMP U . -21.08 7.25 24.95
C2' IMP U . -19.07 6.54 26.18
O2' IMP U . -19.86 5.55 26.83
C1' IMP U . -17.78 5.90 25.69
N9 IMP U . -16.57 6.71 25.91
C8 IMP U . -16.45 8.08 25.81
N7 IMP U . -15.23 8.50 26.01
C5 IMP U . -14.50 7.35 26.24
C6 IMP U . -13.10 7.15 26.53
O6 IMP U . -12.20 7.97 26.47
N1 IMP U . -12.83 5.83 26.84
C2 IMP U . -13.72 4.82 26.78
N3 IMP U . -14.98 4.95 26.45
C4 IMP U . -15.33 6.24 26.20
HOP2 IMP U . -21.30 5.89 20.12
HOP3 IMP U . -17.35 6.48 20.08
H5'1 IMP U . -20.05 7.13 22.21
H5'2 IMP U . -18.26 7.10 22.18
H4' IMP U . -19.88 5.20 23.93
H3' IMP U . -19.30 8.10 24.67
HO3' IMP U . -21.51 7.22 24.05
H2' IMP U . -18.88 7.35 26.89
HO2' IMP U . -19.95 4.79 26.20
H1' IMP U . -17.60 4.92 26.14
H8 IMP U . -17.30 8.74 25.62
HN1 IMP U . -11.93 5.60 27.25
H2 IMP U . -13.40 3.82 27.06
C14 VP4 V . -14.25 5.42 37.75
C6 VP4 V . -11.11 4.48 35.04
C11 VP4 V . -11.87 5.03 36.06
C7 VP4 V . -10.62 3.18 35.17
C8 VP4 V . -10.91 2.42 36.28
C9 VP4 V . -11.69 2.95 37.28
C10 VP4 V . -12.20 4.26 37.20
C13 VP4 V . -12.30 5.65 39.19
C3 VP4 V . -11.11 6.37 33.43
CL15 VP4 V . -11.97 1.92 38.64
C1 VP4 V . -9.23 7.64 32.41
C2 VP4 V . -10.50 6.83 32.12
O4 VP4 V . -11.88 7.09 34.03
N5 VP4 V . -10.74 5.16 33.86
N12 VP4 V . -13.00 4.78 38.23
N16 VP4 V . -11.43 7.63 31.31
C17 VP4 V . -12.71 7.25 30.86
C18 VP4 V . -13.68 8.26 30.66
C19 VP4 V . -14.93 7.98 30.19
C20 VP4 V . -15.29 6.63 29.92
C21 VP4 V . -14.31 5.59 30.10
C22 VP4 V . -13.01 5.93 30.55
C23 VP4 V . -14.69 4.26 29.83
C24 VP4 V . -15.97 3.99 29.39
C25 VP4 V . -16.87 5.05 29.24
N26 VP4 V . -16.52 6.31 29.49
C27 VP4 V . -16.42 2.57 29.10
O28 VP4 V . -15.48 1.90 28.26
P IMP W . 8.87 -10.29 24.67
O1P IMP W . 7.58 -10.61 23.98
O2P IMP W . 8.65 -9.41 25.88
O3P IMP W . 9.87 -9.61 23.75
O5' IMP W . 9.55 -11.63 25.20
C5' IMP W . 10.95 -11.79 25.55
C4' IMP W . 11.15 -13.21 26.00
O4' IMP W . 11.28 -14.06 24.84
C3' IMP W . 12.39 -13.50 26.82
O3' IMP W . 12.21 -13.18 28.19
C2' IMP W . 12.58 -15.01 26.59
O2' IMP W . 11.80 -15.85 27.43
C1' IMP W . 12.10 -15.17 25.14
N9 IMP W . 13.19 -15.23 24.15
C8 IMP W . 14.37 -14.54 24.15
N7 IMP W . 15.11 -14.77 23.09
C5 IMP W . 14.36 -15.68 22.34
C6 IMP W . 14.63 -16.34 21.10
O6 IMP W . 15.54 -16.10 20.30
N1 IMP W . 13.67 -17.28 20.81
C2 IMP W . 12.55 -17.51 21.53
N3 IMP W . 12.24 -16.88 22.63
C4 IMP W . 13.19 -15.98 23.01
HOP2 IMP W . 8.91 -9.66 26.81
HOP3 IMP W . 10.32 -10.21 23.11
H5'1 IMP W . 11.19 -11.12 26.38
H5'2 IMP W . 11.54 -11.51 24.68
H4' IMP W . 10.27 -13.54 26.54
H3' IMP W . 13.25 -12.93 26.51
HO3' IMP W . 11.71 -12.33 28.33
H2' IMP W . 13.64 -15.27 26.71
HO2' IMP W . 10.85 -15.66 27.23
H1' IMP W . 11.49 -16.06 25.01
H8 IMP W . 14.66 -13.88 24.96
HN1 IMP W . 13.85 -17.95 20.06
H2 IMP W . 11.88 -18.29 21.22
C14 VP4 X . 17.52 -26.84 25.54
C6 VP4 X . 16.48 -25.52 21.55
C11 VP4 X . 17.17 -25.96 22.67
C7 VP4 X . 15.56 -26.37 20.93
C8 VP4 X . 15.31 -27.64 21.46
C9 VP4 X . 15.99 -28.07 22.59
C10 VP4 X . 16.92 -27.23 23.22
C13 VP4 X . 19.00 -28.14 24.09
C3 VP4 X . 17.26 -23.14 21.37
CL15 VP4 X . 15.62 -29.66 23.19
C1 VP4 X . 18.47 -22.14 19.41
C2 VP4 X . 17.33 -21.96 20.43
O4 VP4 X . 17.75 -23.08 22.50
N5 VP4 X . 16.67 -24.26 20.91
N12 VP4 X . 17.61 -27.71 24.36
N16 VP4 X . 17.49 -20.65 21.10
C17 VP4 X . 16.66 -20.12 22.10
C18 VP4 X . 17.22 -19.25 23.06
C19 VP4 X . 16.48 -18.69 24.06
C20 VP4 X . 15.10 -19.02 24.17
C21 VP4 X . 14.51 -19.90 23.20
C22 VP4 X . 15.31 -20.43 22.15
C23 VP4 X . 13.14 -20.22 23.32
C24 VP4 X . 12.42 -19.67 24.36
C25 VP4 X . 13.05 -18.81 25.27
N26 VP4 X . 14.33 -18.50 25.15
C27 VP4 X . 10.97 -20.01 24.51
O28 VP4 X . 10.29 -19.65 23.30
#